data_9UE9
#
_entry.id   9UE9
#
_cell.length_a   1.00
_cell.length_b   1.00
_cell.length_c   1.00
_cell.angle_alpha   90.00
_cell.angle_beta   90.00
_cell.angle_gamma   90.00
#
_symmetry.space_group_name_H-M   'P 1'
#
loop_
_entity.id
_entity.type
_entity.pdbx_description
1 polymer HlyA
2 water water
#
_entity_poly.entity_id   1
_entity_poly.type   'polypeptide(L)'
_entity_poly.pdbx_seq_one_letter_code
;TNTLPHVAFYISVNRAISDEECTFNNSWLWKNEKGSRPFCKDANISLIYRVNLERSLQYGIVGSATPDAKIVRISLDDDS
TGAGIHLNDQLGYRQFGASYTTLDAYFREWSTDAIAQDYRFVFNASNNKAQILKTFPVDNINEKFERKEVSGFELGVTGG
VEVSGDGPKAKLEARASYTQSRWLTYNTQDYRIERNAKNAQAVSFTWNRQQYATAESLLNRSTDALWVNTYPVDVNRISP
LSYASFVPKMDVIYKASATETGSTDFIIDSSVNIRPIYNGAYKHYYVVGAHQSYHGFEDTPRRRITKSASFTVDWDHPVF
TGGRPVNLQLASFNNRCIQVDAQGRLTANMCDSQQSAQSFIYDQLGRYVSASNTKLCLDGAALDALQPCNQNLTQRWEWR
KGTDELTNVYSGESLGHDKQTGELGLYASSNDAVSLRTITAYTDVFNAQESSPILGYTQGKMNQQRVGQDNRLYVRAGAA
IDALGSASDLLVGGNGGSLSSVDLSGVKSITATSGDFQYGGQQLVALTFTYQDGRQQTVGSKAYVTNAHEDRFDLPDAAK
ITQLKIWADDWLVKGVQFDLN
;
_entity_poly.pdbx_strand_id   A,B,C,D,E,F,G
#
# COMPACT_ATOMS: atom_id res chain seq x y z
N THR A 1 26.31 -10.45 -18.79
CA THR A 1 26.69 -10.30 -20.19
C THR A 1 26.10 -11.42 -21.03
N ASN A 2 24.89 -11.85 -20.68
CA ASN A 2 24.14 -12.83 -21.44
C ASN A 2 22.70 -12.42 -21.70
N THR A 3 22.30 -11.23 -21.27
CA THR A 3 20.92 -10.79 -21.39
C THR A 3 20.69 -10.08 -22.72
N LEU A 4 19.58 -9.36 -22.78
CA LEU A 4 19.15 -8.74 -24.02
C LEU A 4 20.14 -7.67 -24.47
N PRO A 5 20.29 -7.43 -25.76
CA PRO A 5 21.09 -6.30 -26.22
C PRO A 5 20.25 -5.04 -26.35
N HIS A 6 20.93 -3.90 -26.31
CA HIS A 6 20.28 -2.61 -26.47
C HIS A 6 21.20 -1.64 -27.17
N VAL A 7 20.63 -0.82 -28.04
CA VAL A 7 21.32 0.31 -28.63
C VAL A 7 20.61 1.58 -28.19
N ALA A 8 21.33 2.51 -27.59
CA ALA A 8 20.72 3.70 -27.02
C ALA A 8 21.50 4.93 -27.43
N PHE A 9 20.79 5.98 -27.81
CA PHE A 9 21.42 7.25 -28.13
C PHE A 9 20.38 8.35 -28.01
N TYR A 10 20.87 9.56 -27.78
CA TYR A 10 20.01 10.71 -27.56
C TYR A 10 19.76 11.47 -28.85
N ILE A 11 18.66 12.20 -28.88
CA ILE A 11 18.33 13.11 -29.96
C ILE A 11 18.12 14.49 -29.33
N SER A 12 18.97 15.44 -29.66
CA SER A 12 18.81 16.78 -29.15
C SER A 12 17.97 17.60 -30.12
N VAL A 13 16.98 18.31 -29.60
CA VAL A 13 16.08 19.13 -30.41
C VAL A 13 16.18 20.54 -29.89
N ASN A 14 16.87 21.41 -30.63
CA ASN A 14 17.02 22.81 -30.28
C ASN A 14 16.53 23.68 -31.41
N ARG A 15 15.81 24.75 -31.06
CA ARG A 15 15.32 25.70 -32.05
C ARG A 15 15.02 27.00 -31.32
N ALA A 16 15.87 28.00 -31.50
CA ALA A 16 15.59 29.30 -30.93
C ALA A 16 14.42 29.94 -31.66
N ILE A 17 13.60 30.68 -30.93
CA ILE A 17 12.47 31.39 -31.50
C ILE A 17 12.83 32.86 -31.58
N SER A 18 12.96 33.37 -32.80
CA SER A 18 13.28 34.77 -32.98
C SER A 18 12.11 35.63 -32.52
N ASP A 19 12.43 36.84 -32.08
CA ASP A 19 11.37 37.77 -31.68
C ASP A 19 10.48 38.13 -32.87
N GLU A 20 11.05 38.16 -34.07
CA GLU A 20 10.27 38.46 -35.26
C GLU A 20 9.20 37.41 -35.48
N GLU A 21 9.51 36.14 -35.17
CA GLU A 21 8.51 35.08 -35.28
C GLU A 21 7.35 35.29 -34.31
N CYS A 22 7.56 36.10 -33.27
CA CYS A 22 6.50 36.40 -32.33
C CYS A 22 5.90 37.78 -32.55
N THR A 23 6.01 38.34 -33.74
CA THR A 23 5.42 39.64 -34.05
C THR A 23 3.93 39.47 -34.35
N PHE A 24 3.11 40.20 -33.60
CA PHE A 24 1.67 40.11 -33.74
C PHE A 24 1.08 41.51 -33.67
N ASN A 25 -0.15 41.65 -34.16
CA ASN A 25 -0.82 42.94 -34.12
C ASN A 25 -1.10 43.33 -32.68
N ASN A 26 -0.79 44.60 -32.35
CA ASN A 26 -0.96 45.07 -30.99
C ASN A 26 -2.42 45.10 -30.56
N SER A 27 -3.35 45.11 -31.52
CA SER A 27 -4.77 45.01 -31.22
C SER A 27 -5.43 44.19 -32.32
N TRP A 28 -6.59 43.62 -31.99
CA TRP A 28 -7.35 42.81 -32.92
C TRP A 28 -8.42 43.61 -33.65
N LEU A 29 -9.07 44.54 -32.96
CA LEU A 29 -10.08 45.37 -33.60
C LEU A 29 -9.44 46.45 -34.45
N TRP A 30 -8.23 46.87 -34.08
CA TRP A 30 -7.63 48.07 -34.66
C TRP A 30 -6.24 47.79 -35.23
N LYS A 31 -6.12 46.75 -36.06
CA LYS A 31 -4.85 46.29 -36.58
C LYS A 31 -3.96 47.40 -37.11
N ASN A 32 -4.42 48.10 -38.16
CA ASN A 32 -3.53 48.97 -38.91
C ASN A 32 -3.24 50.28 -38.19
N GLU A 33 -4.09 50.68 -37.22
CA GLU A 33 -3.89 51.96 -36.57
C GLU A 33 -2.76 51.91 -35.54
N LYS A 34 -2.55 50.75 -34.91
CA LYS A 34 -1.67 50.66 -33.75
C LYS A 34 -0.31 50.05 -34.04
N GLY A 35 -0.23 49.12 -34.99
CA GLY A 35 1.05 48.50 -35.29
C GLY A 35 1.25 47.15 -34.62
N SER A 36 2.51 46.81 -34.40
CA SER A 36 2.88 45.48 -33.93
C SER A 36 4.03 45.59 -32.93
N ARG A 37 4.17 44.55 -32.11
CA ARG A 37 5.23 44.50 -31.11
C ARG A 37 5.49 43.04 -30.78
N PRO A 38 6.66 42.74 -30.22
CA PRO A 38 6.97 41.35 -29.83
C PRO A 38 6.05 40.87 -28.72
N PHE A 39 5.78 39.57 -28.71
CA PHE A 39 4.99 38.94 -27.66
C PHE A 39 5.75 37.85 -26.92
N CYS A 40 7.04 37.68 -27.22
CA CYS A 40 7.85 36.66 -26.58
C CYS A 40 9.18 37.26 -26.20
N LYS A 41 9.83 36.67 -25.20
CA LYS A 41 11.13 37.15 -24.72
C LYS A 41 12.10 35.97 -24.71
N ASP A 42 12.89 35.85 -25.76
CA ASP A 42 13.91 34.80 -25.87
C ASP A 42 13.31 33.41 -25.71
N ALA A 43 12.21 33.16 -26.43
CA ALA A 43 11.58 31.85 -26.38
C ALA A 43 12.52 30.80 -26.94
N ASN A 44 12.44 29.60 -26.37
CA ASN A 44 13.34 28.53 -26.78
C ASN A 44 12.62 27.19 -26.64
N ILE A 45 13.01 26.25 -27.48
CA ILE A 45 12.53 24.88 -27.45
C ILE A 45 13.74 23.98 -27.25
N SER A 46 13.70 23.15 -26.21
CA SER A 46 14.83 22.26 -25.91
C SER A 46 14.28 21.02 -25.20
N LEU A 47 14.15 19.93 -25.94
CA LEU A 47 13.82 18.64 -25.38
C LEU A 47 14.93 17.65 -25.74
N ILE A 48 14.95 16.52 -25.06
CA ILE A 48 15.94 15.48 -25.32
C ILE A 48 15.25 14.13 -25.28
N TYR A 49 14.98 13.56 -26.44
CA TYR A 49 14.36 12.25 -26.51
C TYR A 49 15.39 11.16 -26.22
N ARG A 50 14.88 9.98 -25.89
CA ARG A 50 15.70 8.78 -25.76
C ARG A 50 15.20 7.75 -26.76
N VAL A 51 16.13 7.15 -27.50
CA VAL A 51 15.81 6.15 -28.51
C VAL A 51 16.41 4.82 -28.09
N ASN A 52 15.61 3.78 -28.13
CA ASN A 52 16.09 2.43 -27.83
C ASN A 52 15.67 1.48 -28.93
N LEU A 53 16.64 0.73 -29.44
CA LEU A 53 16.40 -0.35 -30.39
C LEU A 53 16.69 -1.66 -29.69
N GLU A 54 15.78 -2.61 -29.79
CA GLU A 54 15.96 -3.87 -29.08
C GLU A 54 15.07 -4.93 -29.72
N ARG A 55 15.57 -6.15 -29.75
CA ARG A 55 14.73 -7.28 -30.12
C ARG A 55 14.09 -7.87 -28.88
N SER A 56 12.79 -8.16 -28.98
CA SER A 56 12.03 -8.55 -27.80
C SER A 56 12.39 -9.93 -27.28
N LEU A 57 13.20 -10.70 -28.01
CA LEU A 57 13.64 -12.00 -27.55
C LEU A 57 15.14 -12.16 -27.81
N GLN A 58 15.81 -12.84 -26.89
CA GLN A 58 17.20 -13.20 -27.11
C GLN A 58 17.31 -14.18 -28.27
N TYR A 59 18.42 -14.12 -28.98
CA TYR A 59 18.59 -14.98 -30.15
C TYR A 59 18.61 -16.44 -29.75
N GLY A 60 17.86 -17.25 -30.48
CA GLY A 60 17.86 -18.67 -30.27
C GLY A 60 16.87 -19.20 -29.26
N ILE A 61 16.17 -18.33 -28.54
CA ILE A 61 15.14 -18.79 -27.61
C ILE A 61 13.88 -19.09 -28.40
N VAL A 62 13.37 -20.30 -28.25
CA VAL A 62 12.24 -20.79 -29.04
C VAL A 62 11.07 -21.08 -28.11
N GLY A 63 9.92 -20.52 -28.42
CA GLY A 63 8.73 -20.79 -27.64
C GLY A 63 8.47 -19.86 -26.49
N SER A 64 9.13 -18.70 -26.47
CA SER A 64 8.86 -17.74 -25.41
C SER A 64 7.48 -17.11 -25.60
N ALA A 65 6.88 -16.71 -24.49
CA ALA A 65 5.53 -16.18 -24.50
C ALA A 65 5.41 -14.82 -25.18
N THR A 66 6.48 -14.03 -25.19
CA THR A 66 6.44 -12.72 -25.84
C THR A 66 6.68 -12.91 -27.33
N PRO A 67 5.79 -12.39 -28.19
CA PRO A 67 5.92 -12.68 -29.63
C PRO A 67 7.23 -12.16 -30.20
N ASP A 68 7.76 -12.90 -31.15
CA ASP A 68 9.03 -12.51 -31.77
C ASP A 68 8.80 -11.35 -32.74
N ALA A 69 9.43 -10.22 -32.45
CA ALA A 69 9.33 -9.04 -33.30
C ALA A 69 10.44 -8.08 -32.95
N LYS A 70 10.69 -7.13 -33.84
CA LYS A 70 11.71 -6.12 -33.66
C LYS A 70 11.06 -4.84 -33.13
N ILE A 71 11.64 -4.27 -32.08
CA ILE A 71 11.01 -3.19 -31.31
C ILE A 71 11.87 -1.94 -31.43
N VAL A 72 11.23 -0.82 -31.78
CA VAL A 72 11.85 0.49 -31.77
C VAL A 72 11.10 1.35 -30.78
N ARG A 73 11.82 1.96 -29.85
CA ARG A 73 11.21 2.71 -28.76
C ARG A 73 11.67 4.16 -28.79
N ILE A 74 10.71 5.07 -28.81
CA ILE A 74 10.95 6.51 -28.69
C ILE A 74 10.15 7.00 -27.49
N SER A 75 10.83 7.59 -26.51
CA SER A 75 10.13 7.86 -25.27
C SER A 75 10.69 9.09 -24.56
N LEU A 76 9.86 9.67 -23.70
CA LEU A 76 10.25 10.67 -22.72
C LEU A 76 9.68 10.26 -21.37
N ASP A 77 10.53 10.12 -20.37
CA ASP A 77 10.07 9.73 -19.04
C ASP A 77 10.85 10.53 -18.01
N ASP A 78 10.74 10.11 -16.75
CA ASP A 78 11.41 10.84 -15.67
C ASP A 78 12.91 10.85 -15.85
N ASP A 79 13.47 9.82 -16.49
CA ASP A 79 14.92 9.71 -16.64
C ASP A 79 15.49 10.65 -17.68
N SER A 80 14.67 11.17 -18.59
CA SER A 80 15.17 12.12 -19.59
C SER A 80 14.04 12.94 -20.19
N THR A 81 14.01 14.24 -19.90
CA THR A 81 12.95 15.11 -20.40
C THR A 81 13.52 16.23 -21.25
N GLY A 82 14.57 16.86 -20.76
CA GLY A 82 15.09 18.05 -21.40
C GLY A 82 14.66 19.32 -20.70
N ALA A 83 15.16 20.43 -21.22
CA ALA A 83 14.91 21.73 -20.59
C ALA A 83 13.42 22.04 -20.56
N GLY A 84 12.75 21.90 -21.70
CA GLY A 84 11.33 22.15 -21.79
C GLY A 84 11.02 23.13 -22.90
N ILE A 85 9.87 23.77 -22.79
CA ILE A 85 9.43 24.78 -23.74
C ILE A 85 9.16 26.06 -22.98
N HIS A 86 9.69 27.18 -23.49
CA HIS A 86 9.62 28.45 -22.79
C HIS A 86 9.11 29.52 -23.75
N LEU A 87 8.23 30.38 -23.26
CA LEU A 87 7.69 31.48 -24.05
C LEU A 87 7.85 32.85 -23.41
N ASN A 88 7.73 32.97 -22.09
CA ASN A 88 7.90 34.24 -21.40
C ASN A 88 8.24 33.99 -19.95
N ASP A 89 8.74 35.02 -19.28
CA ASP A 89 9.06 34.93 -17.87
C ASP A 89 7.95 35.45 -16.96
N GLN A 90 7.30 36.54 -17.36
CA GLN A 90 6.09 36.99 -16.69
C GLN A 90 5.24 37.71 -17.72
N LEU A 91 3.95 37.82 -17.43
CA LEU A 91 2.99 38.37 -18.39
C LEU A 91 2.70 39.81 -18.03
N GLY A 92 3.07 40.73 -18.93
CA GLY A 92 2.69 42.12 -18.84
C GLY A 92 1.56 42.43 -19.81
N TYR A 93 1.15 43.69 -19.80
CA TYR A 93 0.06 44.09 -20.68
C TYR A 93 0.26 45.53 -21.11
N ARG A 94 -0.31 45.85 -22.26
CA ARG A 94 -0.39 47.22 -22.74
C ARG A 94 -1.84 47.54 -23.06
N GLN A 95 -2.27 48.73 -22.67
CA GLN A 95 -3.66 49.15 -22.77
C GLN A 95 -3.83 50.07 -23.97
N PHE A 96 -4.96 49.95 -24.65
CA PHE A 96 -5.24 50.74 -25.83
C PHE A 96 -6.61 51.37 -25.71
N GLY A 97 -6.72 52.60 -26.22
CA GLY A 97 -7.96 53.34 -26.14
C GLY A 97 -8.49 53.67 -27.52
N ALA A 98 -9.76 54.05 -27.56
CA ALA A 98 -10.42 54.36 -28.82
C ALA A 98 -9.97 55.71 -29.34
N SER A 99 -9.42 55.72 -30.56
CA SER A 99 -9.01 56.97 -31.18
C SER A 99 -10.19 57.75 -31.74
N TYR A 100 -11.26 57.06 -32.16
CA TYR A 100 -12.41 57.72 -32.76
C TYR A 100 -13.55 57.79 -31.74
N THR A 101 -14.65 58.44 -32.13
CA THR A 101 -15.81 58.61 -31.27
C THR A 101 -16.59 57.31 -31.14
N THR A 102 -16.78 56.88 -29.89
CA THR A 102 -17.39 55.58 -29.62
C THR A 102 -18.52 55.77 -28.61
N LEU A 103 -19.74 55.42 -29.03
CA LEU A 103 -20.91 55.44 -28.16
C LEU A 103 -21.52 54.05 -27.98
N ASP A 104 -21.72 53.32 -29.08
CA ASP A 104 -22.24 51.95 -29.04
C ASP A 104 -21.29 51.08 -29.86
N ALA A 105 -20.21 50.66 -29.24
CA ALA A 105 -19.16 49.85 -29.86
C ALA A 105 -18.11 49.56 -28.80
N TYR A 106 -17.08 48.82 -29.20
CA TYR A 106 -15.91 48.64 -28.34
C TYR A 106 -15.09 49.92 -28.33
N PHE A 107 -14.52 50.25 -27.18
CA PHE A 107 -13.67 51.43 -27.07
C PHE A 107 -12.37 51.21 -26.30
N ARG A 108 -12.16 50.05 -25.70
CA ARG A 108 -10.88 49.71 -25.09
C ARG A 108 -10.54 48.27 -25.41
N GLU A 109 -9.27 48.06 -25.75
CA GLU A 109 -8.81 46.72 -26.12
C GLU A 109 -7.47 46.47 -25.44
N TRP A 110 -7.29 45.24 -24.95
CA TRP A 110 -6.12 44.87 -24.17
C TRP A 110 -5.34 43.77 -24.89
N SER A 111 -4.02 43.83 -24.80
CA SER A 111 -3.15 42.80 -25.33
C SER A 111 -2.41 42.15 -24.17
N THR A 112 -2.52 40.83 -24.06
CA THR A 112 -1.86 40.08 -23.00
C THR A 112 -0.70 39.28 -23.59
N ASP A 113 0.41 39.26 -22.87
CA ASP A 113 1.60 38.53 -23.32
C ASP A 113 1.25 37.10 -23.68
N ALA A 114 2.00 36.55 -24.62
CA ALA A 114 1.64 35.30 -25.27
C ALA A 114 1.59 34.14 -24.28
N ILE A 115 0.67 33.22 -24.52
CA ILE A 115 0.56 31.97 -23.78
C ILE A 115 0.49 30.84 -24.80
N ALA A 116 0.82 29.63 -24.34
CA ALA A 116 0.85 28.46 -25.20
C ALA A 116 -0.56 27.88 -25.29
N GLN A 117 -1.21 28.09 -26.44
CA GLN A 117 -2.56 27.56 -26.62
C GLN A 117 -2.58 26.05 -26.56
N ASP A 118 -1.59 25.39 -27.17
CA ASP A 118 -1.54 23.94 -27.19
C ASP A 118 -0.16 23.49 -27.64
N TYR A 119 0.30 22.40 -27.06
CA TYR A 119 1.55 21.77 -27.46
C TYR A 119 1.22 20.58 -28.34
N ARG A 120 1.98 20.41 -29.42
CA ARG A 120 1.71 19.34 -30.36
C ARG A 120 2.97 18.54 -30.58
N PHE A 121 2.83 17.21 -30.62
CA PHE A 121 3.94 16.30 -30.87
C PHE A 121 3.48 15.28 -31.90
N VAL A 122 4.33 15.02 -32.89
CA VAL A 122 3.97 14.17 -34.02
C VAL A 122 5.05 13.13 -34.22
N PHE A 123 4.64 11.88 -34.40
CA PHE A 123 5.54 10.79 -34.77
C PHE A 123 5.05 10.19 -36.08
N ASN A 124 5.97 10.06 -37.04
CA ASN A 124 5.62 9.58 -38.38
C ASN A 124 6.56 8.47 -38.79
N ALA A 125 6.03 7.48 -39.51
CA ALA A 125 6.84 6.46 -40.14
C ALA A 125 7.02 6.80 -41.63
N SER A 126 8.24 6.59 -42.13
CA SER A 126 8.53 6.99 -43.50
C SER A 126 7.90 6.05 -44.52
N ASN A 127 7.68 4.79 -44.14
CA ASN A 127 7.08 3.82 -45.05
C ASN A 127 6.07 2.99 -44.26
N ASN A 128 5.65 1.87 -44.85
CA ASN A 128 4.70 0.98 -44.20
C ASN A 128 5.37 -0.23 -43.55
N LYS A 129 6.69 -0.24 -43.48
CA LYS A 129 7.37 -1.40 -42.90
C LYS A 129 7.22 -1.46 -41.39
N ALA A 130 6.79 -0.36 -40.76
CA ALA A 130 6.67 -0.27 -39.33
C ALA A 130 5.22 -0.05 -38.94
N GLN A 131 4.86 -0.49 -37.73
CA GLN A 131 3.52 -0.30 -37.19
C GLN A 131 3.61 0.17 -35.74
N ILE A 132 2.55 0.83 -35.29
CA ILE A 132 2.50 1.31 -33.91
C ILE A 132 1.99 0.20 -33.01
N LEU A 133 2.75 -0.10 -31.96
CA LEU A 133 2.43 -1.23 -31.09
C LEU A 133 1.71 -0.81 -29.81
N LYS A 134 2.31 0.06 -29.01
CA LYS A 134 1.66 0.54 -27.80
C LYS A 134 2.13 1.95 -27.53
N THR A 135 1.33 2.68 -26.75
CA THR A 135 1.62 4.08 -26.48
C THR A 135 1.32 4.38 -25.02
N PHE A 136 1.95 5.45 -24.52
CA PHE A 136 1.66 5.96 -23.19
C PHE A 136 1.33 7.44 -23.33
N PRO A 137 0.14 7.89 -22.93
CA PRO A 137 -0.93 7.11 -22.29
C PRO A 137 -1.54 6.08 -23.21
N VAL A 138 -2.00 4.96 -22.66
CA VAL A 138 -2.57 3.91 -23.49
C VAL A 138 -3.83 4.38 -24.19
N ASP A 139 -4.46 5.42 -23.68
CA ASP A 139 -5.76 5.86 -24.15
C ASP A 139 -5.98 7.29 -23.70
N ASN A 140 -6.95 7.95 -24.32
CA ASN A 140 -7.37 9.25 -23.80
C ASN A 140 -8.07 9.07 -22.47
N ILE A 141 -8.35 10.20 -21.81
CA ILE A 141 -8.98 10.15 -20.50
C ILE A 141 -10.40 9.61 -20.63
N ASN A 142 -10.73 8.63 -19.80
CA ASN A 142 -12.09 8.10 -19.72
C ASN A 142 -12.72 8.69 -18.46
N GLU A 143 -13.33 9.87 -18.60
CA GLU A 143 -13.77 10.63 -17.44
C GLU A 143 -14.79 9.87 -16.62
N LYS A 144 -14.69 10.01 -15.30
CA LYS A 144 -15.69 9.48 -14.39
C LYS A 144 -16.68 10.58 -14.02
N PHE A 145 -17.96 10.24 -14.07
CA PHE A 145 -19.02 11.20 -13.82
C PHE A 145 -19.80 10.78 -12.58
N GLU A 146 -20.20 11.77 -11.79
CA GLU A 146 -21.02 11.55 -10.59
C GLU A 146 -22.30 12.34 -10.72
N ARG A 147 -23.43 11.67 -10.57
CA ARG A 147 -24.74 12.30 -10.65
C ARG A 147 -25.45 12.20 -9.30
N LYS A 148 -26.29 13.17 -9.02
CA LYS A 148 -27.13 13.17 -7.83
C LYS A 148 -28.55 13.59 -8.21
N GLU A 149 -29.53 12.97 -7.59
CA GLU A 149 -30.92 13.35 -7.76
C GLU A 149 -31.49 13.69 -6.38
N VAL A 150 -31.76 14.97 -6.16
CA VAL A 150 -32.25 15.44 -4.87
C VAL A 150 -33.73 15.78 -5.02
N SER A 151 -34.54 15.18 -4.16
CA SER A 151 -35.98 15.43 -4.21
C SER A 151 -36.53 15.34 -2.79
N GLY A 152 -37.61 16.08 -2.56
CA GLY A 152 -38.25 16.07 -1.26
C GLY A 152 -39.37 17.09 -1.23
N PHE A 153 -40.01 17.17 -0.07
CA PHE A 153 -41.13 18.09 0.08
C PHE A 153 -41.09 18.71 1.46
N GLU A 154 -41.71 19.88 1.58
CA GLU A 154 -41.69 20.69 2.78
C GLU A 154 -43.10 21.14 3.12
N LEU A 155 -43.45 21.06 4.40
CA LEU A 155 -44.75 21.51 4.90
C LEU A 155 -44.53 22.65 5.89
N GLY A 156 -45.41 23.65 5.83
CA GLY A 156 -45.33 24.77 6.75
C GLY A 156 -46.71 25.30 7.08
N VAL A 157 -46.94 25.50 8.37
CA VAL A 157 -48.18 26.06 8.87
C VAL A 157 -47.84 27.30 9.69
N THR A 158 -48.55 28.40 9.40
CA THR A 158 -48.26 29.70 9.96
C THR A 158 -49.44 30.17 10.80
N GLY A 159 -49.16 30.58 12.04
CA GLY A 159 -50.16 31.19 12.90
C GLY A 159 -49.78 32.62 13.22
N GLY A 160 -50.65 33.54 12.83
CA GLY A 160 -50.39 34.96 12.99
C GLY A 160 -51.45 35.62 13.85
N VAL A 161 -51.01 36.37 14.84
CA VAL A 161 -51.92 37.09 15.74
C VAL A 161 -51.51 38.55 15.77
N GLU A 162 -52.46 39.45 15.52
CA GLU A 162 -52.20 40.88 15.48
C GLU A 162 -53.15 41.59 16.43
N VAL A 163 -52.61 42.56 17.18
CA VAL A 163 -53.42 43.48 17.98
C VAL A 163 -53.04 44.90 17.61
N SER A 164 -54.03 45.69 17.25
CA SER A 164 -53.78 47.06 16.83
C SER A 164 -55.02 47.90 17.12
N GLY A 165 -54.96 49.18 16.73
CA GLY A 165 -56.11 50.04 16.91
C GLY A 165 -57.31 49.59 16.10
N ASP A 166 -57.06 49.04 14.91
CA ASP A 166 -58.16 48.55 14.08
C ASP A 166 -58.91 47.41 14.78
N GLY A 167 -58.19 46.51 15.43
CA GLY A 167 -58.80 45.42 16.15
C GLY A 167 -58.02 44.14 16.02
N PRO A 168 -58.25 43.20 16.93
CA PRO A 168 -57.55 41.92 16.86
C PRO A 168 -57.80 41.17 15.57
N LYS A 169 -56.77 40.57 15.01
CA LYS A 169 -56.87 39.72 13.82
C LYS A 169 -56.35 38.33 14.14
N ALA A 170 -56.61 37.40 13.23
CA ALA A 170 -56.15 36.02 13.41
C ALA A 170 -55.97 35.38 12.06
N LYS A 171 -54.79 34.80 11.83
CA LYS A 171 -54.47 34.14 10.58
C LYS A 171 -53.86 32.78 10.85
N LEU A 172 -54.45 31.74 10.26
CA LEU A 172 -53.87 30.40 10.24
C LEU A 172 -53.58 30.04 8.80
N GLU A 173 -52.30 29.91 8.46
CA GLU A 173 -51.86 29.82 7.08
C GLU A 173 -51.10 28.53 6.87
N ALA A 174 -51.21 27.98 5.67
CA ALA A 174 -50.60 26.68 5.36
C ALA A 174 -49.79 26.78 4.08
N ARG A 175 -48.65 26.09 4.07
CA ARG A 175 -47.78 26.01 2.91
C ARG A 175 -47.42 24.56 2.66
N ALA A 176 -47.20 24.23 1.38
CA ALA A 176 -46.78 22.89 1.00
C ALA A 176 -45.89 23.01 -0.23
N SER A 177 -44.62 22.67 -0.07
CA SER A 177 -43.64 22.82 -1.13
C SER A 177 -43.26 21.47 -1.71
N TYR A 178 -42.64 21.51 -2.89
CA TYR A 178 -42.05 20.34 -3.53
C TYR A 178 -40.75 20.78 -4.16
N THR A 179 -39.70 19.98 -4.00
CA THR A 179 -38.39 20.32 -4.52
C THR A 179 -37.85 19.17 -5.35
N GLN A 180 -37.02 19.51 -6.33
CA GLN A 180 -36.29 18.52 -7.11
C GLN A 180 -35.12 19.15 -7.83
N SER A 181 -33.93 18.56 -7.71
CA SER A 181 -32.75 19.06 -8.38
C SER A 181 -31.87 17.90 -8.81
N ARG A 182 -31.18 18.10 -9.93
CA ARG A 182 -30.27 17.09 -10.48
C ARG A 182 -28.87 17.67 -10.56
N TRP A 183 -27.91 16.95 -10.01
CA TRP A 183 -26.52 17.41 -9.95
C TRP A 183 -25.70 16.70 -11.01
N LEU A 184 -24.57 17.31 -11.38
CA LEU A 184 -23.62 16.72 -12.30
C LEU A 184 -22.23 17.18 -11.90
N THR A 185 -21.31 16.23 -11.77
CA THR A 185 -19.96 16.52 -11.33
C THR A 185 -18.95 15.75 -12.19
N TYR A 186 -17.92 16.46 -12.66
CA TYR A 186 -16.89 15.82 -13.45
C TYR A 186 -15.59 16.60 -13.28
N ASN A 187 -14.48 15.93 -13.57
CA ASN A 187 -13.15 16.50 -13.40
C ASN A 187 -12.58 16.92 -14.74
N THR A 188 -11.98 18.10 -14.76
CA THR A 188 -11.22 18.57 -15.92
C THR A 188 -9.84 18.99 -15.44
N GLN A 189 -8.87 18.87 -16.33
CA GLN A 189 -7.50 19.24 -16.02
C GLN A 189 -7.16 20.53 -16.75
N ASP A 190 -6.12 21.21 -16.27
CA ASP A 190 -5.71 22.46 -16.92
C ASP A 190 -5.24 22.18 -18.33
N TYR A 191 -4.58 21.06 -18.54
CA TYR A 191 -4.24 20.58 -19.87
C TYR A 191 -4.70 19.13 -20.02
N ARG A 192 -5.37 18.84 -21.13
CA ARG A 192 -6.01 17.56 -21.36
C ARG A 192 -5.26 16.80 -22.45
N ILE A 193 -4.82 15.59 -22.12
CA ILE A 193 -4.01 14.80 -23.03
C ILE A 193 -4.91 14.19 -24.10
N GLU A 194 -4.81 14.71 -25.32
CA GLU A 194 -5.62 14.23 -26.44
C GLU A 194 -4.74 13.39 -27.36
N ARG A 195 -4.96 12.08 -27.33
CA ARG A 195 -4.25 11.16 -28.20
C ARG A 195 -4.90 11.18 -29.58
N ASN A 196 -4.07 11.18 -30.62
CA ASN A 196 -4.55 11.30 -31.99
C ASN A 196 -3.73 10.36 -32.86
N ALA A 197 -4.41 9.41 -33.52
CA ALA A 197 -3.75 8.41 -34.35
C ALA A 197 -4.38 8.44 -35.74
N LYS A 198 -3.71 9.13 -36.67
CA LYS A 198 -4.23 9.26 -38.02
C LYS A 198 -4.28 7.92 -38.73
N ASN A 199 -3.17 7.17 -38.71
CA ASN A 199 -3.14 5.85 -39.34
C ASN A 199 -2.15 4.98 -38.59
N ALA A 200 -1.97 3.73 -39.05
CA ALA A 200 -1.17 2.79 -38.31
C ALA A 200 0.30 3.20 -38.22
N GLN A 201 0.75 4.13 -39.06
CA GLN A 201 2.14 4.53 -39.07
C GLN A 201 2.41 5.83 -38.33
N ALA A 202 1.38 6.55 -37.92
CA ALA A 202 1.58 7.86 -37.29
C ALA A 202 0.61 8.06 -36.15
N VAL A 203 1.13 8.53 -35.02
CA VAL A 203 0.32 8.87 -33.86
C VAL A 203 0.85 10.16 -33.27
N SER A 204 -0.06 11.02 -32.83
CA SER A 204 0.34 12.34 -32.37
C SER A 204 -0.35 12.64 -31.04
N PHE A 205 0.38 13.34 -30.16
CA PHE A 205 -0.11 13.71 -28.85
C PHE A 205 -0.29 15.22 -28.80
N THR A 206 -1.47 15.67 -28.38
CA THR A 206 -1.81 17.08 -28.36
C THR A 206 -2.20 17.48 -26.94
N TRP A 207 -1.35 18.27 -26.30
CA TRP A 207 -1.71 18.91 -25.04
C TRP A 207 -2.55 20.13 -25.36
N ASN A 208 -3.84 20.06 -25.07
CA ASN A 208 -4.79 21.10 -25.42
C ASN A 208 -5.41 21.69 -24.16
N ARG A 209 -5.55 23.00 -24.13
CA ARG A 209 -6.18 23.65 -22.98
C ARG A 209 -7.66 23.29 -22.92
N GLN A 210 -8.12 22.92 -21.74
CA GLN A 210 -9.52 22.58 -21.56
C GLN A 210 -10.20 23.58 -20.65
N GLN A 211 -9.68 23.74 -19.43
CA GLN A 211 -10.18 24.80 -18.55
C GLN A 211 -9.47 26.09 -18.89
N TYR A 212 -10.19 27.20 -18.79
CA TYR A 212 -9.65 28.52 -19.11
C TYR A 212 -9.10 28.56 -20.52
N ALA A 213 -9.81 27.93 -21.46
CA ALA A 213 -9.34 27.82 -22.83
C ALA A 213 -9.78 28.97 -23.70
N THR A 214 -10.66 29.83 -23.20
CA THR A 214 -11.19 30.94 -23.97
C THR A 214 -10.80 32.25 -23.32
N ALA A 215 -10.53 33.26 -24.13
CA ALA A 215 -10.34 34.60 -23.60
C ALA A 215 -11.59 35.06 -22.86
N GLU A 216 -12.73 34.46 -23.17
CA GLU A 216 -13.96 34.74 -22.45
C GLU A 216 -13.85 34.33 -20.98
N SER A 217 -13.26 33.16 -20.72
CA SER A 217 -13.24 32.62 -19.38
C SER A 217 -12.14 33.20 -18.50
N LEU A 218 -11.20 33.94 -19.07
CA LEU A 218 -10.12 34.51 -18.28
C LEU A 218 -10.54 35.76 -17.50
N LEU A 219 -11.75 36.26 -17.71
CA LEU A 219 -12.18 37.50 -17.07
C LEU A 219 -12.75 37.22 -15.68
N ASN A 220 -12.39 38.06 -14.72
CA ASN A 220 -12.94 37.98 -13.37
C ASN A 220 -14.01 39.03 -13.12
N ARG A 221 -14.36 39.82 -14.12
CA ARG A 221 -15.41 40.82 -14.02
C ARG A 221 -16.37 40.63 -15.19
N SER A 222 -17.60 41.11 -15.01
CA SER A 222 -18.57 41.14 -16.10
C SER A 222 -19.04 42.55 -16.43
N THR A 223 -19.41 43.34 -15.42
CA THR A 223 -19.87 44.70 -15.64
C THR A 223 -19.18 45.63 -14.67
N ASP A 224 -18.95 46.86 -15.12
CA ASP A 224 -18.35 47.89 -14.28
C ASP A 224 -18.73 49.25 -14.83
N ALA A 225 -18.58 50.27 -13.98
CA ALA A 225 -18.91 51.62 -14.38
C ALA A 225 -17.92 52.14 -15.43
N LEU A 226 -18.35 53.17 -16.16
CA LEU A 226 -17.54 53.70 -17.24
C LEU A 226 -16.25 54.34 -16.76
N TRP A 227 -16.19 54.81 -15.52
CA TRP A 227 -15.00 55.52 -15.04
C TRP A 227 -13.95 54.59 -14.46
N VAL A 228 -14.25 53.31 -14.28
CA VAL A 228 -13.29 52.37 -13.71
C VAL A 228 -12.46 51.76 -14.84
N ASN A 229 -11.15 51.96 -14.79
CA ASN A 229 -10.24 51.52 -15.84
C ASN A 229 -9.11 50.71 -15.20
N THR A 230 -9.15 49.40 -15.37
CA THR A 230 -8.15 48.52 -14.79
C THR A 230 -8.00 47.29 -15.66
N TYR A 231 -6.90 46.57 -15.47
CA TYR A 231 -6.65 45.37 -16.25
C TYR A 231 -7.63 44.28 -15.82
N PRO A 232 -8.47 43.81 -16.73
CA PRO A 232 -9.59 42.94 -16.32
C PRO A 232 -9.30 41.46 -16.43
N VAL A 233 -8.07 41.08 -16.75
CA VAL A 233 -7.69 39.69 -16.91
C VAL A 233 -7.02 39.23 -15.63
N ASP A 234 -7.68 38.34 -14.89
CA ASP A 234 -7.17 37.89 -13.60
C ASP A 234 -6.00 36.96 -13.86
N VAL A 235 -4.80 37.54 -13.95
CA VAL A 235 -3.63 36.81 -14.40
C VAL A 235 -3.25 35.67 -13.48
N ASN A 236 -3.77 35.63 -12.26
CA ASN A 236 -3.47 34.51 -11.37
C ASN A 236 -4.07 33.21 -11.89
N ARG A 237 -5.08 33.29 -12.76
CA ARG A 237 -5.71 32.09 -13.27
C ARG A 237 -4.85 31.35 -14.29
N ILE A 238 -3.88 32.01 -14.91
CA ILE A 238 -3.02 31.38 -15.90
C ILE A 238 -1.90 30.66 -15.18
N SER A 239 -2.01 29.35 -15.08
CA SER A 239 -1.03 28.61 -14.30
C SER A 239 0.33 28.61 -15.00
N PRO A 240 1.41 28.52 -14.23
CA PRO A 240 2.75 28.53 -14.85
C PRO A 240 3.01 27.36 -15.76
N LEU A 241 2.04 26.47 -15.95
CA LEU A 241 2.21 25.39 -16.92
C LEU A 241 2.10 25.90 -18.35
N SER A 242 1.65 27.13 -18.55
CA SER A 242 1.38 27.62 -19.90
C SER A 242 2.49 28.49 -20.47
N TYR A 243 3.02 29.44 -19.72
CA TYR A 243 3.95 30.38 -20.33
C TYR A 243 5.36 30.25 -19.77
N ALA A 244 5.48 29.70 -18.56
CA ALA A 244 6.80 29.64 -17.93
C ALA A 244 7.63 28.48 -18.48
N SER A 245 7.18 27.25 -18.29
CA SER A 245 7.93 26.10 -18.73
C SER A 245 7.06 24.84 -18.74
N PHE A 246 7.19 24.03 -19.78
CA PHE A 246 6.38 22.84 -19.92
C PHE A 246 7.24 21.69 -20.42
N VAL A 247 6.90 20.48 -19.97
CA VAL A 247 7.62 19.26 -20.34
C VAL A 247 6.60 18.16 -20.56
N PRO A 248 6.62 17.46 -21.69
CA PRO A 248 5.63 16.41 -21.93
C PRO A 248 6.04 15.10 -21.30
N LYS A 249 5.16 14.10 -21.44
CA LYS A 249 5.41 12.73 -21.01
C LYS A 249 4.72 11.79 -21.99
N MET A 250 5.51 11.07 -22.78
CA MET A 250 4.93 10.18 -23.77
C MET A 250 5.86 9.02 -24.05
N ASP A 251 5.27 7.92 -24.51
CA ASP A 251 6.01 6.75 -24.96
C ASP A 251 5.40 6.26 -26.26
N VAL A 252 6.24 6.06 -27.26
CA VAL A 252 5.81 5.48 -28.53
C VAL A 252 6.74 4.31 -28.83
N ILE A 253 6.15 3.16 -29.15
CA ILE A 253 6.93 1.95 -29.39
C ILE A 253 6.47 1.33 -30.70
N TYR A 254 7.31 1.42 -31.72
CA TYR A 254 7.03 0.80 -33.02
C TYR A 254 7.47 -0.65 -33.00
N LYS A 255 6.93 -1.42 -33.95
CA LYS A 255 7.35 -2.79 -34.16
C LYS A 255 7.53 -3.03 -35.64
N ALA A 256 8.39 -3.98 -35.98
CA ALA A 256 8.65 -4.36 -37.35
C ALA A 256 8.60 -5.87 -37.48
N SER A 257 8.25 -6.34 -38.67
CA SER A 257 8.06 -7.77 -38.90
C SER A 257 9.36 -8.53 -38.71
N ALA A 258 9.24 -9.86 -38.67
CA ALA A 258 10.38 -10.71 -38.34
C ALA A 258 11.50 -10.62 -39.34
N THR A 259 11.20 -10.60 -40.64
CA THR A 259 12.22 -10.62 -41.67
C THR A 259 12.24 -9.37 -42.52
N GLU A 260 11.74 -8.25 -42.01
CA GLU A 260 11.76 -7.01 -42.78
C GLU A 260 13.20 -6.57 -43.01
N THR A 261 13.47 -6.10 -44.22
CA THR A 261 14.81 -5.64 -44.58
C THR A 261 14.68 -4.26 -45.22
N GLY A 262 15.84 -3.65 -45.49
CA GLY A 262 15.85 -2.32 -46.07
C GLY A 262 16.05 -1.24 -45.03
N SER A 263 15.24 -0.18 -45.11
CA SER A 263 15.42 0.96 -44.25
C SER A 263 14.06 1.55 -43.90
N THR A 264 14.05 2.43 -42.90
CA THR A 264 12.86 3.16 -42.51
C THR A 264 13.27 4.34 -41.65
N ASP A 265 12.67 5.50 -41.91
CA ASP A 265 12.97 6.72 -41.18
C ASP A 265 11.82 7.09 -40.25
N PHE A 266 12.15 7.80 -39.18
CA PHE A 266 11.18 8.28 -38.21
C PHE A 266 11.30 9.78 -38.12
N ILE A 267 10.18 10.47 -37.92
CA ILE A 267 10.14 11.91 -37.80
C ILE A 267 9.52 12.26 -36.46
N ILE A 268 10.18 13.12 -35.71
CA ILE A 268 9.67 13.60 -34.43
C ILE A 268 9.49 15.10 -34.53
N ASP A 269 8.25 15.56 -34.38
CA ASP A 269 7.89 16.96 -34.57
C ASP A 269 7.45 17.55 -33.23
N SER A 270 8.26 18.44 -32.69
CA SER A 270 7.86 19.22 -31.53
C SER A 270 7.39 20.59 -31.98
N SER A 271 6.26 21.05 -31.44
CA SER A 271 5.70 22.31 -31.88
C SER A 271 4.79 22.87 -30.80
N VAL A 272 4.95 24.16 -30.54
CA VAL A 272 4.12 24.89 -29.58
C VAL A 272 3.30 25.91 -30.35
N ASN A 273 1.99 25.89 -30.13
CA ASN A 273 1.05 26.72 -30.89
C ASN A 273 0.82 28.02 -30.12
N ILE A 274 1.59 29.04 -30.48
CA ILE A 274 1.51 30.33 -29.79
C ILE A 274 0.19 31.00 -30.16
N ARG A 275 -0.48 31.56 -29.16
CA ARG A 275 -1.67 32.36 -29.38
C ARG A 275 -1.75 33.47 -28.35
N PRO A 276 -1.66 34.72 -28.75
CA PRO A 276 -1.83 35.82 -27.80
C PRO A 276 -3.28 35.90 -27.31
N ILE A 277 -3.48 36.76 -26.32
CA ILE A 277 -4.78 36.94 -25.69
C ILE A 277 -5.27 38.35 -26.00
N TYR A 278 -6.53 38.47 -26.37
CA TYR A 278 -7.16 39.75 -26.64
C TYR A 278 -8.41 39.90 -25.81
N ASN A 279 -8.57 41.04 -25.15
CA ASN A 279 -9.77 41.35 -24.39
C ASN A 279 -10.26 42.75 -24.75
N GLY A 280 -11.57 42.88 -24.93
CA GLY A 280 -12.16 44.15 -25.30
C GLY A 280 -13.27 44.53 -24.33
N ALA A 281 -13.55 45.82 -24.30
CA ALA A 281 -14.61 46.36 -23.46
C ALA A 281 -15.75 46.87 -24.32
N TYR A 282 -16.97 46.66 -23.84
CA TYR A 282 -18.18 47.03 -24.57
C TYR A 282 -18.88 48.14 -23.82
N LYS A 283 -19.16 49.25 -24.50
CA LYS A 283 -19.90 50.35 -23.89
C LYS A 283 -21.32 50.34 -24.43
N HIS A 284 -22.30 50.28 -23.52
CA HIS A 284 -23.71 50.24 -23.89
C HIS A 284 -24.38 51.54 -23.44
N TYR A 285 -25.14 52.15 -24.34
CA TYR A 285 -25.82 53.41 -24.08
C TYR A 285 -27.31 53.21 -24.27
N TYR A 286 -28.05 53.16 -23.17
CA TYR A 286 -29.51 53.16 -23.21
C TYR A 286 -30.04 54.33 -22.39
N VAL A 287 -31.34 54.59 -22.50
CA VAL A 287 -31.95 55.81 -22.00
C VAL A 287 -31.81 55.94 -20.50
N VAL A 288 -32.08 54.85 -19.78
CA VAL A 288 -32.17 54.92 -18.32
C VAL A 288 -30.80 55.21 -17.70
N GLY A 289 -29.77 54.49 -18.15
CA GLY A 289 -28.44 54.65 -17.57
C GLY A 289 -27.31 54.25 -18.49
N ALA A 290 -26.09 54.23 -17.96
CA ALA A 290 -24.91 53.89 -18.76
C ALA A 290 -24.02 52.96 -17.96
N HIS A 291 -23.55 51.89 -18.61
CA HIS A 291 -22.72 50.87 -17.96
C HIS A 291 -21.74 50.32 -18.99
N GLN A 292 -20.90 49.40 -18.55
CA GLN A 292 -19.85 48.83 -19.38
C GLN A 292 -19.79 47.32 -19.15
N SER A 293 -19.64 46.57 -20.24
CA SER A 293 -19.59 45.11 -20.19
C SER A 293 -18.37 44.62 -20.96
N TYR A 294 -17.87 43.44 -20.60
CA TYR A 294 -16.69 42.88 -21.22
C TYR A 294 -17.05 41.73 -22.16
N HIS A 295 -16.11 41.40 -23.05
CA HIS A 295 -16.29 40.33 -24.02
C HIS A 295 -14.96 39.61 -24.20
N GLY A 296 -15.04 38.40 -24.74
CA GLY A 296 -13.84 37.64 -25.04
C GLY A 296 -13.72 37.33 -26.53
N PHE A 297 -12.53 37.54 -27.09
CA PHE A 297 -12.29 37.29 -28.51
C PHE A 297 -11.75 35.89 -28.68
N GLU A 298 -12.32 35.15 -29.64
CA GLU A 298 -11.96 33.76 -29.86
C GLU A 298 -11.21 33.53 -31.16
N ASP A 299 -11.40 34.39 -32.15
CA ASP A 299 -10.85 34.15 -33.48
C ASP A 299 -9.50 34.85 -33.64
N THR A 300 -8.77 35.00 -32.56
CA THR A 300 -7.48 35.65 -32.56
C THR A 300 -6.48 34.84 -33.39
N PRO A 301 -5.47 35.50 -33.95
CA PRO A 301 -4.51 34.78 -34.81
C PRO A 301 -3.69 33.79 -34.01
N ARG A 302 -3.27 32.72 -34.71
CA ARG A 302 -2.37 31.73 -34.14
C ARG A 302 -1.22 31.49 -35.10
N ARG A 303 -0.02 31.37 -34.55
CA ARG A 303 1.18 31.10 -35.33
C ARG A 303 1.89 29.91 -34.69
N ARG A 304 2.39 29.01 -35.52
CA ARG A 304 2.91 27.72 -35.06
C ARG A 304 4.41 27.65 -35.31
N ILE A 305 5.15 27.26 -34.29
CA ILE A 305 6.60 27.09 -34.38
C ILE A 305 6.92 25.61 -34.45
N THR A 306 7.70 25.21 -35.45
CA THR A 306 7.96 23.80 -35.71
C THR A 306 9.46 23.54 -35.80
N LYS A 307 9.93 22.51 -35.09
CA LYS A 307 11.29 22.02 -35.22
C LYS A 307 11.22 20.50 -35.37
N SER A 308 11.94 19.97 -36.35
CA SER A 308 11.88 18.56 -36.67
C SER A 308 13.27 17.93 -36.60
N ALA A 309 13.30 16.69 -36.11
CA ALA A 309 14.53 15.91 -36.07
C ALA A 309 14.20 14.47 -36.39
N SER A 310 15.14 13.79 -37.05
CA SER A 310 14.90 12.45 -37.55
C SER A 310 16.11 11.59 -37.26
N PHE A 311 15.92 10.27 -37.39
CA PHE A 311 17.02 9.33 -37.27
C PHE A 311 16.69 8.07 -38.05
N THR A 312 17.71 7.42 -38.58
CA THR A 312 17.57 6.32 -39.53
C THR A 312 17.92 5.02 -38.84
N VAL A 313 17.11 3.98 -39.11
CA VAL A 313 17.31 2.65 -38.53
C VAL A 313 17.28 1.64 -39.67
N ASP A 314 18.23 0.71 -39.65
CA ASP A 314 18.29 -0.37 -40.62
C ASP A 314 17.91 -1.67 -39.91
N TRP A 315 16.94 -2.41 -40.47
CA TRP A 315 16.52 -3.65 -39.84
C TRP A 315 17.59 -4.73 -39.91
N ASP A 316 18.62 -4.56 -40.74
CA ASP A 316 19.72 -5.50 -40.81
C ASP A 316 20.79 -5.22 -39.77
N HIS A 317 20.57 -4.24 -38.90
CA HIS A 317 21.55 -3.89 -37.89
C HIS A 317 21.86 -5.09 -37.01
N PRO A 318 23.09 -5.25 -36.54
CA PRO A 318 23.41 -6.42 -35.72
C PRO A 318 22.58 -6.54 -34.47
N VAL A 319 22.18 -5.42 -33.87
CA VAL A 319 21.49 -5.48 -32.59
C VAL A 319 20.15 -6.18 -32.71
N PHE A 320 19.50 -6.06 -33.86
CA PHE A 320 18.21 -6.69 -34.05
C PHE A 320 18.30 -8.22 -34.07
N THR A 321 19.50 -8.79 -34.16
CA THR A 321 19.61 -10.24 -34.10
C THR A 321 19.39 -10.77 -32.69
N GLY A 322 19.50 -9.92 -31.68
CA GLY A 322 19.16 -10.34 -30.34
C GLY A 322 20.16 -11.23 -29.64
N GLY A 323 21.41 -11.21 -30.08
CA GLY A 323 22.45 -11.95 -29.39
C GLY A 323 23.62 -11.05 -29.07
N ARG A 324 24.64 -11.58 -28.41
CA ARG A 324 25.84 -10.79 -28.13
C ARG A 324 26.96 -11.26 -29.05
N PRO A 325 27.26 -10.52 -30.10
CA PRO A 325 28.22 -11.00 -31.09
C PRO A 325 29.64 -11.12 -30.55
N VAL A 326 30.36 -12.11 -31.09
CA VAL A 326 31.78 -12.31 -30.80
C VAL A 326 32.50 -12.52 -32.13
N ASN A 327 33.82 -12.43 -32.08
CA ASN A 327 34.66 -12.63 -33.24
C ASN A 327 35.71 -13.69 -32.98
N LEU A 328 36.14 -14.35 -34.05
CA LEU A 328 37.18 -15.36 -33.99
C LEU A 328 38.47 -14.69 -34.45
N GLN A 329 39.50 -14.74 -33.62
CA GLN A 329 40.75 -14.05 -33.88
C GLN A 329 41.88 -15.07 -33.94
N LEU A 330 42.65 -15.03 -35.03
CA LEU A 330 43.75 -15.96 -35.23
C LEU A 330 44.92 -15.52 -34.35
N ALA A 331 45.44 -16.43 -33.54
CA ALA A 331 46.43 -16.07 -32.55
C ALA A 331 47.86 -16.09 -33.07
N SER A 332 48.13 -16.78 -34.17
CA SER A 332 49.50 -16.78 -34.70
C SER A 332 49.89 -15.41 -35.21
N PHE A 333 48.99 -14.72 -35.89
CA PHE A 333 49.21 -13.35 -36.30
C PHE A 333 49.14 -12.42 -35.10
N ASN A 334 49.80 -11.28 -35.21
CA ASN A 334 49.65 -10.25 -34.20
C ASN A 334 48.24 -9.66 -34.22
N ASN A 335 47.70 -9.36 -35.40
CA ASN A 335 46.39 -8.72 -35.52
C ASN A 335 45.76 -9.17 -36.83
N ARG A 336 44.94 -10.22 -36.75
CA ARG A 336 44.18 -10.72 -37.88
C ARG A 336 42.86 -11.28 -37.37
N CYS A 337 41.77 -10.96 -38.07
CA CYS A 337 40.45 -11.42 -37.69
C CYS A 337 39.72 -11.97 -38.91
N ILE A 338 38.80 -12.89 -38.66
CA ILE A 338 38.01 -13.46 -39.73
C ILE A 338 36.94 -12.46 -40.15
N GLN A 339 36.85 -12.21 -41.46
CA GLN A 339 35.89 -11.26 -42.00
C GLN A 339 35.18 -11.90 -43.19
N VAL A 340 33.91 -11.57 -43.35
CA VAL A 340 33.08 -12.13 -44.41
C VAL A 340 32.57 -10.98 -45.28
N ASP A 341 32.69 -11.14 -46.59
CA ASP A 341 32.25 -10.13 -47.54
C ASP A 341 30.77 -10.35 -47.87
N ALA A 342 30.29 -9.66 -48.90
CA ALA A 342 28.88 -9.76 -49.27
C ALA A 342 28.52 -11.16 -49.74
N GLN A 343 29.36 -11.80 -50.55
CA GLN A 343 29.05 -13.09 -51.14
C GLN A 343 29.50 -14.27 -50.29
N GLY A 344 30.23 -14.03 -49.20
CA GLY A 344 30.61 -15.10 -48.29
C GLY A 344 32.03 -15.60 -48.39
N ARG A 345 32.90 -14.91 -49.12
CA ARG A 345 34.30 -15.31 -49.15
C ARG A 345 34.97 -14.93 -47.83
N LEU A 346 35.75 -15.86 -47.29
CA LEU A 346 36.42 -15.68 -46.00
C LEU A 346 37.86 -15.27 -46.19
N THR A 347 38.24 -14.13 -45.63
CA THR A 347 39.61 -13.64 -45.65
C THR A 347 39.93 -13.02 -44.30
N ALA A 348 41.22 -12.96 -44.00
CA ALA A 348 41.70 -12.43 -42.73
C ALA A 348 42.16 -10.99 -42.93
N ASN A 349 41.40 -10.04 -42.41
CA ASN A 349 41.68 -8.63 -42.54
C ASN A 349 42.17 -8.07 -41.21
N MET A 350 42.38 -6.76 -41.19
CA MET A 350 42.72 -6.09 -39.95
C MET A 350 41.52 -6.08 -39.00
N CYS A 351 41.77 -6.39 -37.73
CA CYS A 351 40.69 -6.42 -36.76
C CYS A 351 40.15 -5.02 -36.50
N ASP A 352 38.83 -4.90 -36.50
CA ASP A 352 38.17 -3.65 -36.14
C ASP A 352 36.85 -4.04 -35.50
N SER A 353 36.84 -4.07 -34.17
CA SER A 353 35.73 -4.68 -33.44
C SER A 353 34.41 -3.97 -33.66
N GLN A 354 34.40 -2.75 -34.20
CA GLN A 354 33.16 -2.06 -34.50
C GLN A 354 32.62 -2.40 -35.88
N GLN A 355 33.36 -3.14 -36.69
CA GLN A 355 32.90 -3.52 -38.02
C GLN A 355 31.94 -4.70 -37.89
N SER A 356 30.70 -4.52 -38.33
CA SER A 356 29.68 -5.54 -38.11
C SER A 356 30.00 -6.83 -38.84
N ALA A 357 30.71 -6.75 -39.96
CA ALA A 357 30.96 -7.93 -40.77
C ALA A 357 31.93 -8.92 -40.11
N GLN A 358 32.57 -8.54 -39.02
CA GLN A 358 33.51 -9.42 -38.34
C GLN A 358 32.95 -10.02 -37.06
N SER A 359 31.64 -9.97 -36.87
CA SER A 359 31.00 -10.44 -35.64
C SER A 359 30.22 -11.71 -35.90
N PHE A 360 30.20 -12.60 -34.90
CA PHE A 360 29.46 -13.85 -35.00
C PHE A 360 28.70 -14.08 -33.69
N ILE A 361 27.59 -14.80 -33.79
CA ILE A 361 26.72 -15.07 -32.67
C ILE A 361 26.88 -16.53 -32.27
N TYR A 362 26.98 -16.80 -30.98
CA TYR A 362 27.13 -18.16 -30.48
C TYR A 362 25.77 -18.61 -29.96
N ASP A 363 25.17 -19.58 -30.63
CA ASP A 363 23.81 -19.99 -30.34
C ASP A 363 23.78 -21.14 -29.34
N GLN A 364 22.60 -21.76 -29.20
CA GLN A 364 22.46 -22.89 -28.29
C GLN A 364 23.02 -24.18 -28.88
N LEU A 365 22.86 -24.38 -30.19
CA LEU A 365 23.31 -25.63 -30.79
C LEU A 365 24.81 -25.64 -31.05
N GLY A 366 25.50 -24.53 -30.82
CA GLY A 366 26.92 -24.47 -31.09
C GLY A 366 27.30 -24.04 -32.49
N ARG A 367 26.38 -23.40 -33.21
CA ARG A 367 26.68 -22.89 -34.54
C ARG A 367 27.16 -21.46 -34.47
N TYR A 368 27.95 -21.07 -35.46
CA TYR A 368 28.40 -19.68 -35.61
C TYR A 368 27.60 -19.06 -36.75
N VAL A 369 26.86 -17.99 -36.45
CA VAL A 369 26.04 -17.30 -37.43
C VAL A 369 26.61 -15.91 -37.61
N SER A 370 26.80 -15.51 -38.86
CA SER A 370 27.31 -14.17 -39.16
C SER A 370 26.33 -13.11 -38.68
N ALA A 371 26.83 -12.14 -37.92
CA ALA A 371 25.97 -11.13 -37.34
C ALA A 371 25.38 -10.18 -38.36
N SER A 372 26.12 -9.86 -39.41
CA SER A 372 25.63 -8.90 -40.40
C SER A 372 24.53 -9.49 -41.28
N ASN A 373 24.41 -10.81 -41.35
CA ASN A 373 23.38 -11.44 -42.16
C ASN A 373 23.13 -12.83 -41.59
N THR A 374 22.06 -12.99 -40.81
CA THR A 374 21.79 -14.21 -40.06
C THR A 374 21.53 -15.42 -40.90
N LYS A 375 21.57 -15.38 -42.23
CA LYS A 375 21.35 -16.58 -43.02
C LYS A 375 22.64 -17.27 -43.43
N LEU A 376 23.80 -16.73 -43.06
CA LEU A 376 25.09 -17.30 -43.41
C LEU A 376 25.77 -17.83 -42.17
N CYS A 377 26.39 -19.01 -42.30
CA CYS A 377 26.99 -19.69 -41.16
C CYS A 377 28.37 -20.21 -41.53
N LEU A 378 29.17 -20.51 -40.51
CA LEU A 378 30.47 -21.11 -40.71
C LEU A 378 30.33 -22.62 -40.75
N ASP A 379 30.86 -23.25 -41.80
CA ASP A 379 30.69 -24.68 -42.01
C ASP A 379 32.05 -25.31 -42.24
N GLY A 380 32.27 -26.48 -41.65
CA GLY A 380 33.53 -27.17 -41.78
C GLY A 380 33.68 -28.02 -43.01
N ALA A 381 32.59 -28.32 -43.72
CA ALA A 381 32.70 -29.12 -44.93
C ALA A 381 33.50 -28.42 -46.02
N ALA A 382 33.29 -27.11 -46.21
CA ALA A 382 34.05 -26.29 -47.16
C ALA A 382 34.30 -24.95 -46.47
N LEU A 383 35.46 -24.85 -45.81
CA LEU A 383 35.71 -23.79 -44.86
C LEU A 383 36.16 -22.49 -45.49
N ASP A 384 36.36 -22.46 -46.81
CA ASP A 384 36.81 -21.23 -47.44
C ASP A 384 35.67 -20.28 -47.79
N ALA A 385 34.43 -20.65 -47.50
CA ALA A 385 33.29 -19.77 -47.73
C ALA A 385 32.15 -20.19 -46.83
N LEU A 386 31.33 -19.21 -46.46
CA LEU A 386 30.17 -19.49 -45.63
C LEU A 386 29.13 -20.25 -46.42
N GLN A 387 28.26 -20.96 -45.71
CA GLN A 387 27.24 -21.82 -46.30
C GLN A 387 25.87 -21.50 -45.73
N PRO A 388 24.80 -21.86 -46.44
CA PRO A 388 23.46 -21.73 -45.86
C PRO A 388 23.33 -22.55 -44.59
N CYS A 389 22.64 -21.98 -43.60
CA CYS A 389 22.55 -22.60 -42.29
C CYS A 389 21.48 -23.68 -42.28
N ASN A 390 21.80 -24.79 -41.63
CA ASN A 390 20.82 -25.86 -41.42
C ASN A 390 21.29 -26.70 -40.24
N GLN A 391 20.70 -27.87 -40.07
CA GLN A 391 20.98 -28.73 -38.93
C GLN A 391 22.18 -29.66 -39.16
N ASN A 392 23.02 -29.37 -40.15
CA ASN A 392 24.16 -30.22 -40.43
C ASN A 392 25.08 -30.34 -39.23
N LEU A 393 25.56 -31.56 -38.98
CA LEU A 393 26.45 -31.78 -37.84
C LEU A 393 27.78 -31.06 -38.00
N THR A 394 28.19 -30.74 -39.22
CA THR A 394 29.49 -30.11 -39.44
C THR A 394 29.51 -28.63 -39.09
N GLN A 395 28.38 -28.06 -38.67
CA GLN A 395 28.31 -26.64 -38.36
C GLN A 395 28.27 -26.36 -36.86
N ARG A 396 28.66 -27.31 -36.03
CA ARG A 396 28.65 -27.12 -34.58
C ARG A 396 30.07 -27.11 -34.05
N TRP A 397 30.35 -26.23 -33.09
CA TRP A 397 31.68 -26.07 -32.55
C TRP A 397 31.61 -26.06 -31.03
N GLU A 398 32.60 -26.71 -30.40
CA GLU A 398 32.71 -26.77 -28.95
C GLU A 398 34.15 -26.46 -28.55
N TRP A 399 34.31 -25.66 -27.50
CA TRP A 399 35.63 -25.30 -27.03
C TRP A 399 36.17 -26.39 -26.11
N ARG A 400 37.46 -26.70 -26.26
CA ARG A 400 38.12 -27.63 -25.35
C ARG A 400 38.44 -26.88 -24.07
N LYS A 401 38.08 -27.48 -22.93
CA LYS A 401 38.23 -26.81 -21.64
C LYS A 401 39.70 -26.63 -21.28
N GLY A 402 40.04 -25.42 -20.81
CA GLY A 402 41.38 -25.17 -20.33
C GLY A 402 42.38 -24.75 -21.38
N THR A 403 42.01 -24.76 -22.65
CA THR A 403 42.88 -24.35 -23.74
C THR A 403 42.07 -23.55 -24.75
N ASP A 404 42.69 -23.23 -25.88
CA ASP A 404 42.03 -22.48 -26.94
C ASP A 404 41.99 -23.22 -28.26
N GLU A 405 41.94 -24.55 -28.23
CA GLU A 405 41.76 -25.35 -29.43
C GLU A 405 40.28 -25.42 -29.77
N LEU A 406 39.91 -24.87 -30.93
CA LEU A 406 38.53 -24.87 -31.39
C LEU A 406 38.30 -26.16 -32.16
N THR A 407 37.31 -26.95 -31.73
CA THR A 407 37.10 -28.28 -32.27
C THR A 407 35.81 -28.33 -33.08
N ASN A 408 35.76 -29.31 -33.98
CA ASN A 408 34.57 -29.60 -34.77
C ASN A 408 33.90 -30.84 -34.20
N VAL A 409 32.59 -30.80 -34.07
CA VAL A 409 31.88 -31.87 -33.37
C VAL A 409 31.90 -33.16 -34.20
N TYR A 410 31.78 -33.04 -35.52
CA TYR A 410 31.54 -34.23 -36.34
C TYR A 410 32.78 -35.11 -36.43
N SER A 411 33.86 -34.60 -37.01
CA SER A 411 35.03 -35.41 -37.30
C SER A 411 36.05 -35.46 -36.17
N GLY A 412 35.93 -34.60 -35.17
CA GLY A 412 36.93 -34.50 -34.14
C GLY A 412 38.12 -33.64 -34.48
N GLU A 413 38.18 -33.13 -35.71
CA GLU A 413 39.28 -32.28 -36.13
C GLU A 413 39.14 -30.89 -35.52
N SER A 414 40.22 -30.11 -35.61
CA SER A 414 40.26 -28.77 -35.06
C SER A 414 40.22 -27.73 -36.16
N LEU A 415 39.94 -26.49 -35.78
CA LEU A 415 39.96 -25.38 -36.73
C LEU A 415 41.37 -24.81 -36.80
N GLY A 416 41.97 -24.87 -37.98
CA GLY A 416 43.33 -24.39 -38.14
C GLY A 416 43.45 -23.31 -39.20
N HIS A 417 44.54 -22.55 -39.16
CA HIS A 417 44.75 -21.44 -40.07
C HIS A 417 46.19 -21.40 -40.52
N ASP A 418 46.41 -20.84 -41.72
CA ASP A 418 47.76 -20.66 -42.23
C ASP A 418 48.48 -19.62 -41.38
N LYS A 419 49.77 -19.84 -41.14
CA LYS A 419 50.55 -18.91 -40.33
C LYS A 419 50.80 -17.59 -41.05
N GLN A 420 50.61 -17.54 -42.37
CA GLN A 420 51.00 -16.37 -43.16
C GLN A 420 49.87 -15.79 -44.01
N THR A 421 49.00 -16.62 -44.58
CA THR A 421 47.95 -16.12 -45.46
C THR A 421 46.59 -15.97 -44.77
N GLY A 422 46.36 -16.70 -43.68
CA GLY A 422 45.09 -16.60 -42.98
C GLY A 422 44.00 -17.51 -43.49
N GLU A 423 44.34 -18.50 -44.31
CA GLU A 423 43.34 -19.42 -44.83
C GLU A 423 42.96 -20.44 -43.77
N LEU A 424 41.66 -20.58 -43.53
CA LEU A 424 41.16 -21.57 -42.58
C LEU A 424 41.32 -22.97 -43.15
N GLY A 425 41.42 -23.94 -42.25
CA GLY A 425 41.53 -25.33 -42.67
C GLY A 425 41.33 -26.26 -41.50
N LEU A 426 41.02 -27.52 -41.81
CA LEU A 426 40.81 -28.54 -40.81
C LEU A 426 42.09 -29.36 -40.64
N TYR A 427 42.47 -29.59 -39.38
CA TYR A 427 43.68 -30.34 -39.08
C TYR A 427 43.47 -31.12 -37.80
N ALA A 428 44.01 -32.35 -37.76
CA ALA A 428 43.97 -33.14 -36.54
C ALA A 428 45.10 -32.75 -35.59
N SER A 429 46.19 -32.23 -36.11
CA SER A 429 47.34 -31.84 -35.29
C SER A 429 48.08 -30.71 -35.98
N SER A 430 48.84 -29.96 -35.19
CA SER A 430 49.56 -28.81 -35.72
C SER A 430 50.85 -29.23 -36.40
N ASN A 431 51.48 -28.28 -37.08
CA ASN A 431 52.79 -28.45 -37.67
C ASN A 431 53.49 -27.09 -37.68
N ASP A 432 54.56 -26.98 -38.48
CA ASP A 432 55.30 -25.73 -38.54
C ASP A 432 54.58 -24.65 -39.34
N ALA A 433 53.56 -25.02 -40.12
CA ALA A 433 52.85 -24.05 -40.95
C ALA A 433 51.44 -23.75 -40.46
N VAL A 434 50.86 -24.58 -39.62
CA VAL A 434 49.49 -24.41 -39.17
C VAL A 434 49.47 -24.36 -37.65
N SER A 435 48.84 -23.32 -37.10
CA SER A 435 48.68 -23.15 -35.67
C SER A 435 47.21 -23.28 -35.31
N LEU A 436 46.94 -23.89 -34.15
CA LEU A 436 45.59 -24.16 -33.71
C LEU A 436 45.04 -23.14 -32.74
N ARG A 437 45.86 -22.20 -32.27
CA ARG A 437 45.44 -21.31 -31.20
C ARG A 437 44.48 -20.27 -31.75
N THR A 438 43.27 -20.22 -31.19
CA THR A 438 42.26 -19.25 -31.58
C THR A 438 41.67 -18.61 -30.33
N ILE A 439 41.48 -17.29 -30.38
CA ILE A 439 41.01 -16.53 -29.23
C ILE A 439 39.71 -15.82 -29.61
N THR A 440 38.78 -15.80 -28.65
CA THR A 440 37.49 -15.17 -28.86
C THR A 440 37.32 -14.03 -27.86
N ALA A 441 36.56 -13.02 -28.27
CA ALA A 441 36.30 -11.86 -27.43
C ALA A 441 35.02 -11.18 -27.89
N TYR A 442 34.40 -10.43 -26.99
CA TYR A 442 33.18 -9.71 -27.32
C TYR A 442 33.51 -8.44 -28.11
N THR A 443 32.57 -8.02 -28.94
CA THR A 443 32.78 -6.89 -29.83
C THR A 443 31.74 -5.81 -29.58
N ASP A 444 32.13 -4.58 -29.89
CA ASP A 444 31.28 -3.40 -29.72
C ASP A 444 30.79 -2.98 -31.11
N VAL A 445 29.68 -3.58 -31.54
CA VAL A 445 29.08 -3.23 -32.82
C VAL A 445 27.75 -2.54 -32.60
N PHE A 446 27.50 -2.08 -31.37
CA PHE A 446 26.23 -1.50 -31.01
C PHE A 446 26.23 0.02 -31.02
N ASN A 447 27.30 0.64 -31.52
CA ASN A 447 27.27 2.08 -31.73
C ASN A 447 26.18 2.42 -32.74
N ALA A 448 25.51 3.54 -32.52
CA ALA A 448 24.51 4.04 -33.45
C ALA A 448 25.03 5.31 -34.10
N GLN A 449 25.10 5.29 -35.44
CA GLN A 449 25.57 6.47 -36.16
C GLN A 449 24.61 7.63 -35.95
N GLU A 450 25.17 8.81 -35.72
CA GLU A 450 24.35 9.98 -35.43
C GLU A 450 23.55 10.39 -36.68
N SER A 451 22.49 11.14 -36.45
CA SER A 451 21.53 11.50 -37.48
C SER A 451 21.65 12.97 -37.86
N SER A 452 21.57 13.24 -39.15
CA SER A 452 21.72 14.60 -39.64
C SER A 452 20.41 15.39 -39.48
N PRO A 453 20.50 16.70 -39.29
CA PRO A 453 19.30 17.48 -38.97
C PRO A 453 18.35 17.62 -40.15
N ILE A 454 17.18 18.17 -39.87
CA ILE A 454 16.18 18.47 -40.89
C ILE A 454 16.23 19.96 -41.21
N LEU A 455 16.23 20.31 -42.49
CA LEU A 455 16.27 21.69 -42.94
C LEU A 455 14.89 22.08 -43.45
N GLY A 456 14.20 22.93 -42.69
CA GLY A 456 12.93 23.48 -43.14
C GLY A 456 11.72 22.95 -42.40
N TYR A 457 10.69 22.56 -43.14
CA TYR A 457 9.46 22.04 -42.58
C TYR A 457 9.22 20.64 -43.13
N THR A 458 8.42 19.85 -42.40
CA THR A 458 8.23 18.44 -42.72
C THR A 458 6.78 18.10 -43.07
N GLN A 459 6.14 18.91 -43.91
CA GLN A 459 4.76 18.63 -44.30
C GLN A 459 4.71 18.12 -45.73
N GLY A 460 3.82 17.15 -45.97
CA GLY A 460 3.64 16.59 -47.29
C GLY A 460 4.32 15.24 -47.47
N LYS A 461 4.46 14.86 -48.73
CA LYS A 461 5.01 13.56 -49.09
C LYS A 461 6.53 13.55 -48.96
N MET A 462 7.10 12.36 -48.89
CA MET A 462 8.54 12.17 -48.70
C MET A 462 9.10 11.34 -49.85
N ASN A 463 10.24 11.75 -50.37
CA ASN A 463 10.95 11.01 -51.39
C ASN A 463 12.40 10.77 -50.99
N GLN A 464 13.00 9.73 -51.57
CA GLN A 464 14.37 9.37 -51.29
C GLN A 464 15.11 9.12 -52.60
N GLN A 465 16.31 9.67 -52.73
CA GLN A 465 17.08 9.56 -53.96
C GLN A 465 18.55 9.39 -53.62
N ARG A 466 19.30 8.83 -54.57
CA ARG A 466 20.72 8.55 -54.38
C ARG A 466 21.58 9.56 -55.12
N VAL A 467 22.80 9.75 -54.61
CA VAL A 467 23.76 10.69 -55.19
C VAL A 467 25.04 9.94 -55.50
N GLY A 468 25.62 10.20 -56.66
CA GLY A 468 26.86 9.56 -57.06
C GLY A 468 28.07 10.15 -56.37
N GLN A 469 29.24 9.63 -56.74
CA GLN A 469 30.50 10.10 -56.17
C GLN A 469 30.79 11.56 -56.49
N ASP A 470 30.23 12.10 -57.57
CA ASP A 470 30.45 13.50 -57.92
C ASP A 470 29.94 14.45 -56.85
N ASN A 471 28.97 14.02 -56.05
CA ASN A 471 28.37 14.84 -54.98
C ASN A 471 27.90 16.17 -55.53
N ARG A 472 26.95 16.09 -56.47
CA ARG A 472 26.37 17.28 -57.07
C ARG A 472 24.85 17.23 -56.97
N LEU A 473 24.29 18.26 -56.35
CA LEU A 473 22.84 18.41 -56.13
C LEU A 473 22.31 19.39 -57.17
N TYR A 474 21.31 18.96 -57.93
CA TYR A 474 20.78 19.76 -59.01
C TYR A 474 19.45 20.37 -58.61
N VAL A 475 19.37 21.70 -58.70
CA VAL A 475 18.23 22.44 -58.17
C VAL A 475 17.67 23.38 -59.23
N ARG A 476 16.37 23.28 -59.49
CA ARG A 476 15.65 24.27 -60.27
C ARG A 476 14.92 25.19 -59.30
N ALA A 477 15.36 26.46 -59.24
CA ALA A 477 14.81 27.39 -58.27
C ALA A 477 14.82 28.80 -58.82
N GLY A 478 13.74 29.53 -58.59
CA GLY A 478 13.70 30.95 -58.87
C GLY A 478 13.60 31.75 -57.59
N ALA A 479 12.40 32.25 -57.29
CA ALA A 479 12.14 32.89 -56.00
C ALA A 479 11.97 31.88 -54.89
N ALA A 480 11.71 30.61 -55.22
CA ALA A 480 11.63 29.54 -54.23
C ALA A 480 12.13 28.26 -54.90
N ILE A 481 12.53 27.31 -54.07
CA ILE A 481 13.12 26.06 -54.56
C ILE A 481 11.99 25.20 -55.10
N ASP A 482 12.12 24.75 -56.34
CA ASP A 482 11.05 23.98 -56.97
C ASP A 482 11.25 22.48 -56.80
N ALA A 483 12.49 22.01 -56.82
CA ALA A 483 12.74 20.58 -56.76
C ALA A 483 14.20 20.33 -56.38
N LEU A 484 14.49 19.08 -56.06
CA LEU A 484 15.83 18.64 -55.72
C LEU A 484 16.12 17.31 -56.40
N GLY A 485 17.40 17.04 -56.62
CA GLY A 485 17.81 15.78 -57.22
C GLY A 485 19.30 15.79 -57.46
N SER A 486 19.88 14.59 -57.46
CA SER A 486 21.31 14.43 -57.68
C SER A 486 21.68 14.49 -59.15
N ALA A 487 20.68 14.51 -60.03
CA ALA A 487 20.91 14.77 -61.45
C ALA A 487 19.83 15.74 -61.91
N SER A 488 20.15 16.50 -62.96
CA SER A 488 19.25 17.57 -63.39
C SER A 488 17.89 17.04 -63.82
N ASP A 489 17.80 15.75 -64.14
CA ASP A 489 16.53 15.15 -64.54
C ASP A 489 15.81 14.46 -63.39
N LEU A 490 16.38 14.47 -62.18
CA LEU A 490 15.81 13.76 -61.04
C LEU A 490 14.92 14.67 -60.19
N LEU A 491 14.27 15.66 -60.80
CA LEU A 491 13.59 16.69 -60.04
C LEU A 491 12.14 16.31 -59.77
N VAL A 492 11.73 16.45 -58.52
CA VAL A 492 10.33 16.26 -58.11
C VAL A 492 9.89 17.52 -57.35
N GLY A 493 8.75 18.07 -57.77
CA GLY A 493 8.28 19.31 -57.19
C GLY A 493 7.85 20.33 -58.22
N GLY A 494 8.15 21.60 -57.95
CA GLY A 494 7.74 22.68 -58.83
C GLY A 494 8.55 22.72 -60.12
N ASN A 495 8.13 23.62 -61.02
CA ASN A 495 8.76 23.77 -62.31
C ASN A 495 9.12 25.20 -62.69
N GLY A 496 8.97 26.15 -61.76
CA GLY A 496 9.22 27.55 -62.07
C GLY A 496 10.67 27.96 -62.15
N GLY A 497 11.57 27.18 -61.55
CA GLY A 497 12.96 27.55 -61.42
C GLY A 497 13.77 27.32 -62.69
N SER A 498 15.07 27.59 -62.57
CA SER A 498 16.00 27.38 -63.67
C SER A 498 17.04 26.33 -63.28
N LEU A 499 17.50 25.54 -64.25
CA LEU A 499 18.40 24.45 -63.97
C LEU A 499 19.73 24.95 -63.41
N SER A 500 20.31 24.16 -62.51
CA SER A 500 21.56 24.51 -61.87
C SER A 500 22.14 23.27 -61.21
N SER A 501 23.37 23.39 -60.70
CA SER A 501 24.04 22.30 -60.02
C SER A 501 25.07 22.88 -59.06
N VAL A 502 25.28 22.19 -57.94
CA VAL A 502 26.27 22.59 -56.95
C VAL A 502 27.04 21.35 -56.51
N ASP A 503 28.37 21.46 -56.46
CA ASP A 503 29.20 20.36 -55.98
C ASP A 503 29.19 20.32 -54.46
N LEU A 504 29.03 19.11 -53.90
CA LEU A 504 29.00 18.92 -52.46
C LEU A 504 30.34 18.47 -51.90
N SER A 505 31.40 18.46 -52.70
CA SER A 505 32.70 18.01 -52.23
C SER A 505 33.25 19.00 -51.20
N GLY A 506 33.65 18.48 -50.05
CA GLY A 506 34.26 19.32 -49.03
C GLY A 506 33.37 20.43 -48.52
N VAL A 507 32.08 20.14 -48.33
CA VAL A 507 31.16 21.14 -47.81
C VAL A 507 31.32 21.24 -46.31
N LYS A 508 31.86 22.36 -45.84
CA LYS A 508 31.97 22.60 -44.42
C LYS A 508 30.61 22.80 -43.76
N SER A 509 29.68 23.47 -44.45
CA SER A 509 28.37 23.74 -43.89
C SER A 509 27.39 24.06 -45.00
N ILE A 510 26.10 23.94 -44.68
CA ILE A 510 25.01 24.30 -45.58
C ILE A 510 24.04 25.18 -44.80
N THR A 511 23.66 26.30 -45.41
CA THR A 511 22.79 27.30 -44.76
C THR A 511 21.42 27.27 -45.43
N ALA A 512 20.47 26.59 -44.82
CA ALA A 512 19.11 26.56 -45.33
C ALA A 512 18.25 27.60 -44.62
N THR A 513 17.42 28.29 -45.39
CA THR A 513 16.55 29.34 -44.87
C THR A 513 15.12 29.04 -45.29
N SER A 514 14.22 28.99 -44.31
CA SER A 514 12.80 28.71 -44.56
C SER A 514 11.94 29.74 -43.84
N GLY A 515 10.69 29.81 -44.24
CA GLY A 515 9.77 30.78 -43.65
C GLY A 515 8.49 30.87 -44.46
N ASP A 516 7.75 31.95 -44.22
CA ASP A 516 6.48 32.19 -44.89
C ASP A 516 6.73 32.82 -46.26
N PHE A 517 6.23 32.17 -47.29
CA PHE A 517 6.39 32.67 -48.65
C PHE A 517 5.55 33.91 -48.85
N GLN A 518 6.04 34.82 -49.70
CA GLN A 518 5.28 36.03 -50.00
C GLN A 518 3.96 35.69 -50.67
N TYR A 519 3.96 34.74 -51.60
CA TYR A 519 2.74 34.34 -52.30
C TYR A 519 1.80 33.53 -51.41
N GLY A 520 2.32 32.87 -50.38
CA GLY A 520 1.49 32.12 -49.45
C GLY A 520 2.12 30.81 -49.01
N GLY A 521 1.76 30.36 -47.82
CA GLY A 521 2.27 29.12 -47.29
C GLY A 521 3.67 29.28 -46.71
N GLN A 522 4.31 28.14 -46.44
CA GLN A 522 5.67 28.09 -45.94
C GLN A 522 6.52 27.32 -46.93
N GLN A 523 7.66 27.90 -47.32
CA GLN A 523 8.51 27.30 -48.33
C GLN A 523 9.97 27.45 -47.94
N LEU A 524 10.81 26.61 -48.51
CA LEU A 524 12.25 26.81 -48.46
C LEU A 524 12.65 27.79 -49.55
N VAL A 525 13.52 28.74 -49.22
CA VAL A 525 13.83 29.82 -50.14
C VAL A 525 15.31 29.99 -50.42
N ALA A 526 16.22 29.59 -49.54
CA ALA A 526 17.62 29.89 -49.76
C ALA A 526 18.47 28.68 -49.38
N LEU A 527 19.55 28.49 -50.14
CA LEU A 527 20.51 27.41 -49.89
C LEU A 527 21.89 27.91 -50.25
N THR A 528 22.66 28.31 -49.24
CA THR A 528 24.02 28.81 -49.42
C THR A 528 25.00 27.74 -48.97
N PHE A 529 25.89 27.34 -49.88
CA PHE A 529 26.80 26.24 -49.64
C PHE A 529 28.16 26.78 -49.27
N THR A 530 28.62 26.45 -48.06
CA THR A 530 29.89 26.94 -47.55
C THR A 530 30.88 25.78 -47.52
N TYR A 531 32.03 25.98 -48.15
CA TYR A 531 33.05 24.95 -48.25
C TYR A 531 34.11 25.13 -47.17
N GLN A 532 34.96 24.11 -47.03
CA GLN A 532 36.07 24.20 -46.09
C GLN A 532 37.11 25.21 -46.56
N ASP A 533 37.14 25.51 -47.85
CA ASP A 533 38.11 26.47 -48.39
C ASP A 533 37.77 27.91 -48.07
N GLY A 534 36.50 28.21 -47.77
CA GLY A 534 36.07 29.56 -47.42
C GLY A 534 35.18 30.22 -48.46
N ARG A 535 35.13 29.67 -49.67
CA ARG A 535 34.28 30.23 -50.71
C ARG A 535 32.81 29.92 -50.43
N GLN A 536 31.93 30.67 -51.10
CA GLN A 536 30.49 30.51 -50.95
C GLN A 536 29.81 30.55 -52.30
N GLN A 537 28.56 30.09 -52.33
CA GLN A 537 27.72 30.11 -53.51
C GLN A 537 26.27 29.99 -53.08
N THR A 538 25.40 30.79 -53.69
CA THR A 538 24.02 30.91 -53.24
C THR A 538 23.06 30.75 -54.41
N VAL A 539 21.98 29.99 -54.18
CA VAL A 539 20.88 29.88 -55.13
C VAL A 539 19.60 30.26 -54.40
N GLY A 540 18.60 30.69 -55.17
CA GLY A 540 17.39 31.20 -54.59
C GLY A 540 17.52 32.66 -54.17
N SER A 541 16.43 33.21 -53.65
CA SER A 541 16.38 34.61 -53.25
C SER A 541 15.83 34.73 -51.84
N LYS A 542 16.44 35.59 -51.04
CA LYS A 542 16.06 35.79 -49.65
C LYS A 542 15.21 37.05 -49.44
N ALA A 543 14.78 37.71 -50.51
CA ALA A 543 14.08 38.99 -50.40
C ALA A 543 12.58 38.87 -50.60
N TYR A 544 12.02 37.67 -50.59
CA TYR A 544 10.60 37.46 -50.80
C TYR A 544 9.97 36.70 -49.63
N VAL A 545 10.57 36.78 -48.45
CA VAL A 545 10.16 35.96 -47.31
C VAL A 545 10.08 36.83 -46.07
N THR A 546 9.06 36.60 -45.25
CA THR A 546 8.91 37.22 -43.94
C THR A 546 8.85 36.15 -42.87
N ASN A 547 9.26 36.53 -41.66
CA ASN A 547 9.31 35.62 -40.51
C ASN A 547 10.17 34.39 -40.83
N ALA A 548 11.33 34.65 -41.42
CA ALA A 548 12.22 33.58 -41.85
C ALA A 548 12.97 33.00 -40.67
N HIS A 549 13.39 31.74 -40.81
CA HIS A 549 14.20 31.06 -39.82
C HIS A 549 15.40 30.42 -40.52
N GLU A 550 16.54 30.40 -39.83
CA GLU A 550 17.78 29.89 -40.39
C GLU A 550 18.16 28.60 -39.68
N ASP A 551 18.28 27.51 -40.45
CA ASP A 551 18.77 26.24 -39.94
C ASP A 551 20.14 25.96 -40.55
N ARG A 552 21.04 25.40 -39.74
CA ARG A 552 22.42 25.20 -40.13
C ARG A 552 22.79 23.73 -40.06
N PHE A 553 23.58 23.28 -41.02
CA PHE A 553 24.02 21.89 -41.11
C PHE A 553 25.54 21.88 -41.29
N ASP A 554 26.26 21.53 -40.23
CA ASP A 554 27.72 21.46 -40.28
C ASP A 554 28.15 20.01 -40.43
N LEU A 555 28.94 19.73 -41.48
CA LEU A 555 29.47 18.41 -41.76
C LEU A 555 30.82 18.21 -41.09
N PRO A 556 31.13 16.98 -40.67
CA PRO A 556 32.49 16.69 -40.21
C PRO A 556 33.50 16.79 -41.35
N ASP A 557 34.77 17.02 -41.01
CA ASP A 557 35.81 17.11 -42.02
C ASP A 557 35.94 15.80 -42.79
N ALA A 558 36.26 15.91 -44.07
CA ALA A 558 36.41 14.76 -44.96
C ALA A 558 35.12 13.94 -45.03
N ALA A 559 34.07 14.60 -45.49
CA ALA A 559 32.73 14.00 -45.51
C ALA A 559 32.31 13.65 -46.94
N LYS A 560 31.22 12.89 -47.03
CA LYS A 560 30.59 12.56 -48.29
C LYS A 560 29.08 12.61 -48.13
N ILE A 561 28.41 13.29 -49.06
CA ILE A 561 26.95 13.35 -49.06
C ILE A 561 26.43 12.33 -50.06
N THR A 562 25.49 11.49 -49.62
CA THR A 562 25.09 10.32 -50.40
C THR A 562 23.60 10.23 -50.71
N GLN A 563 22.74 10.73 -49.82
CA GLN A 563 21.30 10.58 -50.01
C GLN A 563 20.60 11.92 -49.84
N LEU A 564 19.51 12.07 -50.58
CA LEU A 564 18.65 13.24 -50.50
C LEU A 564 17.24 12.81 -50.14
N LYS A 565 16.69 13.39 -49.08
CA LYS A 565 15.29 13.20 -48.72
C LYS A 565 14.58 14.51 -48.98
N ILE A 566 13.50 14.46 -49.77
CA ILE A 566 12.80 15.65 -50.24
C ILE A 566 11.43 15.70 -49.59
N TRP A 567 11.19 16.73 -48.79
CA TRP A 567 9.87 17.06 -48.28
C TRP A 567 9.25 18.09 -49.19
N ALA A 568 8.30 17.67 -50.02
CA ALA A 568 7.73 18.57 -51.01
C ALA A 568 6.42 18.01 -51.52
N ASP A 569 5.41 18.87 -51.59
CA ASP A 569 4.19 18.53 -52.29
C ASP A 569 4.37 18.86 -53.77
N ASP A 570 3.29 18.83 -54.55
CA ASP A 570 3.42 19.03 -55.99
C ASP A 570 3.67 20.49 -56.35
N TRP A 571 3.54 21.40 -55.40
CA TRP A 571 3.73 22.83 -55.67
C TRP A 571 5.18 23.26 -55.47
N LEU A 572 5.72 23.11 -54.26
CA LEU A 572 7.07 23.57 -53.96
C LEU A 572 7.71 22.62 -52.94
N VAL A 573 8.87 23.03 -52.42
CA VAL A 573 9.67 22.21 -51.53
C VAL A 573 9.51 22.72 -50.10
N LYS A 574 9.18 21.81 -49.19
CA LYS A 574 8.98 22.15 -47.79
C LYS A 574 10.18 21.87 -46.91
N GLY A 575 11.00 20.88 -47.26
CA GLY A 575 12.18 20.57 -46.47
C GLY A 575 13.05 19.56 -47.19
N VAL A 576 14.27 19.40 -46.66
CA VAL A 576 15.24 18.50 -47.27
C VAL A 576 16.26 18.11 -46.20
N GLN A 577 16.67 16.84 -46.23
CA GLN A 577 17.62 16.28 -45.28
C GLN A 577 18.78 15.63 -46.04
N PHE A 578 20.00 15.88 -45.58
CA PHE A 578 21.21 15.38 -46.24
C PHE A 578 21.86 14.33 -45.36
N ASP A 579 21.81 13.07 -45.80
CA ASP A 579 22.47 11.99 -45.08
C ASP A 579 23.97 12.08 -45.25
N LEU A 580 24.71 11.74 -44.19
CA LEU A 580 26.17 11.70 -44.24
C LEU A 580 26.74 10.30 -44.32
N ASN A 581 25.90 9.27 -44.28
CA ASN A 581 26.38 7.88 -44.28
C ASN A 581 26.56 7.37 -45.69
N THR B 1 15.02 -23.41 -19.64
CA THR B 1 14.54 -24.12 -20.82
C THR B 1 13.86 -25.43 -20.45
N ASN B 2 13.10 -25.39 -19.34
CA ASN B 2 12.30 -26.53 -18.91
C ASN B 2 10.88 -26.14 -18.53
N THR B 3 10.50 -24.87 -18.71
CA THR B 3 9.19 -24.38 -18.31
C THR B 3 8.17 -24.58 -19.42
N LEU B 4 7.07 -23.86 -19.30
CA LEU B 4 5.93 -24.04 -20.20
C LEU B 4 6.32 -23.66 -21.62
N PRO B 5 5.72 -24.28 -22.64
CA PRO B 5 5.89 -23.82 -24.01
C PRO B 5 4.88 -22.74 -24.36
N HIS B 6 5.19 -21.99 -25.40
CA HIS B 6 4.31 -20.92 -25.85
C HIS B 6 4.49 -20.70 -27.36
N VAL B 7 3.38 -20.39 -28.01
CA VAL B 7 3.38 -19.95 -29.40
C VAL B 7 2.72 -18.58 -29.45
N ALA B 8 3.42 -17.60 -30.02
CA ALA B 8 2.91 -16.24 -30.02
C ALA B 8 3.07 -15.63 -31.39
N PHE B 9 2.04 -14.94 -31.87
CA PHE B 9 2.10 -14.23 -33.12
C PHE B 9 1.04 -13.15 -33.13
N TYR B 10 1.21 -12.17 -34.00
CA TYR B 10 0.33 -11.01 -34.05
C TYR B 10 -0.69 -11.15 -35.17
N ILE B 11 -1.79 -10.42 -35.02
CA ILE B 11 -2.81 -10.28 -36.05
C ILE B 11 -3.00 -8.79 -36.29
N SER B 12 -2.61 -8.33 -37.47
CA SER B 12 -2.80 -6.93 -37.82
C SER B 12 -4.17 -6.75 -38.45
N VAL B 13 -4.91 -5.76 -37.97
CA VAL B 13 -6.26 -5.47 -38.47
C VAL B 13 -6.23 -4.05 -39.01
N ASN B 14 -6.19 -3.92 -40.32
CA ASN B 14 -6.19 -2.62 -40.98
C ASN B 14 -7.35 -2.52 -41.96
N ARG B 15 -8.02 -1.38 -41.95
CA ARG B 15 -9.14 -1.14 -42.85
C ARG B 15 -9.31 0.37 -42.95
N ALA B 16 -8.91 0.95 -44.08
CA ALA B 16 -9.13 2.36 -44.31
C ALA B 16 -10.62 2.59 -44.58
N ILE B 17 -11.15 3.69 -44.05
CA ILE B 17 -12.54 4.06 -44.24
C ILE B 17 -12.59 5.14 -45.31
N SER B 18 -13.19 4.80 -46.44
CA SER B 18 -13.31 5.77 -47.52
C SER B 18 -14.22 6.92 -47.11
N ASP B 19 -13.99 8.09 -47.71
CA ASP B 19 -14.86 9.23 -47.45
C ASP B 19 -16.29 8.95 -47.91
N GLU B 20 -16.44 8.23 -49.02
CA GLU B 20 -17.77 7.90 -49.52
C GLU B 20 -18.53 7.06 -48.50
N GLU B 21 -17.83 6.18 -47.77
CA GLU B 21 -18.46 5.42 -46.70
C GLU B 21 -19.01 6.34 -45.62
N CYS B 22 -18.48 7.55 -45.52
CA CYS B 22 -18.92 8.53 -44.53
C CYS B 22 -19.91 9.54 -45.09
N THR B 23 -20.54 9.24 -46.23
CA THR B 23 -21.52 10.13 -46.83
C THR B 23 -22.85 10.00 -46.12
N PHE B 24 -23.38 11.13 -45.65
CA PHE B 24 -24.65 11.16 -44.95
C PHE B 24 -25.43 12.38 -45.42
N ASN B 25 -26.73 12.38 -45.13
CA ASN B 25 -27.56 13.51 -45.50
C ASN B 25 -27.16 14.74 -44.68
N ASN B 26 -27.03 15.88 -45.35
CA ASN B 26 -26.61 17.10 -44.68
C ASN B 26 -27.64 17.58 -43.66
N SER B 27 -28.88 17.14 -43.79
CA SER B 27 -29.91 17.44 -42.80
C SER B 27 -30.81 16.23 -42.64
N TRP B 28 -31.42 16.12 -41.47
CA TRP B 28 -32.34 15.03 -41.19
C TRP B 28 -33.78 15.38 -41.51
N LEU B 29 -34.17 16.63 -41.28
CA LEU B 29 -35.53 17.04 -41.61
C LEU B 29 -35.70 17.26 -43.11
N TRP B 30 -34.61 17.60 -43.80
CA TRP B 30 -34.68 18.05 -45.18
C TRP B 30 -33.77 17.25 -46.09
N LYS B 31 -33.87 15.92 -46.03
CA LYS B 31 -32.95 15.02 -46.72
C LYS B 31 -32.70 15.42 -48.17
N ASN B 32 -33.74 15.41 -49.00
CA ASN B 32 -33.54 15.61 -50.44
C ASN B 32 -33.36 17.08 -50.80
N GLU B 33 -33.65 18.00 -49.87
CA GLU B 33 -33.59 19.41 -50.22
C GLU B 33 -32.16 19.93 -50.31
N LYS B 34 -31.29 19.54 -49.38
CA LYS B 34 -29.99 20.18 -49.25
C LYS B 34 -28.81 19.30 -49.62
N GLY B 35 -29.02 18.00 -49.84
CA GLY B 35 -27.94 17.16 -50.33
C GLY B 35 -27.15 16.46 -49.24
N SER B 36 -25.92 16.07 -49.60
CA SER B 36 -25.09 15.21 -48.75
C SER B 36 -23.64 15.65 -48.84
N ARG B 37 -22.86 15.27 -47.82
CA ARG B 37 -21.45 15.62 -47.75
C ARG B 37 -20.75 14.62 -46.85
N PRO B 38 -19.42 14.53 -46.95
CA PRO B 38 -18.68 13.64 -46.06
C PRO B 38 -18.74 14.11 -44.62
N PHE B 39 -18.67 13.15 -43.69
CA PHE B 39 -18.71 13.46 -42.26
C PHE B 39 -17.47 13.00 -41.51
N CYS B 40 -16.56 12.29 -42.17
CA CYS B 40 -15.32 11.87 -41.52
C CYS B 40 -14.19 11.94 -42.52
N LYS B 41 -13.03 12.43 -42.05
CA LYS B 41 -11.88 12.67 -42.91
C LYS B 41 -10.77 11.69 -42.54
N ASP B 42 -10.38 10.86 -43.50
CA ASP B 42 -9.26 9.92 -43.36
C ASP B 42 -9.44 9.00 -42.15
N ALA B 43 -10.66 8.52 -41.95
CA ALA B 43 -10.92 7.60 -40.86
C ALA B 43 -10.16 6.30 -41.08
N ASN B 44 -9.70 5.69 -39.99
CA ASN B 44 -8.92 4.48 -40.11
C ASN B 44 -9.09 3.62 -38.88
N ILE B 45 -9.01 2.31 -39.08
CA ILE B 45 -9.06 1.32 -38.02
C ILE B 45 -7.75 0.56 -38.05
N SER B 46 -7.04 0.54 -36.92
CA SER B 46 -5.75 -0.16 -36.83
C SER B 46 -5.57 -0.64 -35.40
N LEU B 47 -5.77 -1.93 -35.18
CA LEU B 47 -5.49 -2.58 -33.92
C LEU B 47 -4.52 -3.71 -34.16
N ILE B 48 -3.84 -4.15 -33.09
CA ILE B 48 -2.89 -5.24 -33.19
C ILE B 48 -3.13 -6.19 -32.02
N TYR B 49 -3.78 -7.31 -32.29
CA TYR B 49 -4.05 -8.30 -31.26
C TYR B 49 -2.82 -9.13 -30.98
N ARG B 50 -2.82 -9.81 -29.84
CA ARG B 50 -1.81 -10.79 -29.49
C ARG B 50 -2.49 -12.12 -29.25
N VAL B 51 -1.92 -13.18 -29.82
CA VAL B 51 -2.47 -14.52 -29.69
C VAL B 51 -1.44 -15.40 -28.97
N ASN B 52 -1.90 -16.12 -27.96
CA ASN B 52 -1.06 -17.08 -27.26
C ASN B 52 -1.74 -18.42 -27.21
N LEU B 53 -1.00 -19.46 -27.59
CA LEU B 53 -1.44 -20.85 -27.45
C LEU B 53 -0.57 -21.51 -26.41
N GLU B 54 -1.19 -22.18 -25.44
CA GLU B 54 -0.42 -22.77 -24.36
C GLU B 54 -1.23 -23.88 -23.71
N ARG B 55 -0.56 -24.96 -23.34
CA ARG B 55 -1.17 -25.96 -22.49
C ARG B 55 -0.98 -25.57 -21.03
N SER B 56 -2.04 -25.74 -20.24
CA SER B 56 -2.03 -25.23 -18.88
C SER B 56 -1.10 -26.00 -17.95
N LEU B 57 -0.56 -27.13 -18.40
CA LEU B 57 0.38 -27.90 -17.60
C LEU B 57 1.52 -28.40 -18.48
N GLN B 58 2.68 -28.55 -17.88
CA GLN B 58 3.81 -29.18 -18.56
C GLN B 58 3.51 -30.65 -18.79
N TYR B 59 4.11 -31.21 -19.84
CA TYR B 59 3.87 -32.61 -20.15
C TYR B 59 4.41 -33.51 -19.05
N GLY B 60 3.60 -34.49 -18.65
CA GLY B 60 4.05 -35.47 -17.69
C GLY B 60 3.84 -35.11 -16.24
N ILE B 61 3.31 -33.93 -15.93
CA ILE B 61 3.02 -33.58 -14.55
C ILE B 61 1.64 -34.11 -14.19
N VAL B 62 1.59 -34.88 -13.10
CA VAL B 62 0.38 -35.54 -12.66
C VAL B 62 0.03 -35.07 -11.25
N GLY B 63 -1.21 -34.63 -11.06
CA GLY B 63 -1.65 -34.20 -9.75
C GLY B 63 -1.59 -32.72 -9.51
N SER B 64 -1.36 -31.92 -10.54
CA SER B 64 -1.31 -30.47 -10.36
C SER B 64 -2.71 -29.93 -10.08
N ALA B 65 -2.75 -28.81 -9.36
CA ALA B 65 -4.01 -28.22 -8.97
C ALA B 65 -4.73 -27.52 -10.11
N THR B 66 -4.02 -27.09 -11.15
CA THR B 66 -4.66 -26.44 -12.28
C THR B 66 -5.18 -27.50 -13.23
N PRO B 67 -6.45 -27.46 -13.60
CA PRO B 67 -7.02 -28.55 -14.40
C PRO B 67 -6.33 -28.68 -15.74
N ASP B 68 -6.18 -29.92 -16.21
CA ASP B 68 -5.52 -30.16 -17.48
C ASP B 68 -6.45 -29.81 -18.62
N ALA B 69 -6.05 -28.83 -19.43
CA ALA B 69 -6.84 -28.39 -20.56
C ALA B 69 -5.96 -27.60 -21.50
N LYS B 70 -6.44 -27.41 -22.72
CA LYS B 70 -5.72 -26.68 -23.76
C LYS B 70 -6.29 -25.26 -23.84
N ILE B 71 -5.41 -24.27 -23.80
CA ILE B 71 -5.80 -22.87 -23.62
C ILE B 71 -5.42 -22.07 -24.85
N VAL B 72 -6.38 -21.32 -25.38
CA VAL B 72 -6.16 -20.37 -26.46
C VAL B 72 -6.48 -18.98 -25.92
N ARG B 73 -5.54 -18.06 -26.06
CA ARG B 73 -5.66 -16.72 -25.48
C ARG B 73 -5.64 -15.66 -26.56
N ILE B 74 -6.65 -14.79 -26.56
CA ILE B 74 -6.71 -13.63 -27.43
C ILE B 74 -6.88 -12.40 -26.54
N SER B 75 -5.93 -11.46 -26.63
CA SER B 75 -5.92 -10.40 -25.63
C SER B 75 -5.44 -9.08 -26.22
N LEU B 76 -5.81 -8.00 -25.55
CA LEU B 76 -5.25 -6.67 -25.75
C LEU B 76 -4.98 -6.06 -24.39
N ASP B 77 -3.73 -5.72 -24.12
CA ASP B 77 -3.37 -5.13 -22.84
C ASP B 77 -2.36 -4.04 -23.08
N ASP B 78 -1.72 -3.58 -22.00
CA ASP B 78 -0.77 -2.48 -22.10
C ASP B 78 0.40 -2.83 -23.01
N ASP B 79 0.76 -4.09 -23.11
CA ASP B 79 1.90 -4.50 -23.91
C ASP B 79 1.64 -4.44 -25.41
N SER B 80 0.39 -4.46 -25.84
CA SER B 80 0.08 -4.35 -27.26
C SER B 80 -1.36 -3.90 -27.49
N THR B 81 -1.51 -2.69 -28.04
CA THR B 81 -2.84 -2.14 -28.28
C THR B 81 -3.06 -1.86 -29.76
N GLY B 82 -2.12 -1.18 -30.39
CA GLY B 82 -2.26 -0.73 -31.75
C GLY B 82 -2.53 0.75 -31.85
N ALA B 83 -2.64 1.21 -33.09
CA ALA B 83 -2.80 2.64 -33.35
C ALA B 83 -4.07 3.17 -32.71
N GLY B 84 -5.18 2.46 -32.88
CA GLY B 84 -6.44 2.85 -32.31
C GLY B 84 -7.50 2.96 -33.39
N ILE B 85 -8.53 3.74 -33.10
CA ILE B 85 -9.62 4.00 -34.03
C ILE B 85 -9.75 5.51 -34.18
N HIS B 86 -9.84 5.98 -35.42
CA HIS B 86 -9.89 7.40 -35.71
C HIS B 86 -11.09 7.71 -36.58
N LEU B 87 -11.73 8.85 -36.32
CA LEU B 87 -12.84 9.32 -37.14
C LEU B 87 -12.69 10.74 -37.62
N ASN B 88 -12.10 11.64 -36.84
CA ASN B 88 -11.85 13.01 -37.25
C ASN B 88 -10.75 13.60 -36.39
N ASP B 89 -10.36 14.84 -36.70
CA ASP B 89 -9.37 15.56 -35.90
C ASP B 89 -9.96 16.70 -35.10
N GLN B 90 -10.95 17.40 -35.66
CA GLN B 90 -11.73 18.36 -34.89
C GLN B 90 -13.12 18.41 -35.51
N LEU B 91 -14.09 18.85 -34.71
CA LEU B 91 -15.49 18.84 -35.11
C LEU B 91 -15.90 20.23 -35.56
N GLY B 92 -16.26 20.36 -36.83
CA GLY B 92 -16.85 21.56 -37.36
C GLY B 92 -18.34 21.35 -37.62
N TYR B 93 -18.98 22.44 -38.04
CA TYR B 93 -20.42 22.36 -38.28
C TYR B 93 -20.78 23.23 -39.48
N ARG B 94 -21.86 22.84 -40.15
CA ARG B 94 -22.48 23.65 -41.18
C ARG B 94 -23.91 23.93 -40.77
N GLN B 95 -24.31 25.18 -40.88
CA GLN B 95 -25.62 25.64 -40.43
C GLN B 95 -26.58 25.66 -41.62
N PHE B 96 -27.83 25.33 -41.35
CA PHE B 96 -28.84 25.27 -42.39
C PHE B 96 -30.08 26.04 -41.96
N GLY B 97 -30.68 26.74 -42.92
CA GLY B 97 -31.85 27.54 -42.65
C GLY B 97 -33.05 27.05 -43.42
N ALA B 98 -34.22 27.53 -43.00
CA ALA B 98 -35.47 27.10 -43.61
C ALA B 98 -35.66 27.78 -44.95
N SER B 99 -35.81 26.98 -46.00
CA SER B 99 -36.06 27.53 -47.33
C SER B 99 -37.51 27.98 -47.52
N TYR B 100 -38.46 27.32 -46.86
CA TYR B 100 -39.86 27.65 -46.98
C TYR B 100 -40.33 28.49 -45.79
N THR B 101 -41.57 28.96 -45.85
CA THR B 101 -42.14 29.79 -44.80
C THR B 101 -42.44 28.97 -43.56
N THR B 102 -41.86 29.38 -42.43
CA THR B 102 -41.95 28.63 -41.19
C THR B 102 -42.41 29.55 -40.07
N LEU B 103 -43.52 29.20 -39.44
CA LEU B 103 -44.04 29.92 -38.28
C LEU B 103 -44.16 29.03 -37.05
N ASP B 104 -44.74 27.83 -37.22
CA ASP B 104 -44.87 26.86 -36.13
C ASP B 104 -44.32 25.52 -36.64
N ALA B 105 -43.00 25.38 -36.56
CA ALA B 105 -42.29 24.20 -37.04
C ALA B 105 -40.80 24.42 -36.76
N TYR B 106 -40.00 23.43 -37.12
CA TYR B 106 -38.55 23.62 -37.12
C TYR B 106 -38.13 24.50 -38.29
N PHE B 107 -37.17 25.39 -38.05
CA PHE B 107 -36.67 26.25 -39.11
C PHE B 107 -35.16 26.37 -39.18
N ARG B 108 -34.42 25.80 -38.24
CA ARG B 108 -32.97 25.73 -38.33
C ARG B 108 -32.50 24.35 -37.90
N GLU B 109 -31.58 23.79 -38.68
CA GLU B 109 -31.08 22.44 -38.42
C GLU B 109 -29.56 22.46 -38.53
N TRP B 110 -28.90 21.73 -37.63
CA TRP B 110 -27.44 21.75 -37.53
C TRP B 110 -26.90 20.34 -37.75
N SER B 111 -25.79 20.26 -38.47
CA SER B 111 -25.09 18.99 -38.68
C SER B 111 -23.73 19.08 -37.99
N THR B 112 -23.46 18.11 -37.13
CA THR B 112 -22.20 18.05 -36.38
C THR B 112 -21.37 16.89 -36.89
N ASP B 113 -20.06 17.12 -37.03
CA ASP B 113 -19.15 16.10 -37.54
C ASP B 113 -19.30 14.80 -36.74
N ALA B 114 -19.02 13.69 -37.41
CA ALA B 114 -19.38 12.38 -36.88
C ALA B 114 -18.63 12.07 -35.59
N ILE B 115 -19.31 11.32 -34.71
CA ILE B 115 -18.72 10.80 -33.49
C ILE B 115 -19.02 9.31 -33.42
N ALA B 116 -18.24 8.61 -32.60
CA ALA B 116 -18.37 7.17 -32.45
C ALA B 116 -19.49 6.88 -31.46
N GLN B 117 -20.64 6.45 -31.96
CA GLN B 117 -21.75 6.12 -31.08
C GLN B 117 -21.40 4.97 -30.15
N ASP B 118 -20.73 3.95 -30.67
CA ASP B 118 -20.36 2.80 -29.86
C ASP B 118 -19.34 1.97 -30.62
N TYR B 119 -18.37 1.44 -29.89
CA TYR B 119 -17.41 0.52 -30.44
C TYR B 119 -17.84 -0.90 -30.12
N ARG B 120 -17.71 -1.79 -31.09
CA ARG B 120 -18.18 -3.17 -30.94
C ARG B 120 -17.07 -4.14 -31.32
N PHE B 121 -16.89 -5.16 -30.49
CA PHE B 121 -15.90 -6.20 -30.74
C PHE B 121 -16.58 -7.54 -30.57
N VAL B 122 -16.34 -8.47 -31.49
CA VAL B 122 -17.02 -9.75 -31.51
C VAL B 122 -15.97 -10.86 -31.62
N PHE B 123 -16.12 -11.89 -30.79
CA PHE B 123 -15.31 -13.09 -30.86
C PHE B 123 -16.23 -14.29 -31.09
N ASN B 124 -15.92 -15.09 -32.10
CA ASN B 124 -16.76 -16.23 -32.46
C ASN B 124 -15.92 -17.50 -32.55
N ALA B 125 -16.50 -18.61 -32.12
CA ALA B 125 -15.89 -19.92 -32.36
C ALA B 125 -16.53 -20.56 -33.57
N SER B 126 -15.71 -21.21 -34.39
CA SER B 126 -16.20 -21.76 -35.64
C SER B 126 -17.10 -22.98 -35.42
N ASN B 127 -16.83 -23.76 -34.37
CA ASN B 127 -17.63 -24.93 -34.07
C ASN B 127 -17.83 -25.00 -32.55
N ASN B 128 -18.25 -26.16 -32.07
CA ASN B 128 -18.50 -26.34 -30.64
C ASN B 128 -17.31 -26.98 -29.92
N LYS B 129 -16.17 -27.13 -30.59
CA LYS B 129 -15.04 -27.78 -29.95
C LYS B 129 -14.37 -26.89 -28.91
N ALA B 130 -14.69 -25.59 -28.91
CA ALA B 130 -14.09 -24.64 -28.00
C ALA B 130 -15.15 -24.04 -27.10
N GLN B 131 -14.75 -23.64 -25.89
CA GLN B 131 -15.63 -22.97 -24.96
C GLN B 131 -14.93 -21.76 -24.36
N ILE B 132 -15.72 -20.79 -23.93
CA ILE B 132 -15.16 -19.58 -23.32
C ILE B 132 -14.91 -19.84 -21.85
N LEU B 133 -13.68 -19.59 -21.41
CA LEU B 133 -13.28 -19.91 -20.04
C LEU B 133 -13.35 -18.72 -19.10
N LYS B 134 -12.63 -17.65 -19.39
CA LYS B 134 -12.68 -16.46 -18.56
C LYS B 134 -12.46 -15.24 -19.44
N THR B 135 -12.89 -14.09 -18.95
CA THR B 135 -12.82 -12.86 -19.71
C THR B 135 -12.41 -11.71 -18.81
N PHE B 136 -11.84 -10.68 -19.43
CA PHE B 136 -11.53 -9.43 -18.75
C PHE B 136 -12.18 -8.30 -19.53
N PRO B 137 -13.10 -7.53 -18.93
CA PRO B 137 -13.52 -7.59 -17.53
C PRO B 137 -14.27 -8.87 -17.17
N VAL B 138 -14.14 -9.32 -15.92
CA VAL B 138 -14.78 -10.56 -15.51
C VAL B 138 -16.29 -10.44 -15.57
N ASP B 139 -16.81 -9.21 -15.52
CA ASP B 139 -18.24 -8.98 -15.38
C ASP B 139 -18.53 -7.56 -15.82
N ASN B 140 -19.80 -7.27 -16.07
CA ASN B 140 -20.20 -5.89 -16.26
C ASN B 140 -20.09 -5.14 -14.95
N ILE B 141 -20.18 -3.82 -15.02
CA ILE B 141 -20.04 -3.00 -13.83
C ILE B 141 -21.18 -3.28 -12.87
N ASN B 142 -20.84 -3.60 -11.63
CA ASN B 142 -21.83 -3.77 -10.57
C ASN B 142 -21.86 -2.45 -9.79
N GLU B 143 -22.75 -1.55 -10.20
CA GLU B 143 -22.73 -0.19 -9.71
C GLU B 143 -22.92 -0.12 -8.21
N LYS B 144 -22.23 0.82 -7.57
CA LYS B 144 -22.43 1.12 -6.17
C LYS B 144 -23.33 2.35 -6.05
N PHE B 145 -24.30 2.27 -5.15
CA PHE B 145 -25.28 3.32 -4.97
C PHE B 145 -25.18 3.86 -3.55
N GLU B 146 -25.45 5.16 -3.41
CA GLU B 146 -25.48 5.82 -2.11
C GLU B 146 -26.80 6.55 -1.95
N ARG B 147 -27.46 6.30 -0.82
CA ARG B 147 -28.74 6.93 -0.52
C ARG B 147 -28.65 7.76 0.75
N LYS B 148 -29.45 8.81 0.81
CA LYS B 148 -29.55 9.64 2.00
C LYS B 148 -31.01 9.94 2.27
N GLU B 149 -31.36 10.02 3.55
CA GLU B 149 -32.70 10.43 3.96
C GLU B 149 -32.54 11.60 4.92
N VAL B 150 -33.04 12.76 4.53
CA VAL B 150 -32.92 13.97 5.32
C VAL B 150 -34.30 14.36 5.82
N SER B 151 -34.42 14.52 7.13
CA SER B 151 -35.70 14.89 7.72
C SER B 151 -35.43 15.76 8.94
N GLY B 152 -36.40 16.60 9.25
CA GLY B 152 -36.28 17.48 10.40
C GLY B 152 -37.43 18.44 10.45
N PHE B 153 -37.40 19.31 11.46
CA PHE B 153 -38.46 20.30 11.61
C PHE B 153 -37.87 21.62 12.06
N GLU B 154 -38.60 22.69 11.79
CA GLU B 154 -38.14 24.04 12.05
C GLU B 154 -39.25 24.82 12.75
N LEU B 155 -38.90 25.55 13.80
CA LEU B 155 -39.83 26.40 14.53
C LEU B 155 -39.37 27.84 14.44
N GLY B 156 -40.32 28.75 14.32
CA GLY B 156 -40.00 30.16 14.28
C GLY B 156 -41.13 30.98 14.85
N VAL B 157 -40.76 31.96 15.69
CA VAL B 157 -41.71 32.90 16.26
C VAL B 157 -41.30 34.30 15.85
N THR B 158 -42.29 35.12 15.52
CA THR B 158 -42.06 36.43 14.94
C THR B 158 -42.74 37.49 15.81
N GLY B 159 -41.98 38.53 16.15
CA GLY B 159 -42.52 39.69 16.85
C GLY B 159 -42.35 40.94 16.01
N GLY B 160 -43.48 41.57 15.70
CA GLY B 160 -43.48 42.75 14.86
C GLY B 160 -44.13 43.93 15.56
N VAL B 161 -43.46 45.08 15.47
CA VAL B 161 -43.95 46.32 16.05
C VAL B 161 -43.94 47.40 14.98
N GLU B 162 -45.09 48.03 14.76
CA GLU B 162 -45.24 49.08 13.77
C GLU B 162 -45.76 50.34 14.43
N VAL B 163 -45.13 51.48 14.12
CA VAL B 163 -45.60 52.79 14.55
C VAL B 163 -45.75 53.65 13.32
N SER B 164 -46.93 54.25 13.14
CA SER B 164 -47.21 55.10 12.00
C SER B 164 -48.19 56.18 12.42
N GLY B 165 -48.66 56.95 11.44
CA GLY B 165 -49.73 57.90 11.71
C GLY B 165 -51.02 57.22 12.12
N ASP B 166 -51.28 56.04 11.55
CA ASP B 166 -52.49 55.30 11.91
C ASP B 166 -52.51 54.92 13.38
N GLY B 167 -51.37 54.47 13.91
CA GLY B 167 -51.27 54.11 15.30
C GLY B 167 -50.39 52.90 15.52
N PRO B 168 -49.98 52.68 16.77
CA PRO B 168 -49.12 51.53 17.09
C PRO B 168 -49.84 50.22 16.81
N LYS B 169 -49.11 49.26 16.27
CA LYS B 169 -49.59 47.91 16.05
C LYS B 169 -48.68 46.92 16.77
N ALA B 170 -49.13 45.67 16.86
CA ALA B 170 -48.34 44.64 17.52
C ALA B 170 -48.75 43.28 16.96
N LYS B 171 -47.76 42.50 16.54
CA LYS B 171 -48.01 41.17 15.98
C LYS B 171 -47.04 40.17 16.61
N LEU B 172 -47.59 39.07 17.11
CA LEU B 172 -46.81 37.92 17.56
C LEU B 172 -47.22 36.74 16.69
N GLU B 173 -46.27 36.21 15.94
CA GLU B 173 -46.55 35.24 14.89
C GLU B 173 -45.72 33.98 15.10
N ALA B 174 -46.30 32.83 14.76
CA ALA B 174 -45.67 31.55 14.99
C ALA B 174 -45.64 30.74 13.71
N ARG B 175 -44.52 30.05 13.48
CA ARG B 175 -44.35 29.17 12.34
C ARG B 175 -43.84 27.82 12.81
N ALA B 176 -44.24 26.77 12.10
CA ALA B 176 -43.78 25.42 12.40
C ALA B 176 -43.66 24.66 11.09
N SER B 177 -42.44 24.31 10.72
CA SER B 177 -42.17 23.67 9.45
C SER B 177 -41.83 22.20 9.64
N TYR B 178 -41.89 21.46 8.53
CA TYR B 178 -41.45 20.07 8.48
C TYR B 178 -40.79 19.85 7.14
N THR B 179 -39.67 19.15 7.13
CA THR B 179 -38.92 18.90 5.92
C THR B 179 -38.63 17.41 5.78
N GLN B 180 -38.52 16.96 4.53
CA GLN B 180 -38.10 15.60 4.24
C GLN B 180 -37.63 15.48 2.81
N SER B 181 -36.44 14.94 2.60
CA SER B 181 -35.90 14.75 1.27
C SER B 181 -35.10 13.45 1.21
N ARG B 182 -35.11 12.83 0.02
CA ARG B 182 -34.41 11.58 -0.22
C ARG B 182 -33.43 11.79 -1.36
N TRP B 183 -32.19 11.39 -1.15
CA TRP B 183 -31.12 11.58 -2.12
C TRP B 183 -30.78 10.28 -2.82
N LEU B 184 -30.18 10.39 -4.00
CA LEU B 184 -29.70 9.24 -4.75
C LEU B 184 -28.42 9.66 -5.46
N THR B 185 -27.39 8.80 -5.40
CA THR B 185 -26.10 9.10 -5.99
C THR B 185 -25.50 7.85 -6.62
N TYR B 186 -25.03 7.97 -7.86
CA TYR B 186 -24.40 6.85 -8.52
C TYR B 186 -23.41 7.39 -9.54
N ASN B 187 -22.47 6.53 -9.92
CA ASN B 187 -21.40 6.89 -10.84
C ASN B 187 -21.68 6.31 -12.22
N THR B 188 -21.51 7.14 -13.24
CA THR B 188 -21.56 6.71 -14.63
C THR B 188 -20.29 7.15 -15.32
N GLN B 189 -19.85 6.36 -16.28
CA GLN B 189 -18.64 6.64 -17.03
C GLN B 189 -19.02 7.18 -18.40
N ASP B 190 -18.07 7.86 -19.05
CA ASP B 190 -18.34 8.39 -20.38
C ASP B 190 -18.61 7.26 -21.35
N TYR B 191 -17.92 6.14 -21.19
CA TYR B 191 -18.21 4.92 -21.93
C TYR B 191 -18.33 3.76 -20.96
N ARG B 192 -19.37 2.95 -21.15
CA ARG B 192 -19.73 1.88 -20.22
C ARG B 192 -19.44 0.54 -20.87
N ILE B 193 -18.69 -0.30 -20.17
CA ILE B 193 -18.28 -1.59 -20.71
C ILE B 193 -19.45 -2.57 -20.58
N GLU B 194 -20.08 -2.90 -21.70
CA GLU B 194 -21.20 -3.82 -21.73
C GLU B 194 -20.72 -5.15 -22.29
N ARG B 195 -20.60 -6.14 -21.42
CA ARG B 195 -20.21 -7.49 -21.83
C ARG B 195 -21.44 -8.24 -22.30
N ASN B 196 -21.27 -9.04 -23.35
CA ASN B 196 -22.40 -9.71 -24.00
C ASN B 196 -21.97 -11.11 -24.42
N ALA B 197 -22.64 -12.14 -23.89
CA ALA B 197 -22.32 -13.52 -24.22
C ALA B 197 -23.57 -14.17 -24.83
N LYS B 198 -23.60 -14.21 -26.16
CA LYS B 198 -24.73 -14.82 -26.84
C LYS B 198 -24.84 -16.30 -26.51
N ASN B 199 -23.72 -17.01 -26.52
CA ASN B 199 -23.70 -18.41 -26.12
C ASN B 199 -22.29 -18.82 -25.75
N ALA B 200 -22.08 -20.09 -25.44
CA ALA B 200 -20.81 -20.53 -24.88
C ALA B 200 -19.65 -20.39 -25.87
N GLN B 201 -19.93 -20.18 -27.15
CA GLN B 201 -18.88 -20.08 -28.15
C GLN B 201 -18.57 -18.65 -28.58
N ALA B 202 -19.38 -17.68 -28.19
CA ALA B 202 -19.19 -16.32 -28.66
C ALA B 202 -19.46 -15.33 -27.54
N VAL B 203 -18.56 -14.36 -27.36
CA VAL B 203 -18.73 -13.29 -26.40
C VAL B 203 -18.29 -11.99 -27.06
N SER B 204 -19.09 -10.95 -26.88
CA SER B 204 -18.83 -9.68 -27.55
C SER B 204 -18.83 -8.56 -26.54
N PHE B 205 -17.85 -7.65 -26.68
CA PHE B 205 -17.70 -6.50 -25.81
C PHE B 205 -18.15 -5.26 -26.55
N THR B 206 -19.05 -4.49 -25.92
CA THR B 206 -19.64 -3.32 -26.54
C THR B 206 -19.35 -2.10 -25.67
N TRP B 207 -18.48 -1.23 -26.16
CA TRP B 207 -18.28 0.09 -25.57
C TRP B 207 -19.42 0.98 -26.02
N ASN B 208 -20.33 1.32 -25.11
CA ASN B 208 -21.53 2.06 -25.44
C ASN B 208 -21.56 3.37 -24.66
N ARG B 209 -21.96 4.45 -25.33
CA ARG B 209 -22.06 5.74 -24.65
C ARG B 209 -23.17 5.71 -23.62
N GLN B 210 -22.89 6.19 -22.42
CA GLN B 210 -23.90 6.24 -21.38
C GLN B 210 -24.23 7.68 -21.02
N GLN B 211 -23.23 8.45 -20.61
CA GLN B 211 -23.44 9.87 -20.39
C GLN B 211 -23.33 10.59 -21.72
N TYR B 212 -24.14 11.64 -21.90
CA TYR B 212 -24.15 12.39 -23.15
C TYR B 212 -24.45 11.48 -24.33
N ALA B 213 -25.37 10.54 -24.14
CA ALA B 213 -25.69 9.57 -25.18
C ALA B 213 -26.74 10.06 -26.15
N THR B 214 -27.40 11.16 -25.85
CA THR B 214 -28.47 11.68 -26.68
C THR B 214 -28.07 13.03 -27.24
N ALA B 215 -28.48 13.29 -28.49
CA ALA B 215 -28.32 14.64 -29.03
C ALA B 215 -29.07 15.65 -28.18
N GLU B 216 -30.07 15.18 -27.42
CA GLU B 216 -30.76 16.04 -26.48
C GLU B 216 -29.82 16.57 -25.40
N SER B 217 -28.96 15.70 -24.88
CA SER B 217 -28.14 16.08 -23.73
C SER B 217 -26.91 16.88 -24.12
N LEU B 218 -26.57 16.93 -25.41
CA LEU B 218 -25.41 17.70 -25.83
C LEU B 218 -25.64 19.21 -25.81
N LEU B 219 -26.88 19.65 -25.62
CA LEU B 219 -27.18 21.07 -25.68
C LEU B 219 -26.88 21.77 -24.35
N ASN B 220 -26.32 22.97 -24.42
CA ASN B 220 -26.08 23.79 -23.25
C ASN B 220 -27.11 24.90 -23.12
N ARG B 221 -28.13 24.90 -23.98
CA ARG B 221 -29.20 25.88 -23.95
C ARG B 221 -30.53 25.16 -24.09
N SER B 222 -31.59 25.78 -23.60
CA SER B 222 -32.94 25.28 -23.81
C SER B 222 -33.84 26.26 -24.54
N THR B 223 -33.86 27.52 -24.13
CA THR B 223 -34.66 28.53 -24.80
C THR B 223 -33.80 29.76 -25.05
N ASP B 224 -34.11 30.46 -26.14
CA ASP B 224 -33.37 31.68 -26.48
C ASP B 224 -34.24 32.51 -27.41
N ALA B 225 -33.87 33.78 -27.54
CA ALA B 225 -34.63 34.71 -28.36
C ALA B 225 -34.50 34.35 -29.84
N LEU B 226 -35.43 34.87 -30.64
CA LEU B 226 -35.47 34.54 -32.06
C LEU B 226 -34.28 35.09 -32.83
N TRP B 227 -33.73 36.24 -32.43
CA TRP B 227 -32.67 36.87 -33.20
C TRP B 227 -31.29 36.32 -32.86
N VAL B 228 -31.17 35.49 -31.84
CA VAL B 228 -29.86 34.94 -31.47
C VAL B 228 -29.62 33.67 -32.28
N ASN B 229 -28.55 33.68 -33.07
CA ASN B 229 -28.21 32.59 -33.98
C ASN B 229 -26.78 32.15 -33.71
N THR B 230 -26.62 31.02 -33.02
CA THR B 230 -25.29 30.52 -32.68
C THR B 230 -25.35 29.01 -32.61
N TYR B 231 -24.17 28.39 -32.65
CA TYR B 231 -24.09 26.93 -32.58
C TYR B 231 -24.42 26.47 -31.17
N PRO B 232 -25.47 25.69 -30.98
CA PRO B 232 -25.95 25.42 -29.62
C PRO B 232 -25.44 24.12 -29.04
N VAL B 233 -24.52 23.45 -29.72
CA VAL B 233 -23.95 22.19 -29.24
C VAL B 233 -22.62 22.51 -28.57
N ASP B 234 -22.57 22.38 -27.25
CA ASP B 234 -21.39 22.75 -26.49
C ASP B 234 -20.33 21.69 -26.74
N VAL B 235 -19.51 21.92 -27.75
CA VAL B 235 -18.59 20.89 -28.24
C VAL B 235 -17.54 20.51 -27.20
N ASN B 236 -17.37 21.32 -26.16
CA ASN B 236 -16.42 20.95 -25.11
C ASN B 236 -16.89 19.71 -24.35
N ARG B 237 -18.18 19.40 -24.40
CA ARG B 237 -18.69 18.24 -23.68
C ARG B 237 -18.31 16.93 -24.35
N ILE B 238 -18.00 16.93 -25.63
CA ILE B 238 -17.64 15.71 -26.35
C ILE B 238 -16.18 15.39 -26.05
N SER B 239 -15.96 14.39 -25.23
CA SER B 239 -14.59 14.11 -24.81
C SER B 239 -13.78 13.55 -25.97
N PRO B 240 -12.47 13.76 -25.96
CA PRO B 240 -11.62 13.25 -27.04
C PRO B 240 -11.59 11.73 -27.12
N LEU B 241 -12.26 11.07 -26.18
CA LEU B 241 -12.37 9.62 -26.25
C LEU B 241 -13.30 9.17 -27.37
N SER B 242 -14.10 10.06 -27.93
CA SER B 242 -15.12 9.66 -28.88
C SER B 242 -14.69 9.79 -30.34
N TYR B 243 -14.09 10.90 -30.73
CA TYR B 243 -13.84 11.11 -32.15
C TYR B 243 -12.36 11.14 -32.48
N ALA B 244 -11.52 11.48 -31.52
CA ALA B 244 -10.11 11.65 -31.81
C ALA B 244 -9.40 10.29 -31.93
N SER B 245 -9.35 9.53 -30.85
CA SER B 245 -8.68 8.24 -30.87
C SER B 245 -9.13 7.38 -29.71
N PHE B 246 -9.32 6.09 -29.96
CA PHE B 246 -9.82 5.17 -28.93
C PHE B 246 -9.09 3.84 -29.04
N VAL B 247 -8.88 3.19 -27.89
CA VAL B 247 -8.22 1.90 -27.84
C VAL B 247 -8.91 1.04 -26.80
N PRO B 248 -9.30 -0.18 -27.12
CA PRO B 248 -10.01 -1.02 -26.16
C PRO B 248 -9.06 -1.72 -25.20
N LYS B 249 -9.65 -2.45 -24.25
CA LYS B 249 -8.92 -3.30 -23.31
C LYS B 249 -9.78 -4.52 -23.05
N MET B 250 -9.38 -5.68 -23.58
CA MET B 250 -10.18 -6.87 -23.38
C MET B 250 -9.27 -8.10 -23.39
N ASP B 251 -9.75 -9.15 -22.74
CA ASP B 251 -9.09 -10.45 -22.71
C ASP B 251 -10.13 -11.54 -22.88
N VAL B 252 -9.87 -12.47 -23.78
CA VAL B 252 -10.72 -13.64 -23.97
C VAL B 252 -9.81 -14.86 -23.97
N ILE B 253 -10.20 -15.90 -23.24
CA ILE B 253 -9.40 -17.11 -23.13
C ILE B 253 -10.30 -18.31 -23.36
N TYR B 254 -10.12 -18.98 -24.50
CA TYR B 254 -10.85 -20.18 -24.83
C TYR B 254 -10.17 -21.40 -24.22
N LYS B 255 -10.93 -22.49 -24.14
CA LYS B 255 -10.38 -23.76 -23.70
C LYS B 255 -10.91 -24.86 -24.61
N ALA B 256 -10.15 -25.94 -24.69
CA ALA B 256 -10.53 -27.12 -25.46
C ALA B 256 -10.26 -28.37 -24.63
N SER B 257 -11.04 -29.41 -24.90
CA SER B 257 -10.99 -30.61 -24.10
C SER B 257 -9.62 -31.30 -24.22
N ALA B 258 -9.42 -32.30 -23.37
CA ALA B 258 -8.11 -32.94 -23.27
C ALA B 258 -7.69 -33.63 -24.56
N THR B 259 -8.59 -34.33 -25.22
CA THR B 259 -8.25 -35.10 -26.41
C THR B 259 -8.96 -34.63 -27.66
N GLU B 260 -9.37 -33.36 -27.72
CA GLU B 260 -10.01 -32.85 -28.91
C GLU B 260 -9.03 -32.85 -30.07
N THR B 261 -9.53 -33.21 -31.25
CA THR B 261 -8.71 -33.25 -32.45
C THR B 261 -9.46 -32.57 -33.59
N GLY B 262 -8.75 -32.35 -34.70
CA GLY B 262 -9.32 -31.66 -35.82
C GLY B 262 -8.88 -30.22 -35.91
N SER B 263 -9.82 -29.32 -36.19
CA SER B 263 -9.50 -27.92 -36.41
C SER B 263 -10.60 -27.05 -35.83
N THR B 264 -10.29 -25.77 -35.67
CA THR B 264 -11.26 -24.78 -35.23
C THR B 264 -10.75 -23.39 -35.59
N ASP B 265 -11.66 -22.57 -36.10
CA ASP B 265 -11.33 -21.21 -36.52
C ASP B 265 -11.88 -20.20 -35.52
N PHE B 266 -11.25 -19.05 -35.44
CA PHE B 266 -11.68 -17.96 -34.58
C PHE B 266 -11.86 -16.72 -35.44
N ILE B 267 -12.91 -15.97 -35.18
CA ILE B 267 -13.23 -14.76 -35.93
C ILE B 267 -13.22 -13.58 -34.98
N ILE B 268 -12.50 -12.53 -35.35
CA ILE B 268 -12.40 -11.33 -34.55
C ILE B 268 -12.96 -10.16 -35.36
N ASP B 269 -14.06 -9.58 -34.87
CA ASP B 269 -14.76 -8.51 -35.57
C ASP B 269 -14.54 -7.21 -34.82
N SER B 270 -13.76 -6.31 -35.42
CA SER B 270 -13.61 -4.96 -34.90
C SER B 270 -14.51 -4.03 -35.69
N SER B 271 -15.29 -3.20 -35.00
CA SER B 271 -16.26 -2.37 -35.69
C SER B 271 -16.59 -1.14 -34.87
N VAL B 272 -16.70 0.00 -35.55
CA VAL B 272 -17.06 1.27 -34.94
C VAL B 272 -18.35 1.75 -35.57
N ASN B 273 -19.31 2.12 -34.73
CA ASN B 273 -20.65 2.47 -35.17
C ASN B 273 -20.72 3.99 -35.34
N ILE B 274 -20.47 4.45 -36.57
CA ILE B 274 -20.50 5.87 -36.86
C ILE B 274 -21.93 6.40 -36.75
N ARG B 275 -22.09 7.55 -36.12
CA ARG B 275 -23.39 8.21 -36.01
C ARG B 275 -23.18 9.72 -35.97
N PRO B 276 -23.55 10.45 -37.01
CA PRO B 276 -23.50 11.90 -36.95
C PRO B 276 -24.50 12.45 -35.94
N ILE B 277 -24.39 13.74 -35.67
CA ILE B 277 -25.23 14.42 -34.70
C ILE B 277 -26.11 15.41 -35.45
N TYR B 278 -27.39 15.45 -35.09
CA TYR B 278 -28.34 16.39 -35.68
C TYR B 278 -29.02 17.17 -34.55
N ASN B 279 -29.07 18.49 -34.70
CA ASN B 279 -29.76 19.36 -33.77
C ASN B 279 -30.64 20.34 -34.53
N GLY B 280 -31.87 20.48 -34.08
CA GLY B 280 -32.82 21.37 -34.73
C GLY B 280 -33.41 22.35 -33.74
N ALA B 281 -33.82 23.50 -34.27
CA ALA B 281 -34.44 24.54 -33.46
C ALA B 281 -35.95 24.54 -33.69
N TYR B 282 -36.68 24.80 -32.61
CA TYR B 282 -38.14 24.79 -32.63
C TYR B 282 -38.62 26.21 -32.40
N LYS B 283 -39.46 26.71 -33.32
CA LYS B 283 -40.01 28.05 -33.19
C LYS B 283 -41.46 27.96 -32.75
N HIS B 284 -41.78 28.63 -31.65
CA HIS B 284 -43.11 28.61 -31.07
C HIS B 284 -43.73 29.99 -31.16
N TYR B 285 -44.96 30.07 -31.67
CA TYR B 285 -45.67 31.33 -31.87
C TYR B 285 -47.00 31.26 -31.13
N TYR B 286 -47.09 31.98 -30.01
CA TYR B 286 -48.35 32.17 -29.30
C TYR B 286 -48.66 33.65 -29.23
N VAL B 287 -49.87 33.97 -28.77
CA VAL B 287 -50.42 35.32 -28.86
C VAL B 287 -49.60 36.32 -28.05
N VAL B 288 -49.22 35.94 -26.83
CA VAL B 288 -48.62 36.90 -25.92
C VAL B 288 -47.21 37.31 -26.40
N GLY B 289 -46.41 36.33 -26.79
CA GLY B 289 -45.04 36.62 -27.22
C GLY B 289 -44.45 35.59 -28.14
N ALA B 290 -43.15 35.70 -28.41
CA ALA B 290 -42.47 34.79 -29.33
C ALA B 290 -41.12 34.40 -28.75
N HIS B 291 -40.82 33.10 -28.77
CA HIS B 291 -39.59 32.57 -28.22
C HIS B 291 -39.14 31.39 -29.09
N GLN B 292 -37.97 30.84 -28.76
CA GLN B 292 -37.37 29.75 -29.53
C GLN B 292 -36.86 28.68 -28.58
N SER B 293 -37.13 27.42 -28.90
CA SER B 293 -36.74 26.28 -28.08
C SER B 293 -36.00 25.26 -28.93
N TYR B 294 -35.16 24.45 -28.28
CA TYR B 294 -34.37 23.45 -28.98
C TYR B 294 -34.88 22.04 -28.73
N HIS B 295 -34.42 21.10 -29.54
CA HIS B 295 -34.80 19.71 -29.44
C HIS B 295 -33.63 18.83 -29.83
N GLY B 296 -33.72 17.56 -29.45
CA GLY B 296 -32.70 16.60 -29.82
C GLY B 296 -33.25 15.44 -30.63
N PHE B 297 -32.58 15.11 -31.73
CA PHE B 297 -33.00 14.01 -32.59
C PHE B 297 -32.27 12.74 -32.17
N GLU B 298 -33.00 11.65 -32.05
CA GLU B 298 -32.44 10.40 -31.54
C GLU B 298 -32.37 9.29 -32.59
N ASP B 299 -33.30 9.27 -33.54
CA ASP B 299 -33.37 8.17 -34.51
C ASP B 299 -32.64 8.51 -35.81
N THR B 300 -31.57 9.28 -35.70
CA THR B 300 -30.76 9.64 -36.85
C THR B 300 -30.07 8.39 -37.41
N PRO B 301 -29.72 8.40 -38.70
CA PRO B 301 -29.17 7.19 -39.31
C PRO B 301 -27.83 6.80 -38.70
N ARG B 302 -27.56 5.50 -38.71
CA ARG B 302 -26.29 4.95 -38.27
C ARG B 302 -25.75 4.01 -39.32
N ARG B 303 -24.44 4.09 -39.56
CA ARG B 303 -23.77 3.22 -40.52
C ARG B 303 -22.61 2.54 -39.82
N ARG B 304 -22.42 1.26 -40.09
CA ARG B 304 -21.49 0.43 -39.34
C ARG B 304 -20.33 0.01 -40.25
N ILE B 305 -19.11 0.18 -39.76
CA ILE B 305 -17.91 -0.22 -40.48
C ILE B 305 -17.35 -1.49 -39.85
N THR B 306 -17.09 -2.50 -40.66
CA THR B 306 -16.68 -3.80 -40.17
C THR B 306 -15.40 -4.27 -40.87
N LYS B 307 -14.44 -4.72 -40.07
CA LYS B 307 -13.24 -5.37 -40.57
C LYS B 307 -13.00 -6.64 -39.76
N SER B 308 -12.68 -7.74 -40.44
CA SER B 308 -12.55 -9.03 -39.79
C SER B 308 -11.22 -9.68 -40.16
N ALA B 309 -10.61 -10.34 -39.17
CA ALA B 309 -9.43 -11.14 -39.39
C ALA B 309 -9.56 -12.42 -38.58
N SER B 310 -9.04 -13.52 -39.14
CA SER B 310 -9.21 -14.83 -38.55
C SER B 310 -7.88 -15.55 -38.54
N PHE B 311 -7.77 -16.56 -37.67
CA PHE B 311 -6.59 -17.41 -37.61
C PHE B 311 -7.00 -18.80 -37.17
N THR B 312 -6.29 -19.80 -37.71
CA THR B 312 -6.66 -21.20 -37.57
C THR B 312 -5.71 -21.89 -36.59
N VAL B 313 -6.27 -22.73 -35.72
CA VAL B 313 -5.51 -23.46 -34.72
C VAL B 313 -5.85 -24.94 -34.86
N ASP B 314 -4.83 -25.79 -34.86
CA ASP B 314 -5.01 -27.24 -34.89
C ASP B 314 -4.68 -27.79 -33.50
N TRP B 315 -5.60 -28.55 -32.92
CA TRP B 315 -5.35 -29.11 -31.60
C TRP B 315 -4.24 -30.15 -31.62
N ASP B 316 -3.85 -30.65 -32.79
CA ASP B 316 -2.74 -31.59 -32.89
C ASP B 316 -1.40 -30.91 -32.98
N HIS B 317 -1.37 -29.59 -32.83
CA HIS B 317 -0.12 -28.85 -32.94
C HIS B 317 0.87 -29.34 -31.88
N PRO B 318 2.16 -29.34 -32.16
CA PRO B 318 3.13 -29.82 -31.17
C PRO B 318 3.07 -29.05 -29.86
N VAL B 319 2.77 -27.75 -29.91
CA VAL B 319 2.86 -26.92 -28.70
C VAL B 319 1.85 -27.36 -27.66
N PHE B 320 0.71 -27.87 -28.08
CA PHE B 320 -0.32 -28.29 -27.13
C PHE B 320 0.09 -29.50 -26.31
N THR B 321 1.18 -30.19 -26.67
CA THR B 321 1.61 -31.32 -25.87
C THR B 321 2.27 -30.89 -24.56
N GLY B 322 2.66 -29.62 -24.45
CA GLY B 322 3.17 -29.12 -23.20
C GLY B 322 4.58 -29.53 -22.84
N GLY B 323 5.38 -29.95 -23.80
CA GLY B 323 6.77 -30.27 -23.54
C GLY B 323 7.69 -29.54 -24.49
N ARG B 324 9.00 -29.70 -24.33
CA ARG B 324 9.95 -29.08 -25.24
C ARG B 324 10.56 -30.15 -26.12
N PRO B 325 10.10 -30.30 -27.35
CA PRO B 325 10.51 -31.43 -28.18
C PRO B 325 11.98 -31.40 -28.55
N VAL B 326 12.55 -32.59 -28.73
CA VAL B 326 13.92 -32.77 -29.21
C VAL B 326 13.90 -33.85 -30.27
N ASN B 327 15.01 -33.94 -31.01
CA ASN B 327 15.17 -34.92 -32.08
C ASN B 327 16.38 -35.79 -31.81
N LEU B 328 16.34 -37.01 -32.37
CA LEU B 328 17.46 -37.94 -32.30
C LEU B 328 18.15 -37.90 -33.65
N GLN B 329 19.43 -37.59 -33.65
CA GLN B 329 20.20 -37.41 -34.88
C GLN B 329 21.36 -38.39 -34.90
N LEU B 330 21.46 -39.17 -35.97
CA LEU B 330 22.52 -40.16 -36.12
C LEU B 330 23.82 -39.43 -36.47
N ALA B 331 24.87 -39.70 -35.72
CA ALA B 331 26.11 -38.95 -35.86
C ALA B 331 27.02 -39.48 -36.96
N SER B 332 26.78 -40.70 -37.46
CA SER B 332 27.64 -41.20 -38.53
C SER B 332 27.48 -40.41 -39.81
N PHE B 333 26.24 -40.11 -40.19
CA PHE B 333 25.97 -39.28 -41.35
C PHE B 333 26.24 -37.82 -41.01
N ASN B 334 26.50 -37.04 -42.06
CA ASN B 334 26.59 -35.59 -41.87
C ASN B 334 25.26 -34.99 -41.46
N ASN B 335 24.16 -35.42 -42.09
CA ASN B 335 22.85 -34.84 -41.84
C ASN B 335 21.79 -35.91 -42.07
N ARG B 336 21.39 -36.57 -40.98
CA ARG B 336 20.32 -37.55 -41.00
C ARG B 336 19.60 -37.52 -39.66
N CYS B 337 18.27 -37.48 -39.70
CA CYS B 337 17.47 -37.42 -38.49
C CYS B 337 16.36 -38.47 -38.57
N ILE B 338 15.94 -38.93 -37.40
CA ILE B 338 14.86 -39.92 -37.34
C ILE B 338 13.54 -39.22 -37.60
N GLN B 339 12.75 -39.79 -38.50
CA GLN B 339 11.46 -39.22 -38.87
C GLN B 339 10.41 -40.33 -38.87
N VAL B 340 9.20 -39.99 -38.44
CA VAL B 340 8.10 -40.94 -38.34
C VAL B 340 6.97 -40.47 -39.25
N ASP B 341 6.45 -41.38 -40.06
CA ASP B 341 5.36 -41.08 -40.98
C ASP B 341 4.02 -41.25 -40.27
N ALA B 342 2.94 -41.23 -41.03
CA ALA B 342 1.61 -41.35 -40.44
C ALA B 342 1.39 -42.71 -39.78
N GLN B 343 1.84 -43.78 -40.42
CA GLN B 343 1.59 -45.14 -39.93
C GLN B 343 2.66 -45.64 -38.97
N GLY B 344 3.75 -44.91 -38.80
CA GLY B 344 4.76 -45.27 -37.82
C GLY B 344 6.01 -45.93 -38.36
N ARG B 345 6.20 -45.95 -39.67
CA ARG B 345 7.45 -46.47 -40.22
C ARG B 345 8.59 -45.49 -39.95
N LEU B 346 9.73 -46.01 -39.51
CA LEU B 346 10.87 -45.19 -39.15
C LEU B 346 11.90 -45.19 -40.27
N THR B 347 12.23 -44.00 -40.75
CA THR B 347 13.25 -43.80 -41.78
C THR B 347 14.08 -42.58 -41.43
N ALA B 348 15.27 -42.52 -42.01
CA ALA B 348 16.21 -41.42 -41.75
C ALA B 348 16.17 -40.47 -42.94
N ASN B 349 15.58 -39.30 -42.74
CA ASN B 349 15.42 -38.30 -43.79
C ASN B 349 16.37 -37.14 -43.53
N MET B 350 16.25 -36.11 -44.38
CA MET B 350 17.02 -34.89 -44.16
C MET B 350 16.49 -34.16 -42.94
N CYS B 351 17.41 -33.69 -42.10
CA CYS B 351 17.01 -32.98 -40.89
C CYS B 351 16.37 -31.64 -41.26
N ASP B 352 15.26 -31.34 -40.60
CA ASP B 352 14.58 -30.05 -40.75
C ASP B 352 13.90 -29.77 -39.42
N SER B 353 14.57 -28.98 -38.58
CA SER B 353 14.14 -28.83 -37.20
C SER B 353 12.76 -28.20 -37.06
N GLN B 354 12.23 -27.57 -38.10
CA GLN B 354 10.90 -27.01 -38.04
C GLN B 354 9.82 -28.00 -38.44
N GLN B 355 10.21 -29.21 -38.86
CA GLN B 355 9.23 -30.24 -39.21
C GLN B 355 8.79 -30.95 -37.94
N SER B 356 7.49 -30.95 -37.67
CA SER B 356 6.99 -31.48 -36.41
C SER B 356 7.24 -32.98 -36.28
N ALA B 357 7.18 -33.72 -37.38
CA ALA B 357 7.25 -35.17 -37.30
C ALA B 357 8.60 -35.69 -36.84
N GLN B 358 9.63 -34.83 -36.80
CA GLN B 358 10.96 -35.24 -36.37
C GLN B 358 11.26 -34.88 -34.93
N SER B 359 10.24 -34.53 -34.14
CA SER B 359 10.43 -34.06 -32.78
C SER B 359 9.94 -35.10 -31.80
N PHE B 360 10.60 -35.18 -30.64
CA PHE B 360 10.22 -36.12 -29.60
C PHE B 360 10.27 -35.44 -28.24
N ILE B 361 9.42 -35.90 -27.33
CA ILE B 361 9.30 -35.33 -26.00
C ILE B 361 9.99 -36.24 -25.01
N TYR B 362 10.78 -35.68 -24.11
CA TYR B 362 11.48 -36.45 -23.08
C TYR B 362 10.70 -36.29 -21.78
N ASP B 363 10.14 -37.40 -21.27
CA ASP B 363 9.24 -37.35 -20.13
C ASP B 363 9.98 -37.66 -18.83
N GLN B 364 9.21 -37.88 -17.76
CA GLN B 364 9.81 -38.21 -16.47
C GLN B 364 10.24 -39.66 -16.40
N LEU B 365 9.47 -40.58 -17.01
CA LEU B 365 9.80 -41.99 -16.92
C LEU B 365 10.94 -42.39 -17.85
N GLY B 366 11.39 -41.49 -18.70
CA GLY B 366 12.43 -41.81 -19.66
C GLY B 366 11.94 -42.35 -20.98
N ARG B 367 10.67 -42.14 -21.32
CA ARG B 367 10.15 -42.58 -22.60
C ARG B 367 10.27 -41.47 -23.64
N TYR B 368 10.34 -41.88 -24.90
CA TYR B 368 10.33 -40.94 -26.03
C TYR B 368 8.95 -41.01 -26.66
N VAL B 369 8.26 -39.88 -26.71
CA VAL B 369 6.92 -39.80 -27.27
C VAL B 369 6.97 -38.94 -28.51
N SER B 370 6.39 -39.44 -29.61
CA SER B 370 6.32 -38.68 -30.84
C SER B 370 5.53 -37.40 -30.63
N ALA B 371 6.08 -36.28 -31.08
CA ALA B 371 5.51 -34.98 -30.77
C ALA B 371 4.20 -34.72 -31.51
N SER B 372 4.09 -35.09 -32.77
CA SER B 372 2.91 -34.76 -33.54
C SER B 372 1.74 -35.68 -33.24
N ASN B 373 1.96 -36.77 -32.52
CA ASN B 373 0.87 -37.68 -32.16
C ASN B 373 1.28 -38.42 -30.89
N THR B 374 0.84 -37.91 -29.74
CA THR B 374 1.30 -38.37 -28.44
C THR B 374 0.95 -39.80 -28.12
N LYS B 375 0.31 -40.58 -28.99
CA LYS B 375 0.03 -41.97 -28.68
C LYS B 375 1.07 -42.94 -29.23
N LEU B 376 2.08 -42.44 -29.93
CA LEU B 376 3.12 -43.28 -30.51
C LEU B 376 4.44 -43.03 -29.78
N CYS B 377 5.17 -44.12 -29.54
CA CYS B 377 6.40 -44.05 -28.76
C CYS B 377 7.48 -44.88 -29.43
N LEU B 378 8.73 -44.60 -29.07
CA LEU B 378 9.86 -45.39 -29.54
C LEU B 378 10.06 -46.58 -28.63
N ASP B 379 10.11 -47.78 -29.21
CA ASP B 379 10.17 -49.02 -28.44
C ASP B 379 11.35 -49.84 -28.92
N GLY B 380 12.09 -50.43 -27.98
CA GLY B 380 13.25 -51.23 -28.32
C GLY B 380 12.94 -52.66 -28.71
N ALA B 381 11.74 -53.16 -28.40
CA ALA B 381 11.41 -54.53 -28.76
C ALA B 381 11.39 -54.74 -30.27
N ALA B 382 10.83 -53.79 -31.02
CA ALA B 382 10.82 -53.82 -32.49
C ALA B 382 11.06 -52.38 -32.96
N LEU B 383 12.32 -52.08 -33.23
CA LEU B 383 12.76 -50.70 -33.40
C LEU B 383 12.50 -50.15 -34.79
N ASP B 384 11.96 -50.94 -35.71
CA ASP B 384 11.71 -50.44 -37.06
C ASP B 384 10.36 -49.75 -37.19
N ALA B 385 9.58 -49.67 -36.11
CA ALA B 385 8.30 -48.99 -36.15
C ALA B 385 7.91 -48.58 -34.74
N LEU B 386 7.17 -47.48 -34.64
CA LEU B 386 6.68 -47.03 -33.34
C LEU B 386 5.58 -47.96 -32.85
N GLN B 387 5.38 -47.97 -31.54
CA GLN B 387 4.44 -48.86 -30.88
C GLN B 387 3.51 -48.09 -29.97
N PRO B 388 2.35 -48.64 -29.63
CA PRO B 388 1.49 -48.01 -28.63
C PRO B 388 2.23 -47.87 -27.30
N CYS B 389 2.03 -46.73 -26.64
CA CYS B 389 2.77 -46.41 -25.44
C CYS B 389 2.14 -47.09 -24.22
N ASN B 390 2.98 -47.64 -23.36
CA ASN B 390 2.51 -48.22 -22.11
C ASN B 390 3.69 -48.26 -21.13
N GLN B 391 3.55 -49.00 -20.05
CA GLN B 391 4.56 -49.06 -19.00
C GLN B 391 5.64 -50.09 -19.28
N ASN B 392 5.78 -50.55 -20.53
CA ASN B 392 6.79 -51.54 -20.87
C ASN B 392 8.19 -51.03 -20.53
N LEU B 393 9.00 -51.90 -19.93
CA LEU B 393 10.35 -51.53 -19.56
C LEU B 393 11.24 -51.26 -20.77
N THR B 394 10.88 -51.79 -21.93
CA THR B 394 11.72 -51.60 -23.11
C THR B 394 11.57 -50.22 -23.74
N GLN B 395 10.74 -49.35 -23.18
CA GLN B 395 10.53 -48.02 -23.75
C GLN B 395 11.14 -46.91 -22.90
N ARG B 396 12.13 -47.23 -22.07
CA ARG B 396 12.79 -46.22 -21.24
C ARG B 396 14.25 -46.10 -21.66
N TRP B 397 14.73 -44.86 -21.74
CA TRP B 397 16.07 -44.59 -22.24
C TRP B 397 16.80 -43.64 -21.28
N GLU B 398 18.09 -43.90 -21.09
CA GLU B 398 18.93 -43.09 -20.23
C GLU B 398 20.25 -42.81 -20.94
N TRP B 399 20.79 -41.62 -20.74
CA TRP B 399 22.05 -41.24 -21.35
C TRP B 399 23.21 -41.59 -20.44
N ARG B 400 24.24 -42.23 -20.98
CA ARG B 400 25.45 -42.49 -20.22
C ARG B 400 26.20 -41.18 -20.03
N LYS B 401 26.62 -40.92 -18.80
CA LYS B 401 27.25 -39.65 -18.47
C LYS B 401 28.60 -39.50 -19.17
N GLY B 402 28.83 -38.32 -19.74
CA GLY B 402 30.12 -38.00 -20.34
C GLY B 402 30.32 -38.47 -21.76
N THR B 403 29.34 -39.16 -22.34
CA THR B 403 29.43 -39.63 -23.71
C THR B 403 28.07 -39.49 -24.36
N ASP B 404 27.93 -40.03 -25.57
CA ASP B 404 26.67 -39.98 -26.30
C ASP B 404 26.14 -41.37 -26.67
N GLU B 405 26.43 -42.38 -25.85
CA GLU B 405 25.87 -43.71 -26.03
C GLU B 405 24.49 -43.75 -25.42
N LEU B 406 23.47 -43.93 -26.26
CA LEU B 406 22.10 -44.01 -25.80
C LEU B 406 21.80 -45.46 -25.42
N THR B 407 21.40 -45.68 -24.18
CA THR B 407 21.25 -47.02 -23.64
C THR B 407 19.78 -47.36 -23.41
N ASN B 408 19.49 -48.65 -23.46
CA ASN B 408 18.16 -49.17 -23.15
C ASN B 408 18.18 -49.71 -21.73
N VAL B 409 17.12 -49.42 -20.96
CA VAL B 409 17.11 -49.78 -19.55
C VAL B 409 16.98 -51.28 -19.37
N TYR B 410 16.13 -51.93 -20.17
CA TYR B 410 15.76 -53.32 -19.93
C TYR B 410 16.96 -54.25 -20.04
N SER B 411 17.52 -54.36 -21.24
CA SER B 411 18.55 -55.37 -21.49
C SER B 411 19.97 -54.83 -21.33
N GLY B 412 20.15 -53.55 -21.10
CA GLY B 412 21.47 -52.97 -21.02
C GLY B 412 22.13 -52.71 -22.37
N GLU B 413 21.45 -53.01 -23.46
CA GLU B 413 22.01 -52.79 -24.79
C GLU B 413 21.91 -51.31 -25.17
N SER B 414 22.64 -50.94 -26.21
CA SER B 414 22.70 -49.56 -26.68
C SER B 414 21.88 -49.40 -27.94
N LEU B 415 21.57 -48.15 -28.28
CA LEU B 415 20.86 -47.86 -29.52
C LEU B 415 21.88 -47.64 -30.63
N GLY B 416 21.72 -48.36 -31.73
CA GLY B 416 22.64 -48.25 -32.85
C GLY B 416 21.94 -48.06 -34.17
N HIS B 417 22.69 -47.66 -35.19
CA HIS B 417 22.12 -47.39 -36.50
C HIS B 417 23.10 -47.82 -37.59
N ASP B 418 22.55 -48.15 -38.76
CA ASP B 418 23.38 -48.50 -39.91
C ASP B 418 24.18 -47.28 -40.34
N LYS B 419 25.43 -47.51 -40.74
CA LYS B 419 26.29 -46.41 -41.16
C LYS B 419 25.87 -45.83 -42.50
N GLN B 420 25.03 -46.54 -43.26
CA GLN B 420 24.68 -46.13 -44.62
C GLN B 420 23.19 -45.98 -44.87
N THR B 421 22.35 -46.86 -44.31
CA THR B 421 20.92 -46.82 -44.59
C THR B 421 20.10 -46.13 -43.51
N GLY B 422 20.64 -45.99 -42.30
CA GLY B 422 19.92 -45.34 -41.23
C GLY B 422 18.95 -46.22 -40.47
N GLU B 423 19.03 -47.54 -40.66
CA GLU B 423 18.15 -48.44 -39.93
C GLU B 423 18.59 -48.56 -38.48
N LEU B 424 17.63 -48.42 -37.57
CA LEU B 424 17.91 -48.55 -36.15
C LEU B 424 18.07 -50.02 -35.78
N GLY B 425 18.76 -50.26 -34.68
CA GLY B 425 18.91 -51.61 -34.17
C GLY B 425 19.65 -51.61 -32.85
N LEU B 426 19.46 -52.70 -32.10
CA LEU B 426 20.08 -52.85 -30.79
C LEU B 426 21.41 -53.57 -30.92
N TYR B 427 22.41 -53.07 -30.20
CA TYR B 427 23.75 -53.65 -30.24
C TYR B 427 24.41 -53.49 -28.88
N ALA B 428 25.14 -54.52 -28.47
CA ALA B 428 25.91 -54.46 -27.24
C ALA B 428 27.20 -53.66 -27.43
N SER B 429 27.78 -53.69 -28.62
CA SER B 429 29.03 -53.00 -28.91
C SER B 429 29.07 -52.62 -30.38
N SER B 430 29.92 -51.65 -30.70
CA SER B 430 30.01 -51.15 -32.06
C SER B 430 30.82 -52.10 -32.93
N ASN B 431 30.79 -51.82 -34.24
CA ASN B 431 31.60 -52.54 -35.21
C ASN B 431 31.85 -51.61 -36.39
N ASP B 432 32.31 -52.17 -37.51
CA ASP B 432 32.61 -51.35 -38.68
C ASP B 432 31.36 -50.93 -39.44
N ALA B 433 30.21 -51.53 -39.15
CA ALA B 433 28.97 -51.21 -39.84
C ALA B 433 27.98 -50.43 -39.00
N VAL B 434 28.10 -50.45 -37.68
CA VAL B 434 27.14 -49.81 -36.79
C VAL B 434 27.89 -48.84 -35.88
N SER B 435 27.39 -47.61 -35.82
CA SER B 435 27.93 -46.56 -34.96
C SER B 435 26.95 -46.27 -33.84
N LEU B 436 27.48 -46.06 -32.64
CA LEU B 436 26.66 -45.83 -31.46
C LEU B 436 26.44 -44.36 -31.15
N ARG B 437 27.15 -43.47 -31.82
CA ARG B 437 27.12 -42.06 -31.43
C ARG B 437 25.80 -41.43 -31.88
N THR B 438 25.07 -40.85 -30.93
CA THR B 438 23.83 -40.16 -31.21
C THR B 438 23.80 -38.83 -30.48
N ILE B 439 23.33 -37.79 -31.16
CA ILE B 439 23.35 -36.44 -30.61
C ILE B 439 21.92 -35.91 -30.57
N THR B 440 21.60 -35.17 -29.51
CA THR B 440 20.28 -34.62 -29.31
C THR B 440 20.37 -33.10 -29.21
N ALA B 441 19.30 -32.43 -29.63
CA ALA B 441 19.25 -30.98 -29.58
C ALA B 441 17.81 -30.52 -29.62
N TYR B 442 17.54 -29.35 -29.05
CA TYR B 442 16.19 -28.81 -29.05
C TYR B 442 15.80 -28.33 -30.43
N THR B 443 14.50 -28.39 -30.72
CA THR B 443 13.98 -28.07 -32.04
C THR B 443 12.99 -26.92 -31.96
N ASP B 444 12.89 -26.21 -33.08
CA ASP B 444 11.99 -25.05 -33.21
C ASP B 444 10.80 -25.47 -34.06
N VAL B 445 9.79 -26.04 -33.41
CA VAL B 445 8.56 -26.43 -34.09
C VAL B 445 7.41 -25.57 -33.62
N PHE B 446 7.72 -24.45 -32.98
CA PHE B 446 6.70 -23.59 -32.38
C PHE B 446 6.36 -22.39 -33.26
N ASN B 447 6.84 -22.35 -34.49
CA ASN B 447 6.39 -21.33 -35.42
C ASN B 447 4.90 -21.49 -35.67
N ALA B 448 4.21 -20.37 -35.83
CA ALA B 448 2.80 -20.40 -36.18
C ALA B 448 2.62 -19.91 -37.61
N GLN B 449 2.02 -20.75 -38.45
CA GLN B 449 1.78 -20.37 -39.83
C GLN B 449 0.81 -19.20 -39.89
N GLU B 450 1.14 -18.21 -40.71
CA GLU B 450 0.33 -17.01 -40.80
C GLU B 450 -1.03 -17.32 -41.40
N SER B 451 -2.01 -16.48 -41.09
CA SER B 451 -3.40 -16.69 -41.47
C SER B 451 -3.81 -15.72 -42.56
N SER B 452 -4.52 -16.24 -43.56
CA SER B 452 -4.94 -15.43 -44.69
C SER B 452 -6.14 -14.56 -44.33
N PRO B 453 -6.25 -13.38 -44.95
CA PRO B 453 -7.32 -12.45 -44.58
C PRO B 453 -8.69 -12.94 -45.04
N ILE B 454 -9.72 -12.31 -44.50
CA ILE B 454 -11.09 -12.61 -44.90
C ILE B 454 -11.57 -11.53 -45.86
N LEU B 455 -12.45 -11.91 -46.78
CA LEU B 455 -12.98 -10.99 -47.80
C LEU B 455 -14.49 -10.87 -47.61
N GLY B 456 -14.95 -9.66 -47.33
CA GLY B 456 -16.38 -9.41 -47.23
C GLY B 456 -16.88 -9.08 -45.84
N TYR B 457 -18.04 -9.61 -45.50
CA TYR B 457 -18.64 -9.40 -44.19
C TYR B 457 -18.90 -10.75 -43.53
N THR B 458 -18.63 -10.81 -42.23
CA THR B 458 -18.73 -12.05 -41.47
C THR B 458 -20.05 -12.12 -40.70
N GLN B 459 -21.13 -12.40 -41.42
CA GLN B 459 -22.45 -12.53 -40.84
C GLN B 459 -23.14 -13.79 -41.36
N GLY B 460 -23.97 -14.39 -40.53
CA GLY B 460 -24.68 -15.59 -40.91
C GLY B 460 -23.89 -16.86 -40.68
N LYS B 461 -24.44 -17.96 -41.18
CA LYS B 461 -23.84 -19.27 -41.02
C LYS B 461 -22.55 -19.36 -41.83
N MET B 462 -21.57 -20.08 -41.29
CA MET B 462 -20.28 -20.30 -41.93
C MET B 462 -20.11 -21.77 -42.28
N ASN B 463 -19.63 -22.02 -43.49
CA ASN B 463 -19.40 -23.39 -43.97
C ASN B 463 -17.94 -23.55 -44.38
N GLN B 464 -17.47 -24.79 -44.33
CA GLN B 464 -16.11 -25.12 -44.70
C GLN B 464 -16.13 -26.26 -45.71
N GLN B 465 -15.51 -26.04 -46.88
CA GLN B 465 -15.53 -27.03 -47.94
C GLN B 465 -14.13 -27.13 -48.55
N ARG B 466 -13.69 -28.36 -48.79
CA ARG B 466 -12.37 -28.58 -49.36
C ARG B 466 -12.41 -28.49 -50.88
N VAL B 467 -11.33 -27.96 -51.46
CA VAL B 467 -11.22 -27.84 -52.90
C VAL B 467 -11.24 -29.23 -53.53
N GLY B 468 -11.94 -29.36 -54.64
CA GLY B 468 -12.04 -30.64 -55.32
C GLY B 468 -10.75 -31.10 -55.95
N GLN B 469 -10.74 -32.31 -56.50
CA GLN B 469 -9.54 -32.86 -57.12
C GLN B 469 -9.12 -32.06 -58.35
N ASP B 470 -10.09 -31.60 -59.15
CA ASP B 470 -9.78 -30.86 -60.36
C ASP B 470 -9.22 -29.47 -60.08
N ASN B 471 -9.25 -29.02 -58.83
CA ASN B 471 -8.72 -27.71 -58.43
C ASN B 471 -9.43 -26.58 -59.17
N ARG B 472 -10.74 -26.73 -59.36
CA ARG B 472 -11.55 -25.72 -60.03
C ARG B 472 -12.72 -25.34 -59.13
N LEU B 473 -13.03 -24.04 -59.13
CA LEU B 473 -14.03 -23.45 -58.25
C LEU B 473 -15.29 -23.11 -59.05
N TYR B 474 -16.45 -23.49 -58.52
CA TYR B 474 -17.73 -23.21 -59.13
C TYR B 474 -18.34 -21.97 -58.50
N VAL B 475 -18.70 -21.00 -59.34
CA VAL B 475 -19.29 -19.73 -58.88
C VAL B 475 -20.56 -19.48 -59.67
N ARG B 476 -21.64 -19.19 -58.96
CA ARG B 476 -22.90 -18.77 -59.56
C ARG B 476 -22.92 -17.25 -59.52
N ALA B 477 -22.81 -16.62 -60.70
CA ALA B 477 -22.59 -15.19 -60.80
C ALA B 477 -23.75 -14.49 -61.47
N GLY B 478 -24.25 -13.45 -60.82
CA GLY B 478 -25.23 -12.56 -61.40
C GLY B 478 -24.89 -11.12 -61.11
N ALA B 479 -25.86 -10.35 -60.62
CA ALA B 479 -25.54 -9.01 -60.11
C ALA B 479 -24.62 -9.11 -58.91
N ALA B 480 -24.86 -10.07 -58.03
CA ALA B 480 -23.96 -10.38 -56.93
C ALA B 480 -23.73 -11.89 -56.94
N ILE B 481 -22.72 -12.34 -56.20
CA ILE B 481 -22.35 -13.75 -56.19
C ILE B 481 -23.48 -14.53 -55.54
N ASP B 482 -23.94 -15.58 -56.22
CA ASP B 482 -25.06 -16.36 -55.70
C ASP B 482 -24.60 -17.42 -54.71
N ALA B 483 -23.57 -18.18 -55.06
CA ALA B 483 -23.09 -19.25 -54.19
C ALA B 483 -21.67 -19.60 -54.57
N LEU B 484 -21.00 -20.33 -53.66
CA LEU B 484 -19.66 -20.82 -53.89
C LEU B 484 -19.62 -22.30 -53.52
N GLY B 485 -18.63 -23.00 -54.07
CA GLY B 485 -18.48 -24.41 -53.74
C GLY B 485 -17.40 -25.03 -54.61
N SER B 486 -16.93 -26.20 -54.17
CA SER B 486 -15.92 -26.94 -54.89
C SER B 486 -16.51 -27.92 -55.89
N ALA B 487 -17.82 -28.11 -55.89
CA ALA B 487 -18.48 -28.98 -56.86
C ALA B 487 -19.87 -28.40 -57.16
N SER B 488 -20.37 -28.71 -58.35
CA SER B 488 -21.63 -28.12 -58.79
C SER B 488 -22.80 -28.50 -57.88
N ASP B 489 -22.69 -29.60 -57.14
CA ASP B 489 -23.75 -30.04 -56.25
C ASP B 489 -23.60 -29.52 -54.83
N LEU B 490 -22.49 -28.86 -54.51
CA LEU B 490 -22.21 -28.40 -53.14
C LEU B 490 -22.33 -26.90 -53.01
N LEU B 491 -23.15 -26.26 -53.83
CA LEU B 491 -23.31 -24.82 -53.77
C LEU B 491 -24.22 -24.43 -52.60
N VAL B 492 -23.77 -23.49 -51.78
CA VAL B 492 -24.58 -22.92 -50.71
C VAL B 492 -24.77 -21.44 -51.01
N GLY B 493 -26.03 -21.03 -51.16
CA GLY B 493 -26.32 -19.67 -51.53
C GLY B 493 -27.41 -19.55 -52.59
N GLY B 494 -27.26 -18.58 -53.49
CA GLY B 494 -28.28 -18.28 -54.48
C GLY B 494 -28.27 -19.23 -55.65
N ASN B 495 -29.25 -19.05 -56.53
CA ASN B 495 -29.44 -19.89 -57.70
C ASN B 495 -29.58 -19.12 -59.00
N GLY B 496 -29.70 -17.79 -58.95
CA GLY B 496 -29.93 -17.00 -60.15
C GLY B 496 -28.69 -16.68 -60.95
N GLY B 497 -27.52 -17.15 -60.51
CA GLY B 497 -26.28 -16.84 -61.19
C GLY B 497 -26.02 -17.70 -62.40
N SER B 498 -24.91 -17.38 -63.08
CA SER B 498 -24.48 -18.15 -64.24
C SER B 498 -23.38 -19.12 -63.84
N LEU B 499 -23.60 -20.41 -64.08
CA LEU B 499 -22.64 -21.43 -63.69
C LEU B 499 -21.39 -21.32 -64.54
N SER B 500 -20.22 -21.44 -63.90
CA SER B 500 -18.94 -21.40 -64.58
C SER B 500 -17.90 -22.08 -63.71
N SER B 501 -16.67 -22.15 -64.23
CA SER B 501 -15.57 -22.76 -63.49
C SER B 501 -14.31 -21.96 -63.74
N VAL B 502 -13.60 -21.63 -62.66
CA VAL B 502 -12.37 -20.84 -62.73
C VAL B 502 -11.24 -21.65 -62.14
N ASP B 503 -10.15 -21.75 -62.89
CA ASP B 503 -8.98 -22.48 -62.41
C ASP B 503 -8.30 -21.68 -61.30
N LEU B 504 -8.04 -22.35 -60.18
CA LEU B 504 -7.38 -21.72 -59.04
C LEU B 504 -5.87 -21.91 -59.06
N SER B 505 -5.32 -22.61 -60.05
CA SER B 505 -3.89 -22.86 -60.12
C SER B 505 -3.17 -21.60 -60.59
N GLY B 506 -2.07 -21.29 -59.93
CA GLY B 506 -1.27 -20.14 -60.32
C GLY B 506 -1.89 -18.79 -60.02
N VAL B 507 -2.87 -18.74 -59.13
CA VAL B 507 -3.48 -17.46 -58.77
C VAL B 507 -2.49 -16.63 -57.96
N LYS B 508 -2.15 -15.45 -58.47
CA LYS B 508 -1.25 -14.55 -57.77
C LYS B 508 -1.95 -13.64 -56.78
N SER B 509 -3.23 -13.35 -57.01
CA SER B 509 -3.97 -12.46 -56.12
C SER B 509 -5.46 -12.59 -56.40
N ILE B 510 -6.26 -12.17 -55.44
CA ILE B 510 -7.71 -12.14 -55.56
C ILE B 510 -8.20 -10.78 -55.10
N THR B 511 -9.07 -10.17 -55.91
CA THR B 511 -9.63 -8.86 -55.63
C THR B 511 -11.11 -9.02 -55.33
N ALA B 512 -11.51 -8.80 -54.08
CA ALA B 512 -12.89 -8.93 -53.67
C ALA B 512 -13.49 -7.56 -53.38
N THR B 513 -14.75 -7.39 -53.78
CA THR B 513 -15.48 -6.15 -53.57
C THR B 513 -16.79 -6.45 -52.86
N SER B 514 -17.06 -5.68 -51.80
CA SER B 514 -18.27 -5.87 -51.02
C SER B 514 -18.87 -4.51 -50.69
N GLY B 515 -20.17 -4.50 -50.43
CA GLY B 515 -20.86 -3.26 -50.13
C GLY B 515 -22.36 -3.49 -50.07
N ASP B 516 -23.09 -2.38 -50.07
CA ASP B 516 -24.55 -2.42 -49.97
C ASP B 516 -25.15 -2.75 -51.33
N PHE B 517 -25.85 -3.87 -51.41
CA PHE B 517 -26.49 -4.27 -52.66
C PHE B 517 -27.62 -3.30 -52.99
N GLN B 518 -27.90 -3.14 -54.29
CA GLN B 518 -28.93 -2.20 -54.72
C GLN B 518 -30.30 -2.57 -54.15
N TYR B 519 -30.63 -3.86 -54.19
CA TYR B 519 -31.93 -4.31 -53.68
C TYR B 519 -31.97 -4.29 -52.16
N GLY B 520 -30.89 -4.64 -51.48
CA GLY B 520 -30.88 -4.61 -50.04
C GLY B 520 -29.79 -5.44 -49.39
N GLY B 521 -29.34 -5.02 -48.21
CA GLY B 521 -28.33 -5.75 -47.47
C GLY B 521 -26.93 -5.49 -47.98
N GLN B 522 -25.99 -6.22 -47.41
CA GLN B 522 -24.58 -6.15 -47.80
C GLN B 522 -24.19 -7.50 -48.40
N GLN B 523 -23.57 -7.46 -49.58
CA GLN B 523 -23.24 -8.69 -50.30
C GLN B 523 -21.83 -8.56 -50.89
N LEU B 524 -21.29 -9.71 -51.27
CA LEU B 524 -20.08 -9.78 -52.08
C LEU B 524 -20.52 -9.72 -53.54
N VAL B 525 -19.95 -8.79 -54.32
CA VAL B 525 -20.45 -8.54 -55.66
C VAL B 525 -19.47 -8.84 -56.77
N ALA B 526 -18.16 -8.70 -56.54
CA ALA B 526 -17.22 -8.83 -57.64
C ALA B 526 -15.95 -9.52 -57.17
N LEU B 527 -15.43 -10.41 -58.00
CA LEU B 527 -14.18 -11.10 -57.77
C LEU B 527 -13.35 -11.08 -59.03
N THR B 528 -12.10 -10.63 -58.92
CA THR B 528 -11.19 -10.50 -60.05
C THR B 528 -9.95 -11.33 -59.76
N PHE B 529 -9.69 -12.34 -60.59
CA PHE B 529 -8.60 -13.27 -60.38
C PHE B 529 -7.43 -12.93 -61.29
N THR B 530 -6.28 -12.68 -60.69
CA THR B 530 -5.06 -12.36 -61.42
C THR B 530 -4.05 -13.47 -61.21
N TYR B 531 -3.49 -13.98 -62.28
CA TYR B 531 -2.51 -15.05 -62.23
C TYR B 531 -1.10 -14.47 -62.26
N GLN B 532 -0.15 -15.26 -61.74
CA GLN B 532 1.25 -14.82 -61.77
C GLN B 532 1.79 -14.78 -63.18
N ASP B 533 1.18 -15.52 -64.11
CA ASP B 533 1.62 -15.49 -65.49
C ASP B 533 1.24 -14.21 -66.21
N GLY B 534 0.11 -13.59 -65.85
CA GLY B 534 -0.29 -12.31 -66.40
C GLY B 534 -1.71 -12.25 -66.93
N ARG B 535 -2.39 -13.38 -67.06
CA ARG B 535 -3.76 -13.37 -67.55
C ARG B 535 -4.74 -13.06 -66.43
N GLN B 536 -5.89 -12.49 -66.80
CA GLN B 536 -6.93 -12.11 -65.85
C GLN B 536 -8.27 -12.68 -66.28
N GLN B 537 -9.21 -12.68 -65.33
CA GLN B 537 -10.57 -13.12 -65.58
C GLN B 537 -11.45 -12.59 -64.45
N THR B 538 -12.65 -12.11 -64.80
CA THR B 538 -13.52 -11.45 -63.85
C THR B 538 -14.92 -12.03 -63.93
N VAL B 539 -15.54 -12.23 -62.76
CA VAL B 539 -16.92 -12.67 -62.65
C VAL B 539 -17.66 -11.68 -61.77
N GLY B 540 -18.99 -11.64 -61.91
CA GLY B 540 -19.79 -10.68 -61.17
C GLY B 540 -19.81 -9.33 -61.83
N SER B 541 -20.56 -8.40 -61.21
CA SER B 541 -20.73 -7.06 -61.72
C SER B 541 -20.38 -6.03 -60.64
N LYS B 542 -19.64 -5.00 -61.04
CA LYS B 542 -19.19 -3.96 -60.14
C LYS B 542 -20.02 -2.68 -60.22
N ALA B 543 -21.05 -2.66 -61.07
CA ALA B 543 -21.75 -1.42 -61.36
C ALA B 543 -23.15 -1.33 -60.75
N TYR B 544 -23.57 -2.32 -59.96
CA TYR B 544 -24.87 -2.31 -59.32
C TYR B 544 -24.76 -2.26 -57.80
N VAL B 545 -23.75 -1.57 -57.28
CA VAL B 545 -23.47 -1.54 -55.85
C VAL B 545 -22.99 -0.16 -55.45
N THR B 546 -23.32 0.26 -54.24
CA THR B 546 -22.86 1.51 -53.66
C THR B 546 -22.11 1.24 -52.36
N ASN B 547 -21.32 2.23 -51.94
CA ASN B 547 -20.54 2.15 -50.71
C ASN B 547 -19.64 0.92 -50.71
N ALA B 548 -18.98 0.70 -51.84
CA ALA B 548 -18.16 -0.49 -52.01
C ALA B 548 -16.83 -0.32 -51.29
N HIS B 549 -16.24 -1.46 -50.92
CA HIS B 549 -14.92 -1.50 -50.34
C HIS B 549 -14.09 -2.59 -51.01
N GLU B 550 -12.79 -2.33 -51.14
CA GLU B 550 -11.88 -3.23 -51.84
C GLU B 550 -10.95 -3.90 -50.84
N ASP B 551 -10.89 -5.22 -50.86
CA ASP B 551 -9.95 -5.99 -50.07
C ASP B 551 -9.12 -6.87 -50.99
N ARG B 552 -7.83 -6.98 -50.70
CA ARG B 552 -6.91 -7.72 -51.54
C ARG B 552 -6.26 -8.84 -50.74
N PHE B 553 -6.01 -9.97 -51.40
CA PHE B 553 -5.38 -11.14 -50.80
C PHE B 553 -4.30 -11.65 -51.74
N ASP B 554 -3.04 -11.45 -51.38
CA ASP B 554 -1.91 -11.82 -52.21
C ASP B 554 -1.32 -13.13 -51.70
N LEU B 555 -1.38 -14.17 -52.52
CA LEU B 555 -0.79 -15.45 -52.16
C LEU B 555 0.73 -15.36 -52.24
N PRO B 556 1.45 -15.88 -51.25
CA PRO B 556 2.90 -16.03 -51.39
C PRO B 556 3.23 -16.98 -52.52
N ASP B 557 4.45 -16.85 -53.03
CA ASP B 557 4.87 -17.61 -54.20
C ASP B 557 4.84 -19.11 -53.92
N ALA B 558 4.47 -19.87 -54.95
CA ALA B 558 4.49 -21.34 -54.91
C ALA B 558 3.58 -21.90 -53.81
N ALA B 559 2.29 -21.62 -53.95
CA ALA B 559 1.28 -22.10 -53.01
C ALA B 559 0.06 -22.61 -53.76
N LYS B 560 -0.72 -23.45 -53.09
CA LYS B 560 -1.95 -24.00 -53.65
C LYS B 560 -3.11 -23.73 -52.71
N ILE B 561 -4.22 -23.24 -53.27
CA ILE B 561 -5.43 -23.02 -52.48
C ILE B 561 -6.06 -24.35 -52.13
N THR B 562 -6.38 -24.54 -50.85
CA THR B 562 -6.83 -25.84 -50.37
C THR B 562 -8.22 -25.84 -49.74
N GLN B 563 -8.62 -24.78 -49.04
CA GLN B 563 -9.90 -24.77 -48.35
C GLN B 563 -10.67 -23.49 -48.68
N LEU B 564 -11.98 -23.63 -48.77
CA LEU B 564 -12.88 -22.52 -48.98
C LEU B 564 -13.84 -22.41 -47.81
N LYS B 565 -13.92 -21.22 -47.21
CA LYS B 565 -14.88 -20.93 -46.16
C LYS B 565 -15.89 -19.96 -46.74
N ILE B 566 -17.18 -20.28 -46.59
CA ILE B 566 -18.25 -19.55 -47.25
C ILE B 566 -19.14 -18.92 -46.19
N TRP B 567 -19.26 -17.59 -46.23
CA TRP B 567 -20.21 -16.85 -45.40
C TRP B 567 -21.43 -16.54 -46.25
N ALA B 568 -22.54 -17.24 -45.99
CA ALA B 568 -23.73 -17.03 -46.81
C ALA B 568 -24.96 -17.52 -46.07
N ASP B 569 -26.02 -16.71 -46.14
CA ASP B 569 -27.35 -17.16 -45.74
C ASP B 569 -28.06 -17.73 -46.96
N ASP B 570 -29.36 -17.92 -46.86
CA ASP B 570 -30.13 -18.57 -47.92
C ASP B 570 -30.05 -17.85 -49.27
N TRP B 571 -29.82 -16.55 -49.28
CA TRP B 571 -29.84 -15.81 -50.54
C TRP B 571 -28.46 -15.66 -51.17
N LEU B 572 -27.54 -14.96 -50.49
CA LEU B 572 -26.33 -14.53 -51.14
C LEU B 572 -25.13 -14.70 -50.23
N VAL B 573 -23.94 -14.67 -50.83
CA VAL B 573 -22.70 -14.81 -50.09
C VAL B 573 -22.25 -13.47 -49.54
N LYS B 574 -21.99 -13.43 -48.24
CA LYS B 574 -21.52 -12.21 -47.59
C LYS B 574 -20.03 -12.19 -47.31
N GLY B 575 -19.34 -13.32 -47.44
CA GLY B 575 -17.91 -13.35 -47.21
C GLY B 575 -17.32 -14.68 -47.61
N VAL B 576 -16.02 -14.68 -47.83
CA VAL B 576 -15.30 -15.88 -48.24
C VAL B 576 -13.82 -15.72 -47.88
N GLN B 577 -13.23 -16.80 -47.37
CA GLN B 577 -11.84 -16.79 -46.94
C GLN B 577 -11.10 -17.91 -47.66
N PHE B 578 -9.92 -17.60 -48.19
CA PHE B 578 -9.12 -18.57 -48.94
C PHE B 578 -7.90 -18.95 -48.11
N ASP B 579 -7.89 -20.19 -47.61
CA ASP B 579 -6.77 -20.69 -46.83
C ASP B 579 -5.68 -21.23 -47.75
N LEU B 580 -4.47 -21.34 -47.22
CA LEU B 580 -3.35 -21.93 -47.94
C LEU B 580 -2.88 -23.20 -47.24
N ASN B 581 -2.22 -24.06 -48.01
CA ASN B 581 -1.56 -25.27 -47.51
C ASN B 581 -2.53 -26.27 -46.88
N THR C 1 6.70 -32.62 -7.40
CA THR C 1 6.66 -34.07 -7.31
C THR C 1 6.87 -34.53 -5.86
N ASN C 2 6.78 -33.59 -4.94
CA ASN C 2 6.90 -33.89 -3.51
C ASN C 2 5.85 -33.19 -2.66
N THR C 3 5.07 -32.28 -3.23
CA THR C 3 4.09 -31.50 -2.48
C THR C 3 2.72 -32.18 -2.50
N LEU C 4 1.70 -31.39 -2.21
CA LEU C 4 0.35 -31.90 -2.05
C LEU C 4 -0.16 -32.47 -3.36
N PRO C 5 -1.01 -33.49 -3.34
CA PRO C 5 -1.68 -33.94 -4.56
C PRO C 5 -2.96 -33.17 -4.81
N HIS C 6 -3.39 -33.19 -6.08
CA HIS C 6 -4.62 -32.52 -6.47
C HIS C 6 -5.27 -33.26 -7.64
N VAL C 7 -6.60 -33.31 -7.63
CA VAL C 7 -7.38 -33.79 -8.76
C VAL C 7 -8.29 -32.67 -9.21
N ALA C 8 -8.23 -32.33 -10.50
CA ALA C 8 -8.99 -31.19 -11.00
C ALA C 8 -9.68 -31.57 -12.31
N PHE C 9 -10.95 -31.22 -12.43
CA PHE C 9 -11.68 -31.44 -13.66
C PHE C 9 -12.81 -30.43 -13.74
N TYR C 10 -13.21 -30.13 -14.96
CA TYR C 10 -14.21 -29.10 -15.22
C TYR C 10 -15.60 -29.69 -15.30
N ILE C 11 -16.60 -28.84 -15.06
CA ILE C 11 -18.00 -29.18 -15.25
C ILE C 11 -18.61 -28.14 -16.16
N SER C 12 -19.06 -28.56 -17.34
CA SER C 12 -19.71 -27.63 -18.25
C SER C 12 -21.21 -27.70 -18.05
N VAL C 13 -21.83 -26.54 -17.85
CA VAL C 13 -23.25 -26.43 -17.61
C VAL C 13 -23.84 -25.62 -18.76
N ASN C 14 -24.47 -26.30 -19.72
CA ASN C 14 -25.11 -25.64 -20.85
C ASN C 14 -26.58 -25.99 -20.88
N ARG C 15 -27.41 -25.00 -21.19
CA ARG C 15 -28.85 -25.19 -21.25
C ARG C 15 -29.42 -24.09 -22.13
N ALA C 16 -29.78 -24.41 -23.36
CA ALA C 16 -30.43 -23.44 -24.22
C ALA C 16 -31.83 -23.18 -23.71
N ILE C 17 -32.26 -21.92 -23.79
CA ILE C 17 -33.60 -21.52 -23.39
C ILE C 17 -34.43 -21.31 -24.64
N SER C 18 -35.44 -22.17 -24.83
CA SER C 18 -36.30 -22.02 -25.99
C SER C 18 -37.11 -20.74 -25.87
N ASP C 19 -37.50 -20.20 -27.03
CA ASP C 19 -38.36 -19.02 -27.05
C ASP C 19 -39.70 -19.33 -26.40
N GLU C 20 -40.16 -20.58 -26.49
CA GLU C 20 -41.44 -20.95 -25.90
C GLU C 20 -41.40 -20.78 -24.38
N GLU C 21 -40.27 -21.14 -23.75
CA GLU C 21 -40.14 -20.94 -22.32
C GLU C 21 -40.18 -19.47 -21.94
N CYS C 22 -39.92 -18.59 -22.90
CA CYS C 22 -39.94 -17.15 -22.67
C CYS C 22 -41.27 -16.51 -23.06
N THR C 23 -42.31 -17.31 -23.26
CA THR C 23 -43.62 -16.80 -23.63
C THR C 23 -44.37 -16.32 -22.39
N PHE C 24 -44.85 -15.09 -22.44
CA PHE C 24 -45.61 -14.51 -21.34
C PHE C 24 -46.76 -13.72 -21.91
N ASN C 25 -47.71 -13.36 -21.05
CA ASN C 25 -48.85 -12.58 -21.48
C ASN C 25 -48.40 -11.18 -21.89
N ASN C 26 -48.88 -10.73 -23.04
CA ASN C 26 -48.47 -9.42 -23.56
C ASN C 26 -48.91 -8.28 -22.67
N SER C 27 -49.94 -8.50 -21.84
CA SER C 27 -50.35 -7.52 -20.86
C SER C 27 -50.79 -8.25 -19.60
N TRP C 28 -50.68 -7.57 -18.47
CA TRP C 28 -51.07 -8.14 -17.18
C TRP C 28 -52.51 -7.84 -16.82
N LEU C 29 -53.02 -6.65 -17.18
CA LEU C 29 -54.40 -6.32 -16.91
C LEU C 29 -55.34 -7.01 -17.90
N TRP C 30 -54.87 -7.28 -19.10
CA TRP C 30 -55.73 -7.70 -20.21
C TRP C 30 -55.26 -8.99 -20.85
N LYS C 31 -55.00 -10.01 -20.02
CA LYS C 31 -54.40 -11.26 -20.47
C LYS C 31 -55.04 -11.82 -21.74
N ASN C 32 -56.33 -12.15 -21.67
CA ASN C 32 -56.94 -12.95 -22.74
C ASN C 32 -57.21 -12.15 -24.00
N GLU C 33 -57.30 -10.81 -23.91
CA GLU C 33 -57.66 -10.03 -25.09
C GLU C 33 -56.50 -9.91 -26.07
N LYS C 34 -55.27 -9.74 -25.57
CA LYS C 34 -54.16 -9.33 -26.43
C LYS C 34 -53.20 -10.46 -26.77
N GLY C 35 -53.23 -11.57 -26.05
CA GLY C 35 -52.38 -12.70 -26.40
C GLY C 35 -51.01 -12.69 -25.75
N SER C 36 -50.07 -13.37 -26.40
CA SER C 36 -48.77 -13.63 -25.83
C SER C 36 -47.69 -13.52 -26.90
N ARG C 37 -46.46 -13.30 -26.47
CA ARG C 37 -45.32 -13.16 -27.38
C ARG C 37 -44.05 -13.50 -26.63
N PRO C 38 -42.97 -13.82 -27.35
CA PRO C 38 -41.69 -14.09 -26.68
C PRO C 38 -41.16 -12.85 -25.98
N PHE C 39 -40.45 -13.06 -24.87
CA PHE C 39 -39.88 -11.97 -24.11
C PHE C 39 -38.36 -12.05 -24.00
N CYS C 40 -37.75 -13.14 -24.45
CA CYS C 40 -36.30 -13.23 -24.45
C CYS C 40 -35.85 -14.02 -25.66
N LYS C 41 -34.86 -13.50 -26.37
CA LYS C 41 -34.42 -14.05 -27.64
C LYS C 41 -33.04 -14.68 -27.47
N ASP C 42 -32.92 -15.96 -27.84
CA ASP C 42 -31.64 -16.67 -27.83
C ASP C 42 -31.01 -16.68 -26.45
N ALA C 43 -31.83 -16.79 -25.42
CA ALA C 43 -31.31 -16.87 -24.06
C ALA C 43 -30.50 -18.14 -23.88
N ASN C 44 -29.43 -18.05 -23.11
CA ASN C 44 -28.55 -19.19 -22.91
C ASN C 44 -27.90 -19.12 -21.56
N ILE C 45 -27.63 -20.29 -20.98
CA ILE C 45 -26.92 -20.41 -19.72
C ILE C 45 -25.66 -21.21 -19.99
N SER C 46 -24.50 -20.64 -19.65
CA SER C 46 -23.22 -21.31 -19.89
C SER C 46 -22.24 -20.86 -18.80
N LEU C 47 -22.01 -21.71 -17.82
CA LEU C 47 -20.99 -21.51 -16.81
C LEU C 47 -20.04 -22.69 -16.85
N ILE C 48 -18.85 -22.50 -16.30
CA ILE C 48 -17.86 -23.56 -16.24
C ILE C 48 -17.27 -23.58 -14.83
N TYR C 49 -17.68 -24.56 -14.03
CA TYR C 49 -17.17 -24.71 -12.67
C TYR C 49 -15.80 -25.37 -12.67
N ARG C 50 -15.08 -25.19 -11.58
CA ARG C 50 -13.83 -25.89 -11.33
C ARG C 50 -13.98 -26.70 -10.06
N VAL C 51 -13.61 -27.97 -10.11
CA VAL C 51 -13.71 -28.86 -8.98
C VAL C 51 -12.30 -29.29 -8.58
N ASN C 52 -11.99 -29.15 -7.30
CA ASN C 52 -10.71 -29.59 -6.78
C ASN C 52 -10.91 -30.53 -5.60
N LEU C 53 -10.22 -31.66 -5.64
CA LEU C 53 -10.18 -32.60 -4.53
C LEU C 53 -8.76 -32.62 -3.99
N GLU C 54 -8.63 -32.47 -2.67
CA GLU C 54 -7.31 -32.38 -2.07
C GLU C 54 -7.40 -32.76 -0.60
N ARG C 55 -6.36 -33.39 -0.10
CA ARG C 55 -6.25 -33.58 1.33
C ARG C 55 -5.40 -32.48 1.94
N SER C 56 -5.88 -31.94 3.07
CA SER C 56 -5.26 -30.76 3.65
C SER C 56 -3.89 -31.04 4.24
N LEU C 57 -3.48 -32.30 4.36
CA LEU C 57 -2.16 -32.64 4.85
C LEU C 57 -1.54 -33.70 3.95
N GLN C 58 -0.24 -33.60 3.76
CA GLN C 58 0.49 -34.65 3.06
C GLN C 58 0.48 -35.91 3.92
N TYR C 59 0.57 -37.06 3.25
CA TYR C 59 0.56 -38.33 3.97
C TYR C 59 1.79 -38.45 4.85
N GLY C 60 1.59 -38.86 6.10
CA GLY C 60 2.70 -39.07 7.00
C GLY C 60 3.11 -37.87 7.82
N ILE C 61 2.56 -36.70 7.57
CA ILE C 61 2.86 -35.55 8.41
C ILE C 61 2.00 -35.60 9.66
N VAL C 62 2.64 -35.48 10.81
CA VAL C 62 2.00 -35.69 12.10
C VAL C 62 1.96 -34.38 12.86
N GLY C 63 0.76 -33.99 13.28
CA GLY C 63 0.61 -32.85 14.15
C GLY C 63 0.75 -31.50 13.48
N SER C 64 0.53 -31.41 12.18
CA SER C 64 0.55 -30.11 11.54
C SER C 64 -0.62 -29.26 12.04
N ALA C 65 -0.40 -27.94 12.04
CA ALA C 65 -1.36 -27.01 12.65
C ALA C 65 -2.70 -26.99 11.93
N THR C 66 -2.78 -27.46 10.69
CA THR C 66 -4.04 -27.52 9.97
C THR C 66 -4.70 -28.85 10.26
N PRO C 67 -5.96 -28.86 10.69
CA PRO C 67 -6.58 -30.13 11.10
C PRO C 67 -6.66 -31.13 9.95
N ASP C 68 -6.50 -32.40 10.29
CA ASP C 68 -6.56 -33.44 9.29
C ASP C 68 -8.00 -33.69 8.86
N ALA C 69 -8.28 -33.50 7.58
CA ALA C 69 -9.61 -33.71 7.03
C ALA C 69 -9.50 -33.75 5.52
N LYS C 70 -10.55 -34.25 4.88
CA LYS C 70 -10.62 -34.37 3.43
C LYS C 70 -11.46 -33.23 2.87
N ILE C 71 -10.95 -32.57 1.84
CA ILE C 71 -11.51 -31.33 1.34
C ILE C 71 -12.02 -31.52 -0.07
N VAL C 72 -13.27 -31.11 -0.30
CA VAL C 72 -13.87 -31.06 -1.63
C VAL C 72 -14.20 -29.60 -1.91
N ARG C 73 -13.70 -29.08 -3.03
CA ARG C 73 -13.80 -27.66 -3.35
C ARG C 73 -14.54 -27.46 -4.66
N ILE C 74 -15.57 -26.62 -4.63
CA ILE C 74 -16.31 -26.21 -5.82
C ILE C 74 -16.28 -24.69 -5.86
N SER C 75 -15.76 -24.12 -6.95
CA SER C 75 -15.50 -22.69 -6.93
C SER C 75 -15.63 -22.09 -8.32
N LEU C 76 -15.89 -20.78 -8.34
CA LEU C 76 -15.79 -19.92 -9.52
C LEU C 76 -15.00 -18.69 -9.11
N ASP C 77 -13.94 -18.37 -9.85
CA ASP C 77 -13.15 -17.20 -9.56
C ASP C 77 -12.72 -16.55 -10.87
N ASP C 78 -11.75 -15.65 -10.78
CA ASP C 78 -11.26 -14.96 -11.97
C ASP C 78 -10.65 -15.95 -12.95
N ASP C 79 -10.11 -17.06 -12.46
CA ASP C 79 -9.43 -18.02 -13.31
C ASP C 79 -10.37 -18.85 -14.17
N SER C 80 -11.63 -19.01 -13.77
CA SER C 80 -12.58 -19.77 -14.59
C SER C 80 -14.02 -19.40 -14.25
N THR C 81 -14.70 -18.75 -15.19
CA THR C 81 -16.09 -18.34 -14.97
C THR C 81 -17.01 -18.96 -16.00
N GLY C 82 -16.73 -18.72 -17.27
CA GLY C 82 -17.61 -19.15 -18.32
C GLY C 82 -18.30 -17.99 -19.02
N ALA C 83 -19.10 -18.33 -20.03
CA ALA C 83 -19.74 -17.32 -20.85
C ALA C 83 -20.65 -16.43 -20.01
N GLY C 84 -21.46 -17.04 -19.16
CA GLY C 84 -22.36 -16.28 -18.31
C GLY C 84 -23.81 -16.62 -18.54
N ILE C 85 -24.70 -15.68 -18.22
CA ILE C 85 -26.13 -15.85 -18.40
C ILE C 85 -26.63 -14.72 -19.28
N HIS C 86 -27.39 -15.07 -20.31
CA HIS C 86 -27.88 -14.09 -21.28
C HIS C 86 -29.39 -14.21 -21.41
N LEU C 87 -30.05 -13.07 -21.55
CA LEU C 87 -31.49 -13.03 -21.76
C LEU C 87 -31.93 -12.22 -22.96
N ASN C 88 -31.27 -11.10 -23.26
CA ASN C 88 -31.58 -10.31 -24.44
C ASN C 88 -30.38 -9.47 -24.79
N ASP C 89 -30.42 -8.85 -25.97
CA ASP C 89 -29.36 -7.96 -26.41
C ASP C 89 -29.71 -6.49 -26.24
N GLN C 90 -30.96 -6.11 -26.45
CA GLN C 90 -31.44 -4.78 -26.08
C GLN C 90 -32.92 -4.90 -25.76
N LEU C 91 -33.41 -3.95 -24.98
CA LEU C 91 -34.79 -3.99 -24.49
C LEU C 91 -35.65 -3.11 -25.37
N GLY C 92 -36.62 -3.73 -26.07
CA GLY C 92 -37.65 -3.02 -26.78
C GLY C 92 -38.95 -3.03 -25.99
N TYR C 93 -39.97 -2.43 -26.59
CA TYR C 93 -41.26 -2.39 -25.93
C TYR C 93 -42.37 -2.33 -26.97
N ARG C 94 -43.53 -2.86 -26.59
CA ARG C 94 -44.74 -2.70 -27.36
C ARG C 94 -45.80 -2.07 -26.47
N GLN C 95 -46.51 -1.10 -27.03
CA GLN C 95 -47.49 -0.32 -26.29
C GLN C 95 -48.88 -0.84 -26.55
N PHE C 96 -49.72 -0.81 -25.53
CA PHE C 96 -51.08 -1.31 -25.63
C PHE C 96 -52.06 -0.26 -25.14
N GLY C 97 -53.23 -0.22 -25.76
CA GLY C 97 -54.24 0.75 -25.42
C GLY C 97 -55.54 0.07 -25.01
N ALA C 98 -56.41 0.86 -24.41
CA ALA C 98 -57.68 0.33 -23.92
C ALA C 98 -58.62 0.04 -25.07
N SER C 99 -59.04 -1.21 -25.19
CA SER C 99 -59.98 -1.58 -26.24
C SER C 99 -61.37 -1.01 -25.96
N TYR C 100 -61.79 -0.99 -24.69
CA TYR C 100 -63.06 -0.40 -24.31
C TYR C 100 -62.84 0.98 -23.69
N THR C 101 -63.92 1.72 -23.50
CA THR C 101 -63.84 3.06 -22.94
C THR C 101 -63.49 3.02 -21.46
N THR C 102 -62.56 3.87 -21.07
CA THR C 102 -62.11 3.94 -19.68
C THR C 102 -62.13 5.40 -19.24
N LEU C 103 -62.73 5.66 -18.08
CA LEU C 103 -62.78 7.00 -17.50
C LEU C 103 -61.95 7.10 -16.23
N ASP C 104 -62.20 6.22 -15.25
CA ASP C 104 -61.41 6.17 -14.02
C ASP C 104 -60.95 4.72 -13.84
N ALA C 105 -59.84 4.38 -14.50
CA ALA C 105 -59.27 3.04 -14.48
C ALA C 105 -57.98 3.09 -15.29
N TYR C 106 -57.30 1.95 -15.36
CA TYR C 106 -56.14 1.83 -16.23
C TYR C 106 -56.58 1.74 -17.68
N PHE C 107 -55.91 2.50 -18.56
CA PHE C 107 -56.23 2.49 -19.97
C PHE C 107 -55.03 2.35 -20.89
N ARG C 108 -53.81 2.40 -20.38
CA ARG C 108 -52.62 2.10 -21.17
C ARG C 108 -51.70 1.20 -20.37
N GLU C 109 -51.18 0.17 -21.04
CA GLU C 109 -50.33 -0.81 -20.37
C GLU C 109 -49.13 -1.08 -21.25
N TRP C 110 -47.96 -1.22 -20.62
CA TRP C 110 -46.69 -1.36 -21.33
C TRP C 110 -46.05 -2.68 -20.97
N SER C 111 -45.43 -3.33 -21.96
CA SER C 111 -44.66 -4.55 -21.76
C SER C 111 -43.20 -4.26 -22.07
N THR C 112 -42.33 -4.55 -21.12
CA THR C 112 -40.91 -4.32 -21.27
C THR C 112 -40.18 -5.66 -21.40
N ASP C 113 -39.22 -5.73 -22.32
CA ASP C 113 -38.47 -6.96 -22.54
C ASP C 113 -37.88 -7.47 -21.23
N ALA C 114 -37.77 -8.79 -21.13
CA ALA C 114 -37.51 -9.45 -19.87
C ALA C 114 -36.17 -9.04 -19.28
N ILE C 115 -36.12 -9.00 -17.95
CA ILE C 115 -34.89 -8.78 -17.21
C ILE C 115 -34.78 -9.87 -16.14
N ALA C 116 -33.56 -10.07 -15.66
CA ALA C 116 -33.30 -11.11 -14.67
C ALA C 116 -33.63 -10.57 -13.28
N GLN C 117 -34.74 -11.04 -12.72
CA GLN C 117 -35.13 -10.59 -11.39
C GLN C 117 -34.09 -10.99 -10.35
N ASP C 118 -33.59 -12.22 -10.44
CA ASP C 118 -32.60 -12.70 -9.49
C ASP C 118 -31.95 -13.96 -10.04
N TYR C 119 -30.65 -14.09 -9.76
CA TYR C 119 -29.91 -15.29 -10.09
C TYR C 119 -29.78 -16.13 -8.83
N ARG C 120 -29.84 -17.45 -9.00
CA ARG C 120 -29.79 -18.35 -7.86
C ARG C 120 -28.86 -19.51 -8.16
N PHE C 121 -28.06 -19.89 -7.16
CA PHE C 121 -27.16 -21.03 -7.28
C PHE C 121 -27.32 -21.87 -6.02
N VAL C 122 -27.44 -23.19 -6.20
CA VAL C 122 -27.76 -24.10 -5.10
C VAL C 122 -26.71 -25.20 -5.05
N PHE C 123 -26.20 -25.49 -3.87
CA PHE C 123 -25.31 -26.62 -3.63
C PHE C 123 -25.96 -27.57 -2.64
N ASN C 124 -25.94 -28.86 -2.94
CA ASN C 124 -26.58 -29.85 -2.09
C ASN C 124 -25.65 -31.03 -1.87
N ALA C 125 -25.63 -31.55 -0.64
CA ALA C 125 -24.94 -32.79 -0.35
C ALA C 125 -25.93 -33.94 -0.40
N SER C 126 -25.49 -35.06 -0.95
CA SER C 126 -26.41 -36.18 -1.16
C SER C 126 -26.75 -36.89 0.15
N ASN C 127 -25.84 -36.88 1.11
CA ASN C 127 -26.07 -37.53 2.40
C ASN C 127 -25.51 -36.65 3.50
N ASN C 128 -25.36 -37.21 4.69
CA ASN C 128 -24.82 -36.47 5.82
C ASN C 128 -23.33 -36.71 6.02
N LYS C 129 -22.67 -37.42 5.10
CA LYS C 129 -21.25 -37.70 5.26
C LYS C 129 -20.39 -36.48 5.05
N ALA C 130 -20.94 -35.39 4.51
CA ALA C 130 -20.18 -34.20 4.20
C ALA C 130 -20.77 -33.01 4.93
N GLN C 131 -19.93 -32.01 5.20
CA GLN C 131 -20.36 -30.78 5.85
C GLN C 131 -19.75 -29.58 5.14
N ILE C 132 -20.40 -28.43 5.30
CA ILE C 132 -19.90 -27.21 4.69
C ILE C 132 -18.90 -26.55 5.61
N LEU C 133 -17.69 -26.34 5.12
CA LEU C 133 -16.60 -25.83 5.95
C LEU C 133 -16.45 -24.33 5.88
N LYS C 134 -16.25 -23.76 4.70
CA LYS C 134 -16.15 -22.32 4.54
C LYS C 134 -16.71 -21.95 3.19
N THR C 135 -17.10 -20.69 3.06
CA THR C 135 -17.72 -20.18 1.84
C THR C 135 -17.19 -18.79 1.54
N PHE C 136 -17.27 -18.42 0.27
CA PHE C 136 -16.95 -17.07 -0.16
C PHE C 136 -18.14 -16.53 -0.95
N PRO C 137 -18.75 -15.41 -0.53
CA PRO C 137 -18.36 -14.54 0.59
C PRO C 137 -18.52 -15.22 1.94
N VAL C 138 -17.68 -14.85 2.91
CA VAL C 138 -17.72 -15.51 4.20
C VAL C 138 -19.03 -15.22 4.92
N ASP C 139 -19.72 -14.16 4.53
CA ASP C 139 -20.89 -13.68 5.25
C ASP C 139 -21.66 -12.76 4.32
N ASN C 140 -22.91 -12.49 4.68
CA ASN C 140 -23.66 -11.47 3.97
C ASN C 140 -23.09 -10.09 4.26
N ILE C 141 -23.59 -9.10 3.54
CA ILE C 141 -23.10 -7.74 3.72
C ILE C 141 -23.48 -7.23 5.09
N ASN C 142 -22.49 -6.74 5.84
CA ASN C 142 -22.71 -6.12 7.14
C ASN C 142 -22.61 -4.61 6.92
N GLU C 143 -23.74 -4.00 6.57
CA GLU C 143 -23.75 -2.63 6.07
C GLU C 143 -23.20 -1.66 7.11
N LYS C 144 -22.49 -0.64 6.62
CA LYS C 144 -22.05 0.45 7.46
C LYS C 144 -22.99 1.64 7.29
N PHE C 145 -23.36 2.25 8.41
CA PHE C 145 -24.32 3.34 8.42
C PHE C 145 -23.65 4.60 8.95
N GLU C 146 -24.08 5.74 8.42
CA GLU C 146 -23.60 7.05 8.85
C GLU C 146 -24.78 7.91 9.27
N ARG C 147 -24.71 8.49 10.45
CA ARG C 147 -25.76 9.34 10.98
C ARG C 147 -25.25 10.74 11.23
N LYS C 148 -26.14 11.72 11.12
CA LYS C 148 -25.83 13.11 11.42
C LYS C 148 -27.01 13.71 12.17
N GLU C 149 -26.72 14.51 13.18
CA GLU C 149 -27.74 15.26 13.90
C GLU C 149 -27.41 16.75 13.76
N VAL C 150 -28.27 17.47 13.04
CA VAL C 150 -28.04 18.88 12.76
C VAL C 150 -29.03 19.69 13.58
N SER C 151 -28.50 20.63 14.38
CA SER C 151 -29.34 21.46 15.21
C SER C 151 -28.70 22.83 15.35
N GLY C 152 -29.55 23.84 15.50
CA GLY C 152 -29.05 25.19 15.69
C GLY C 152 -30.20 26.16 15.77
N PHE C 153 -29.87 27.44 15.97
CA PHE C 153 -30.89 28.46 16.09
C PHE C 153 -30.45 29.69 15.30
N GLU C 154 -31.45 30.48 14.91
CA GLU C 154 -31.25 31.64 14.06
C GLU C 154 -31.99 32.83 14.64
N LEU C 155 -31.35 34.00 14.62
CA LEU C 155 -31.95 35.25 15.08
C LEU C 155 -31.99 36.25 13.95
N GLY C 156 -33.05 37.05 13.90
CA GLY C 156 -33.18 38.07 12.89
C GLY C 156 -33.99 39.25 13.40
N VAL C 157 -33.47 40.45 13.12
CA VAL C 157 -34.14 41.69 13.47
C VAL C 157 -34.32 42.49 12.19
N THR C 158 -35.52 43.02 12.00
CA THR C 158 -35.92 43.69 10.77
C THR C 158 -36.28 45.13 11.07
N GLY C 159 -35.69 46.06 10.31
CA GLY C 159 -36.05 47.46 10.39
C GLY C 159 -36.67 47.91 9.07
N GLY C 160 -37.91 48.36 9.14
CA GLY C 160 -38.64 48.77 7.96
C GLY C 160 -39.06 50.23 8.06
N VAL C 161 -38.76 50.98 7.00
CA VAL C 161 -39.10 52.39 6.93
C VAL C 161 -39.85 52.65 5.63
N GLU C 162 -41.03 53.23 5.73
CA GLU C 162 -41.87 53.51 4.57
C GLU C 162 -42.23 54.99 4.54
N VAL C 163 -42.16 55.59 3.35
CA VAL C 163 -42.65 56.94 3.10
C VAL C 163 -43.61 56.89 1.93
N SER C 164 -44.81 57.42 2.12
CA SER C 164 -45.83 57.41 1.07
C SER C 164 -46.72 58.62 1.25
N GLY C 165 -47.77 58.68 0.42
CA GLY C 165 -48.77 59.72 0.59
C GLY C 165 -49.51 59.60 1.91
N ASP C 166 -49.74 58.37 2.37
CA ASP C 166 -50.42 58.16 3.64
C ASP C 166 -49.63 58.76 4.79
N GLY C 167 -48.32 58.57 4.80
CA GLY C 167 -47.47 59.13 5.83
C GLY C 167 -46.31 58.22 6.18
N PRO C 168 -45.31 58.76 6.86
CA PRO C 168 -44.14 57.95 7.25
C PRO C 168 -44.54 56.88 8.26
N LYS C 169 -44.07 55.66 8.03
CA LYS C 169 -44.25 54.55 8.94
C LYS C 169 -42.90 54.04 9.42
N ALA C 170 -42.92 53.26 10.49
CA ALA C 170 -41.69 52.71 11.05
C ALA C 170 -42.00 51.36 11.68
N LYS C 171 -41.25 50.33 11.27
CA LYS C 171 -41.44 48.99 11.79
C LYS C 171 -40.11 48.41 12.24
N LEU C 172 -40.06 47.95 13.48
CA LEU C 172 -38.93 47.19 14.00
C LEU C 172 -39.44 45.80 14.37
N GLU C 173 -38.91 44.78 13.70
CA GLU C 173 -39.45 43.43 13.77
C GLU C 173 -38.37 42.46 14.17
N ALA C 174 -38.74 41.44 14.94
CA ALA C 174 -37.79 40.48 15.47
C ALA C 174 -38.22 39.07 15.13
N ARG C 175 -37.24 38.21 14.83
CA ARG C 175 -37.47 36.81 14.55
C ARG C 175 -36.49 35.96 15.35
N ALA C 176 -36.94 34.75 15.70
CA ALA C 176 -36.10 33.80 16.41
C ALA C 176 -36.50 32.40 15.98
N SER C 177 -35.60 31.71 15.29
CA SER C 177 -35.90 30.40 14.74
C SER C 177 -35.15 29.32 15.48
N TYR C 178 -35.62 28.09 15.33
CA TYR C 178 -34.95 26.90 15.85
C TYR C 178 -35.02 25.84 14.76
N THR C 179 -33.95 25.07 14.62
CA THR C 179 -33.88 24.03 13.60
C THR C 179 -33.34 22.75 14.21
N GLN C 180 -33.77 21.62 13.66
CA GLN C 180 -33.22 20.32 14.04
C GLN C 180 -33.54 19.34 12.93
N SER C 181 -32.51 18.63 12.45
CA SER C 181 -32.68 17.63 11.41
C SER C 181 -31.75 16.46 11.68
N ARG C 182 -32.24 15.26 11.38
CA ARG C 182 -31.48 14.03 11.57
C ARG C 182 -31.29 13.35 10.23
N TRP C 183 -30.05 13.00 9.91
CA TRP C 183 -29.70 12.42 8.62
C TRP C 183 -29.51 10.92 8.74
N LEU C 184 -29.53 10.23 7.60
CA LEU C 184 -29.26 8.80 7.54
C LEU C 184 -28.68 8.50 6.17
N THR C 185 -27.57 7.77 6.14
CA THR C 185 -26.87 7.45 4.90
C THR C 185 -26.39 6.01 4.93
N TYR C 186 -26.64 5.28 3.84
CA TYR C 186 -26.18 3.90 3.74
C TYR C 186 -25.97 3.55 2.28
N ASN C 187 -25.18 2.51 2.05
CA ASN C 187 -24.82 2.06 0.72
C ASN C 187 -25.65 0.87 0.30
N THR C 188 -26.10 0.88 -0.95
CA THR C 188 -26.78 -0.27 -1.56
C THR C 188 -26.14 -0.53 -2.91
N GLN C 189 -26.20 -1.79 -3.33
CA GLN C 189 -25.64 -2.20 -4.61
C GLN C 189 -26.77 -2.56 -5.56
N ASP C 190 -26.45 -2.58 -6.85
CA ASP C 190 -27.47 -2.94 -7.84
C ASP C 190 -27.93 -4.38 -7.62
N TYR C 191 -27.01 -5.26 -7.25
CA TYR C 191 -27.33 -6.61 -6.83
C TYR C 191 -26.69 -6.91 -5.50
N ARG C 192 -27.45 -7.55 -4.61
CA ARG C 192 -27.05 -7.78 -3.22
C ARG C 192 -26.84 -9.26 -2.99
N ILE C 193 -25.65 -9.61 -2.49
CA ILE C 193 -25.29 -11.01 -2.29
C ILE C 193 -25.99 -11.51 -1.03
N GLU C 194 -26.98 -12.38 -1.22
CA GLU C 194 -27.72 -12.96 -0.11
C GLU C 194 -27.31 -14.42 0.04
N ARG C 195 -26.52 -14.71 1.06
CA ARG C 195 -26.11 -16.08 1.36
C ARG C 195 -27.20 -16.77 2.15
N ASN C 196 -27.44 -18.05 1.85
CA ASN C 196 -28.55 -18.79 2.42
C ASN C 196 -28.08 -20.21 2.73
N ALA C 197 -28.07 -20.58 4.00
CA ALA C 197 -27.64 -21.91 4.44
C ALA C 197 -28.82 -22.62 5.10
N LYS C 198 -29.51 -23.44 4.31
CA LYS C 198 -30.65 -24.18 4.84
C LYS C 198 -30.23 -25.11 5.96
N ASN C 199 -29.13 -25.83 5.78
CA ASN C 199 -28.58 -26.69 6.81
C ASN C 199 -27.12 -27.00 6.51
N ALA C 200 -26.51 -27.86 7.32
CA ALA C 200 -25.07 -28.08 7.21
C ALA C 200 -24.67 -28.72 5.89
N GLN C 201 -25.62 -29.27 5.14
CA GLN C 201 -25.30 -29.97 3.90
C GLN C 201 -25.60 -29.15 2.66
N ALA C 202 -26.29 -28.01 2.78
CA ALA C 202 -26.69 -27.26 1.61
C ALA C 202 -26.60 -25.77 1.89
N VAL C 203 -25.97 -25.04 0.97
CA VAL C 203 -25.88 -23.59 1.05
C VAL C 203 -26.08 -23.03 -0.35
N SER C 204 -26.83 -21.93 -0.45
CA SER C 204 -27.19 -21.37 -1.73
C SER C 204 -26.93 -19.88 -1.74
N PHE C 205 -26.52 -19.37 -2.90
CA PHE C 205 -26.23 -17.95 -3.08
C PHE C 205 -27.26 -17.34 -4.00
N THR C 206 -27.86 -16.23 -3.58
CA THR C 206 -28.92 -15.57 -4.31
C THR C 206 -28.51 -14.15 -4.63
N TRP C 207 -28.21 -13.88 -5.90
CA TRP C 207 -28.05 -12.52 -6.38
C TRP C 207 -29.44 -11.93 -6.59
N ASN C 208 -29.82 -10.99 -5.75
CA ASN C 208 -31.17 -10.44 -5.73
C ASN C 208 -31.10 -8.94 -5.97
N ARG C 209 -32.04 -8.42 -6.77
CA ARG C 209 -32.09 -6.99 -7.01
C ARG C 209 -32.49 -6.24 -5.74
N GLN C 210 -31.76 -5.18 -5.42
CA GLN C 210 -32.08 -4.38 -4.25
C GLN C 210 -32.51 -3.00 -4.65
N GLN C 211 -31.67 -2.28 -5.40
CA GLN C 211 -32.08 -1.02 -5.96
C GLN C 211 -32.81 -1.27 -7.27
N TYR C 212 -33.81 -0.45 -7.57
CA TYR C 212 -34.61 -0.61 -8.78
C TYR C 212 -35.24 -2.00 -8.84
N ALA C 213 -35.69 -2.48 -7.69
CA ALA C 213 -36.24 -3.82 -7.60
C ALA C 213 -37.72 -3.88 -7.93
N THR C 214 -38.39 -2.74 -8.01
CA THR C 214 -39.82 -2.70 -8.27
C THR C 214 -40.09 -2.05 -9.62
N ALA C 215 -41.12 -2.54 -10.31
CA ALA C 215 -41.58 -1.85 -11.50
C ALA C 215 -42.01 -0.43 -11.17
N GLU C 216 -42.35 -0.19 -9.91
CA GLU C 216 -42.66 1.16 -9.45
C GLU C 216 -41.45 2.07 -9.57
N SER C 217 -40.27 1.58 -9.18
CA SER C 217 -39.10 2.44 -9.08
C SER C 217 -38.44 2.72 -10.43
N LEU C 218 -38.80 1.98 -11.48
CA LEU C 218 -38.18 2.20 -12.77
C LEU C 218 -38.72 3.44 -13.49
N LEU C 219 -39.77 4.06 -12.99
CA LEU C 219 -40.38 5.18 -13.68
C LEU C 219 -39.61 6.48 -13.42
N ASN C 220 -39.46 7.29 -14.46
CA ASN C 220 -38.84 8.61 -14.33
C ASN C 220 -39.87 9.73 -14.35
N ARG C 221 -41.15 9.40 -14.43
CA ARG C 221 -42.23 10.37 -14.40
C ARG C 221 -43.24 9.94 -13.36
N SER C 222 -44.03 10.90 -12.87
CA SER C 222 -45.14 10.58 -11.99
C SER C 222 -46.49 11.01 -12.56
N THR C 223 -46.60 12.24 -13.05
CA THR C 223 -47.85 12.73 -13.61
C THR C 223 -47.58 13.40 -14.95
N ASP C 224 -48.56 13.34 -15.83
CA ASP C 224 -48.46 13.97 -17.14
C ASP C 224 -49.86 14.21 -17.67
N ALA C 225 -49.94 15.09 -18.66
CA ALA C 225 -51.22 15.40 -19.28
C ALA C 225 -51.71 14.21 -20.10
N LEU C 226 -53.02 14.18 -20.34
CA LEU C 226 -53.62 13.06 -21.04
C LEU C 226 -53.14 12.92 -22.48
N TRP C 227 -52.72 14.01 -23.11
CA TRP C 227 -52.33 13.94 -24.52
C TRP C 227 -50.89 13.50 -24.74
N VAL C 228 -50.09 13.42 -23.68
CA VAL C 228 -48.69 13.02 -23.83
C VAL C 228 -48.61 11.50 -23.72
N ASN C 229 -48.10 10.86 -24.76
CA ASN C 229 -48.05 9.41 -24.86
C ASN C 229 -46.63 9.00 -25.26
N THR C 230 -45.84 8.58 -24.27
CA THR C 230 -44.47 8.18 -24.52
C THR C 230 -44.10 7.06 -23.56
N TYR C 231 -43.02 6.36 -23.88
CA TYR C 231 -42.59 5.23 -23.05
C TYR C 231 -42.04 5.75 -21.73
N PRO C 232 -42.64 5.39 -20.59
CA PRO C 232 -42.29 6.01 -19.31
C PRO C 232 -41.27 5.27 -18.47
N VAL C 233 -40.63 4.22 -18.98
CA VAL C 233 -39.63 3.48 -18.23
C VAL C 233 -38.26 3.95 -18.67
N ASP C 234 -37.53 4.62 -17.77
CA ASP C 234 -36.24 5.21 -18.12
C ASP C 234 -35.24 4.07 -18.24
N VAL C 235 -35.11 3.54 -19.47
CA VAL C 235 -34.36 2.33 -19.71
C VAL C 235 -32.88 2.48 -19.38
N ASN C 236 -32.37 3.70 -19.25
CA ASN C 236 -30.98 3.86 -18.86
C ASN C 236 -30.73 3.38 -17.44
N ARG C 237 -31.78 3.27 -16.62
CA ARG C 237 -31.60 2.84 -15.24
C ARG C 237 -31.32 1.34 -15.13
N ILE C 238 -31.75 0.55 -16.09
CA ILE C 238 -31.53 -0.89 -16.06
C ILE C 238 -30.10 -1.17 -16.49
N SER C 239 -29.24 -1.45 -15.53
CA SER C 239 -27.84 -1.60 -15.85
C SER C 239 -27.61 -2.88 -16.64
N PRO C 240 -26.57 -2.91 -17.49
CA PRO C 240 -26.32 -4.09 -18.31
C PRO C 240 -25.97 -5.33 -17.51
N LEU C 241 -25.98 -5.22 -16.18
CA LEU C 241 -25.75 -6.39 -15.35
C LEU C 241 -26.98 -7.30 -15.28
N SER C 242 -28.13 -6.82 -15.73
CA SER C 242 -29.35 -7.59 -15.57
C SER C 242 -29.75 -8.39 -16.80
N TYR C 243 -29.68 -7.81 -18.00
CA TYR C 243 -30.22 -8.52 -19.15
C TYR C 243 -29.14 -8.89 -20.16
N ALA C 244 -28.02 -8.17 -20.16
CA ALA C 244 -27.02 -8.42 -21.19
C ALA C 244 -26.18 -9.65 -20.87
N SER C 245 -25.46 -9.62 -19.75
CA SER C 245 -24.61 -10.75 -19.38
C SER C 245 -24.20 -10.66 -17.93
N PHE C 246 -24.25 -11.78 -17.21
CA PHE C 246 -23.92 -11.82 -15.79
C PHE C 246 -23.06 -13.03 -15.50
N VAL C 247 -22.16 -12.90 -14.54
CA VAL C 247 -21.25 -13.96 -14.15
C VAL C 247 -21.07 -13.90 -12.63
N PRO C 248 -21.27 -15.00 -11.92
CA PRO C 248 -21.11 -14.96 -10.46
C PRO C 248 -19.66 -15.15 -10.05
N LYS C 249 -19.43 -15.08 -8.75
CA LYS C 249 -18.12 -15.37 -8.16
C LYS C 249 -18.32 -15.86 -6.74
N MET C 250 -18.19 -17.17 -6.53
CA MET C 250 -18.38 -17.74 -5.20
C MET C 250 -17.55 -19.00 -5.04
N ASP C 251 -17.25 -19.33 -3.79
CA ASP C 251 -16.49 -20.52 -3.43
C ASP C 251 -17.25 -21.28 -2.37
N VAL C 252 -17.29 -22.60 -2.50
CA VAL C 252 -17.82 -23.50 -1.47
C VAL C 252 -16.80 -24.60 -1.26
N ILE C 253 -16.46 -24.86 -0.01
CA ILE C 253 -15.48 -25.89 0.33
C ILE C 253 -16.12 -26.84 1.34
N TYR C 254 -16.35 -28.08 0.91
CA TYR C 254 -16.88 -29.12 1.77
C TYR C 254 -15.74 -29.84 2.51
N LYS C 255 -16.10 -30.51 3.59
CA LYS C 255 -15.15 -31.32 4.33
C LYS C 255 -15.78 -32.66 4.66
N ALA C 256 -14.94 -33.68 4.76
CA ALA C 256 -15.38 -35.01 5.14
C ALA C 256 -14.47 -35.55 6.24
N SER C 257 -15.02 -36.40 7.09
CA SER C 257 -14.31 -36.88 8.26
C SER C 257 -13.08 -37.70 7.85
N ALA C 258 -12.24 -38.01 8.84
CA ALA C 258 -10.97 -38.64 8.57
C ALA C 258 -11.10 -40.03 7.96
N THR C 259 -12.03 -40.85 8.44
CA THR C 259 -12.16 -42.23 7.98
C THR C 259 -13.49 -42.50 7.30
N GLU C 260 -14.15 -41.48 6.76
CA GLU C 260 -15.40 -41.73 6.07
C GLU C 260 -15.17 -42.57 4.82
N THR C 261 -16.08 -43.50 4.57
CA THR C 261 -15.97 -44.38 3.42
C THR C 261 -17.32 -44.41 2.72
N GLY C 262 -17.36 -45.07 1.56
CA GLY C 262 -18.56 -45.11 0.77
C GLY C 262 -18.56 -44.10 -0.35
N SER C 263 -19.67 -43.41 -0.53
CA SER C 263 -19.82 -42.47 -1.64
C SER C 263 -20.66 -41.30 -1.20
N THR C 264 -20.59 -40.22 -1.97
CA THR C 264 -21.40 -39.03 -1.74
C THR C 264 -21.41 -38.18 -3.00
N ASP C 265 -22.57 -37.65 -3.34
CA ASP C 265 -22.75 -36.85 -4.53
C ASP C 265 -22.87 -35.37 -4.17
N PHE C 266 -22.72 -34.52 -5.18
CA PHE C 266 -22.96 -33.09 -5.04
C PHE C 266 -23.83 -32.63 -6.21
N ILE C 267 -24.69 -31.66 -5.94
CA ILE C 267 -25.61 -31.14 -6.95
C ILE C 267 -25.39 -29.64 -7.05
N ILE C 268 -25.17 -29.16 -8.27
CA ILE C 268 -24.96 -27.75 -8.53
C ILE C 268 -26.08 -27.27 -9.43
N ASP C 269 -26.84 -26.28 -8.96
CA ASP C 269 -28.05 -25.80 -9.65
C ASP C 269 -27.83 -24.35 -10.09
N SER C 270 -27.81 -24.12 -11.39
CA SER C 270 -27.80 -22.77 -11.92
C SER C 270 -29.21 -22.39 -12.36
N SER C 271 -29.66 -21.20 -11.97
CA SER C 271 -31.02 -20.82 -12.27
C SER C 271 -31.14 -19.31 -12.34
N VAL C 272 -31.79 -18.83 -13.39
CA VAL C 272 -32.07 -17.42 -13.59
C VAL C 272 -33.57 -17.23 -13.57
N ASN C 273 -34.05 -16.31 -12.74
CA ASN C 273 -35.47 -16.10 -12.51
C ASN C 273 -35.96 -15.00 -13.43
N ILE C 274 -36.46 -15.40 -14.60
CA ILE C 274 -36.95 -14.44 -15.58
C ILE C 274 -38.21 -13.77 -15.05
N ARG C 275 -38.28 -12.47 -15.21
CA ARG C 275 -39.48 -11.71 -14.84
C ARG C 275 -39.66 -10.53 -15.76
N PRO C 276 -40.71 -10.49 -16.56
CA PRO C 276 -40.98 -9.32 -17.39
C PRO C 276 -41.37 -8.12 -16.53
N ILE C 277 -41.44 -6.97 -17.18
CA ILE C 277 -41.78 -5.71 -16.53
C ILE C 277 -43.10 -5.23 -17.10
N TYR C 278 -44.01 -4.83 -16.22
CA TYR C 278 -45.31 -4.30 -16.62
C TYR C 278 -45.49 -2.92 -16.01
N ASN C 279 -45.93 -1.96 -16.82
CA ASN C 279 -46.25 -0.63 -16.36
C ASN C 279 -47.60 -0.20 -16.91
N GLY C 280 -48.40 0.44 -16.06
CA GLY C 280 -49.72 0.86 -16.46
C GLY C 280 -49.92 2.33 -16.15
N ALA C 281 -50.88 2.92 -16.86
CA ALA C 281 -51.23 4.31 -16.69
C ALA C 281 -52.60 4.44 -16.03
N TYR C 282 -52.73 5.46 -15.18
CA TYR C 282 -53.96 5.69 -14.42
C TYR C 282 -54.56 7.01 -14.88
N LYS C 283 -55.82 6.99 -15.27
CA LYS C 283 -56.53 8.21 -15.64
C LYS C 283 -57.47 8.60 -14.51
N HIS C 284 -57.33 9.82 -14.00
CA HIS C 284 -58.15 10.32 -12.91
C HIS C 284 -59.10 11.39 -13.43
N TYR C 285 -60.37 11.27 -13.09
CA TYR C 285 -61.41 12.17 -13.57
C TYR C 285 -62.10 12.81 -12.39
N TYR C 286 -61.76 14.07 -12.11
CA TYR C 286 -62.46 14.88 -11.12
C TYR C 286 -62.95 16.16 -11.78
N VAL C 287 -63.81 16.88 -11.08
CA VAL C 287 -64.57 17.99 -11.64
C VAL C 287 -63.66 19.12 -12.13
N VAL C 288 -62.66 19.48 -11.31
CA VAL C 288 -61.87 20.67 -11.59
C VAL C 288 -61.03 20.48 -12.85
N GLY C 289 -60.34 19.35 -12.96
CA GLY C 289 -59.45 19.13 -14.09
C GLY C 289 -59.23 17.67 -14.43
N ALA C 290 -58.34 17.41 -15.38
CA ALA C 290 -58.04 16.05 -15.82
C ALA C 290 -56.54 15.87 -15.95
N HIS C 291 -56.03 14.78 -15.38
CA HIS C 291 -54.60 14.50 -15.36
C HIS C 291 -54.40 12.99 -15.47
N GLN C 292 -53.14 12.57 -15.52
CA GLN C 292 -52.77 11.18 -15.70
C GLN C 292 -51.61 10.84 -14.75
N SER C 293 -51.71 9.69 -14.09
CA SER C 293 -50.71 9.24 -13.14
C SER C 293 -50.30 7.81 -13.45
N TYR C 294 -49.09 7.43 -13.04
CA TYR C 294 -48.55 6.11 -13.34
C TYR C 294 -48.52 5.23 -12.09
N HIS C 295 -48.36 3.93 -12.31
CA HIS C 295 -48.32 2.95 -11.24
C HIS C 295 -47.34 1.85 -11.62
N GLY C 296 -46.90 1.11 -10.60
CA GLY C 296 -46.03 -0.02 -10.83
C GLY C 296 -46.65 -1.33 -10.36
N PHE C 297 -46.60 -2.36 -11.20
CA PHE C 297 -47.16 -3.66 -10.88
C PHE C 297 -46.08 -4.52 -10.24
N GLU C 298 -46.42 -5.14 -9.11
CA GLU C 298 -45.45 -5.93 -8.36
C GLU C 298 -45.70 -7.43 -8.43
N ASP C 299 -46.95 -7.85 -8.67
CA ASP C 299 -47.29 -9.27 -8.59
C ASP C 299 -47.27 -9.90 -9.98
N THR C 300 -46.38 -9.42 -10.84
CA THR C 300 -46.26 -9.94 -12.19
C THR C 300 -45.75 -11.38 -12.16
N PRO C 301 -46.06 -12.17 -13.18
CA PRO C 301 -45.67 -13.58 -13.18
C PRO C 301 -44.16 -13.74 -13.23
N ARG C 302 -43.68 -14.85 -12.66
CA ARG C 302 -42.27 -15.22 -12.74
C ARG C 302 -42.16 -16.68 -13.14
N ARG C 303 -41.21 -16.95 -14.02
CA ARG C 303 -40.95 -18.31 -14.47
C ARG C 303 -39.46 -18.60 -14.30
N ARG C 304 -39.14 -19.79 -13.79
CA ARG C 304 -37.80 -20.12 -13.36
C ARG C 304 -37.19 -21.15 -14.30
N ILE C 305 -35.96 -20.92 -14.73
CA ILE C 305 -35.23 -21.84 -15.59
C ILE C 305 -34.16 -22.54 -14.76
N THR C 306 -34.10 -23.86 -14.86
CA THR C 306 -33.21 -24.66 -14.02
C THR C 306 -32.41 -25.63 -14.87
N LYS C 307 -31.09 -25.65 -14.66
CA LYS C 307 -30.20 -26.64 -15.24
C LYS C 307 -29.30 -27.19 -14.15
N SER C 308 -29.19 -28.51 -14.07
CA SER C 308 -28.46 -29.15 -12.98
C SER C 308 -27.40 -30.10 -13.53
N ALA C 309 -26.23 -30.08 -12.93
CA ALA C 309 -25.16 -31.02 -13.23
C ALA C 309 -24.56 -31.50 -11.92
N SER C 310 -24.08 -32.74 -11.94
CA SER C 310 -23.61 -33.38 -10.72
C SER C 310 -22.33 -34.15 -11.01
N PHE C 311 -21.62 -34.50 -9.95
CA PHE C 311 -20.42 -35.34 -10.05
C PHE C 311 -20.25 -36.13 -8.75
N THR C 312 -19.63 -37.29 -8.88
CA THR C 312 -19.55 -38.27 -7.81
C THR C 312 -18.12 -38.36 -7.29
N VAL C 313 -17.98 -38.44 -5.98
CA VAL C 313 -16.66 -38.54 -5.33
C VAL C 313 -16.69 -39.72 -4.38
N ASP C 314 -15.63 -40.53 -4.41
CA ASP C 314 -15.47 -41.66 -3.49
C ASP C 314 -14.36 -41.30 -2.51
N TRP C 315 -14.65 -41.41 -1.21
CA TRP C 315 -13.64 -41.08 -0.21
C TRP C 315 -12.47 -42.06 -0.20
N ASP C 316 -12.60 -43.20 -0.86
CA ASP C 316 -11.50 -44.15 -0.96
C ASP C 316 -10.58 -43.85 -2.13
N HIS C 317 -10.81 -42.76 -2.83
CA HIS C 317 -10.01 -42.43 -4.01
C HIS C 317 -8.55 -42.29 -3.61
N PRO C 318 -7.60 -42.67 -4.46
CA PRO C 318 -6.20 -42.59 -4.07
C PRO C 318 -5.75 -41.19 -3.70
N VAL C 319 -6.33 -40.15 -4.31
CA VAL C 319 -5.86 -38.81 -4.08
C VAL C 319 -6.11 -38.38 -2.63
N PHE C 320 -7.19 -38.84 -2.03
CA PHE C 320 -7.49 -38.47 -0.67
C PHE C 320 -6.48 -39.02 0.35
N THR C 321 -5.62 -39.95 -0.05
CA THR C 321 -4.60 -40.42 0.86
C THR C 321 -3.55 -39.37 1.16
N GLY C 322 -3.40 -38.38 0.29
CA GLY C 322 -2.48 -37.29 0.57
C GLY C 322 -1.03 -37.58 0.24
N GLY C 323 -0.74 -38.63 -0.52
CA GLY C 323 0.60 -38.92 -0.94
C GLY C 323 0.69 -38.98 -2.47
N ARG C 324 1.91 -39.23 -2.94
CA ARG C 324 2.14 -39.42 -4.38
C ARG C 324 2.49 -40.88 -4.61
N PRO C 325 1.54 -41.68 -5.07
CA PRO C 325 1.77 -43.13 -5.15
C PRO C 325 2.82 -43.50 -6.18
N VAL C 326 3.52 -44.60 -5.89
CA VAL C 326 4.46 -45.21 -6.81
C VAL C 326 4.15 -46.71 -6.88
N ASN C 327 4.76 -47.38 -7.84
CA ASN C 327 4.56 -48.80 -8.05
C ASN C 327 5.89 -49.53 -8.12
N LEU C 328 5.88 -50.79 -7.70
CA LEU C 328 7.05 -51.66 -7.72
C LEU C 328 6.93 -52.52 -8.97
N GLN C 329 7.93 -52.44 -9.83
CA GLN C 329 7.88 -53.13 -11.12
C GLN C 329 9.03 -54.12 -11.20
N LEU C 330 8.71 -55.37 -11.50
CA LEU C 330 9.71 -56.43 -11.62
C LEU C 330 10.49 -56.20 -12.91
N ALA C 331 11.81 -56.34 -12.85
CA ALA C 331 12.65 -56.03 -13.99
C ALA C 331 12.98 -57.23 -14.86
N SER C 332 12.81 -58.45 -14.35
CA SER C 332 13.10 -59.62 -15.17
C SER C 332 12.13 -59.71 -16.35
N PHE C 333 10.85 -59.51 -16.10
CA PHE C 333 9.86 -59.50 -17.17
C PHE C 333 9.93 -58.19 -17.93
N ASN C 334 9.43 -58.21 -19.16
CA ASN C 334 9.30 -56.98 -19.92
C ASN C 334 8.25 -56.05 -19.31
N ASN C 335 7.12 -56.61 -18.86
CA ASN C 335 6.00 -55.82 -18.37
C ASN C 335 5.26 -56.64 -17.31
N ARG C 336 5.62 -56.43 -16.05
CA ARG C 336 4.95 -57.06 -14.93
C ARG C 336 5.01 -56.11 -13.73
N CYS C 337 3.88 -55.95 -13.05
CA CYS C 337 3.78 -55.05 -11.91
C CYS C 337 3.09 -55.75 -10.76
N ILE C 338 3.42 -55.34 -9.54
CA ILE C 338 2.79 -55.92 -8.36
C ILE C 338 1.38 -55.35 -8.21
N GLN C 339 0.40 -56.22 -8.04
CA GLN C 339 -0.99 -55.82 -7.92
C GLN C 339 -1.63 -56.56 -6.76
N VAL C 340 -2.50 -55.87 -6.03
CA VAL C 340 -3.15 -56.41 -4.85
C VAL C 340 -4.65 -56.46 -5.11
N ASP C 341 -5.27 -57.60 -4.80
CA ASP C 341 -6.70 -57.78 -4.97
C ASP C 341 -7.45 -57.28 -3.73
N ALA C 342 -8.74 -57.62 -3.64
CA ALA C 342 -9.54 -57.14 -2.52
C ALA C 342 -9.08 -57.73 -1.19
N GLN C 343 -8.76 -59.02 -1.16
CA GLN C 343 -8.39 -59.69 0.08
C GLN C 343 -6.90 -59.66 0.38
N GLY C 344 -6.08 -59.14 -0.53
CA GLY C 344 -4.67 -58.98 -0.26
C GLY C 344 -3.74 -60.00 -0.89
N ARG C 345 -4.24 -60.86 -1.78
CA ARG C 345 -3.36 -61.77 -2.48
C ARG C 345 -2.51 -61.01 -3.50
N LEU C 346 -1.22 -61.33 -3.55
CA LEU C 346 -0.27 -60.63 -4.41
C LEU C 346 0.02 -61.46 -5.66
N THR C 347 -0.25 -60.87 -6.82
CA THR C 347 0.06 -61.47 -8.11
C THR C 347 0.58 -60.40 -9.05
N ALA C 348 1.32 -60.83 -10.07
CA ALA C 348 1.93 -59.93 -11.04
C ALA C 348 1.05 -59.91 -12.28
N ASN C 349 0.40 -58.78 -12.53
CA ASN C 349 -0.47 -58.60 -13.68
C ASN C 349 0.19 -57.69 -14.69
N MET C 350 -0.54 -57.37 -15.75
CA MET C 350 -0.06 -56.39 -16.71
C MET C 350 -0.05 -55.00 -16.08
N CYS C 351 1.04 -54.27 -16.29
CA CYS C 351 1.15 -52.94 -15.72
C CYS C 351 0.14 -52.00 -16.35
N ASP C 352 -0.54 -51.23 -15.51
CA ASP C 352 -1.46 -50.19 -15.97
C ASP C 352 -1.42 -49.08 -14.94
N SER C 353 -0.62 -48.04 -15.21
CA SER C 353 -0.34 -47.03 -14.20
C SER C 353 -1.56 -46.26 -13.77
N GLN C 354 -2.66 -46.33 -14.51
CA GLN C 354 -3.89 -45.67 -14.11
C GLN C 354 -4.76 -46.53 -13.21
N GLN C 355 -4.34 -47.76 -12.93
CA GLN C 355 -5.10 -48.64 -12.05
C GLN C 355 -4.68 -48.37 -10.62
N SER C 356 -5.65 -48.06 -9.76
CA SER C 356 -5.33 -47.65 -8.40
C SER C 356 -4.72 -48.79 -7.60
N ALA C 357 -5.13 -50.02 -7.86
CA ALA C 357 -4.69 -51.13 -7.02
C ALA C 357 -3.21 -51.44 -7.17
N GLN C 358 -2.53 -50.88 -8.16
CA GLN C 358 -1.11 -51.12 -8.38
C GLN C 358 -0.23 -50.00 -7.86
N SER C 359 -0.78 -49.10 -7.05
CA SER C 359 -0.04 -47.94 -6.56
C SER C 359 0.28 -48.11 -5.09
N PHE C 360 1.45 -47.61 -4.69
CA PHE C 360 1.89 -47.68 -3.30
C PHE C 360 2.45 -46.34 -2.87
N ILE C 361 2.29 -46.03 -1.59
CA ILE C 361 2.74 -44.77 -1.02
C ILE C 361 4.01 -45.00 -0.22
N TYR C 362 4.99 -44.12 -0.37
CA TYR C 362 6.26 -44.23 0.33
C TYR C 362 6.27 -43.19 1.46
N ASP C 363 6.24 -43.66 2.70
CA ASP C 363 6.10 -42.79 3.85
C ASP C 363 7.45 -42.40 4.43
N GLN C 364 7.43 -41.81 5.62
CA GLN C 364 8.67 -41.43 6.30
C GLN C 364 9.38 -42.62 6.94
N LEU C 365 8.63 -43.55 7.53
CA LEU C 365 9.25 -44.68 8.20
C LEU C 365 9.83 -45.71 7.24
N GLY C 366 9.55 -45.56 5.95
CA GLY C 366 9.99 -46.55 4.98
C GLY C 366 9.03 -47.69 4.76
N ARG C 367 7.76 -47.53 5.10
CA ARG C 367 6.77 -48.55 4.85
C ARG C 367 6.12 -48.35 3.49
N TYR C 368 5.59 -49.42 2.93
CA TYR C 368 4.84 -49.37 1.68
C TYR C 368 3.37 -49.60 2.03
N VAL C 369 2.54 -48.60 1.75
CA VAL C 369 1.11 -48.69 2.03
C VAL C 369 0.37 -48.73 0.71
N SER C 370 -0.57 -49.68 0.59
CA SER C 370 -1.36 -49.79 -0.63
C SER C 370 -2.26 -48.57 -0.77
N ALA C 371 -2.20 -47.93 -1.96
CA ALA C 371 -2.92 -46.69 -2.16
C ALA C 371 -4.43 -46.88 -2.21
N SER C 372 -4.90 -48.03 -2.70
CA SER C 372 -6.34 -48.24 -2.84
C SER C 372 -7.04 -48.44 -1.51
N ASN C 373 -6.32 -48.88 -0.48
CA ASN C 373 -6.92 -49.09 0.83
C ASN C 373 -5.81 -48.98 1.87
N THR C 374 -5.67 -47.80 2.47
CA THR C 374 -4.52 -47.45 3.30
C THR C 374 -4.36 -48.30 4.54
N LYS C 375 -5.21 -49.30 4.80
CA LYS C 375 -5.04 -50.13 5.98
C LYS C 375 -4.14 -51.34 5.72
N LEU C 376 -3.74 -51.59 4.48
CA LEU C 376 -2.95 -52.76 4.12
C LEU C 376 -1.55 -52.33 3.72
N CYS C 377 -0.57 -53.17 4.07
CA CYS C 377 0.83 -52.82 3.86
C CYS C 377 1.59 -54.04 3.35
N LEU C 378 2.77 -53.77 2.79
CA LEU C 378 3.66 -54.84 2.36
C LEU C 378 4.55 -55.26 3.52
N ASP C 379 4.64 -56.57 3.75
CA ASP C 379 5.36 -57.11 4.91
C ASP C 379 6.32 -58.19 4.46
N GLY C 380 7.51 -58.22 5.06
CA GLY C 380 8.50 -59.20 4.70
C GLY C 380 8.39 -60.53 5.42
N ALA C 381 7.63 -60.59 6.52
CA ALA C 381 7.49 -61.85 7.23
C ALA C 381 6.75 -62.89 6.41
N ALA C 382 5.70 -62.50 5.69
CA ALA C 382 4.94 -63.38 4.80
C ALA C 382 4.62 -62.56 3.55
N LEU C 383 5.50 -62.65 2.57
CA LEU C 383 5.52 -61.71 1.45
C LEU C 383 4.50 -62.02 0.38
N ASP C 384 3.76 -63.11 0.47
CA ASP C 384 2.79 -63.44 -0.57
C ASP C 384 1.44 -62.80 -0.34
N ALA C 385 1.27 -62.03 0.73
CA ALA C 385 0.01 -61.35 0.99
C ALA C 385 0.26 -60.16 1.88
N LEU C 386 -0.59 -59.13 1.73
CA LEU C 386 -0.47 -57.95 2.55
C LEU C 386 -0.95 -58.24 3.97
N GLN C 387 -0.44 -57.45 4.91
CA GLN C 387 -0.74 -57.62 6.32
C GLN C 387 -1.23 -56.31 6.92
N PRO C 388 -1.92 -56.35 8.05
CA PRO C 388 -2.28 -55.11 8.74
C PRO C 388 -1.05 -54.31 9.11
N CYS C 389 -1.13 -53.00 8.91
CA CYS C 389 0.01 -52.13 9.14
C CYS C 389 0.24 -51.90 10.62
N ASN C 390 1.50 -51.92 11.03
CA ASN C 390 1.85 -51.60 12.40
C ASN C 390 3.33 -51.19 12.41
N GLN C 391 3.92 -51.14 13.61
CA GLN C 391 5.31 -50.71 13.76
C GLN C 391 6.29 -51.86 13.63
N ASN C 392 5.89 -52.98 13.02
CA ASN C 392 6.79 -54.11 12.87
C ASN C 392 8.04 -53.71 12.10
N LEU C 393 9.20 -54.14 12.61
CA LEU C 393 10.47 -53.79 11.99
C LEU C 393 10.63 -54.40 10.61
N THR C 394 9.87 -55.45 10.28
CA THR C 394 10.03 -56.11 8.99
C THR C 394 9.28 -55.40 7.87
N GLN C 395 8.59 -54.31 8.15
CA GLN C 395 7.81 -53.62 7.13
C GLN C 395 8.46 -52.34 6.63
N ARG C 396 9.76 -52.18 6.82
CA ARG C 396 10.49 -50.99 6.38
C ARG C 396 11.45 -51.36 5.28
N TRP C 397 11.56 -50.51 4.26
CA TRP C 397 12.41 -50.78 3.11
C TRP C 397 13.28 -49.57 2.81
N GLU C 398 14.52 -49.83 2.42
CA GLU C 398 15.47 -48.79 2.06
C GLU C 398 16.16 -49.17 0.76
N TRP C 399 16.34 -48.21 -0.13
CA TRP C 399 17.01 -48.45 -1.40
C TRP C 399 18.51 -48.37 -1.23
N ARG C 400 19.22 -49.34 -1.79
CA ARG C 400 20.68 -49.28 -1.81
C ARG C 400 21.11 -48.24 -2.83
N LYS C 401 22.03 -47.36 -2.42
CA LYS C 401 22.43 -46.25 -3.26
C LYS C 401 23.20 -46.73 -4.49
N GLY C 402 22.87 -46.17 -5.65
CA GLY C 402 23.58 -46.45 -6.87
C GLY C 402 23.16 -47.69 -7.62
N THR C 403 22.22 -48.46 -7.08
CA THR C 403 21.72 -49.67 -7.73
C THR C 403 20.22 -49.77 -7.48
N ASP C 404 19.64 -50.89 -7.91
CA ASP C 404 18.22 -51.13 -7.73
C ASP C 404 17.92 -52.40 -6.93
N GLU C 405 18.69 -52.66 -5.88
CA GLU C 405 18.42 -53.75 -4.96
C GLU C 405 17.57 -53.24 -3.81
N LEU C 406 16.36 -53.76 -3.69
CA LEU C 406 15.45 -53.38 -2.62
C LEU C 406 15.75 -54.24 -1.40
N THR C 407 16.09 -53.58 -0.29
CA THR C 407 16.56 -54.28 0.89
C THR C 407 15.53 -54.20 2.02
N ASN C 408 15.58 -55.20 2.89
CA ASN C 408 14.76 -55.23 4.09
C ASN C 408 15.60 -54.81 5.28
N VAL C 409 15.02 -53.96 6.13
CA VAL C 409 15.81 -53.38 7.23
C VAL C 409 16.12 -54.42 8.28
N TYR C 410 15.18 -55.33 8.56
CA TYR C 410 15.32 -56.22 9.71
C TYR C 410 16.45 -57.22 9.52
N SER C 411 16.35 -58.08 8.51
CA SER C 411 17.29 -59.18 8.37
C SER C 411 18.45 -58.88 7.41
N GLY C 412 18.41 -57.76 6.70
CA GLY C 412 19.42 -57.47 5.72
C GLY C 412 19.22 -58.15 4.39
N GLU C 413 18.19 -58.98 4.25
CA GLU C 413 17.92 -59.67 3.00
C GLU C 413 17.30 -58.72 1.99
N SER C 414 17.27 -59.15 0.73
CA SER C 414 16.77 -58.34 -0.36
C SER C 414 15.39 -58.82 -0.80
N LEU C 415 14.76 -58.03 -1.66
CA LEU C 415 13.48 -58.41 -2.24
C LEU C 415 13.72 -59.18 -3.53
N GLY C 416 13.16 -60.37 -3.63
CA GLY C 416 13.36 -61.19 -4.81
C GLY C 416 12.05 -61.63 -5.44
N HIS C 417 12.11 -61.98 -6.73
CA HIS C 417 10.92 -62.41 -7.46
C HIS C 417 11.28 -63.55 -8.39
N ASP C 418 10.30 -64.39 -8.67
CA ASP C 418 10.49 -65.50 -9.61
C ASP C 418 10.67 -64.92 -11.01
N LYS C 419 11.57 -65.51 -11.79
CA LYS C 419 11.83 -65.03 -13.14
C LYS C 419 10.68 -65.34 -14.08
N GLN C 420 9.76 -66.21 -13.70
CA GLN C 420 8.71 -66.68 -14.60
C GLN C 420 7.29 -66.49 -14.06
N THR C 421 7.07 -66.69 -12.77
CA THR C 421 5.72 -66.59 -12.21
C THR C 421 5.43 -65.28 -11.50
N GLY C 422 6.47 -64.58 -11.04
CA GLY C 422 6.27 -63.32 -10.35
C GLY C 422 6.02 -63.42 -8.86
N GLU C 423 6.32 -64.56 -8.26
CA GLU C 423 6.15 -64.70 -6.81
C GLU C 423 7.28 -63.99 -6.07
N LEU C 424 6.90 -63.17 -5.09
CA LEU C 424 7.87 -62.46 -4.29
C LEU C 424 8.52 -63.42 -3.30
N GLY C 425 9.71 -63.05 -2.83
CA GLY C 425 10.41 -63.85 -1.83
C GLY C 425 11.65 -63.13 -1.36
N LEU C 426 12.15 -63.58 -0.21
CA LEU C 426 13.35 -63.01 0.39
C LEU C 426 14.57 -63.82 -0.01
N TYR C 427 15.63 -63.13 -0.41
CA TYR C 427 16.86 -63.79 -0.84
C TYR C 427 18.05 -62.94 -0.45
N ALA C 428 19.08 -63.60 0.08
CA ALA C 428 20.32 -62.90 0.39
C ALA C 428 21.16 -62.64 -0.85
N SER C 429 21.01 -63.46 -1.89
CA SER C 429 21.79 -63.32 -3.10
C SER C 429 20.98 -63.88 -4.26
N SER C 430 21.34 -63.45 -5.47
CA SER C 430 20.62 -63.86 -6.66
C SER C 430 21.07 -65.25 -7.12
N ASN C 431 20.31 -65.81 -8.06
CA ASN C 431 20.68 -67.07 -8.71
C ASN C 431 20.10 -67.04 -10.12
N ASP C 432 20.04 -68.22 -10.74
CA ASP C 432 19.52 -68.31 -12.10
C ASP C 432 18.01 -68.22 -12.17
N ALA C 433 17.32 -68.40 -11.04
CA ALA C 433 15.86 -68.36 -11.02
C ALA C 433 15.29 -67.10 -10.39
N VAL C 434 16.05 -66.38 -9.59
CA VAL C 434 15.57 -65.20 -8.88
C VAL C 434 16.49 -64.03 -9.20
N SER C 435 15.88 -62.91 -9.61
CA SER C 435 16.60 -61.68 -9.91
C SER C 435 16.22 -60.63 -8.87
N LEU C 436 17.19 -59.78 -8.54
CA LEU C 436 17.01 -58.77 -7.50
C LEU C 436 16.62 -57.40 -8.04
N ARG C 437 16.62 -57.22 -9.35
CA ARG C 437 16.45 -55.88 -9.93
C ARG C 437 14.98 -55.49 -9.87
N THR C 438 14.69 -54.35 -9.24
CA THR C 438 13.35 -53.81 -9.17
C THR C 438 13.40 -52.32 -9.48
N ILE C 439 12.44 -51.84 -10.27
CA ILE C 439 12.41 -50.46 -10.73
C ILE C 439 11.13 -49.81 -10.23
N THR C 440 11.23 -48.54 -9.87
CA THR C 440 10.10 -47.79 -9.34
C THR C 440 9.87 -46.54 -10.19
N ALA C 441 8.61 -46.09 -10.22
CA ALA C 441 8.25 -44.92 -10.99
C ALA C 441 6.94 -44.35 -10.46
N TYR C 442 6.72 -43.06 -10.69
CA TYR C 442 5.48 -42.43 -10.27
C TYR C 442 4.34 -42.83 -11.20
N THR C 443 3.13 -42.86 -10.65
CA THR C 443 1.96 -43.34 -11.37
C THR C 443 0.91 -42.25 -11.47
N ASP C 444 0.09 -42.36 -12.52
CA ASP C 444 -0.99 -41.40 -12.78
C ASP C 444 -2.32 -42.06 -12.44
N VAL C 445 -2.71 -41.97 -11.18
CA VAL C 445 -4.00 -42.50 -10.74
C VAL C 445 -4.91 -41.35 -10.33
N PHE C 446 -4.59 -40.15 -10.77
CA PHE C 446 -5.32 -38.96 -10.36
C PHE C 446 -6.31 -38.47 -11.42
N ASN C 447 -6.55 -39.25 -12.46
CA ASN C 447 -7.63 -38.92 -13.38
C ASN C 447 -8.96 -38.99 -12.64
N ALA C 448 -9.89 -38.15 -13.03
CA ALA C 448 -11.24 -38.17 -12.46
C ALA C 448 -12.22 -38.62 -13.54
N GLN C 449 -12.98 -39.66 -13.24
CA GLN C 449 -13.95 -40.17 -14.19
C GLN C 449 -15.03 -39.13 -14.48
N GLU C 450 -15.42 -39.02 -15.74
CA GLU C 450 -16.42 -38.05 -16.13
C GLU C 450 -17.77 -38.37 -15.49
N SER C 451 -18.58 -37.34 -15.30
CA SER C 451 -19.86 -37.46 -14.62
C SER C 451 -21.02 -37.32 -15.60
N SER C 452 -22.02 -38.17 -15.41
CA SER C 452 -23.17 -38.22 -16.31
C SER C 452 -24.15 -37.09 -16.01
N PRO C 453 -24.86 -36.61 -17.03
CA PRO C 453 -25.79 -35.48 -16.82
C PRO C 453 -27.01 -35.90 -16.03
N ILE C 454 -27.75 -34.89 -15.59
CA ILE C 454 -29.01 -35.10 -14.89
C ILE C 454 -30.15 -34.74 -15.82
N LEU C 455 -31.20 -35.57 -15.84
CA LEU C 455 -32.34 -35.38 -16.71
C LEU C 455 -33.54 -34.93 -15.89
N GLY C 456 -34.04 -33.74 -16.16
CA GLY C 456 -35.25 -33.27 -15.52
C GLY C 456 -35.02 -32.13 -14.54
N TYR C 457 -35.74 -32.16 -13.42
CA TYR C 457 -35.64 -31.15 -12.38
C TYR C 457 -35.21 -31.80 -11.08
N THR C 458 -34.34 -31.12 -10.34
CA THR C 458 -33.77 -31.66 -9.11
C THR C 458 -34.45 -31.04 -7.88
N GLN C 459 -35.64 -31.55 -7.56
CA GLN C 459 -36.39 -31.12 -6.40
C GLN C 459 -36.92 -32.32 -5.63
N GLY C 460 -37.06 -32.16 -4.32
CA GLY C 460 -37.58 -33.23 -3.49
C GLY C 460 -36.51 -34.20 -3.02
N LYS C 461 -36.97 -35.27 -2.37
CA LYS C 461 -36.08 -36.28 -1.83
C LYS C 461 -35.44 -37.08 -2.94
N MET C 462 -34.18 -37.45 -2.73
CA MET C 462 -33.40 -38.17 -3.73
C MET C 462 -33.06 -39.57 -3.24
N ASN C 463 -33.28 -40.57 -4.08
CA ASN C 463 -33.02 -41.96 -3.75
C ASN C 463 -31.98 -42.54 -4.70
N GLN C 464 -31.26 -43.55 -4.22
CA GLN C 464 -30.23 -44.22 -4.99
C GLN C 464 -30.48 -45.71 -4.93
N GLN C 465 -30.54 -46.35 -6.10
CA GLN C 465 -30.85 -47.77 -6.18
C GLN C 465 -29.95 -48.45 -7.21
N ARG C 466 -29.41 -49.60 -6.83
CA ARG C 466 -28.56 -50.37 -7.74
C ARG C 466 -29.40 -51.07 -8.80
N VAL C 467 -28.84 -51.17 -10.00
CA VAL C 467 -29.49 -51.91 -11.08
C VAL C 467 -29.53 -53.38 -10.72
N GLY C 468 -30.68 -54.01 -10.96
CA GLY C 468 -30.84 -55.41 -10.65
C GLY C 468 -30.00 -56.33 -11.51
N GLN C 469 -29.93 -57.60 -11.15
CA GLN C 469 -29.16 -58.56 -11.92
C GLN C 469 -29.74 -58.78 -13.31
N ASP C 470 -31.06 -58.80 -13.43
CA ASP C 470 -31.71 -59.06 -14.71
C ASP C 470 -31.61 -57.89 -15.67
N ASN C 471 -31.11 -56.73 -15.22
CA ASN C 471 -30.96 -55.54 -16.06
C ASN C 471 -32.31 -55.07 -16.61
N ARG C 472 -33.34 -55.08 -15.77
CA ARG C 472 -34.66 -54.62 -16.15
C ARG C 472 -35.04 -53.41 -15.32
N LEU C 473 -35.58 -52.40 -16.00
CA LEU C 473 -36.02 -51.17 -15.37
C LEU C 473 -37.54 -51.12 -15.35
N TYR C 474 -38.13 -51.04 -14.16
CA TYR C 474 -39.57 -51.01 -13.99
C TYR C 474 -40.06 -49.57 -14.01
N VAL C 475 -40.98 -49.27 -14.91
CA VAL C 475 -41.54 -47.94 -15.05
C VAL C 475 -43.06 -48.03 -14.94
N ARG C 476 -43.62 -47.37 -13.94
CA ARG C 476 -45.07 -47.24 -13.80
C ARG C 476 -45.45 -45.91 -14.44
N ALA C 477 -46.02 -45.99 -15.64
CA ALA C 477 -46.21 -44.82 -16.49
C ALA C 477 -47.68 -44.60 -16.81
N GLY C 478 -48.06 -43.32 -16.87
CA GLY C 478 -49.35 -42.90 -17.35
C GLY C 478 -49.17 -41.73 -18.30
N ALA C 479 -49.87 -40.63 -18.03
CA ALA C 479 -49.57 -39.39 -18.75
C ALA C 479 -48.15 -38.93 -18.46
N ALA C 480 -47.72 -39.04 -17.20
CA ALA C 480 -46.34 -38.81 -16.82
C ALA C 480 -45.89 -40.00 -15.98
N ILE C 481 -44.59 -40.08 -15.71
CA ILE C 481 -44.02 -41.23 -15.01
C ILE C 481 -44.47 -41.17 -13.55
N ASP C 482 -45.06 -42.27 -13.08
CA ASP C 482 -45.51 -42.32 -11.69
C ASP C 482 -44.37 -42.70 -10.74
N ALA C 483 -43.50 -43.63 -11.17
CA ALA C 483 -42.40 -44.05 -10.32
C ALA C 483 -41.35 -44.76 -11.18
N LEU C 484 -40.16 -44.90 -10.61
CA LEU C 484 -39.08 -45.67 -11.19
C LEU C 484 -38.53 -46.61 -10.12
N GLY C 485 -37.73 -47.58 -10.55
CA GLY C 485 -37.12 -48.48 -9.59
C GLY C 485 -36.41 -49.61 -10.30
N SER C 486 -35.68 -50.39 -9.51
CA SER C 486 -34.96 -51.55 -10.00
C SER C 486 -35.70 -52.86 -9.78
N ALA C 487 -36.75 -52.86 -8.96
CA ALA C 487 -37.55 -54.06 -8.72
C ALA C 487 -38.97 -53.64 -8.40
N SER C 488 -39.89 -54.58 -8.53
CA SER C 488 -41.31 -54.28 -8.35
C SER C 488 -41.61 -53.78 -6.95
N ASP C 489 -40.78 -54.13 -5.96
CA ASP C 489 -41.01 -53.72 -4.59
C ASP C 489 -40.28 -52.42 -4.22
N LEU C 490 -39.39 -51.93 -5.08
CA LEU C 490 -38.59 -50.75 -4.78
C LEU C 490 -38.97 -49.57 -5.67
N LEU C 491 -40.24 -49.47 -6.04
CA LEU C 491 -40.69 -48.32 -6.80
C LEU C 491 -40.94 -47.14 -5.87
N VAL C 492 -40.26 -46.03 -6.13
CA VAL C 492 -40.45 -44.79 -5.38
C VAL C 492 -41.16 -43.79 -6.28
N GLY C 493 -42.29 -43.29 -5.81
CA GLY C 493 -43.10 -42.38 -6.61
C GLY C 493 -44.57 -42.67 -6.51
N GLY C 494 -45.31 -42.46 -7.60
CA GLY C 494 -46.73 -42.67 -7.62
C GLY C 494 -47.12 -44.11 -7.85
N ASN C 495 -48.43 -44.33 -7.93
CA ASN C 495 -48.99 -45.66 -8.15
C ASN C 495 -50.01 -45.71 -9.28
N GLY C 496 -50.43 -44.57 -9.80
CA GLY C 496 -51.47 -44.53 -10.83
C GLY C 496 -51.03 -45.02 -12.19
N GLY C 497 -49.73 -45.16 -12.42
CA GLY C 497 -49.25 -45.63 -13.69
C GLY C 497 -49.42 -47.13 -13.87
N SER C 498 -49.38 -47.55 -15.14
CA SER C 498 -49.47 -48.98 -15.47
C SER C 498 -48.06 -49.55 -15.52
N LEU C 499 -47.85 -50.66 -14.80
CA LEU C 499 -46.53 -51.26 -14.72
C LEU C 499 -46.09 -51.78 -16.08
N SER C 500 -44.81 -51.61 -16.39
CA SER C 500 -44.21 -52.06 -17.63
C SER C 500 -42.76 -52.45 -17.36
N SER C 501 -42.06 -52.86 -18.42
CA SER C 501 -40.67 -53.26 -18.29
C SER C 501 -39.90 -52.88 -19.54
N VAL C 502 -38.76 -52.21 -19.36
CA VAL C 502 -37.88 -51.83 -20.45
C VAL C 502 -36.49 -52.37 -20.14
N ASP C 503 -35.88 -53.03 -21.12
CA ASP C 503 -34.56 -53.61 -20.93
C ASP C 503 -33.49 -52.55 -21.10
N LEU C 504 -32.54 -52.51 -20.16
CA LEU C 504 -31.47 -51.53 -20.17
C LEU C 504 -30.21 -52.02 -20.87
N SER C 505 -30.24 -53.20 -21.47
CA SER C 505 -29.06 -53.76 -22.11
C SER C 505 -28.81 -53.07 -23.45
N GLY C 506 -27.58 -52.61 -23.65
CA GLY C 506 -27.22 -52.01 -24.92
C GLY C 506 -27.83 -50.66 -25.20
N VAL C 507 -28.17 -49.90 -24.16
CA VAL C 507 -28.73 -48.57 -24.37
C VAL C 507 -27.68 -47.67 -25.00
N LYS C 508 -27.98 -47.12 -26.16
CA LYS C 508 -27.07 -46.21 -26.85
C LYS C 508 -27.27 -44.76 -26.47
N SER C 509 -28.48 -44.37 -26.06
CA SER C 509 -28.77 -43.01 -25.68
C SER C 509 -30.13 -42.97 -24.98
N ILE C 510 -30.38 -41.87 -24.29
CA ILE C 510 -31.65 -41.64 -23.61
C ILE C 510 -32.13 -40.23 -23.93
N THR C 511 -33.42 -40.12 -24.27
CA THR C 511 -34.04 -38.83 -24.58
C THR C 511 -35.05 -38.53 -23.49
N ALA C 512 -34.78 -37.49 -22.70
CA ALA C 512 -35.65 -37.11 -21.60
C ALA C 512 -36.36 -35.80 -21.90
N THR C 513 -37.62 -35.73 -21.48
CA THR C 513 -38.44 -34.54 -21.66
C THR C 513 -39.07 -34.15 -20.33
N SER C 514 -38.99 -32.85 -20.01
CA SER C 514 -39.54 -32.35 -18.76
C SER C 514 -40.25 -31.03 -19.03
N GLY C 515 -41.17 -30.69 -18.14
CA GLY C 515 -41.94 -29.47 -18.30
C GLY C 515 -43.09 -29.42 -17.30
N ASP C 516 -44.00 -28.49 -17.57
CA ASP C 516 -45.15 -28.27 -16.70
C ASP C 516 -46.25 -29.26 -17.05
N PHE C 517 -46.59 -30.14 -16.10
CA PHE C 517 -47.67 -31.08 -16.32
C PHE C 517 -49.00 -30.34 -16.35
N GLN C 518 -49.95 -30.89 -17.10
CA GLN C 518 -51.25 -30.23 -17.26
C GLN C 518 -51.96 -30.07 -15.94
N TYR C 519 -51.96 -31.12 -15.10
CA TYR C 519 -52.64 -31.05 -13.82
C TYR C 519 -51.96 -30.10 -12.85
N GLY C 520 -50.62 -30.09 -12.81
CA GLY C 520 -49.92 -29.18 -11.92
C GLY C 520 -48.47 -29.55 -11.66
N GLY C 521 -47.64 -28.55 -11.41
CA GLY C 521 -46.25 -28.77 -11.09
C GLY C 521 -45.41 -29.06 -12.34
N GLN C 522 -44.14 -29.38 -12.09
CA GLN C 522 -43.19 -29.74 -13.14
C GLN C 522 -42.82 -31.20 -12.97
N GLN C 523 -42.96 -31.97 -14.03
CA GLN C 523 -42.73 -33.41 -13.97
C GLN C 523 -41.89 -33.86 -15.15
N LEU C 524 -41.46 -35.12 -15.08
CA LEU C 524 -40.83 -35.80 -16.21
C LEU C 524 -41.94 -36.55 -16.96
N VAL C 525 -42.01 -36.36 -18.27
CA VAL C 525 -43.15 -36.87 -19.02
C VAL C 525 -42.81 -38.07 -19.91
N ALA C 526 -41.70 -38.05 -20.63
CA ALA C 526 -41.46 -39.08 -21.63
C ALA C 526 -39.98 -39.43 -21.68
N LEU C 527 -39.69 -40.72 -21.85
CA LEU C 527 -38.34 -41.22 -22.04
C LEU C 527 -38.32 -42.14 -23.26
N THR C 528 -37.38 -41.90 -24.16
CA THR C 528 -37.26 -42.66 -25.40
C THR C 528 -35.89 -43.30 -25.45
N PHE C 529 -35.85 -44.63 -25.31
CA PHE C 529 -34.60 -45.36 -25.25
C PHE C 529 -34.20 -45.83 -26.65
N THR C 530 -32.97 -45.52 -27.03
CA THR C 530 -32.43 -45.91 -28.33
C THR C 530 -31.37 -46.99 -28.12
N TYR C 531 -31.53 -48.10 -28.81
CA TYR C 531 -30.57 -49.20 -28.73
C TYR C 531 -29.58 -49.09 -29.89
N GLN C 532 -28.45 -49.81 -29.74
CA GLN C 532 -27.44 -49.83 -30.79
C GLN C 532 -27.97 -50.55 -32.04
N ASP C 533 -28.92 -51.46 -31.86
CA ASP C 533 -29.51 -52.15 -33.00
C ASP C 533 -30.26 -51.19 -33.93
N GLY C 534 -30.95 -50.20 -33.37
CA GLY C 534 -31.70 -49.25 -34.16
C GLY C 534 -33.17 -49.18 -33.81
N ARG C 535 -33.67 -50.07 -32.96
CA ARG C 535 -35.07 -50.00 -32.54
C ARG C 535 -35.23 -48.99 -31.40
N GLN C 536 -36.43 -48.44 -31.31
CA GLN C 536 -36.77 -47.46 -30.28
C GLN C 536 -37.89 -47.99 -29.40
N GLN C 537 -38.19 -47.22 -28.36
CA GLN C 537 -39.26 -47.58 -27.43
C GLN C 537 -39.68 -46.33 -26.66
N THR C 538 -40.97 -46.22 -26.38
CA THR C 538 -41.53 -45.03 -25.76
C THR C 538 -42.33 -45.40 -24.53
N VAL C 539 -42.13 -44.63 -23.46
CA VAL C 539 -42.91 -44.73 -22.24
C VAL C 539 -43.42 -43.34 -21.87
N GLY C 540 -44.65 -43.26 -21.42
CA GLY C 540 -45.28 -41.98 -21.16
C GLY C 540 -45.79 -41.36 -22.45
N SER C 541 -46.42 -40.18 -22.29
CA SER C 541 -47.01 -39.48 -23.41
C SER C 541 -46.55 -38.02 -23.42
N LYS C 542 -46.35 -37.48 -24.61
CA LYS C 542 -45.85 -36.13 -24.80
C LYS C 542 -46.93 -35.13 -25.19
N ALA C 543 -48.21 -35.51 -25.10
CA ALA C 543 -49.29 -34.67 -25.57
C ALA C 543 -50.00 -33.89 -24.48
N TYR C 544 -49.58 -34.01 -23.22
CA TYR C 544 -50.24 -33.33 -22.11
C TYR C 544 -49.28 -32.44 -21.33
N VAL C 545 -48.32 -31.82 -22.01
CA VAL C 545 -47.32 -30.98 -21.36
C VAL C 545 -47.09 -29.73 -22.18
N THR C 546 -46.95 -28.60 -21.50
CA THR C 546 -46.63 -27.32 -22.12
C THR C 546 -45.32 -26.79 -21.56
N ASN C 547 -44.68 -25.90 -22.34
CA ASN C 547 -43.39 -25.33 -21.98
C ASN C 547 -42.35 -26.42 -21.71
N ALA C 548 -42.38 -27.45 -22.54
CA ALA C 548 -41.50 -28.60 -22.33
C ALA C 548 -40.07 -28.26 -22.71
N HIS C 549 -39.13 -28.97 -22.08
CA HIS C 549 -37.71 -28.86 -22.41
C HIS C 549 -37.14 -30.24 -22.67
N GLU C 550 -36.21 -30.32 -23.61
CA GLU C 550 -35.66 -31.58 -24.09
C GLU C 550 -34.18 -31.65 -23.74
N ASP C 551 -33.77 -32.76 -23.12
CA ASP C 551 -32.39 -33.03 -22.80
C ASP C 551 -32.00 -34.39 -23.35
N ARG C 552 -30.72 -34.57 -23.68
CA ARG C 552 -30.23 -35.81 -24.25
C ARG C 552 -29.04 -36.33 -23.45
N PHE C 553 -28.88 -37.65 -23.43
CA PHE C 553 -27.79 -38.33 -22.73
C PHE C 553 -27.21 -39.37 -23.68
N ASP C 554 -25.95 -39.21 -24.05
CA ASP C 554 -25.27 -40.13 -24.96
C ASP C 554 -24.23 -40.93 -24.17
N LEU C 555 -24.45 -42.24 -24.05
CA LEU C 555 -23.49 -43.09 -23.39
C LEU C 555 -22.27 -43.30 -24.27
N PRO C 556 -21.08 -43.49 -23.67
CA PRO C 556 -19.94 -43.94 -24.46
C PRO C 556 -20.16 -45.36 -24.96
N ASP C 557 -19.38 -45.73 -25.97
CA ASP C 557 -19.50 -47.05 -26.58
C ASP C 557 -19.14 -48.14 -25.58
N ALA C 558 -19.93 -49.22 -25.59
CA ALA C 558 -19.64 -50.42 -24.81
C ALA C 558 -19.56 -50.14 -23.31
N ALA C 559 -20.68 -49.75 -22.72
CA ALA C 559 -20.77 -49.47 -21.29
C ALA C 559 -22.06 -50.06 -20.74
N LYS C 560 -22.09 -50.26 -19.42
CA LYS C 560 -23.25 -50.79 -18.73
C LYS C 560 -23.75 -49.81 -17.69
N ILE C 561 -25.07 -49.58 -17.69
CA ILE C 561 -25.68 -48.71 -16.69
C ILE C 561 -25.78 -49.46 -15.37
N THR C 562 -25.29 -48.86 -14.29
CA THR C 562 -25.17 -49.55 -13.01
C THR C 562 -25.95 -48.93 -11.86
N GLN C 563 -26.19 -47.63 -11.88
CA GLN C 563 -26.87 -46.98 -10.77
C GLN C 563 -27.99 -46.09 -11.29
N LEU C 564 -29.11 -46.10 -10.57
CA LEU C 564 -30.25 -45.25 -10.85
C LEU C 564 -30.48 -44.30 -9.68
N LYS C 565 -30.54 -43.01 -9.99
CA LYS C 565 -30.87 -41.99 -9.01
C LYS C 565 -32.24 -41.44 -9.38
N ILE C 566 -33.16 -41.41 -8.42
CA ILE C 566 -34.56 -41.07 -8.68
C ILE C 566 -34.92 -39.84 -7.88
N TRP C 567 -35.35 -38.78 -8.56
CA TRP C 567 -35.90 -37.59 -7.95
C TRP C 567 -37.41 -37.69 -7.98
N ALA C 568 -38.02 -37.90 -6.81
CA ALA C 568 -39.47 -38.04 -6.77
C ALA C 568 -39.97 -37.84 -5.35
N ASP C 569 -41.02 -37.03 -5.23
CA ASP C 569 -41.78 -36.95 -3.99
C ASP C 569 -42.92 -37.97 -4.06
N ASP C 570 -43.91 -37.84 -3.17
CA ASP C 570 -44.98 -38.82 -3.04
C ASP C 570 -45.76 -39.04 -4.34
N TRP C 571 -45.84 -38.04 -5.21
CA TRP C 571 -46.73 -38.13 -6.37
C TRP C 571 -46.00 -38.62 -7.62
N LEU C 572 -45.00 -37.87 -8.09
CA LEU C 572 -44.46 -38.11 -9.41
C LEU C 572 -42.94 -37.95 -9.41
N VAL C 573 -42.32 -38.45 -10.46
CA VAL C 573 -40.88 -38.36 -10.64
C VAL C 573 -40.52 -37.02 -11.26
N LYS C 574 -39.62 -36.28 -10.61
CA LYS C 574 -39.19 -34.98 -11.10
C LYS C 574 -37.86 -35.02 -11.84
N GLY C 575 -37.05 -36.06 -11.66
CA GLY C 575 -35.78 -36.15 -12.34
C GLY C 575 -35.15 -37.51 -12.11
N VAL C 576 -34.18 -37.83 -12.96
CA VAL C 576 -33.49 -39.12 -12.90
C VAL C 576 -32.12 -38.97 -13.54
N GLN C 577 -31.10 -39.52 -12.88
CA GLN C 577 -29.73 -39.48 -13.36
C GLN C 577 -29.24 -40.90 -13.55
N PHE C 578 -28.63 -41.18 -14.70
CA PHE C 578 -28.13 -42.51 -15.02
C PHE C 578 -26.61 -42.52 -14.88
N ASP C 579 -26.12 -43.05 -13.76
CA ASP C 579 -24.69 -43.22 -13.57
C ASP C 579 -24.18 -44.33 -14.49
N LEU C 580 -22.93 -44.21 -14.91
CA LEU C 580 -22.33 -45.16 -15.83
C LEU C 580 -21.24 -45.97 -15.14
N ASN C 581 -21.15 -47.24 -15.50
CA ASN C 581 -20.04 -48.11 -15.11
C ASN C 581 -19.91 -48.28 -13.60
N THR D 1 10.22 -30.86 10.06
CA THR D 1 9.98 -31.81 11.13
C THR D 1 10.83 -31.48 12.35
N ASN D 2 11.11 -30.20 12.56
CA ASN D 2 11.82 -29.74 13.74
C ASN D 2 11.16 -28.53 14.39
N THR D 3 10.06 -28.03 13.83
CA THR D 3 9.40 -26.83 14.33
C THR D 3 8.39 -27.18 15.41
N LEU D 4 7.51 -26.24 15.68
CA LEU D 4 6.57 -26.34 16.78
C LEU D 4 5.62 -27.52 16.58
N PRO D 5 5.19 -28.18 17.65
CA PRO D 5 4.13 -29.18 17.51
C PRO D 5 2.76 -28.55 17.53
N HIS D 6 1.77 -29.31 17.09
CA HIS D 6 0.38 -28.84 17.09
C HIS D 6 -0.56 -30.02 17.18
N VAL D 7 -1.70 -29.80 17.82
CA VAL D 7 -2.82 -30.75 17.81
C VAL D 7 -4.05 -30.00 17.34
N ALA D 8 -4.73 -30.54 16.33
CA ALA D 8 -5.86 -29.85 15.74
C ALA D 8 -7.00 -30.84 15.52
N PHE D 9 -8.21 -30.42 15.85
CA PHE D 9 -9.39 -31.23 15.59
C PHE D 9 -10.60 -30.33 15.59
N TYR D 10 -11.64 -30.79 14.91
CA TYR D 10 -12.85 -30.00 14.71
C TYR D 10 -13.91 -30.33 15.75
N ILE D 11 -14.78 -29.37 16.00
CA ILE D 11 -15.97 -29.56 16.82
C ILE D 11 -17.16 -29.20 15.96
N SER D 12 -18.03 -30.17 15.71
CA SER D 12 -19.22 -29.91 14.94
C SER D 12 -20.39 -29.61 15.88
N VAL D 13 -21.08 -28.50 15.63
CA VAL D 13 -22.18 -28.06 16.47
C VAL D 13 -23.42 -28.03 15.57
N ASN D 14 -24.26 -29.05 15.71
CA ASN D 14 -25.50 -29.15 14.96
C ASN D 14 -26.67 -29.21 15.92
N ARG D 15 -27.74 -28.49 15.59
CA ARG D 15 -28.93 -28.43 16.44
C ARG D 15 -30.09 -27.99 15.57
N ALA D 16 -30.97 -28.91 15.23
CA ALA D 16 -32.17 -28.55 14.49
C ALA D 16 -33.12 -27.80 15.41
N ILE D 17 -33.81 -26.82 14.85
CA ILE D 17 -34.80 -26.05 15.58
C ILE D 17 -36.19 -26.53 15.17
N SER D 18 -36.90 -27.13 16.11
CA SER D 18 -38.24 -27.59 15.81
C SER D 18 -39.17 -26.41 15.54
N ASP D 19 -40.18 -26.64 14.71
CA ASP D 19 -41.18 -25.62 14.45
C ASP D 19 -41.94 -25.28 15.73
N GLU D 20 -42.10 -26.26 16.62
CA GLU D 20 -42.80 -26.03 17.88
C GLU D 20 -42.07 -25.01 18.73
N GLU D 21 -40.73 -25.08 18.73
CA GLU D 21 -39.95 -24.09 19.47
C GLU D 21 -40.11 -22.69 18.90
N CYS D 22 -40.60 -22.57 17.68
CA CYS D 22 -40.82 -21.29 17.04
C CYS D 22 -42.28 -20.84 17.12
N THR D 23 -43.06 -21.41 18.04
CA THR D 23 -44.46 -21.04 18.21
C THR D 23 -44.57 -19.76 19.02
N PHE D 24 -45.36 -18.82 18.53
CA PHE D 24 -45.57 -17.56 19.21
C PHE D 24 -47.01 -17.11 18.96
N ASN D 25 -47.50 -16.25 19.84
CA ASN D 25 -48.85 -15.74 19.69
C ASN D 25 -48.96 -14.90 18.43
N ASN D 26 -50.02 -15.14 17.65
CA ASN D 26 -50.17 -14.49 16.36
C ASN D 26 -50.34 -12.98 16.50
N SER D 27 -50.72 -12.49 17.68
CA SER D 27 -50.77 -11.07 17.95
C SER D 27 -50.38 -10.83 19.39
N TRP D 28 -49.93 -9.60 19.67
CA TRP D 28 -49.47 -9.23 20.99
C TRP D 28 -50.57 -8.64 21.87
N LEU D 29 -51.44 -7.82 21.29
CA LEU D 29 -52.52 -7.22 22.06
C LEU D 29 -53.64 -8.22 22.30
N TRP D 30 -53.74 -9.25 21.45
CA TRP D 30 -54.91 -10.14 21.40
C TRP D 30 -54.46 -11.59 21.50
N LYS D 31 -53.65 -11.88 22.51
CA LYS D 31 -53.04 -13.20 22.68
C LYS D 31 -54.03 -14.35 22.53
N ASN D 32 -55.01 -14.42 23.44
CA ASN D 32 -55.88 -15.59 23.49
C ASN D 32 -56.96 -15.58 22.42
N GLU D 33 -57.20 -14.44 21.78
CA GLU D 33 -58.29 -14.35 20.81
C GLU D 33 -57.92 -14.99 19.48
N LYS D 34 -56.66 -14.88 19.06
CA LYS D 34 -56.25 -15.25 17.71
C LYS D 34 -55.50 -16.57 17.62
N GLY D 35 -54.82 -16.99 18.69
CA GLY D 35 -54.07 -18.22 18.62
C GLY D 35 -52.60 -18.01 18.29
N SER D 36 -51.98 -19.07 17.77
CA SER D 36 -50.54 -19.11 17.56
C SER D 36 -50.23 -19.83 16.26
N ARG D 37 -49.03 -19.58 15.73
CA ARG D 37 -48.59 -20.19 14.49
C ARG D 37 -47.07 -20.22 14.48
N PRO D 38 -46.47 -21.07 13.64
CA PRO D 38 -45.00 -21.09 13.54
C PRO D 38 -44.48 -19.77 12.98
N PHE D 39 -43.28 -19.39 13.40
CA PHE D 39 -42.64 -18.17 12.94
C PHE D 39 -41.30 -18.41 12.26
N CYS D 40 -40.81 -19.65 12.27
CA CYS D 40 -39.56 -19.95 11.58
C CYS D 40 -39.69 -21.32 10.93
N LYS D 41 -39.27 -21.40 9.66
CA LYS D 41 -39.41 -22.62 8.88
C LYS D 41 -38.05 -23.24 8.64
N ASP D 42 -37.88 -24.49 9.09
CA ASP D 42 -36.66 -25.25 8.85
C ASP D 42 -35.42 -24.52 9.38
N ALA D 43 -35.57 -23.91 10.54
CA ALA D 43 -34.43 -23.23 11.16
C ALA D 43 -33.37 -24.24 11.56
N ASN D 44 -32.11 -23.82 11.48
CA ASN D 44 -31.01 -24.72 11.80
C ASN D 44 -29.81 -23.91 12.25
N ILE D 45 -29.01 -24.52 13.12
CA ILE D 45 -27.76 -23.95 13.61
C ILE D 45 -26.64 -24.90 13.21
N SER D 46 -25.62 -24.37 12.53
CA SER D 46 -24.50 -25.19 12.07
C SER D 46 -23.25 -24.32 12.03
N LEU D 47 -22.35 -24.54 12.98
CA LEU D 47 -21.03 -23.93 12.99
C LEU D 47 -19.98 -25.02 13.11
N ILE D 48 -18.75 -24.69 12.75
CA ILE D 48 -17.65 -25.64 12.87
C ILE D 48 -16.44 -24.90 13.41
N TYR D 49 -16.14 -25.08 14.69
CA TYR D 49 -14.99 -24.44 15.30
C TYR D 49 -13.71 -25.19 14.93
N ARG D 50 -12.59 -24.50 15.11
CA ARG D 50 -11.27 -25.11 14.99
C ARG D 50 -10.57 -24.98 16.33
N VAL D 51 -10.04 -26.08 16.85
CA VAL D 51 -9.35 -26.11 18.12
C VAL D 51 -7.88 -26.41 17.88
N ASN D 52 -7.02 -25.60 18.47
CA ASN D 52 -5.58 -25.81 18.39
C ASN D 52 -4.97 -25.80 19.78
N LEU D 53 -4.14 -26.81 20.05
CA LEU D 53 -3.35 -26.89 21.27
C LEU D 53 -1.89 -26.77 20.88
N GLU D 54 -1.17 -25.89 21.55
CA GLU D 54 0.22 -25.66 21.18
C GLU D 54 0.94 -25.06 22.38
N ARG D 55 2.20 -25.46 22.55
CA ARG D 55 3.08 -24.77 23.49
C ARG D 55 3.83 -23.66 22.76
N SER D 56 3.86 -22.49 23.40
CA SER D 56 4.37 -21.30 22.73
C SER D 56 5.87 -21.36 22.45
N LEU D 57 6.58 -22.32 23.02
CA LEU D 57 8.01 -22.48 22.78
C LEU D 57 8.33 -23.94 22.51
N GLN D 58 9.33 -24.16 21.66
CA GLN D 58 9.83 -25.51 21.47
C GLN D 58 10.54 -25.97 22.74
N TYR D 59 10.55 -27.28 22.95
CA TYR D 59 11.13 -27.82 24.16
C TYR D 59 12.63 -27.60 24.18
N GLY D 60 13.13 -27.11 25.31
CA GLY D 60 14.56 -26.93 25.48
C GLY D 60 15.11 -25.59 25.06
N ILE D 61 14.31 -24.75 24.39
CA ILE D 61 14.76 -23.41 24.06
C ILE D 61 14.64 -22.54 25.30
N VAL D 62 15.74 -21.89 25.68
CA VAL D 62 15.85 -21.18 26.94
C VAL D 62 15.96 -19.69 26.69
N GLY D 63 15.08 -18.92 27.31
CA GLY D 63 15.20 -17.48 27.25
C GLY D 63 14.66 -16.83 26.00
N SER D 64 13.72 -17.47 25.32
CA SER D 64 13.11 -16.83 24.17
C SER D 64 12.23 -15.66 24.62
N ALA D 65 12.06 -14.69 23.73
CA ALA D 65 11.33 -13.48 24.06
C ALA D 65 9.86 -13.71 24.31
N THR D 66 9.31 -14.83 23.84
CA THR D 66 7.91 -15.14 24.08
C THR D 66 7.78 -15.92 25.38
N PRO D 67 6.94 -15.50 26.32
CA PRO D 67 6.91 -16.15 27.63
C PRO D 67 6.53 -17.62 27.53
N ASP D 68 7.11 -18.42 28.42
CA ASP D 68 6.82 -19.85 28.42
C ASP D 68 5.46 -20.10 29.04
N ALA D 69 4.55 -20.65 28.25
CA ALA D 69 3.20 -20.93 28.73
C ALA D 69 2.54 -21.91 27.77
N LYS D 70 1.45 -22.51 28.24
CA LYS D 70 0.69 -23.48 27.46
C LYS D 70 -0.55 -22.80 26.89
N ILE D 71 -0.76 -22.93 25.57
CA ILE D 71 -1.74 -22.15 24.84
C ILE D 71 -2.84 -23.07 24.33
N VAL D 72 -4.08 -22.70 24.60
CA VAL D 72 -5.25 -23.37 24.04
C VAL D 72 -6.00 -22.35 23.20
N ARG D 73 -6.26 -22.70 21.93
CA ARG D 73 -6.85 -21.76 20.98
C ARG D 73 -8.18 -22.29 20.48
N ILE D 74 -9.22 -21.48 20.58
CA ILE D 74 -10.53 -21.76 20.02
C ILE D 74 -10.89 -20.59 19.10
N SER D 75 -11.13 -20.88 17.82
CA SER D 75 -11.23 -19.78 16.87
C SER D 75 -12.19 -20.10 15.75
N LEU D 76 -12.67 -19.04 15.10
CA LEU D 76 -13.39 -19.09 13.83
C LEU D 76 -12.80 -18.01 12.93
N ASP D 77 -12.31 -18.42 11.76
CA ASP D 77 -11.71 -17.45 10.85
C ASP D 77 -12.15 -17.81 9.44
N ASP D 78 -11.51 -17.20 8.44
CA ASP D 78 -11.88 -17.43 7.06
C ASP D 78 -11.65 -18.87 6.65
N ASP D 79 -10.76 -19.58 7.33
CA ASP D 79 -10.44 -20.96 6.97
C ASP D 79 -11.46 -21.96 7.47
N SER D 80 -12.31 -21.59 8.43
CA SER D 80 -13.34 -22.49 8.91
C SER D 80 -14.46 -21.74 9.61
N THR D 81 -15.65 -21.72 9.00
CA THR D 81 -16.80 -21.03 9.58
C THR D 81 -18.01 -21.91 9.79
N GLY D 82 -18.39 -22.76 8.84
CA GLY D 82 -19.60 -23.52 8.95
C GLY D 82 -20.75 -22.90 8.18
N ALA D 83 -21.87 -23.63 8.15
CA ALA D 83 -23.01 -23.20 7.36
C ALA D 83 -23.53 -21.85 7.83
N GLY D 84 -23.69 -21.69 9.14
CA GLY D 84 -24.14 -20.45 9.71
C GLY D 84 -25.38 -20.69 10.55
N ILE D 85 -26.19 -19.64 10.67
CA ILE D 85 -27.44 -19.68 11.42
C ILE D 85 -28.57 -19.27 10.51
N HIS D 86 -29.65 -20.03 10.52
CA HIS D 86 -30.76 -19.84 9.58
C HIS D 86 -32.08 -19.81 10.33
N LEU D 87 -32.93 -18.86 9.98
CA LEU D 87 -34.24 -18.75 10.61
C LEU D 87 -35.41 -18.76 9.62
N ASN D 88 -35.28 -18.10 8.47
CA ASN D 88 -36.31 -18.10 7.45
C ASN D 88 -35.70 -17.77 6.10
N ASP D 89 -36.45 -18.07 5.05
CA ASP D 89 -35.96 -17.80 3.69
C ASP D 89 -36.52 -16.50 3.12
N GLN D 90 -37.76 -16.15 3.45
CA GLN D 90 -38.28 -14.82 3.15
C GLN D 90 -39.31 -14.49 4.21
N LEU D 91 -39.53 -13.20 4.40
CA LEU D 91 -40.39 -12.71 5.47
C LEU D 91 -41.77 -12.42 4.90
N GLY D 92 -42.75 -13.21 5.32
CA GLY D 92 -44.15 -12.95 5.02
C GLY D 92 -44.83 -12.29 6.21
N TYR D 93 -46.10 -11.96 6.01
CA TYR D 93 -46.85 -11.30 7.06
C TYR D 93 -48.30 -11.74 7.01
N ARG D 94 -48.95 -11.67 8.16
CA ARG D 94 -50.38 -11.86 8.26
C ARG D 94 -50.97 -10.67 8.98
N GLN D 95 -52.14 -10.24 8.53
CA GLN D 95 -52.77 -9.01 9.00
C GLN D 95 -53.98 -9.35 9.86
N PHE D 96 -54.15 -8.60 10.94
CA PHE D 96 -55.22 -8.88 11.89
C PHE D 96 -56.04 -7.62 12.13
N GLY D 97 -57.34 -7.80 12.31
CA GLY D 97 -58.24 -6.69 12.54
C GLY D 97 -58.95 -6.83 13.87
N ALA D 98 -59.45 -5.70 14.36
CA ALA D 98 -60.13 -5.67 15.65
C ALA D 98 -61.49 -6.32 15.54
N SER D 99 -61.77 -7.27 16.43
CA SER D 99 -63.08 -7.90 16.46
C SER D 99 -64.09 -7.10 17.28
N TYR D 100 -63.64 -6.15 18.10
CA TYR D 100 -64.51 -5.37 18.95
C TYR D 100 -64.51 -3.91 18.50
N THR D 101 -65.38 -3.11 19.11
CA THR D 101 -65.55 -1.71 18.76
C THR D 101 -64.36 -0.89 19.27
N THR D 102 -63.73 -0.17 18.33
CA THR D 102 -62.51 0.57 18.63
C THR D 102 -62.68 2.01 18.19
N LEU D 103 -62.70 2.93 19.15
CA LEU D 103 -62.78 4.36 18.88
C LEU D 103 -61.47 5.07 19.22
N ASP D 104 -60.96 4.85 20.44
CA ASP D 104 -59.68 5.41 20.87
C ASP D 104 -58.85 4.25 21.42
N ALA D 105 -58.20 3.51 20.52
CA ALA D 105 -57.42 2.33 20.85
C ALA D 105 -56.80 1.80 19.57
N TYR D 106 -56.03 0.72 19.70
CA TYR D 106 -55.52 0.02 18.53
C TYR D 106 -56.62 -0.83 17.91
N PHE D 107 -56.61 -0.94 16.58
CA PHE D 107 -57.57 -1.77 15.89
C PHE D 107 -56.98 -2.66 14.79
N ARG D 108 -55.70 -2.52 14.47
CA ARG D 108 -55.03 -3.45 13.56
C ARG D 108 -53.64 -3.76 14.09
N GLU D 109 -53.28 -5.04 14.03
CA GLU D 109 -51.98 -5.49 14.52
C GLU D 109 -51.39 -6.44 13.50
N TRP D 110 -50.07 -6.32 13.29
CA TRP D 110 -49.37 -7.07 12.25
C TRP D 110 -48.36 -8.00 12.89
N SER D 111 -48.18 -9.18 12.30
CA SER D 111 -47.18 -10.13 12.71
C SER D 111 -46.17 -10.31 11.58
N THR D 112 -44.90 -10.11 11.88
CA THR D 112 -43.83 -10.24 10.90
C THR D 112 -42.99 -11.46 11.22
N ASP D 113 -42.63 -12.21 10.18
CA ASP D 113 -41.82 -13.41 10.35
C ASP D 113 -40.57 -13.11 11.15
N ALA D 114 -40.13 -14.11 11.91
CA ALA D 114 -39.13 -13.91 12.94
C ALA D 114 -37.80 -13.44 12.35
N ILE D 115 -37.09 -12.61 13.13
CA ILE D 115 -35.75 -12.18 12.80
C ILE D 115 -34.88 -12.40 14.04
N ALA D 116 -33.57 -12.46 13.82
CA ALA D 116 -32.61 -12.72 14.88
C ALA D 116 -32.32 -11.42 15.62
N GLN D 117 -32.86 -11.29 16.83
CA GLN D 117 -32.62 -10.07 17.60
C GLN D 117 -31.15 -9.91 17.92
N ASP D 118 -30.49 -10.99 18.30
CA ASP D 118 -29.08 -10.93 18.65
C ASP D 118 -28.50 -12.33 18.67
N TYR D 119 -27.25 -12.44 18.24
CA TYR D 119 -26.52 -13.69 18.30
C TYR D 119 -25.59 -13.64 19.51
N ARG D 120 -25.44 -14.77 20.19
CA ARG D 120 -24.66 -14.83 21.41
C ARG D 120 -23.74 -16.04 21.38
N PHE D 121 -22.50 -15.84 21.81
CA PHE D 121 -21.52 -16.92 21.91
C PHE D 121 -20.84 -16.82 23.25
N VAL D 122 -20.68 -17.95 23.93
CA VAL D 122 -20.19 -17.99 25.30
C VAL D 122 -19.06 -19.00 25.39
N PHE D 123 -17.96 -18.62 26.04
CA PHE D 123 -16.87 -19.52 26.37
C PHE D 123 -16.68 -19.55 27.88
N ASN D 124 -16.65 -20.75 28.44
CA ASN D 124 -16.50 -20.92 29.89
C ASN D 124 -15.36 -21.86 30.20
N ALA D 125 -14.58 -21.52 31.21
CA ALA D 125 -13.58 -22.43 31.75
C ALA D 125 -14.18 -23.20 32.91
N SER D 126 -13.85 -24.49 32.99
CA SER D 126 -14.47 -25.33 34.01
C SER D 126 -13.90 -25.08 35.39
N ASN D 127 -12.65 -24.63 35.50
CA ASN D 127 -12.04 -24.35 36.78
C ASN D 127 -11.20 -23.09 36.66
N ASN D 128 -10.33 -22.85 37.65
CA ASN D 128 -9.49 -21.68 37.64
C ASN D 128 -8.09 -21.96 37.10
N LYS D 129 -7.85 -23.15 36.55
CA LYS D 129 -6.52 -23.47 36.05
C LYS D 129 -6.20 -22.74 34.77
N ALA D 130 -7.21 -22.18 34.10
CA ALA D 130 -7.03 -21.53 32.82
C ALA D 130 -7.38 -20.05 32.93
N GLN D 131 -6.74 -19.23 32.12
CA GLN D 131 -7.01 -17.79 32.08
C GLN D 131 -7.13 -17.34 30.63
N ILE D 132 -7.83 -16.22 30.42
CA ILE D 132 -7.99 -15.67 29.09
C ILE D 132 -6.81 -14.78 28.75
N LEU D 133 -6.17 -15.06 27.61
CA LEU D 133 -4.96 -14.35 27.24
C LEU D 133 -5.21 -13.22 26.25
N LYS D 134 -5.77 -13.53 25.08
CA LYS D 134 -6.09 -12.50 24.11
C LYS D 134 -7.31 -12.95 23.33
N THR D 135 -8.01 -11.97 22.76
CA THR D 135 -9.25 -12.24 22.05
C THR D 135 -9.30 -11.39 20.79
N PHE D 136 -10.11 -11.84 19.84
CA PHE D 136 -10.38 -11.07 18.62
C PHE D 136 -11.88 -10.92 18.49
N PRO D 137 -12.40 -9.68 18.43
CA PRO D 137 -11.69 -8.41 18.42
C PRO D 137 -10.98 -8.12 19.73
N VAL D 138 -9.88 -7.39 19.67
CA VAL D 138 -9.11 -7.11 20.88
C VAL D 138 -9.93 -6.30 21.87
N ASP D 139 -10.91 -5.55 21.39
CA ASP D 139 -11.64 -4.62 22.21
C ASP D 139 -12.96 -4.31 21.51
N ASN D 140 -13.89 -3.72 22.25
CA ASN D 140 -15.09 -3.20 21.63
C ASN D 140 -14.75 -2.02 20.73
N ILE D 141 -15.74 -1.59 19.95
CA ILE D 141 -15.51 -0.50 19.01
C ILE D 141 -15.25 0.78 19.77
N ASN D 142 -14.19 1.49 19.39
CA ASN D 142 -13.89 2.81 19.95
C ASN D 142 -14.33 3.83 18.91
N GLU D 143 -15.59 4.26 19.00
CA GLU D 143 -16.21 5.04 17.94
C GLU D 143 -15.47 6.34 17.69
N LYS D 144 -15.38 6.74 16.43
CA LYS D 144 -14.85 8.03 16.05
C LYS D 144 -16.00 8.99 15.79
N PHE D 145 -15.86 10.21 16.32
CA PHE D 145 -16.90 11.22 16.23
C PHE D 145 -16.37 12.42 15.50
N GLU D 146 -17.25 13.07 14.72
CA GLU D 146 -16.93 14.29 14.01
C GLU D 146 -17.90 15.38 14.43
N ARG D 147 -17.37 16.53 14.82
CA ARG D 147 -18.17 17.66 15.25
C ARG D 147 -17.93 18.84 14.32
N LYS D 148 -18.96 19.65 14.13
CA LYS D 148 -18.86 20.88 13.36
C LYS D 148 -19.60 21.99 14.10
N GLU D 149 -19.01 23.18 14.10
CA GLU D 149 -19.67 24.35 14.68
C GLU D 149 -19.80 25.38 13.57
N VAL D 150 -21.04 25.63 13.14
CA VAL D 150 -21.31 26.54 12.04
C VAL D 150 -21.91 27.82 12.62
N SER D 151 -21.28 28.95 12.31
CA SER D 151 -21.76 30.23 12.79
C SER D 151 -21.47 31.29 11.75
N GLY D 152 -22.28 32.33 11.75
CA GLY D 152 -22.08 33.43 10.84
C GLY D 152 -23.24 34.41 10.94
N PHE D 153 -23.14 35.48 10.16
CA PHE D 153 -24.16 36.51 10.18
C PHE D 153 -24.46 36.96 8.76
N GLU D 154 -25.67 37.47 8.58
CA GLU D 154 -26.20 37.83 7.27
C GLU D 154 -26.82 39.22 7.34
N LEU D 155 -26.56 40.05 6.33
CA LEU D 155 -27.13 41.38 6.24
C LEU D 155 -27.93 41.50 4.95
N GLY D 156 -29.05 42.21 5.01
CA GLY D 156 -29.86 42.43 3.85
C GLY D 156 -30.58 43.76 3.93
N VAL D 157 -30.57 44.48 2.80
CA VAL D 157 -31.27 45.75 2.68
C VAL D 157 -32.24 45.64 1.52
N THR D 158 -33.48 46.10 1.75
CA THR D 158 -34.56 45.97 0.81
C THR D 158 -35.03 47.34 0.37
N GLY D 159 -35.10 47.57 -0.94
CA GLY D 159 -35.66 48.78 -1.50
C GLY D 159 -36.92 48.46 -2.29
N GLY D 160 -38.03 49.05 -1.87
CA GLY D 160 -39.32 48.78 -2.49
C GLY D 160 -39.94 50.05 -3.01
N VAL D 161 -40.38 49.98 -4.27
CA VAL D 161 -41.04 51.10 -4.93
C VAL D 161 -42.37 50.64 -5.49
N GLU D 162 -43.45 51.30 -5.09
CA GLU D 162 -44.80 50.93 -5.50
C GLU D 162 -45.47 52.13 -6.15
N VAL D 163 -46.13 51.89 -7.28
CA VAL D 163 -46.98 52.87 -7.93
C VAL D 163 -48.37 52.27 -8.10
N SER D 164 -49.38 52.95 -7.58
CA SER D 164 -50.75 52.47 -7.65
C SER D 164 -51.70 53.66 -7.65
N GLY D 165 -52.99 53.36 -7.64
CA GLY D 165 -53.98 54.43 -7.58
C GLY D 165 -53.88 55.25 -6.32
N ASP D 166 -53.53 54.62 -5.20
CA ASP D 166 -53.36 55.35 -3.96
C ASP D 166 -52.26 56.38 -4.07
N GLY D 167 -51.15 56.04 -4.70
CA GLY D 167 -50.06 56.98 -4.90
C GLY D 167 -48.71 56.31 -4.75
N PRO D 168 -47.67 56.95 -5.27
CA PRO D 168 -46.32 56.37 -5.15
C PRO D 168 -45.89 56.19 -3.71
N LYS D 169 -45.29 55.04 -3.40
CA LYS D 169 -44.74 54.76 -2.09
C LYS D 169 -43.25 54.48 -2.21
N ALA D 170 -42.57 54.45 -1.07
CA ALA D 170 -41.14 54.17 -1.06
C ALA D 170 -40.79 53.50 0.26
N LYS D 171 -40.09 52.37 0.17
CA LYS D 171 -39.69 51.60 1.34
C LYS D 171 -38.20 51.28 1.26
N LEU D 172 -37.46 51.63 2.31
CA LEU D 172 -36.07 51.22 2.47
C LEU D 172 -35.98 50.40 3.75
N GLU D 173 -35.75 49.10 3.61
CA GLU D 173 -35.87 48.15 4.71
C GLU D 173 -34.54 47.46 4.94
N ALA D 174 -34.25 47.16 6.20
CA ALA D 174 -32.97 46.58 6.58
C ALA D 174 -33.18 45.33 7.42
N ARG D 175 -32.36 44.32 7.18
CA ARG D 175 -32.37 43.08 7.94
C ARG D 175 -30.97 42.74 8.41
N ALA D 176 -30.88 42.07 9.55
CA ALA D 176 -29.60 41.63 10.09
C ALA D 176 -29.82 40.33 10.83
N SER D 177 -29.26 39.25 10.32
CA SER D 177 -29.47 37.92 10.87
C SER D 177 -28.21 37.41 11.55
N TYR D 178 -28.40 36.44 12.43
CA TYR D 178 -27.30 35.73 13.09
C TYR D 178 -27.67 34.25 13.08
N THR D 179 -26.69 33.40 12.81
CA THR D 179 -26.92 31.97 12.72
C THR D 179 -25.88 31.22 13.56
N GLN D 180 -26.28 30.07 14.08
CA GLN D 180 -25.35 29.17 14.76
C GLN D 180 -25.92 27.77 14.83
N SER D 181 -25.15 26.78 14.39
CA SER D 181 -25.57 25.39 14.44
C SER D 181 -24.39 24.50 14.80
N ARG D 182 -24.70 23.40 15.49
CA ARG D 182 -23.70 22.43 15.91
C ARG D 182 -24.05 21.08 15.33
N TRP D 183 -23.07 20.41 14.73
CA TRP D 183 -23.28 19.14 14.06
C TRP D 183 -22.67 18.00 14.87
N LEU D 184 -23.17 16.79 14.65
CA LEU D 184 -22.63 15.60 15.29
C LEU D 184 -22.76 14.45 14.29
N THR D 185 -21.67 13.74 14.06
CA THR D 185 -21.63 12.66 13.07
C THR D 185 -20.90 11.45 13.64
N TYR D 186 -21.51 10.28 13.53
CA TYR D 186 -20.87 9.06 14.00
C TYR D 186 -21.39 7.89 13.18
N ASN D 187 -20.62 6.81 13.20
CA ASN D 187 -20.91 5.60 12.43
C ASN D 187 -21.46 4.52 13.34
N THR D 188 -22.53 3.88 12.88
CA THR D 188 -23.07 2.70 13.53
C THR D 188 -23.22 1.60 12.50
N GLN D 189 -23.05 0.36 12.93
CA GLN D 189 -23.15 -0.79 12.06
C GLN D 189 -24.51 -1.45 12.25
N ASP D 190 -24.89 -2.29 11.29
CA ASP D 190 -26.16 -3.00 11.40
C ASP D 190 -26.11 -3.96 12.58
N TYR D 191 -24.95 -4.55 12.84
CA TYR D 191 -24.72 -5.34 14.03
C TYR D 191 -23.44 -4.89 14.70
N ARG D 192 -23.51 -4.67 16.01
CA ARG D 192 -22.41 -4.10 16.77
C ARG D 192 -21.78 -5.17 17.65
N ILE D 193 -20.48 -5.36 17.51
CA ILE D 193 -19.77 -6.42 18.24
C ILE D 193 -19.59 -5.98 19.68
N GLU D 194 -20.37 -6.54 20.59
CA GLU D 194 -20.30 -6.22 22.01
C GLU D 194 -19.53 -7.33 22.72
N ARG D 195 -18.29 -7.05 23.11
CA ARG D 195 -17.48 -7.99 23.86
C ARG D 195 -17.89 -7.93 25.33
N ASN D 196 -17.93 -9.09 25.98
CA ASN D 196 -18.41 -9.20 27.35
C ASN D 196 -17.55 -10.21 28.09
N ALA D 197 -16.91 -9.78 29.19
CA ALA D 197 -16.01 -10.63 29.96
C ALA D 197 -16.45 -10.62 31.42
N LYS D 198 -17.18 -11.66 31.81
CA LYS D 198 -17.68 -11.75 33.17
C LYS D 198 -16.54 -11.90 34.17
N ASN D 199 -15.64 -12.84 33.94
CA ASN D 199 -14.49 -13.03 34.82
C ASN D 199 -13.30 -13.53 34.00
N ALA D 200 -12.17 -13.76 34.66
CA ALA D 200 -10.97 -14.15 33.92
C ALA D 200 -11.11 -15.50 33.23
N GLN D 201 -12.12 -16.29 33.58
CA GLN D 201 -12.30 -17.61 33.01
C GLN D 201 -13.35 -17.67 31.92
N ALA D 202 -14.15 -16.63 31.74
CA ALA D 202 -15.25 -16.68 30.78
C ALA D 202 -15.37 -15.34 30.06
N VAL D 203 -15.46 -15.40 28.73
CA VAL D 203 -15.68 -14.22 27.91
C VAL D 203 -16.69 -14.58 26.84
N SER D 204 -17.60 -13.65 26.55
CA SER D 204 -18.69 -13.91 25.63
C SER D 204 -18.80 -12.78 24.61
N PHE D 205 -19.17 -13.15 23.38
CA PHE D 205 -19.32 -12.21 22.29
C PHE D 205 -20.78 -12.13 21.91
N THR D 206 -21.30 -10.91 21.83
CA THR D 206 -22.72 -10.67 21.56
C THR D 206 -22.86 -9.79 20.33
N TRP D 207 -23.34 -10.37 19.23
CA TRP D 207 -23.76 -9.61 18.07
C TRP D 207 -25.15 -9.06 18.37
N ASN D 208 -25.25 -7.75 18.57
CA ASN D 208 -26.49 -7.11 18.98
C ASN D 208 -26.88 -6.07 17.93
N ARG D 209 -28.17 -6.02 17.61
CA ARG D 209 -28.64 -5.04 16.64
C ARG D 209 -28.53 -3.64 17.22
N GLN D 210 -28.02 -2.71 16.41
CA GLN D 210 -27.91 -1.32 16.86
C GLN D 210 -28.81 -0.43 16.04
N GLN D 211 -28.63 -0.43 14.72
CA GLN D 211 -29.55 0.28 13.85
C GLN D 211 -30.75 -0.61 13.54
N TYR D 212 -31.92 0.00 13.42
CA TYR D 212 -33.15 -0.74 13.16
C TYR D 212 -33.38 -1.81 14.24
N ALA D 213 -33.07 -1.44 15.48
CA ALA D 213 -33.16 -2.39 16.58
C ALA D 213 -34.52 -2.38 17.25
N THR D 214 -35.39 -1.44 16.90
CA THR D 214 -36.70 -1.32 17.51
C THR D 214 -37.78 -1.53 16.46
N ALA D 215 -38.87 -2.17 16.87
CA ALA D 215 -40.02 -2.25 15.97
C ALA D 215 -40.52 -0.86 15.61
N GLU D 216 -40.20 0.13 16.45
CA GLU D 216 -40.53 1.52 16.14
C GLU D 216 -39.80 2.00 14.89
N SER D 217 -38.52 1.66 14.77
CA SER D 217 -37.70 2.22 13.70
C SER D 217 -37.91 1.53 12.36
N LEU D 218 -38.57 0.37 12.34
CA LEU D 218 -38.77 -0.33 11.08
C LEU D 218 -39.88 0.27 10.23
N LEU D 219 -40.62 1.25 10.73
CA LEU D 219 -41.74 1.80 10.00
C LEU D 219 -41.29 2.90 9.03
N ASN D 220 -41.84 2.88 7.82
CA ASN D 220 -41.58 3.93 6.84
C ASN D 220 -42.71 4.93 6.74
N ARG D 221 -43.72 4.82 7.61
CA ARG D 221 -44.83 5.76 7.66
C ARG D 221 -45.06 6.17 9.09
N SER D 222 -45.67 7.33 9.27
CA SER D 222 -46.09 7.78 10.60
C SER D 222 -47.58 8.00 10.70
N THR D 223 -48.18 8.70 9.74
CA THR D 223 -49.61 8.96 9.73
C THR D 223 -50.18 8.63 8.36
N ASP D 224 -51.42 8.15 8.34
CA ASP D 224 -52.08 7.83 7.09
C ASP D 224 -53.58 7.85 7.33
N ALA D 225 -54.33 7.94 6.23
CA ALA D 225 -55.78 8.00 6.31
C ALA D 225 -56.34 6.67 6.79
N LEU D 226 -57.57 6.72 7.31
CA LEU D 226 -58.20 5.53 7.87
C LEU D 226 -58.49 4.47 6.81
N TRP D 227 -58.73 4.85 5.56
CA TRP D 227 -59.11 3.88 4.55
C TRP D 227 -57.91 3.22 3.87
N VAL D 228 -56.70 3.69 4.13
CA VAL D 228 -55.51 3.10 3.52
C VAL D 228 -55.04 1.95 4.39
N ASN D 229 -55.00 0.75 3.81
CA ASN D 229 -54.68 -0.47 4.55
C ASN D 229 -53.60 -1.23 3.77
N THR D 230 -52.36 -1.13 4.23
CA THR D 230 -51.25 -1.80 3.58
C THR D 230 -50.21 -2.16 4.63
N TYR D 231 -49.32 -3.08 4.27
CA TYR D 231 -48.29 -3.53 5.21
C TYR D 231 -47.30 -2.40 5.47
N PRO D 232 -47.17 -1.94 6.71
CA PRO D 232 -46.40 -0.71 7.00
C PRO D 232 -44.95 -0.93 7.39
N VAL D 233 -44.42 -2.14 7.31
CA VAL D 233 -43.03 -2.42 7.66
C VAL D 233 -42.21 -2.48 6.39
N ASP D 234 -41.30 -1.54 6.22
CA ASP D 234 -40.50 -1.46 5.00
C ASP D 234 -39.48 -2.59 5.03
N VAL D 235 -39.88 -3.73 4.48
CA VAL D 235 -39.09 -4.96 4.61
C VAL D 235 -37.71 -4.84 3.97
N ASN D 236 -37.50 -3.88 3.08
CA ASN D 236 -36.17 -3.72 2.49
C ASN D 236 -35.15 -3.29 3.54
N ARG D 237 -35.59 -2.71 4.64
CA ARG D 237 -34.66 -2.26 5.67
C ARG D 237 -34.05 -3.41 6.45
N ILE D 238 -34.69 -4.58 6.46
CA ILE D 238 -34.18 -5.74 7.18
C ILE D 238 -33.12 -6.41 6.30
N SER D 239 -31.85 -6.18 6.62
CA SER D 239 -30.79 -6.71 5.79
C SER D 239 -30.72 -8.23 5.89
N PRO D 240 -30.27 -8.90 4.83
CA PRO D 240 -30.19 -10.37 4.87
C PRO D 240 -29.23 -10.90 5.92
N LEU D 241 -28.52 -10.03 6.63
CA LEU D 241 -27.68 -10.49 7.71
C LEU D 241 -28.48 -10.98 8.90
N SER D 242 -29.76 -10.64 8.98
CA SER D 242 -30.53 -10.94 10.18
C SER D 242 -31.28 -12.25 10.11
N TYR D 243 -31.94 -12.56 8.99
CA TYR D 243 -32.81 -13.72 8.99
C TYR D 243 -32.37 -14.78 7.99
N ALA D 244 -31.60 -14.38 6.98
CA ALA D 244 -31.21 -15.33 5.95
C ALA D 244 -30.08 -16.25 6.39
N SER D 245 -28.92 -15.70 6.72
CA SER D 245 -27.78 -16.51 7.12
C SER D 245 -26.74 -15.61 7.75
N PHE D 246 -26.15 -16.07 8.85
CA PHE D 246 -25.16 -15.29 9.59
C PHE D 246 -24.02 -16.19 10.02
N VAL D 247 -22.81 -15.64 10.05
CA VAL D 247 -21.62 -16.36 10.44
C VAL D 247 -20.76 -15.44 11.31
N PRO D 248 -20.33 -15.87 12.49
CA PRO D 248 -19.51 -15.01 13.35
C PRO D 248 -18.05 -15.04 12.97
N LYS D 249 -17.27 -14.21 13.66
CA LYS D 249 -15.83 -14.14 13.52
C LYS D 249 -15.23 -13.79 14.87
N MET D 250 -14.62 -14.77 15.54
CA MET D 250 -14.00 -14.47 16.83
C MET D 250 -12.87 -15.44 17.10
N ASP D 251 -11.96 -15.01 17.97
CA ASP D 251 -10.84 -15.82 18.43
C ASP D 251 -10.75 -15.71 19.94
N VAL D 252 -10.57 -16.85 20.61
CA VAL D 252 -10.33 -16.89 22.03
C VAL D 252 -9.11 -17.77 22.26
N ILE D 253 -8.17 -17.29 23.06
CA ILE D 253 -6.93 -18.01 23.30
C ILE D 253 -6.68 -18.06 24.81
N TYR D 254 -6.85 -19.23 25.39
CA TYR D 254 -6.58 -19.45 26.80
C TYR D 254 -5.10 -19.73 27.01
N LYS D 255 -4.64 -19.56 28.25
CA LYS D 255 -3.30 -19.92 28.64
C LYS D 255 -3.34 -20.66 29.97
N ALA D 256 -2.35 -21.51 30.20
CA ALA D 256 -2.23 -22.24 31.45
C ALA D 256 -0.79 -22.17 31.94
N SER D 257 -0.63 -22.25 33.25
CA SER D 257 0.68 -22.07 33.87
C SER D 257 1.64 -23.17 33.43
N ALA D 258 2.91 -22.97 33.77
CA ALA D 258 3.97 -23.85 33.29
C ALA D 258 3.84 -25.27 33.81
N THR D 259 3.51 -25.46 35.09
CA THR D 259 3.46 -26.79 35.68
C THR D 259 2.06 -27.21 36.09
N GLU D 260 1.03 -26.62 35.50
CA GLU D 260 -0.33 -27.02 35.84
C GLU D 260 -0.57 -28.46 35.39
N THR D 261 -1.28 -29.22 36.23
CA THR D 261 -1.58 -30.61 35.95
C THR D 261 -3.04 -30.86 36.22
N GLY D 262 -3.50 -32.05 35.87
CA GLY D 262 -4.90 -32.40 36.05
C GLY D 262 -5.71 -32.27 34.78
N SER D 263 -6.90 -31.68 34.89
CA SER D 263 -7.81 -31.60 33.76
C SER D 263 -8.52 -30.25 33.78
N THR D 264 -9.15 -29.92 32.66
CA THR D 264 -9.97 -28.74 32.55
C THR D 264 -10.85 -28.85 31.31
N ASP D 265 -12.12 -28.48 31.45
CA ASP D 265 -13.08 -28.55 30.37
C ASP D 265 -13.40 -27.15 29.86
N PHE D 266 -13.82 -27.08 28.60
CA PHE D 266 -14.22 -25.84 27.97
C PHE D 266 -15.64 -26.02 27.43
N ILE D 267 -16.45 -24.99 27.54
CA ILE D 267 -17.84 -25.02 27.09
C ILE D 267 -18.02 -23.92 26.06
N ILE D 268 -18.56 -24.28 24.90
CA ILE D 268 -18.82 -23.33 23.83
C ILE D 268 -20.32 -23.32 23.58
N ASP D 269 -20.94 -22.16 23.78
CA ASP D 269 -22.39 -22.00 23.68
C ASP D 269 -22.72 -21.18 22.44
N SER D 270 -23.45 -21.78 21.50
CA SER D 270 -23.97 -21.05 20.36
C SER D 270 -25.47 -20.88 20.54
N SER D 271 -25.95 -19.64 20.44
CA SER D 271 -27.35 -19.37 20.68
C SER D 271 -27.81 -18.17 19.86
N VAL D 272 -28.99 -18.29 19.30
CA VAL D 272 -29.61 -17.22 18.52
C VAL D 272 -30.90 -16.81 19.23
N ASN D 273 -31.05 -15.52 19.48
CA ASN D 273 -32.15 -15.00 20.28
C ASN D 273 -33.28 -14.60 19.34
N ILE D 274 -34.19 -15.54 19.09
CA ILE D 274 -35.31 -15.29 18.18
C ILE D 274 -36.25 -14.27 18.80
N ARG D 275 -36.75 -13.36 17.97
CA ARG D 275 -37.74 -12.39 18.41
C ARG D 275 -38.61 -11.99 17.24
N PRO D 276 -39.91 -12.28 17.28
CA PRO D 276 -40.80 -11.80 16.22
C PRO D 276 -40.98 -10.29 16.29
N ILE D 277 -41.62 -9.76 15.26
CA ILE D 277 -41.86 -8.32 15.13
C ILE D 277 -43.36 -8.09 15.23
N TYR D 278 -43.77 -7.10 16.00
CA TYR D 278 -45.16 -6.73 16.14
C TYR D 278 -45.33 -5.26 15.82
N ASN D 279 -46.32 -4.93 14.99
CA ASN D 279 -46.66 -3.55 14.67
C ASN D 279 -48.16 -3.35 14.78
N GLY D 280 -48.55 -2.26 15.40
CA GLY D 280 -49.96 -1.96 15.59
C GLY D 280 -50.29 -0.59 15.07
N ALA D 281 -51.57 -0.39 14.77
CA ALA D 281 -52.06 0.87 14.27
C ALA D 281 -52.94 1.55 15.31
N TYR D 282 -52.83 2.87 15.39
CA TYR D 282 -53.52 3.66 16.40
C TYR D 282 -54.56 4.53 15.69
N LYS D 283 -55.83 4.37 16.08
CA LYS D 283 -56.89 5.23 15.55
C LYS D 283 -57.18 6.33 16.55
N HIS D 284 -57.14 7.58 16.09
CA HIS D 284 -57.38 8.73 16.95
C HIS D 284 -58.64 9.45 16.49
N TYR D 285 -59.51 9.77 17.43
CA TYR D 285 -60.80 10.41 17.14
C TYR D 285 -60.89 11.71 17.93
N TYR D 286 -60.70 12.82 17.24
CA TYR D 286 -60.94 14.14 17.81
C TYR D 286 -62.00 14.86 16.97
N VAL D 287 -62.51 15.96 17.51
CA VAL D 287 -63.69 16.63 16.98
C VAL D 287 -63.49 17.11 15.55
N VAL D 288 -62.34 17.74 15.29
CA VAL D 288 -62.14 18.39 14.00
C VAL D 288 -62.05 17.36 12.87
N GLY D 289 -61.27 16.30 13.07
CA GLY D 289 -61.08 15.31 12.02
C GLY D 289 -60.66 13.95 12.54
N ALA D 290 -60.36 13.03 11.62
CA ALA D 290 -59.98 11.67 11.99
C ALA D 290 -58.80 11.22 11.15
N HIS D 291 -57.80 10.64 11.81
CA HIS D 291 -56.57 10.19 11.17
C HIS D 291 -56.08 8.94 11.88
N GLN D 292 -54.99 8.37 11.36
CA GLN D 292 -54.44 7.12 11.87
C GLN D 292 -52.93 7.24 12.03
N SER D 293 -52.42 6.76 13.16
CA SER D 293 -51.00 6.81 13.47
C SER D 293 -50.49 5.42 13.85
N TYR D 294 -49.19 5.19 13.66
CA TYR D 294 -48.58 3.91 13.94
C TYR D 294 -47.74 3.95 15.20
N HIS D 295 -47.44 2.76 15.72
CA HIS D 295 -46.64 2.63 16.94
C HIS D 295 -45.77 1.39 16.81
N GLY D 296 -44.72 1.34 17.64
CA GLY D 296 -43.86 0.18 17.69
C GLY D 296 -43.86 -0.48 19.04
N PHE D 297 -44.01 -1.81 19.06
CA PHE D 297 -44.04 -2.57 20.30
C PHE D 297 -42.64 -3.01 20.65
N GLU D 298 -42.24 -2.79 21.90
CA GLU D 298 -40.89 -3.10 22.35
C GLU D 298 -40.83 -4.27 23.32
N ASP D 299 -41.92 -4.57 24.02
CA ASP D 299 -41.90 -5.59 25.06
C ASP D 299 -42.36 -6.94 24.52
N THR D 300 -42.09 -7.18 23.24
CA THR D 300 -42.47 -8.41 22.57
C THR D 300 -41.72 -9.60 23.19
N PRO D 301 -42.30 -10.80 23.11
CA PRO D 301 -41.66 -11.96 23.71
C PRO D 301 -40.36 -12.33 23.00
N ARG D 302 -39.45 -12.92 23.75
CA ARG D 302 -38.22 -13.46 23.18
C ARG D 302 -38.01 -14.87 23.70
N ARG D 303 -37.55 -15.75 22.81
CA ARG D 303 -37.25 -17.13 23.16
C ARG D 303 -35.86 -17.46 22.64
N ARG D 304 -35.08 -18.17 23.45
CA ARG D 304 -33.65 -18.37 23.18
C ARG D 304 -33.39 -19.84 22.90
N ILE D 305 -32.70 -20.12 21.79
CA ILE D 305 -32.33 -21.48 21.42
C ILE D 305 -30.86 -21.68 21.73
N THR D 306 -30.55 -22.72 22.49
CA THR D 306 -29.19 -22.94 22.98
C THR D 306 -28.71 -24.33 22.58
N LYS D 307 -27.50 -24.40 22.03
CA LYS D 307 -26.81 -25.66 21.77
C LYS D 307 -25.40 -25.56 22.32
N SER D 308 -24.98 -26.57 23.06
CA SER D 308 -23.69 -26.56 23.73
C SER D 308 -22.85 -27.75 23.32
N ALA D 309 -21.54 -27.52 23.20
CA ALA D 309 -20.59 -28.56 22.90
C ALA D 309 -19.32 -28.31 23.70
N SER D 310 -18.65 -29.39 24.10
CA SER D 310 -17.52 -29.28 24.99
C SER D 310 -16.42 -30.22 24.53
N PHE D 311 -15.20 -29.97 24.99
CA PHE D 311 -14.08 -30.85 24.72
C PHE D 311 -13.07 -30.74 25.86
N THR D 312 -12.38 -31.84 26.12
CA THR D 312 -11.55 -31.99 27.30
C THR D 312 -10.08 -31.95 26.91
N VAL D 313 -9.28 -31.25 27.71
CA VAL D 313 -7.85 -31.10 27.46
C VAL D 313 -7.11 -31.44 28.75
N ASP D 314 -6.07 -32.26 28.64
CA ASP D 314 -5.22 -32.62 29.77
C ASP D 314 -3.88 -31.93 29.60
N TRP D 315 -3.44 -31.19 30.63
CA TRP D 315 -2.15 -30.52 30.55
C TRP D 315 -0.98 -31.50 30.52
N ASP D 316 -1.21 -32.77 30.83
CA ASP D 316 -0.16 -33.78 30.75
C ASP D 316 -0.01 -34.34 29.35
N HIS D 317 -0.76 -33.83 28.39
CA HIS D 317 -0.73 -34.37 27.04
C HIS D 317 0.68 -34.25 26.48
N PRO D 318 1.12 -35.19 25.63
CA PRO D 318 2.47 -35.10 25.07
C PRO D 318 2.72 -33.83 24.30
N VAL D 319 1.69 -33.28 23.63
CA VAL D 319 1.90 -32.12 22.77
C VAL D 319 2.34 -30.91 23.57
N PHE D 320 1.86 -30.77 24.80
CA PHE D 320 2.22 -29.61 25.60
C PHE D 320 3.68 -29.59 26.01
N THR D 321 4.42 -30.68 25.81
CA THR D 321 5.84 -30.65 26.11
C THR D 321 6.62 -29.81 25.11
N GLY D 322 6.06 -29.54 23.94
CA GLY D 322 6.71 -28.66 22.99
C GLY D 322 7.86 -29.27 22.21
N GLY D 323 7.94 -30.60 22.13
CA GLY D 323 8.94 -31.27 21.33
C GLY D 323 8.30 -32.22 20.35
N ARG D 324 9.15 -32.93 19.61
CA ARG D 324 8.70 -33.97 18.69
C ARG D 324 9.14 -35.32 19.23
N PRO D 325 8.26 -36.07 19.87
CA PRO D 325 8.66 -37.31 20.52
C PRO D 325 9.15 -38.36 19.55
N VAL D 326 10.13 -39.15 20.00
CA VAL D 326 10.63 -40.30 19.29
C VAL D 326 10.67 -41.48 20.25
N ASN D 327 10.85 -42.68 19.70
CA ASN D 327 10.88 -43.90 20.48
C ASN D 327 12.13 -44.71 20.16
N LEU D 328 12.54 -45.52 21.13
CA LEU D 328 13.71 -46.38 20.99
C LEU D 328 13.21 -47.80 20.76
N GLN D 329 13.63 -48.41 19.66
CA GLN D 329 13.15 -49.71 19.25
C GLN D 329 14.31 -50.69 19.16
N LEU D 330 14.19 -51.82 19.86
CA LEU D 330 15.23 -52.85 19.83
C LEU D 330 15.14 -53.59 18.50
N ALA D 331 16.28 -53.76 17.84
CA ALA D 331 16.29 -54.35 16.52
C ALA D 331 16.39 -55.88 16.53
N SER D 332 16.75 -56.49 17.65
CA SER D 332 16.84 -57.95 17.68
C SER D 332 15.48 -58.59 17.50
N PHE D 333 14.46 -58.07 18.17
CA PHE D 333 13.12 -58.61 18.04
C PHE D 333 12.46 -58.09 16.76
N ASN D 334 11.42 -58.80 16.33
CA ASN D 334 10.61 -58.30 15.23
C ASN D 334 9.84 -57.05 15.63
N ASN D 335 9.29 -57.02 16.84
CA ASN D 335 8.43 -55.90 17.28
C ASN D 335 8.54 -55.80 18.80
N ARG D 336 9.42 -54.92 19.27
CA ARG D 336 9.57 -54.63 20.70
C ARG D 336 9.99 -53.18 20.86
N CYS D 337 9.40 -52.49 21.82
CA CYS D 337 9.69 -51.09 22.07
C CYS D 337 9.85 -50.86 23.56
N ILE D 338 10.63 -49.84 23.91
CA ILE D 338 10.82 -49.49 25.31
C ILE D 338 9.59 -48.74 25.81
N GLN D 339 9.06 -49.18 26.95
CA GLN D 339 7.88 -48.59 27.54
C GLN D 339 8.12 -48.34 29.02
N VAL D 340 7.56 -47.26 29.54
CA VAL D 340 7.74 -46.87 30.92
C VAL D 340 6.37 -46.84 31.60
N ASP D 341 6.28 -47.47 32.76
CA ASP D 341 5.04 -47.53 33.52
C ASP D 341 4.91 -46.29 34.41
N ALA D 342 3.97 -46.33 35.35
CA ALA D 342 3.73 -45.19 36.22
C ALA D 342 4.92 -44.90 37.13
N GLN D 343 5.52 -45.94 37.72
CA GLN D 343 6.60 -45.77 38.67
C GLN D 343 7.98 -45.76 38.03
N GLY D 344 8.08 -46.03 36.73
CA GLY D 344 9.35 -45.93 36.04
C GLY D 344 10.06 -47.23 35.75
N ARG D 345 9.42 -48.38 35.94
CA ARG D 345 10.04 -49.64 35.57
C ARG D 345 10.06 -49.79 34.05
N LEU D 346 11.20 -50.20 33.52
CA LEU D 346 11.39 -50.31 32.08
C LEU D 346 11.20 -51.75 31.63
N THR D 347 10.25 -51.97 30.73
CA THR D 347 10.01 -53.27 30.12
C THR D 347 9.77 -53.08 28.62
N ALA D 348 9.99 -54.16 27.87
CA ALA D 348 9.86 -54.14 26.42
C ALA D 348 8.53 -54.77 26.04
N ASN D 349 7.61 -53.94 25.55
CA ASN D 349 6.28 -54.37 25.17
C ASN D 349 6.11 -54.28 23.66
N MET D 350 4.91 -54.60 23.19
CA MET D 350 4.60 -54.46 21.77
C MET D 350 4.53 -52.98 21.40
N CYS D 351 5.14 -52.63 20.28
CA CYS D 351 5.17 -51.24 19.84
C CYS D 351 3.77 -50.76 19.46
N ASP D 352 3.43 -49.56 19.89
CA ASP D 352 2.19 -48.92 19.51
C ASP D 352 2.46 -47.42 19.50
N SER D 353 2.79 -46.89 18.31
CA SER D 353 3.32 -45.54 18.21
C SER D 353 2.33 -44.48 18.67
N GLN D 354 1.05 -44.80 18.79
CA GLN D 354 0.07 -43.85 19.29
C GLN D 354 -0.03 -43.84 20.80
N GLN D 355 0.72 -44.70 21.49
CA GLN D 355 0.70 -44.73 22.95
C GLN D 355 1.71 -43.71 23.47
N SER D 356 1.27 -42.84 24.37
CA SER D 356 2.11 -41.75 24.84
C SER D 356 3.30 -42.27 25.63
N ALA D 357 3.12 -43.33 26.42
CA ALA D 357 4.17 -43.77 27.33
C ALA D 357 5.39 -44.32 26.62
N GLN D 358 5.32 -44.58 25.31
CA GLN D 358 6.45 -45.12 24.57
C GLN D 358 7.17 -44.06 23.77
N SER D 359 7.03 -42.78 24.12
CA SER D 359 7.62 -41.69 23.36
C SER D 359 8.67 -40.99 24.21
N PHE D 360 9.72 -40.50 23.55
CA PHE D 360 10.79 -39.79 24.22
C PHE D 360 11.17 -38.56 23.41
N ILE D 361 11.62 -37.53 24.11
CA ILE D 361 11.99 -36.27 23.49
C ILE D 361 13.51 -36.15 23.46
N TYR D 362 14.05 -35.69 22.33
CA TYR D 362 15.49 -35.53 22.17
C TYR D 362 15.81 -34.05 22.30
N ASP D 363 16.53 -33.69 23.36
CA ASP D 363 16.77 -32.29 23.68
C ASP D 363 18.08 -31.80 23.07
N GLN D 364 18.51 -30.62 23.51
CA GLN D 364 19.78 -30.07 23.03
C GLN D 364 20.98 -30.72 23.68
N LEU D 365 20.89 -31.04 24.98
CA LEU D 365 22.03 -31.60 25.68
C LEU D 365 22.24 -33.07 25.37
N GLY D 366 21.32 -33.70 24.65
CA GLY D 366 21.42 -35.11 24.39
C GLY D 366 20.78 -36.01 25.42
N ARG D 367 19.88 -35.48 26.24
CA ARG D 367 19.16 -36.29 27.21
C ARG D 367 17.89 -36.85 26.59
N TYR D 368 17.41 -37.95 27.16
CA TYR D 368 16.15 -38.56 26.77
C TYR D 368 15.14 -38.31 27.88
N VAL D 369 14.12 -37.53 27.59
CA VAL D 369 13.09 -37.21 28.57
C VAL D 369 11.81 -37.94 28.17
N SER D 370 11.21 -38.64 29.12
CA SER D 370 9.96 -39.35 28.85
C SER D 370 8.85 -38.36 28.54
N ALA D 371 8.14 -38.60 27.44
CA ALA D 371 7.14 -37.66 26.99
C ALA D 371 5.90 -37.65 27.87
N SER D 372 5.56 -38.77 28.49
CA SER D 372 4.33 -38.83 29.28
C SER D 372 4.45 -38.05 30.59
N ASN D 373 5.67 -37.87 31.09
CA ASN D 373 5.90 -37.13 32.33
C ASN D 373 7.33 -36.60 32.29
N THR D 374 7.47 -35.32 31.94
CA THR D 374 8.77 -34.74 31.62
C THR D 374 9.72 -34.69 32.79
N LYS D 375 9.43 -35.23 33.96
CA LYS D 375 10.40 -35.22 35.05
C LYS D 375 11.20 -36.51 35.14
N LEU D 376 10.95 -37.48 34.27
CA LEU D 376 11.65 -38.76 34.29
C LEU D 376 12.52 -38.87 33.05
N CYS D 377 13.73 -39.40 33.23
CA CYS D 377 14.72 -39.45 32.16
C CYS D 377 15.37 -40.83 32.11
N LEU D 378 15.94 -41.16 30.96
CA LEU D 378 16.69 -42.40 30.81
C LEU D 378 18.12 -42.18 31.31
N ASP D 379 18.60 -43.08 32.16
CA ASP D 379 19.90 -42.92 32.80
C ASP D 379 20.71 -44.20 32.64
N GLY D 380 22.01 -44.05 32.44
CA GLY D 380 22.88 -45.20 32.29
C GLY D 380 23.47 -45.73 33.59
N ALA D 381 23.40 -44.95 34.67
CA ALA D 381 23.95 -45.43 35.93
C ALA D 381 23.18 -46.63 36.46
N ALA D 382 21.85 -46.62 36.37
CA ALA D 382 20.99 -47.74 36.75
C ALA D 382 19.91 -47.83 35.66
N LEU D 383 20.16 -48.65 34.66
CA LEU D 383 19.45 -48.59 33.41
C LEU D 383 18.13 -49.36 33.42
N ASP D 384 17.78 -49.99 34.54
CA ASP D 384 16.53 -50.74 34.60
C ASP D 384 15.35 -49.90 35.06
N ALA D 385 15.56 -48.62 35.34
CA ALA D 385 14.46 -47.75 35.73
C ALA D 385 14.86 -46.30 35.46
N LEU D 386 13.85 -45.47 35.19
CA LEU D 386 14.10 -44.06 34.96
C LEU D 386 14.48 -43.37 36.26
N GLN D 387 15.19 -42.26 36.13
CA GLN D 387 15.70 -41.50 37.25
C GLN D 387 15.29 -40.04 37.15
N PRO D 388 15.31 -39.30 38.26
CA PRO D 388 15.09 -37.86 38.18
C PRO D 388 16.13 -37.19 37.31
N CYS D 389 15.69 -36.23 36.51
CA CYS D 389 16.55 -35.61 35.53
C CYS D 389 17.43 -34.54 36.17
N ASN D 390 18.70 -34.51 35.76
CA ASN D 390 19.62 -33.48 36.21
C ASN D 390 20.75 -33.38 35.20
N GLN D 391 21.84 -32.73 35.57
CA GLN D 391 22.96 -32.49 34.67
C GLN D 391 23.97 -33.63 34.66
N ASN D 392 23.60 -34.80 35.16
CA ASN D 392 24.54 -35.93 35.22
C ASN D 392 25.06 -36.27 33.84
N LEU D 393 26.37 -36.53 33.75
CA LEU D 393 26.98 -36.89 32.48
C LEU D 393 26.51 -38.23 31.96
N THR D 394 25.94 -39.08 32.82
CA THR D 394 25.51 -40.40 32.40
C THR D 394 24.14 -40.40 31.73
N GLN D 395 23.50 -39.25 31.59
CA GLN D 395 22.18 -39.15 30.99
C GLN D 395 22.21 -38.54 29.60
N ARG D 396 23.36 -38.53 28.93
CA ARG D 396 23.48 -37.97 27.59
C ARG D 396 23.87 -39.06 26.61
N TRP D 397 23.23 -39.03 25.43
CA TRP D 397 23.44 -40.06 24.42
C TRP D 397 23.75 -39.39 23.08
N GLU D 398 24.62 -40.03 22.30
CA GLU D 398 25.00 -39.56 20.99
C GLU D 398 25.01 -40.74 20.03
N TRP D 399 24.56 -40.51 18.80
CA TRP D 399 24.54 -41.55 17.78
C TRP D 399 25.88 -41.58 17.05
N ARG D 400 26.41 -42.78 16.85
CA ARG D 400 27.61 -42.94 16.04
C ARG D 400 27.23 -42.78 14.57
N LYS D 401 28.00 -41.97 13.86
CA LYS D 401 27.67 -41.65 12.46
C LYS D 401 27.79 -42.88 11.58
N GLY D 402 26.79 -43.09 10.74
CA GLY D 402 26.81 -44.15 9.75
C GLY D 402 26.31 -45.49 10.22
N THR D 403 26.02 -45.64 11.51
CA THR D 403 25.51 -46.90 12.06
C THR D 403 24.43 -46.58 13.10
N ASP D 404 23.94 -47.63 13.76
CA ASP D 404 22.89 -47.49 14.75
C ASP D 404 23.32 -47.94 16.14
N GLU D 405 24.59 -47.76 16.49
CA GLU D 405 25.08 -48.04 17.82
C GLU D 405 24.84 -46.83 18.70
N LEU D 406 23.97 -46.96 19.69
CA LEU D 406 23.65 -45.87 20.61
C LEU D 406 24.71 -45.87 21.71
N THR D 407 25.42 -44.76 21.83
CA THR D 407 26.56 -44.66 22.73
C THR D 407 26.24 -43.78 23.93
N ASN D 408 26.94 -44.04 25.03
CA ASN D 408 26.86 -43.23 26.23
C ASN D 408 28.07 -42.31 26.28
N VAL D 409 27.84 -41.06 26.68
CA VAL D 409 28.91 -40.06 26.62
C VAL D 409 29.97 -40.34 27.69
N TYR D 410 29.54 -40.68 28.90
CA TYR D 410 30.45 -40.76 30.04
C TYR D 410 31.52 -41.85 29.90
N SER D 411 31.11 -43.11 29.82
CA SER D 411 32.05 -44.22 29.85
C SER D 411 32.50 -44.66 28.47
N GLY D 412 31.81 -44.25 27.41
CA GLY D 412 32.10 -44.74 26.08
C GLY D 412 31.42 -46.04 25.74
N GLU D 413 30.71 -46.66 26.67
CA GLU D 413 30.01 -47.90 26.41
C GLU D 413 28.75 -47.63 25.59
N SER D 414 28.20 -48.71 25.04
CA SER D 414 27.03 -48.63 24.17
C SER D 414 25.78 -49.10 24.91
N LEU D 415 24.63 -48.82 24.31
CA LEU D 415 23.36 -49.30 24.85
C LEU D 415 23.11 -50.71 24.34
N GLY D 416 22.87 -51.64 25.27
CA GLY D 416 22.64 -53.02 24.89
C GLY D 416 21.35 -53.58 25.47
N HIS D 417 20.84 -54.64 24.88
CA HIS D 417 19.60 -55.25 25.32
C HIS D 417 19.67 -56.76 25.15
N ASP D 418 18.92 -57.47 25.99
CA ASP D 418 18.85 -58.92 25.91
C ASP D 418 18.16 -59.31 24.61
N LYS D 419 18.65 -60.38 23.98
CA LYS D 419 18.07 -60.83 22.73
C LYS D 419 16.70 -61.47 22.91
N GLN D 420 16.31 -61.78 24.15
CA GLN D 420 15.09 -62.52 24.41
C GLN D 420 14.15 -61.86 25.41
N THR D 421 14.68 -61.20 26.44
CA THR D 421 13.82 -60.61 27.48
C THR D 421 13.63 -59.11 27.33
N GLY D 422 14.52 -58.43 26.60
CA GLY D 422 14.38 -57.00 26.42
C GLY D 422 14.95 -56.14 27.53
N GLU D 423 15.75 -56.72 28.43
CA GLU D 423 16.36 -55.96 29.50
C GLU D 423 17.52 -55.13 28.97
N LEU D 424 17.51 -53.83 29.28
CA LEU D 424 18.58 -52.94 28.87
C LEU D 424 19.83 -53.19 29.70
N GLY D 425 20.97 -52.81 29.15
CA GLY D 425 22.23 -52.93 29.87
C GLY D 425 23.35 -52.28 29.09
N LEU D 426 24.45 -52.02 29.79
CA LEU D 426 25.62 -51.39 29.20
C LEU D 426 26.62 -52.44 28.76
N TYR D 427 27.15 -52.28 27.56
CA TYR D 427 28.12 -53.20 27.01
C TYR D 427 29.10 -52.45 26.11
N ALA D 428 30.35 -52.89 26.13
CA ALA D 428 31.36 -52.32 25.24
C ALA D 428 31.39 -53.03 23.90
N SER D 429 30.97 -54.29 23.86
CA SER D 429 30.98 -55.07 22.63
C SER D 429 29.87 -56.10 22.69
N SER D 430 29.44 -56.54 21.51
CA SER D 430 28.33 -57.49 21.42
C SER D 430 28.81 -58.91 21.67
N ASN D 431 27.84 -59.81 21.83
CA ASN D 431 28.10 -61.24 21.94
C ASN D 431 26.90 -61.98 21.36
N ASP D 432 26.80 -63.27 21.67
CA ASP D 432 25.69 -64.06 21.14
C ASP D 432 24.37 -63.77 21.85
N ALA D 433 24.41 -63.11 23.01
CA ALA D 433 23.20 -62.82 23.76
C ALA D 433 22.79 -61.36 23.77
N VAL D 434 23.70 -60.44 23.42
CA VAL D 434 23.43 -59.01 23.48
C VAL D 434 23.67 -58.41 22.11
N SER D 435 22.68 -57.66 21.62
CA SER D 435 22.76 -56.97 20.36
C SER D 435 22.75 -55.47 20.61
N LEU D 436 23.48 -54.72 19.78
CA LEU D 436 23.64 -53.29 19.95
C LEU D 436 22.74 -52.47 19.02
N ARG D 437 22.14 -53.09 18.02
CA ARG D 437 21.42 -52.36 16.99
C ARG D 437 20.14 -51.79 17.58
N THR D 438 20.00 -50.46 17.55
CA THR D 438 18.80 -49.77 18.00
C THR D 438 18.37 -48.79 16.92
N ILE D 439 17.07 -48.73 16.67
CA ILE D 439 16.52 -47.91 15.60
C ILE D 439 15.53 -46.91 16.19
N THR D 440 15.57 -45.68 15.69
CA THR D 440 14.72 -44.61 16.17
C THR D 440 13.79 -44.15 15.06
N ALA D 441 12.62 -43.64 15.44
CA ALA D 441 11.65 -43.16 14.47
C ALA D 441 10.68 -42.21 15.16
N TYR D 442 10.11 -41.29 14.39
CA TYR D 442 9.13 -40.37 14.93
C TYR D 442 7.80 -41.08 15.16
N THR D 443 7.06 -40.62 16.16
CA THR D 443 5.84 -41.26 16.58
C THR D 443 4.65 -40.31 16.44
N ASP D 444 3.47 -40.89 16.27
CA ASP D 444 2.22 -40.14 16.14
C ASP D 444 1.44 -40.27 17.44
N VAL D 445 1.73 -39.36 18.37
CA VAL D 445 1.01 -39.30 19.64
C VAL D 445 0.16 -38.04 19.74
N PHE D 446 -0.09 -37.36 18.62
CA PHE D 446 -0.79 -36.09 18.64
C PHE D 446 -2.26 -36.21 18.23
N ASN D 447 -2.78 -37.43 18.16
CA ASN D 447 -4.21 -37.59 17.96
C ASN D 447 -4.95 -37.00 19.15
N ALA D 448 -6.10 -36.42 18.89
CA ALA D 448 -6.96 -35.87 19.92
C ALA D 448 -8.17 -36.76 20.09
N GLN D 449 -8.41 -37.22 21.31
CA GLN D 449 -9.56 -38.07 21.58
C GLN D 449 -10.85 -37.31 21.34
N GLU D 450 -11.83 -37.99 20.75
CA GLU D 450 -13.10 -37.37 20.44
C GLU D 450 -13.82 -36.94 21.72
N SER D 451 -14.63 -35.89 21.60
CA SER D 451 -15.31 -35.30 22.73
C SER D 451 -16.80 -35.67 22.72
N SER D 452 -17.30 -36.03 23.90
CA SER D 452 -18.68 -36.45 24.04
C SER D 452 -19.63 -35.26 24.06
N PRO D 453 -20.85 -35.42 23.56
CA PRO D 453 -21.80 -34.32 23.52
C PRO D 453 -22.33 -33.97 24.89
N ILE D 454 -23.03 -32.84 24.96
CA ILE D 454 -23.67 -32.37 26.17
C ILE D 454 -25.18 -32.47 25.97
N LEU D 455 -25.88 -32.96 26.98
CA LEU D 455 -27.32 -33.15 26.93
C LEU D 455 -28.01 -32.12 27.82
N GLY D 456 -28.81 -31.26 27.22
CA GLY D 456 -29.60 -30.32 27.99
C GLY D 456 -29.18 -28.88 27.86
N TYR D 457 -29.21 -28.15 28.97
CA TYR D 457 -28.84 -26.75 29.02
C TYR D 457 -27.69 -26.56 30.00
N THR D 458 -26.74 -25.71 29.62
CA THR D 458 -25.53 -25.49 30.42
C THR D 458 -25.61 -24.17 31.19
N GLN D 459 -26.35 -24.21 32.29
CA GLN D 459 -26.49 -23.06 33.18
C GLN D 459 -26.30 -23.47 34.63
N GLY D 460 -25.69 -22.58 35.41
CA GLY D 460 -25.47 -22.86 36.82
C GLY D 460 -24.12 -23.51 37.10
N LYS D 461 -23.97 -23.91 38.35
CA LYS D 461 -22.72 -24.52 38.81
C LYS D 461 -22.51 -25.88 38.16
N MET D 462 -21.25 -26.23 37.94
CA MET D 462 -20.89 -27.48 37.28
C MET D 462 -20.12 -28.37 38.26
N ASN D 463 -20.46 -29.65 38.28
CA ASN D 463 -19.83 -30.63 39.15
C ASN D 463 -19.30 -31.79 38.33
N GLN D 464 -18.29 -32.48 38.87
CA GLN D 464 -17.68 -33.62 38.22
C GLN D 464 -17.52 -34.74 39.23
N GLN D 465 -18.02 -35.92 38.90
CA GLN D 465 -17.99 -37.05 39.82
C GLN D 465 -17.63 -38.32 39.07
N ARG D 466 -16.71 -39.10 39.63
CA ARG D 466 -16.32 -40.37 39.04
C ARG D 466 -17.38 -41.42 39.29
N VAL D 467 -17.53 -42.32 38.30
CA VAL D 467 -18.45 -43.45 38.43
C VAL D 467 -17.94 -44.40 39.50
N GLY D 468 -18.84 -44.86 40.36
CA GLY D 468 -18.45 -45.73 41.45
C GLY D 468 -18.05 -47.13 41.00
N GLN D 469 -17.65 -47.97 41.94
CA GLN D 469 -17.23 -49.33 41.62
C GLN D 469 -18.39 -50.15 41.08
N ASP D 470 -19.58 -49.99 41.66
CA ASP D 470 -20.74 -50.76 41.23
C ASP D 470 -21.24 -50.36 39.84
N ASN D 471 -20.76 -49.24 39.30
CA ASN D 471 -21.15 -48.76 37.97
C ASN D 471 -22.66 -48.52 37.90
N ARG D 472 -23.22 -47.96 38.96
CA ARG D 472 -24.65 -47.66 39.03
C ARG D 472 -24.85 -46.17 39.23
N LEU D 473 -25.87 -45.65 38.53
CA LEU D 473 -26.19 -44.22 38.55
C LEU D 473 -27.45 -43.99 39.37
N TYR D 474 -27.36 -43.06 40.32
CA TYR D 474 -28.49 -42.72 41.18
C TYR D 474 -29.25 -41.55 40.60
N VAL D 475 -30.55 -41.74 40.37
CA VAL D 475 -31.41 -40.74 39.77
C VAL D 475 -32.59 -40.50 40.69
N ARG D 476 -32.87 -39.23 40.99
CA ARG D 476 -34.03 -38.83 41.76
C ARG D 476 -35.14 -38.51 40.78
N ALA D 477 -36.19 -39.33 40.79
CA ALA D 477 -37.22 -39.31 39.76
C ALA D 477 -38.47 -38.61 40.25
N GLY D 478 -38.93 -37.64 39.48
CA GLY D 478 -40.21 -37.00 39.69
C GLY D 478 -40.80 -36.53 38.38
N ALA D 479 -41.39 -35.33 38.38
CA ALA D 479 -41.78 -34.72 37.11
C ALA D 479 -40.56 -34.42 36.26
N ALA D 480 -39.48 -33.95 36.90
CA ALA D 480 -38.19 -33.78 36.25
C ALA D 480 -37.14 -34.31 37.21
N ILE D 481 -35.91 -34.45 36.71
CA ILE D 481 -34.84 -35.04 37.50
C ILE D 481 -34.47 -34.08 38.62
N ASP D 482 -34.47 -34.59 39.86
CA ASP D 482 -34.15 -33.75 41.01
C ASP D 482 -32.64 -33.68 41.24
N ALA D 483 -31.93 -34.78 41.05
CA ALA D 483 -30.50 -34.79 41.26
C ALA D 483 -29.89 -36.00 40.57
N LEU D 484 -28.57 -35.95 40.39
CA LEU D 484 -27.79 -37.06 39.87
C LEU D 484 -26.57 -37.25 40.75
N GLY D 485 -25.96 -38.43 40.66
CA GLY D 485 -24.76 -38.68 41.43
C GLY D 485 -24.30 -40.11 41.26
N SER D 486 -23.09 -40.36 41.74
CA SER D 486 -22.48 -41.68 41.68
C SER D 486 -22.76 -42.51 42.93
N ALA D 487 -23.35 -41.94 43.96
CA ALA D 487 -23.69 -42.67 45.18
C ALA D 487 -24.84 -41.97 45.87
N SER D 488 -25.50 -42.69 46.78
CA SER D 488 -26.67 -42.14 47.45
C SER D 488 -26.35 -40.89 48.26
N ASP D 489 -25.10 -40.76 48.71
CA ASP D 489 -24.69 -39.58 49.48
C ASP D 489 -24.07 -38.49 48.62
N LEU D 490 -23.89 -38.73 47.32
CA LEU D 490 -23.23 -37.77 46.44
C LEU D 490 -24.20 -37.10 45.49
N LEU D 491 -25.47 -36.98 45.87
CA LEU D 491 -26.45 -36.35 45.01
C LEU D 491 -26.30 -34.84 45.07
N VAL D 492 -26.27 -34.19 43.90
CA VAL D 492 -26.30 -32.75 43.80
C VAL D 492 -27.56 -32.34 43.04
N GLY D 493 -28.37 -31.52 43.67
CA GLY D 493 -29.64 -31.12 43.09
C GLY D 493 -30.78 -31.15 44.08
N GLY D 494 -31.98 -31.45 43.59
CA GLY D 494 -33.17 -31.49 44.41
C GLY D 494 -33.30 -32.76 45.22
N ASN D 495 -34.34 -32.80 46.03
CA ASN D 495 -34.63 -33.94 46.90
C ASN D 495 -36.05 -34.46 46.76
N GLY D 496 -36.92 -33.77 46.03
CA GLY D 496 -38.30 -34.16 45.92
C GLY D 496 -38.55 -35.37 45.04
N GLY D 497 -37.54 -35.82 44.29
CA GLY D 497 -37.71 -36.97 43.44
C GLY D 497 -37.74 -38.28 44.22
N SER D 498 -38.16 -39.34 43.54
CA SER D 498 -38.20 -40.67 44.13
C SER D 498 -36.88 -41.39 43.84
N LEU D 499 -36.27 -41.95 44.88
CA LEU D 499 -34.99 -42.60 44.74
C LEU D 499 -35.11 -43.87 43.89
N SER D 500 -34.12 -44.09 43.03
CA SER D 500 -34.07 -45.26 42.16
C SER D 500 -32.62 -45.57 41.84
N SER D 501 -32.41 -46.60 41.02
CA SER D 501 -31.07 -46.98 40.60
C SER D 501 -31.13 -47.54 39.19
N VAL D 502 -30.19 -47.11 38.35
CA VAL D 502 -30.11 -47.54 36.95
C VAL D 502 -28.68 -47.99 36.67
N ASP D 503 -28.54 -49.11 35.96
CA ASP D 503 -27.23 -49.64 35.61
C ASP D 503 -26.66 -48.91 34.41
N LEU D 504 -25.37 -48.58 34.46
CA LEU D 504 -24.68 -47.93 33.37
C LEU D 504 -23.88 -48.88 32.50
N SER D 505 -23.89 -50.18 32.81
CA SER D 505 -23.09 -51.14 32.05
C SER D 505 -23.79 -51.49 30.75
N GLY D 506 -23.03 -51.53 29.67
CA GLY D 506 -23.59 -51.92 28.38
C GLY D 506 -24.53 -50.93 27.76
N VAL D 507 -24.42 -49.65 28.13
CA VAL D 507 -25.28 -48.63 27.56
C VAL D 507 -24.87 -48.38 26.11
N LYS D 508 -25.75 -48.66 25.18
CA LYS D 508 -25.48 -48.43 23.76
C LYS D 508 -25.84 -47.03 23.30
N SER D 509 -26.78 -46.38 23.99
CA SER D 509 -27.17 -45.03 23.64
C SER D 509 -27.97 -44.43 24.79
N ILE D 510 -28.06 -43.10 24.79
CA ILE D 510 -28.82 -42.36 25.79
C ILE D 510 -29.70 -41.35 25.08
N THR D 511 -30.98 -41.30 25.45
CA THR D 511 -31.93 -40.35 24.89
C THR D 511 -32.29 -39.33 25.96
N ALA D 512 -31.90 -38.08 25.75
CA ALA D 512 -32.17 -37.01 26.71
C ALA D 512 -33.21 -36.06 26.16
N THR D 513 -34.14 -35.64 27.03
CA THR D 513 -35.19 -34.71 26.68
C THR D 513 -35.15 -33.52 27.63
N SER D 514 -35.19 -32.31 27.08
CA SER D 514 -35.14 -31.10 27.88
C SER D 514 -36.07 -30.07 27.27
N GLY D 515 -36.46 -29.10 28.09
CA GLY D 515 -37.37 -28.06 27.62
C GLY D 515 -37.88 -27.25 28.80
N ASP D 516 -38.94 -26.49 28.52
CA ASP D 516 -39.54 -25.60 29.52
C ASP D 516 -40.35 -26.43 30.50
N PHE D 517 -39.95 -26.42 31.77
CA PHE D 517 -40.69 -27.13 32.79
C PHE D 517 -42.02 -26.43 33.04
N GLN D 518 -43.05 -27.24 33.31
CA GLN D 518 -44.39 -26.68 33.51
C GLN D 518 -44.43 -25.75 34.72
N TYR D 519 -43.77 -26.15 35.81
CA TYR D 519 -43.77 -25.33 37.02
C TYR D 519 -42.88 -24.10 36.90
N GLY D 520 -41.79 -24.17 36.15
CA GLY D 520 -40.94 -23.00 35.98
C GLY D 520 -39.54 -23.32 35.47
N GLY D 521 -39.01 -22.43 34.63
CA GLY D 521 -37.65 -22.59 34.13
C GLY D 521 -37.54 -23.68 33.07
N GLN D 522 -36.29 -24.02 32.78
CA GLN D 522 -35.95 -25.07 31.82
C GLN D 522 -35.20 -26.16 32.55
N GLN D 523 -35.67 -27.39 32.43
CA GLN D 523 -35.08 -28.51 33.15
C GLN D 523 -34.90 -29.70 32.22
N LEU D 524 -34.12 -30.67 32.68
CA LEU D 524 -34.04 -31.98 32.04
C LEU D 524 -35.15 -32.85 32.61
N VAL D 525 -35.95 -33.46 31.75
CA VAL D 525 -37.16 -34.15 32.21
C VAL D 525 -37.09 -35.68 32.10
N ALA D 526 -36.49 -36.22 31.04
CA ALA D 526 -36.58 -37.66 30.84
C ALA D 526 -35.28 -38.19 30.23
N LEU D 527 -34.87 -39.36 30.70
CA LEU D 527 -33.72 -40.09 30.16
C LEU D 527 -34.12 -41.53 29.90
N THR D 528 -33.83 -42.01 28.70
CA THR D 528 -34.17 -43.37 28.30
C THR D 528 -32.90 -44.09 27.88
N PHE D 529 -32.46 -45.04 28.71
CA PHE D 529 -31.23 -45.77 28.47
C PHE D 529 -31.51 -47.00 27.62
N THR D 530 -30.77 -47.13 26.52
CA THR D 530 -30.90 -48.26 25.62
C THR D 530 -29.71 -49.18 25.81
N TYR D 531 -29.99 -50.46 26.02
CA TYR D 531 -28.94 -51.46 26.21
C TYR D 531 -28.75 -52.26 24.92
N GLN D 532 -27.79 -53.18 24.96
CA GLN D 532 -27.57 -54.07 23.82
C GLN D 532 -28.72 -55.06 23.66
N ASP D 533 -29.47 -55.32 24.73
CA ASP D 533 -30.59 -56.24 24.67
C ASP D 533 -31.75 -55.68 23.84
N GLY D 534 -31.83 -54.37 23.69
CA GLY D 534 -32.91 -53.74 22.96
C GLY D 534 -34.02 -53.20 23.85
N ARG D 535 -34.11 -53.67 25.09
CA ARG D 535 -35.11 -53.15 26.02
C ARG D 535 -34.71 -51.78 26.51
N GLN D 536 -35.71 -50.95 26.79
CA GLN D 536 -35.52 -49.58 27.23
C GLN D 536 -35.83 -49.45 28.72
N GLN D 537 -35.69 -48.23 29.22
CA GLN D 537 -36.00 -47.94 30.61
C GLN D 537 -36.23 -46.44 30.74
N THR D 538 -37.26 -46.07 31.50
CA THR D 538 -37.71 -44.69 31.58
C THR D 538 -37.61 -44.18 33.01
N VAL D 539 -37.01 -43.00 33.15
CA VAL D 539 -36.97 -42.27 34.42
C VAL D 539 -37.47 -40.86 34.15
N GLY D 540 -38.33 -40.36 35.03
CA GLY D 540 -38.99 -39.09 34.79
C GLY D 540 -40.20 -39.27 33.90
N SER D 541 -40.90 -38.17 33.65
CA SER D 541 -42.12 -38.17 32.86
C SER D 541 -42.08 -37.08 31.81
N LYS D 542 -42.67 -37.36 30.66
CA LYS D 542 -42.69 -36.44 29.52
C LYS D 542 -44.01 -35.69 29.40
N ALA D 543 -44.87 -35.75 30.41
CA ALA D 543 -46.19 -35.13 30.35
C ALA D 543 -46.25 -33.74 30.98
N TYR D 544 -45.13 -33.22 31.49
CA TYR D 544 -45.11 -31.92 32.16
C TYR D 544 -44.21 -30.92 31.44
N VAL D 545 -44.02 -31.07 30.13
CA VAL D 545 -43.09 -30.22 29.39
C VAL D 545 -43.73 -29.74 28.10
N THR D 546 -43.55 -28.46 27.81
CA THR D 546 -43.94 -27.86 26.55
C THR D 546 -42.72 -27.24 25.88
N ASN D 547 -42.78 -27.13 24.55
CA ASN D 547 -41.66 -26.63 23.76
C ASN D 547 -40.39 -27.44 24.03
N ALA D 548 -40.55 -28.75 24.20
CA ALA D 548 -39.44 -29.62 24.53
C ALA D 548 -38.52 -29.81 23.34
N HIS D 549 -37.25 -30.09 23.63
CA HIS D 549 -36.26 -30.40 22.61
C HIS D 549 -35.61 -31.73 22.93
N GLU D 550 -35.27 -32.48 21.89
CA GLU D 550 -34.75 -33.84 22.01
C GLU D 550 -33.31 -33.88 21.51
N ASP D 551 -32.41 -34.39 22.35
CA ASP D 551 -31.01 -34.58 21.98
C ASP D 551 -30.66 -36.05 22.14
N ARG D 552 -29.80 -36.56 21.25
CA ARG D 552 -29.45 -37.97 21.22
C ARG D 552 -27.96 -38.16 21.42
N PHE D 553 -27.59 -39.29 22.01
CA PHE D 553 -26.20 -39.64 22.30
C PHE D 553 -26.01 -41.12 22.00
N ASP D 554 -25.13 -41.43 21.04
CA ASP D 554 -24.82 -42.81 20.69
C ASP D 554 -23.36 -43.09 21.05
N LEU D 555 -23.14 -44.10 21.90
CA LEU D 555 -21.78 -44.49 22.26
C LEU D 555 -21.19 -45.41 21.19
N PRO D 556 -19.87 -45.46 21.08
CA PRO D 556 -19.24 -46.51 20.26
C PRO D 556 -19.41 -47.87 20.90
N ASP D 557 -19.26 -48.94 20.12
CA ASP D 557 -19.40 -50.29 20.65
C ASP D 557 -18.31 -50.58 21.68
N ALA D 558 -18.68 -51.34 22.71
CA ALA D 558 -17.75 -51.79 23.75
C ALA D 558 -17.09 -50.61 24.46
N ALA D 559 -17.92 -49.77 25.07
CA ALA D 559 -17.47 -48.59 25.78
C ALA D 559 -17.92 -48.63 27.24
N LYS D 560 -17.16 -47.96 28.10
CA LYS D 560 -17.50 -47.83 29.51
C LYS D 560 -17.65 -46.36 29.89
N ILE D 561 -18.78 -46.03 30.49
CA ILE D 561 -18.98 -44.68 30.99
C ILE D 561 -18.20 -44.50 32.29
N THR D 562 -17.37 -43.46 32.35
CA THR D 562 -16.42 -43.30 33.44
C THR D 562 -16.58 -42.02 34.25
N GLN D 563 -17.09 -40.95 33.67
CA GLN D 563 -17.24 -39.69 34.39
C GLN D 563 -18.62 -39.10 34.14
N LEU D 564 -19.17 -38.50 35.18
CA LEU D 564 -20.45 -37.80 35.11
C LEU D 564 -20.24 -36.33 35.43
N LYS D 565 -20.69 -35.46 34.51
CA LYS D 565 -20.68 -34.02 34.71
C LYS D 565 -22.13 -33.58 34.86
N ILE D 566 -22.42 -32.88 35.95
CA ILE D 566 -23.79 -32.56 36.32
C ILE D 566 -23.97 -31.04 36.30
N TRP D 567 -24.89 -30.57 35.47
CA TRP D 567 -25.28 -29.16 35.45
C TRP D 567 -26.54 -29.01 36.25
N ALA D 568 -26.42 -28.44 37.45
CA ALA D 568 -27.57 -28.30 38.33
C ALA D 568 -27.26 -27.28 39.41
N ASP D 569 -28.25 -26.42 39.68
CA ASP D 569 -28.20 -25.59 40.88
C ASP D 569 -28.91 -26.33 42.00
N ASP D 570 -29.22 -25.63 43.09
CA ASP D 570 -29.79 -26.26 44.27
C ASP D 570 -31.15 -26.92 44.03
N TRP D 571 -31.86 -26.54 42.97
CA TRP D 571 -33.21 -27.05 42.76
C TRP D 571 -33.25 -28.27 41.83
N LEU D 572 -32.79 -28.12 40.59
CA LEU D 572 -33.02 -29.15 39.59
C LEU D 572 -31.84 -29.24 38.64
N VAL D 573 -31.80 -30.34 37.89
CA VAL D 573 -30.73 -30.59 36.93
C VAL D 573 -31.08 -29.96 35.59
N LYS D 574 -30.15 -29.17 35.05
CA LYS D 574 -30.33 -28.54 33.75
C LYS D 574 -29.56 -29.20 32.63
N GLY D 575 -28.57 -30.03 32.95
CA GLY D 575 -27.80 -30.70 31.91
C GLY D 575 -26.88 -31.74 32.52
N VAL D 576 -26.42 -32.64 31.66
CA VAL D 576 -25.54 -33.72 32.08
C VAL D 576 -24.74 -34.20 30.89
N GLN D 577 -23.45 -34.42 31.11
CA GLN D 577 -22.53 -34.87 30.06
C GLN D 577 -21.88 -36.17 30.51
N PHE D 578 -21.88 -37.17 29.63
CA PHE D 578 -21.32 -38.48 29.92
C PHE D 578 -20.00 -38.62 29.19
N ASP D 579 -18.89 -38.59 29.93
CA ASP D 579 -17.58 -38.85 29.35
C ASP D 579 -17.47 -40.30 28.93
N LEU D 580 -16.76 -40.55 27.84
CA LEU D 580 -16.61 -41.90 27.30
C LEU D 580 -15.21 -42.42 27.56
N ASN D 581 -15.17 -43.65 28.08
CA ASN D 581 -13.92 -44.41 28.21
C ASN D 581 -12.89 -43.71 29.10
N THR E 1 20.78 -19.78 18.27
CA THR E 1 21.17 -19.78 19.67
C THR E 1 22.42 -18.92 19.88
N ASN E 2 22.49 -17.82 19.14
CA ASN E 2 23.57 -16.84 19.31
C ASN E 2 23.06 -15.41 19.40
N THR E 3 21.74 -15.20 19.35
CA THR E 3 21.15 -13.87 19.33
C THR E 3 20.93 -13.36 20.74
N LEU E 4 20.10 -12.32 20.83
CA LEU E 4 19.89 -11.62 22.08
C LEU E 4 19.25 -12.54 23.11
N PRO E 5 19.55 -12.38 24.40
CA PRO E 5 18.82 -13.11 25.43
C PRO E 5 17.54 -12.39 25.81
N HIS E 6 16.68 -13.12 26.52
CA HIS E 6 15.41 -12.56 26.98
C HIS E 6 14.95 -13.31 28.22
N VAL E 7 14.31 -12.59 29.13
CA VAL E 7 13.59 -13.18 30.25
C VAL E 7 12.16 -12.70 30.19
N ALA E 8 11.21 -13.62 30.18
CA ALA E 8 9.81 -13.26 30.03
C ALA E 8 8.97 -14.00 31.03
N PHE E 9 8.03 -13.29 31.65
CA PHE E 9 7.09 -13.91 32.56
C PHE E 9 5.86 -13.03 32.67
N TYR E 10 4.74 -13.64 33.03
CA TYR E 10 3.46 -12.96 33.09
C TYR E 10 3.17 -12.45 34.48
N ILE E 11 2.30 -11.46 34.57
CA ILE E 11 1.78 -10.94 35.82
C ILE E 11 0.27 -11.00 35.73
N SER E 12 -0.34 -11.81 36.59
CA SER E 12 -1.80 -11.86 36.64
C SER E 12 -2.32 -10.84 37.64
N VAL E 13 -3.33 -10.10 37.25
CA VAL E 13 -3.93 -9.07 38.10
C VAL E 13 -5.42 -9.39 38.20
N ASN E 14 -5.82 -10.01 39.29
CA ASN E 14 -7.22 -10.31 39.56
C ASN E 14 -7.67 -9.58 40.81
N ARG E 15 -8.88 -9.03 40.76
CA ARG E 15 -9.45 -8.32 41.90
C ARG E 15 -10.96 -8.33 41.73
N ALA E 16 -11.65 -9.14 42.52
CA ALA E 16 -13.10 -9.12 42.49
C ALA E 16 -13.61 -7.84 43.13
N ILE E 17 -14.71 -7.32 42.61
CA ILE E 17 -15.35 -6.14 43.15
C ILE E 17 -16.61 -6.57 43.87
N SER E 18 -16.62 -6.43 45.19
CA SER E 18 -17.79 -6.79 45.97
C SER E 18 -18.94 -5.86 45.63
N ASP E 19 -20.16 -6.38 45.75
CA ASP E 19 -21.34 -5.54 45.55
C ASP E 19 -21.38 -4.41 46.56
N GLU E 20 -20.86 -4.65 47.77
CA GLU E 20 -20.84 -3.61 48.80
C GLU E 20 -20.00 -2.43 48.36
N GLU E 21 -18.87 -2.68 47.69
CA GLU E 21 -18.06 -1.60 47.15
C GLU E 21 -18.82 -0.81 46.10
N CYS E 22 -19.84 -1.40 45.50
CA CYS E 22 -20.65 -0.73 44.49
C CYS E 22 -21.93 -0.14 45.07
N THR E 23 -22.00 0.05 46.38
CA THR E 23 -23.17 0.62 47.01
C THR E 23 -23.14 2.14 46.91
N PHE E 24 -24.21 2.72 46.41
CA PHE E 24 -24.31 4.16 46.22
C PHE E 24 -25.70 4.62 46.61
N ASN E 25 -25.82 5.92 46.87
CA ASN E 25 -27.11 6.48 47.20
C ASN E 25 -28.07 6.34 46.03
N ASN E 26 -29.29 5.87 46.31
CA ASN E 26 -30.25 5.64 45.25
C ASN E 26 -30.68 6.92 44.55
N SER E 27 -30.56 8.06 45.22
CA SER E 27 -30.81 9.35 44.61
C SER E 27 -29.81 10.36 45.13
N TRP E 28 -29.53 11.38 44.33
CA TRP E 28 -28.57 12.41 44.69
C TRP E 28 -29.22 13.58 45.41
N LEU E 29 -30.43 13.95 44.99
CA LEU E 29 -31.13 15.04 45.67
C LEU E 29 -31.72 14.60 46.99
N TRP E 30 -32.03 13.30 47.12
CA TRP E 30 -32.81 12.81 48.24
C TRP E 30 -32.12 11.66 48.96
N LYS E 31 -30.85 11.86 49.32
CA LYS E 31 -29.99 10.81 49.87
C LYS E 31 -30.68 9.98 50.96
N ASN E 32 -31.02 10.63 52.08
CA ASN E 32 -31.43 9.88 53.26
C ASN E 32 -32.84 9.31 53.19
N GLU E 33 -33.69 9.84 52.31
CA GLU E 33 -35.06 9.35 52.27
C GLU E 33 -35.20 8.02 51.56
N LYS E 34 -34.35 7.74 50.57
CA LYS E 34 -34.55 6.59 49.70
C LYS E 34 -33.63 5.41 50.00
N GLY E 35 -32.45 5.64 50.54
CA GLY E 35 -31.55 4.55 50.84
C GLY E 35 -30.53 4.29 49.75
N SER E 36 -30.07 3.04 49.68
CA SER E 36 -28.95 2.67 48.82
C SER E 36 -29.21 1.30 48.22
N ARG E 37 -28.53 1.02 47.11
CA ARG E 37 -28.66 -0.26 46.42
C ARG E 37 -27.40 -0.50 45.61
N PRO E 38 -27.11 -1.75 45.24
CA PRO E 38 -25.94 -2.01 44.40
C PRO E 38 -26.09 -1.38 43.02
N PHE E 39 -24.96 -0.99 42.43
CA PHE E 39 -24.95 -0.40 41.10
C PHE E 39 -24.14 -1.20 40.09
N CYS E 40 -23.41 -2.21 40.53
CA CYS E 40 -22.65 -3.05 39.61
C CYS E 40 -22.75 -4.50 40.05
N LYS E 41 -23.02 -5.38 39.10
CA LYS E 41 -23.26 -6.80 39.38
C LYS E 41 -22.07 -7.62 38.89
N ASP E 42 -21.43 -8.31 39.83
CA ASP E 42 -20.34 -9.23 39.53
C ASP E 42 -19.21 -8.55 38.76
N ALA E 43 -18.90 -7.31 39.15
CA ALA E 43 -17.80 -6.60 38.52
C ALA E 43 -16.49 -7.29 38.80
N ASN E 44 -15.58 -7.25 37.82
CA ASN E 44 -14.30 -7.91 37.97
C ASN E 44 -13.25 -7.19 37.15
N ILE E 45 -12.01 -7.25 37.63
CA ILE E 45 -10.85 -6.70 36.95
C ILE E 45 -9.88 -7.85 36.70
N SER E 46 -9.51 -8.06 35.44
CA SER E 46 -8.61 -9.14 35.07
C SER E 46 -7.82 -8.72 33.84
N LEU E 47 -6.56 -8.34 34.04
CA LEU E 47 -5.63 -8.07 32.97
C LEU E 47 -4.43 -9.00 33.14
N ILE E 48 -3.66 -9.17 32.06
CA ILE E 48 -2.47 -9.99 32.08
C ILE E 48 -1.36 -9.24 31.36
N TYR E 49 -0.45 -8.65 32.12
CA TYR E 49 0.68 -7.93 31.56
C TYR E 49 1.73 -8.91 31.07
N ARG E 50 2.65 -8.39 30.25
CA ARG E 50 3.83 -9.12 29.83
C ARG E 50 5.05 -8.31 30.20
N VAL E 51 6.04 -8.97 30.79
CA VAL E 51 7.26 -8.30 31.23
C VAL E 51 8.44 -8.91 30.47
N ASN E 52 9.27 -8.05 29.90
CA ASN E 52 10.46 -8.49 29.20
C ASN E 52 11.68 -7.75 29.73
N LEU E 53 12.72 -8.50 30.06
CA LEU E 53 14.01 -7.96 30.45
C LEU E 53 15.02 -8.31 29.36
N GLU E 54 15.77 -7.32 28.89
CA GLU E 54 16.70 -7.56 27.81
C GLU E 54 17.77 -6.49 27.82
N ARG E 55 18.98 -6.89 27.46
CA ARG E 55 20.02 -5.91 27.20
C ARG E 55 20.01 -5.54 25.73
N SER E 56 20.13 -4.24 25.45
CA SER E 56 19.94 -3.75 24.10
C SER E 56 21.03 -4.19 23.14
N LEU E 57 22.12 -4.75 23.64
CA LEU E 57 23.19 -5.26 22.79
C LEU E 57 23.66 -6.61 23.30
N GLN E 58 24.12 -7.45 22.38
CA GLN E 58 24.76 -8.68 22.78
C GLN E 58 26.08 -8.38 23.47
N TYR E 59 26.49 -9.30 24.35
CA TYR E 59 27.72 -9.07 25.11
C TYR E 59 28.92 -9.08 24.19
N GLY E 60 29.80 -8.11 24.37
CA GLY E 60 31.03 -8.05 23.63
C GLY E 60 30.98 -7.34 22.29
N ILE E 61 29.80 -6.94 21.83
CA ILE E 61 29.72 -6.17 20.60
C ILE E 61 30.03 -4.72 20.91
N VAL E 62 30.96 -4.14 20.17
CA VAL E 62 31.52 -2.83 20.47
C VAL E 62 31.15 -1.86 19.36
N GLY E 63 30.56 -0.74 19.74
CA GLY E 63 30.32 0.32 18.79
C GLY E 63 29.06 0.17 17.96
N SER E 64 28.11 -0.65 18.39
CA SER E 64 26.85 -0.74 17.68
C SER E 64 26.08 0.57 17.83
N ALA E 65 25.29 0.90 16.81
CA ALA E 65 24.59 2.18 16.77
C ALA E 65 23.55 2.33 17.86
N THR E 66 23.03 1.23 18.40
CA THR E 66 22.06 1.31 19.48
C THR E 66 22.80 1.49 20.80
N PRO E 67 22.48 2.51 21.59
CA PRO E 67 23.26 2.79 22.80
C PRO E 67 23.23 1.63 23.78
N ASP E 68 24.35 1.41 24.46
CA ASP E 68 24.42 0.33 25.43
C ASP E 68 23.71 0.74 26.71
N ALA E 69 22.65 0.00 27.05
CA ALA E 69 21.87 0.25 28.24
C ALA E 69 21.05 -0.98 28.55
N LYS E 70 20.53 -1.03 29.77
CA LYS E 70 19.72 -2.14 30.25
C LYS E 70 18.25 -1.76 30.15
N ILE E 71 17.44 -2.63 29.56
CA ILE E 71 16.07 -2.32 29.17
C ILE E 71 15.09 -3.20 29.95
N VAL E 72 14.09 -2.57 30.54
CA VAL E 72 12.99 -3.27 31.19
C VAL E 72 11.70 -2.86 30.47
N ARG E 73 10.93 -3.84 30.03
CA ARG E 73 9.75 -3.60 29.21
C ARG E 73 8.51 -4.12 29.90
N ILE E 74 7.50 -3.26 30.03
CA ILE E 74 6.18 -3.62 30.53
C ILE E 74 5.17 -3.21 29.47
N SER E 75 4.40 -4.16 28.96
CA SER E 75 3.60 -3.86 27.78
C SER E 75 2.30 -4.64 27.77
N LEU E 76 1.33 -4.11 27.02
CA LEU E 76 0.09 -4.79 26.66
C LEU E 76 -0.15 -4.53 25.18
N ASP E 77 -0.25 -5.60 24.39
CA ASP E 77 -0.50 -5.44 22.97
C ASP E 77 -1.47 -6.52 22.53
N ASP E 78 -1.59 -6.71 21.21
CA ASP E 78 -2.50 -7.72 20.68
C ASP E 78 -2.13 -9.11 21.14
N ASP E 79 -0.86 -9.36 21.44
CA ASP E 79 -0.41 -10.68 21.84
C ASP E 79 -0.80 -11.06 23.26
N SER E 80 -1.09 -10.09 24.13
CA SER E 80 -1.50 -10.39 25.49
C SER E 80 -2.24 -9.23 26.12
N THR E 81 -3.54 -9.40 26.37
CA THR E 81 -4.35 -8.32 26.90
C THR E 81 -5.01 -8.70 28.22
N GLY E 82 -5.60 -9.89 28.27
CA GLY E 82 -6.35 -10.29 29.44
C GLY E 82 -7.84 -10.18 29.25
N ALA E 83 -8.56 -10.63 30.27
CA ALA E 83 -10.01 -10.70 30.18
C ALA E 83 -10.64 -9.34 29.95
N GLY E 84 -10.19 -8.34 30.70
CA GLY E 84 -10.67 -6.99 30.56
C GLY E 84 -11.19 -6.45 31.88
N ILE E 85 -12.04 -5.44 31.78
CA ILE E 85 -12.67 -4.82 32.94
C ILE E 85 -14.17 -4.87 32.76
N HIS E 86 -14.88 -5.28 33.81
CA HIS E 86 -16.32 -5.50 33.75
C HIS E 86 -17.00 -4.72 34.86
N LEU E 87 -18.12 -4.09 34.52
CA LEU E 87 -18.95 -3.41 35.51
C LEU E 87 -20.41 -3.84 35.51
N ASN E 88 -20.97 -4.21 34.37
CA ASN E 88 -22.34 -4.70 34.30
C ASN E 88 -22.51 -5.50 33.02
N ASP E 89 -23.75 -5.90 32.76
CA ASP E 89 -24.10 -6.58 31.52
C ASP E 89 -25.13 -5.83 30.69
N GLN E 90 -26.10 -5.19 31.33
CA GLN E 90 -26.99 -4.25 30.67
C GLN E 90 -27.41 -3.22 31.71
N LEU E 91 -27.82 -2.07 31.22
CA LEU E 91 -28.13 -0.94 32.09
C LEU E 91 -29.63 -0.86 32.31
N GLY E 92 -30.06 -1.01 33.55
CA GLY E 92 -31.43 -0.77 33.95
C GLY E 92 -31.55 0.53 34.72
N TYR E 93 -32.78 0.82 35.14
CA TYR E 93 -33.00 2.04 35.89
C TYR E 93 -34.16 1.85 36.85
N ARG E 94 -34.12 2.62 37.93
CA ARG E 94 -35.24 2.74 38.85
C ARG E 94 -35.63 4.21 38.93
N GLN E 95 -36.93 4.45 38.92
CA GLN E 95 -37.47 5.80 38.88
C GLN E 95 -37.90 6.22 40.28
N PHE E 96 -37.68 7.49 40.60
CA PHE E 96 -38.02 8.02 41.90
C PHE E 96 -38.88 9.26 41.74
N GLY E 97 -39.84 9.42 42.66
CA GLY E 97 -40.76 10.52 42.62
C GLY E 97 -40.67 11.37 43.86
N ALA E 98 -41.22 12.59 43.75
CA ALA E 98 -41.17 13.53 44.86
C ALA E 98 -42.14 13.10 45.96
N SER E 99 -41.59 12.85 47.15
CA SER E 99 -42.43 12.50 48.29
C SER E 99 -43.15 13.73 48.87
N TYR E 100 -42.56 14.92 48.73
CA TYR E 100 -43.17 16.14 49.24
C TYR E 100 -43.74 16.95 48.07
N THR E 101 -44.42 18.04 48.41
CA THR E 101 -45.05 18.89 47.42
C THR E 101 -44.03 19.77 46.72
N THR E 102 -43.97 19.64 45.39
CA THR E 102 -43.02 20.38 44.58
C THR E 102 -43.78 21.16 43.52
N LEU E 103 -43.55 22.47 43.48
CA LEU E 103 -44.10 23.35 42.45
C LEU E 103 -43.01 24.01 41.62
N ASP E 104 -41.99 24.56 42.28
CA ASP E 104 -40.84 25.16 41.59
C ASP E 104 -39.58 24.54 42.20
N ALA E 105 -39.24 23.35 41.71
CA ALA E 105 -38.11 22.56 42.20
C ALA E 105 -38.03 21.29 41.36
N TYR E 106 -37.04 20.45 41.66
CA TYR E 106 -37.00 19.12 41.08
C TYR E 106 -38.02 18.23 41.76
N PHE E 107 -38.67 17.37 40.97
CA PHE E 107 -39.64 16.44 41.52
C PHE E 107 -39.55 15.03 40.96
N ARG E 108 -38.63 14.76 40.04
CA ARG E 108 -38.35 13.40 39.60
C ARG E 108 -36.84 13.23 39.45
N GLU E 109 -36.34 12.09 39.92
CA GLU E 109 -34.91 11.83 39.87
C GLU E 109 -34.70 10.40 39.38
N TRP E 110 -33.70 10.22 38.52
CA TRP E 110 -33.44 8.94 37.88
C TRP E 110 -32.05 8.44 38.24
N SER E 111 -31.93 7.14 38.48
CA SER E 111 -30.65 6.50 38.73
C SER E 111 -30.36 5.53 37.59
N THR E 112 -29.20 5.68 36.98
CA THR E 112 -28.77 4.82 35.88
C THR E 112 -27.64 3.92 36.35
N ASP E 113 -27.69 2.66 35.93
CA ASP E 113 -26.66 1.69 36.32
C ASP E 113 -25.28 2.23 35.99
N ALA E 114 -24.30 1.79 36.78
CA ALA E 114 -22.99 2.40 36.78
C ALA E 114 -22.29 2.25 35.44
N ILE E 115 -21.50 3.27 35.09
CA ILE E 115 -20.65 3.25 33.92
C ILE E 115 -19.24 3.67 34.35
N ALA E 116 -18.26 3.31 33.53
CA ALA E 116 -16.86 3.60 33.83
C ALA E 116 -16.55 5.03 33.42
N GLN E 117 -16.42 5.92 34.40
CA GLN E 117 -16.10 7.30 34.09
C GLN E 117 -14.74 7.43 33.44
N ASP E 118 -13.74 6.70 33.93
CA ASP E 118 -12.41 6.78 33.37
C ASP E 118 -11.59 5.61 33.88
N TYR E 119 -10.75 5.07 33.01
CA TYR E 119 -9.81 4.02 33.38
C TYR E 119 -8.46 4.66 33.62
N ARG E 120 -7.75 4.18 34.63
CA ARG E 120 -6.47 4.76 35.01
C ARG E 120 -5.44 3.67 35.20
N PHE E 121 -4.23 3.89 34.67
CA PHE E 121 -3.13 2.95 34.81
C PHE E 121 -1.91 3.73 35.25
N VAL E 122 -1.18 3.21 36.24
CA VAL E 122 -0.07 3.92 36.86
C VAL E 122 1.15 3.02 36.87
N PHE E 123 2.29 3.57 36.47
CA PHE E 123 3.57 2.89 36.58
C PHE E 123 4.51 3.73 37.43
N ASN E 124 5.11 3.11 38.44
CA ASN E 124 5.99 3.82 39.35
C ASN E 124 7.32 3.10 39.48
N ALA E 125 8.41 3.87 39.52
CA ALA E 125 9.71 3.32 39.85
C ALA E 125 9.97 3.49 41.35
N SER E 126 10.55 2.47 41.96
CA SER E 126 10.72 2.51 43.41
C SER E 126 11.83 3.45 43.84
N ASN E 127 12.83 3.67 42.99
CA ASN E 127 13.94 4.55 43.30
C ASN E 127 14.26 5.38 42.06
N ASN E 128 15.43 6.02 42.07
CA ASN E 128 15.86 6.82 40.93
C ASN E 128 16.84 6.07 40.03
N LYS E 129 17.03 4.78 40.25
CA LYS E 129 17.97 4.03 39.42
C LYS E 129 17.43 3.79 38.03
N ALA E 130 16.14 3.97 37.81
CA ALA E 130 15.49 3.71 36.54
C ALA E 130 14.94 5.00 35.96
N GLN E 131 14.86 5.07 34.65
CA GLN E 131 14.29 6.21 33.94
C GLN E 131 13.36 5.74 32.84
N ILE E 132 12.42 6.59 32.47
CA ILE E 132 11.47 6.25 31.41
C ILE E 132 12.09 6.59 30.06
N LEU E 133 12.13 5.60 29.16
CA LEU E 133 12.80 5.75 27.89
C LEU E 133 11.84 6.06 26.74
N LYS E 134 10.87 5.19 26.48
CA LYS E 134 9.89 5.46 25.44
C LYS E 134 8.59 4.80 25.84
N THR E 135 7.50 5.31 25.27
CA THR E 135 6.16 4.86 25.63
C THR E 135 5.29 4.77 24.39
N PHE E 136 4.24 3.96 24.47
CA PHE E 136 3.23 3.89 23.44
C PHE E 136 1.88 4.13 24.09
N PRO E 137 1.12 5.15 23.67
CA PRO E 137 1.41 6.08 22.57
C PRO E 137 2.61 6.98 22.84
N VAL E 138 3.30 7.38 21.77
CA VAL E 138 4.48 8.21 21.95
C VAL E 138 4.12 9.59 22.47
N ASP E 139 2.85 9.96 22.38
CA ASP E 139 2.42 11.33 22.65
C ASP E 139 0.92 11.31 22.84
N ASN E 140 0.38 12.40 23.37
CA ASN E 140 -1.05 12.59 23.36
C ASN E 140 -1.51 12.89 21.94
N ILE E 141 -2.83 12.91 21.75
CA ILE E 141 -3.39 13.18 20.44
C ILE E 141 -3.09 14.63 20.06
N ASN E 142 -2.53 14.81 18.87
CA ASN E 142 -2.28 16.14 18.32
C ASN E 142 -3.34 16.40 17.26
N GLU E 143 -4.48 16.94 17.69
CA GLU E 143 -5.67 16.99 16.84
C GLU E 143 -5.43 17.79 15.58
N LYS E 144 -6.07 17.37 14.50
CA LYS E 144 -6.08 18.12 13.26
C LYS E 144 -7.40 18.89 13.14
N PHE E 145 -7.29 20.17 12.78
CA PHE E 145 -8.45 21.04 12.71
C PHE E 145 -8.65 21.50 11.28
N GLU E 146 -9.91 21.60 10.88
CA GLU E 146 -10.29 22.08 9.55
C GLU E 146 -11.15 23.32 9.71
N ARG E 147 -10.79 24.37 8.98
CA ARG E 147 -11.54 25.62 9.02
C ARG E 147 -12.06 25.98 7.64
N LYS E 148 -13.20 26.68 7.62
CA LYS E 148 -13.78 27.18 6.38
C LYS E 148 -14.27 28.60 6.61
N GLU E 149 -14.09 29.45 5.61
CA GLU E 149 -14.61 30.80 5.63
C GLU E 149 -15.51 30.98 4.41
N VAL E 150 -16.81 31.10 4.65
CA VAL E 150 -17.79 31.22 3.58
C VAL E 150 -18.30 32.65 3.54
N SER E 151 -18.17 33.27 2.38
CA SER E 151 -18.61 34.65 2.21
C SER E 151 -19.13 34.83 0.80
N GLY E 152 -20.11 35.72 0.65
CA GLY E 152 -20.66 36.00 -0.65
C GLY E 152 -21.79 36.99 -0.54
N PHE E 153 -22.37 37.34 -1.69
CA PHE E 153 -23.45 38.31 -1.71
C PHE E 153 -24.52 37.85 -2.69
N GLU E 154 -25.73 38.34 -2.47
CA GLU E 154 -26.90 37.94 -3.23
C GLU E 154 -27.68 39.18 -3.66
N LEU E 155 -28.12 39.19 -4.91
CA LEU E 155 -28.93 40.27 -5.45
C LEU E 155 -30.30 39.73 -5.81
N GLY E 156 -31.33 40.54 -5.61
CA GLY E 156 -32.69 40.15 -5.95
C GLY E 156 -33.52 41.36 -6.34
N VAL E 157 -34.22 41.21 -7.45
CA VAL E 157 -35.13 42.23 -7.95
C VAL E 157 -36.51 41.61 -8.12
N THR E 158 -37.52 42.30 -7.59
CA THR E 158 -38.88 41.76 -7.52
C THR E 158 -39.82 42.66 -8.31
N GLY E 159 -40.62 42.06 -9.18
CA GLY E 159 -41.66 42.76 -9.91
C GLY E 159 -43.03 42.18 -9.57
N GLY E 160 -43.90 43.04 -9.06
CA GLY E 160 -45.21 42.62 -8.63
C GLY E 160 -46.31 43.40 -9.33
N VAL E 161 -47.33 42.66 -9.78
CA VAL E 161 -48.47 43.25 -10.46
C VAL E 161 -49.75 42.75 -9.80
N GLU E 162 -50.61 43.66 -9.37
CA GLU E 162 -51.84 43.33 -8.70
C GLU E 162 -53.01 43.99 -9.42
N VAL E 163 -54.05 43.21 -9.71
CA VAL E 163 -55.30 43.73 -10.26
C VAL E 163 -56.42 43.32 -9.32
N SER E 164 -57.20 44.30 -8.86
CA SER E 164 -58.30 44.04 -7.94
C SER E 164 -59.40 45.06 -8.19
N GLY E 165 -60.41 45.04 -7.31
CA GLY E 165 -61.44 46.05 -7.39
C GLY E 165 -60.91 47.46 -7.11
N ASP E 166 -59.92 47.55 -6.22
CA ASP E 166 -59.33 48.85 -5.92
C ASP E 166 -58.68 49.46 -7.16
N GLY E 167 -57.98 48.66 -7.95
CA GLY E 167 -57.36 49.13 -9.15
C GLY E 167 -56.00 48.49 -9.38
N PRO E 168 -55.50 48.59 -10.61
CA PRO E 168 -54.19 48.01 -10.93
C PRO E 168 -53.09 48.66 -10.11
N LYS E 169 -52.17 47.85 -9.63
CA LYS E 169 -50.98 48.32 -8.92
C LYS E 169 -49.73 47.74 -9.57
N ALA E 170 -48.59 48.38 -9.28
CA ALA E 170 -47.34 47.94 -9.85
C ALA E 170 -46.22 48.22 -8.87
N LYS E 171 -45.39 47.21 -8.60
CA LYS E 171 -44.28 47.34 -7.65
C LYS E 171 -43.02 46.75 -8.27
N LEU E 172 -41.94 47.53 -8.25
CA LEU E 172 -40.62 47.04 -8.60
C LEU E 172 -39.75 47.16 -7.35
N GLU E 173 -39.18 46.04 -6.91
CA GLU E 173 -38.52 45.96 -5.62
C GLU E 173 -37.11 45.42 -5.79
N ALA E 174 -36.20 45.85 -4.91
CA ALA E 174 -34.81 45.47 -5.01
C ALA E 174 -34.31 44.97 -3.66
N ARG E 175 -33.47 43.93 -3.71
CA ARG E 175 -32.83 43.38 -2.53
C ARG E 175 -31.34 43.19 -2.79
N ALA E 176 -30.55 43.33 -1.74
CA ALA E 176 -29.11 43.13 -1.84
C ALA E 176 -28.62 42.58 -0.51
N SER E 177 -28.20 41.33 -0.49
CA SER E 177 -27.81 40.65 0.73
C SER E 177 -26.29 40.50 0.80
N TYR E 178 -25.80 40.22 2.01
CA TYR E 178 -24.40 39.90 2.24
C TYR E 178 -24.37 38.76 3.25
N THR E 179 -23.52 37.78 3.01
CA THR E 179 -23.42 36.63 3.89
C THR E 179 -21.97 36.40 4.29
N GLN E 180 -21.78 35.87 5.50
CA GLN E 180 -20.46 35.46 5.95
C GLN E 180 -20.58 34.47 7.10
N SER E 181 -19.91 33.34 6.98
CA SER E 181 -19.93 32.32 8.03
C SER E 181 -18.57 31.64 8.12
N ARG E 182 -18.20 31.27 9.34
CA ARG E 182 -16.92 30.62 9.60
C ARG E 182 -17.21 29.26 10.24
N TRP E 183 -16.58 28.22 9.71
CA TRP E 183 -16.81 26.85 10.15
C TRP E 183 -15.64 26.38 11.00
N LEU E 184 -15.86 25.32 11.77
CA LEU E 184 -14.82 24.68 12.56
C LEU E 184 -15.16 23.21 12.68
N THR E 185 -14.18 22.35 12.42
CA THR E 185 -14.38 20.90 12.44
C THR E 185 -13.21 20.22 13.12
N TYR E 186 -13.51 19.29 14.02
CA TYR E 186 -12.47 18.51 14.66
C TYR E 186 -13.04 17.16 15.07
N ASN E 187 -12.14 16.20 15.26
CA ASN E 187 -12.51 14.83 15.62
C ASN E 187 -12.27 14.59 17.08
N THR E 188 -13.26 13.98 17.74
CA THR E 188 -13.14 13.53 19.12
C THR E 188 -13.52 12.06 19.18
N GLN E 189 -12.89 11.34 20.09
CA GLN E 189 -13.14 9.92 20.25
C GLN E 189 -14.00 9.71 21.49
N ASP E 190 -14.64 8.54 21.56
CA ASP E 190 -15.46 8.23 22.72
C ASP E 190 -14.61 8.17 23.98
N TYR E 191 -13.38 7.72 23.84
CA TYR E 191 -12.39 7.77 24.92
C TYR E 191 -11.10 8.35 24.39
N ARG E 192 -10.52 9.28 25.14
CA ARG E 192 -9.35 10.04 24.71
C ARG E 192 -8.14 9.64 25.55
N ILE E 193 -7.07 9.23 24.89
CA ILE E 193 -5.87 8.74 25.57
C ILE E 193 -5.09 9.95 26.10
N GLU E 194 -5.09 10.10 27.42
CA GLU E 194 -4.39 11.21 28.07
C GLU E 194 -3.14 10.67 28.74
N ARG E 195 -1.98 10.98 28.17
CA ARG E 195 -0.70 10.59 28.72
C ARG E 195 -0.33 11.56 29.85
N ASN E 196 0.32 11.04 30.89
CA ASN E 196 0.62 11.83 32.08
C ASN E 196 1.94 11.36 32.66
N ALA E 197 2.95 12.24 32.66
CA ALA E 197 4.27 11.93 33.20
C ALA E 197 4.55 12.86 34.37
N LYS E 198 4.29 12.36 35.57
CA LYS E 198 4.54 13.15 36.77
C LYS E 198 6.02 13.49 36.90
N ASN E 199 6.89 12.52 36.69
CA ASN E 199 8.33 12.78 36.67
C ASN E 199 9.03 11.66 35.92
N ALA E 200 10.36 11.69 35.88
CA ALA E 200 11.09 10.75 35.04
C ALA E 200 10.93 9.31 35.47
N GLN E 201 10.44 9.06 36.69
CA GLN E 201 10.30 7.70 37.19
C GLN E 201 8.89 7.16 37.12
N ALA E 202 7.89 7.98 36.78
CA ALA E 202 6.51 7.54 36.81
C ALA E 202 5.73 8.16 35.66
N VAL E 203 5.00 7.32 34.93
CA VAL E 203 4.13 7.78 33.86
C VAL E 203 2.83 7.01 33.96
N SER E 204 1.71 7.71 33.77
CA SER E 204 0.41 7.11 33.93
C SER E 204 -0.47 7.43 32.72
N PHE E 205 -1.28 6.44 32.33
CA PHE E 205 -2.18 6.58 31.19
C PHE E 205 -3.61 6.64 31.70
N THR E 206 -4.37 7.61 31.20
CA THR E 206 -5.73 7.86 31.65
C THR E 206 -6.68 7.83 30.46
N TRP E 207 -7.46 6.77 30.34
CA TRP E 207 -8.57 6.74 29.40
C TRP E 207 -9.71 7.53 30.01
N ASN E 208 -9.95 8.73 29.48
CA ASN E 208 -10.92 9.65 30.01
C ASN E 208 -12.04 9.88 29.00
N ARG E 209 -13.28 9.92 29.47
CA ARG E 209 -14.40 10.16 28.59
C ARG E 209 -14.38 11.59 28.06
N GLN E 210 -14.55 11.74 26.75
CA GLN E 210 -14.59 13.06 26.14
C GLN E 210 -15.95 13.37 25.54
N GLN E 211 -16.44 12.55 24.62
CA GLN E 211 -17.79 12.74 24.12
C GLN E 211 -18.78 12.04 25.04
N TYR E 212 -19.94 12.64 25.23
CA TYR E 212 -20.94 12.11 26.16
C TYR E 212 -20.35 11.93 27.55
N ALA E 213 -19.53 12.89 27.98
CA ALA E 213 -18.85 12.81 29.26
C ALA E 213 -19.63 13.40 30.41
N THR E 214 -20.74 14.08 30.12
CA THR E 214 -21.54 14.72 31.15
C THR E 214 -22.92 14.09 31.19
N ALA E 215 -23.48 13.98 32.40
CA ALA E 215 -24.87 13.55 32.52
C ALA E 215 -25.79 14.49 31.76
N GLU E 216 -25.34 15.73 31.56
CA GLU E 216 -26.11 16.68 30.74
C GLU E 216 -26.23 16.20 29.30
N SER E 217 -25.14 15.68 28.74
CA SER E 217 -25.13 15.38 27.31
C SER E 217 -25.81 14.06 26.97
N LEU E 218 -26.10 13.23 27.96
CA LEU E 218 -26.75 11.95 27.69
C LEU E 218 -28.24 12.08 27.39
N LEU E 219 -28.82 13.26 27.55
CA LEU E 219 -30.26 13.42 27.37
C LEU E 219 -30.62 13.60 25.91
N ASN E 220 -31.71 12.97 25.48
CA ASN E 220 -32.22 13.14 24.13
C ASN E 220 -33.45 14.03 24.08
N ARG E 221 -33.82 14.64 25.21
CA ARG E 221 -34.94 15.56 25.28
C ARG E 221 -34.52 16.79 26.06
N SER E 222 -35.20 17.90 25.82
CA SER E 222 -35.00 19.10 26.61
C SER E 222 -36.25 19.56 27.35
N THR E 223 -37.40 19.58 26.67
CA THR E 223 -38.65 20.00 27.28
C THR E 223 -39.74 18.99 26.95
N ASP E 224 -40.67 18.82 27.87
CA ASP E 224 -41.78 17.90 27.68
C ASP E 224 -42.92 18.31 28.59
N ALA E 225 -44.11 17.84 28.26
CA ALA E 225 -45.29 18.16 29.06
C ALA E 225 -45.22 17.45 30.41
N LEU E 226 -45.98 17.98 31.37
CA LEU E 226 -45.95 17.44 32.73
C LEU E 226 -46.51 16.03 32.82
N TRP E 227 -47.37 15.61 31.89
CA TRP E 227 -47.99 14.30 31.98
C TRP E 227 -47.16 13.21 31.33
N VAL E 228 -46.08 13.54 30.63
CA VAL E 228 -45.26 12.54 29.97
C VAL E 228 -44.17 12.09 30.93
N ASN E 229 -44.15 10.81 31.25
CA ASN E 229 -43.23 10.24 32.24
C ASN E 229 -42.53 9.04 31.61
N THR E 230 -41.30 9.23 31.16
CA THR E 230 -40.55 8.16 30.52
C THR E 230 -39.07 8.36 30.80
N TYR E 231 -38.30 7.30 30.59
CA TYR E 231 -36.86 7.35 30.86
C TYR E 231 -36.19 8.26 29.83
N PRO E 232 -35.56 9.35 30.28
CA PRO E 232 -35.10 10.35 29.33
C PRO E 232 -33.64 10.22 28.92
N VAL E 233 -32.97 9.16 29.35
CA VAL E 233 -31.56 8.93 29.03
C VAL E 233 -31.49 7.97 27.85
N ASP E 234 -31.04 8.47 26.71
CA ASP E 234 -31.01 7.67 25.49
C ASP E 234 -29.87 6.66 25.64
N VAL E 235 -30.22 5.47 26.14
CA VAL E 235 -29.21 4.49 26.51
C VAL E 235 -28.42 3.98 25.32
N ASN E 236 -28.92 4.19 24.11
CA ASN E 236 -28.16 3.77 22.93
C ASN E 236 -26.88 4.57 22.78
N ARG E 237 -26.81 5.76 23.38
CA ARG E 237 -25.61 6.58 23.25
C ARG E 237 -24.44 6.05 24.07
N ILE E 238 -24.70 5.28 25.12
CA ILE E 238 -23.64 4.73 25.96
C ILE E 238 -23.04 3.52 25.26
N SER E 239 -21.88 3.70 24.68
CA SER E 239 -21.29 2.64 23.89
C SER E 239 -20.84 1.48 24.77
N PRO E 240 -20.83 0.27 24.23
CA PRO E 240 -20.41 -0.90 25.03
C PRO E 240 -18.96 -0.83 25.46
N LEU E 241 -18.24 0.21 25.08
CA LEU E 241 -16.87 0.39 25.54
C LEU E 241 -16.81 0.82 27.00
N SER E 242 -17.92 1.25 27.59
CA SER E 242 -17.88 1.79 28.94
C SER E 242 -18.30 0.81 30.01
N TYR E 243 -19.36 0.03 29.81
CA TYR E 243 -19.85 -0.78 30.91
C TYR E 243 -19.75 -2.28 30.61
N ALA E 244 -19.69 -2.64 29.33
CA ALA E 244 -19.70 -4.06 28.99
C ALA E 244 -18.34 -4.70 29.19
N SER E 245 -17.31 -4.21 28.50
CA SER E 245 -15.97 -4.75 28.60
C SER E 245 -14.95 -3.84 27.97
N PHE E 246 -13.81 -3.64 28.63
CA PHE E 246 -12.78 -2.73 28.13
C PHE E 246 -11.42 -3.35 28.31
N VAL E 247 -10.50 -3.06 27.38
CA VAL E 247 -9.14 -3.56 27.42
C VAL E 247 -8.22 -2.45 26.92
N PRO E 248 -7.16 -2.13 27.65
CA PRO E 248 -6.25 -1.08 27.18
C PRO E 248 -5.20 -1.63 26.24
N LYS E 249 -4.34 -0.72 25.76
CA LYS E 249 -3.19 -1.09 24.94
C LYS E 249 -2.12 -0.01 25.10
N MET E 250 -1.07 -0.32 25.86
CA MET E 250 0.00 0.65 26.07
C MET E 250 1.30 -0.07 26.33
N ASP E 251 2.41 0.65 26.10
CA ASP E 251 3.75 0.13 26.29
C ASP E 251 4.55 1.13 27.13
N VAL E 252 5.32 0.62 28.08
CA VAL E 252 6.26 1.42 28.85
C VAL E 252 7.58 0.69 28.88
N ILE E 253 8.67 1.39 28.56
CA ILE E 253 9.98 0.76 28.50
C ILE E 253 10.94 1.59 29.33
N TYR E 254 11.38 1.04 30.46
CA TYR E 254 12.35 1.68 31.33
C TYR E 254 13.76 1.39 30.84
N LYS E 255 14.70 2.23 31.28
CA LYS E 255 16.12 1.99 31.02
C LYS E 255 16.88 2.18 32.31
N ALA E 256 18.01 1.51 32.40
CA ALA E 256 18.89 1.61 33.55
C ALA E 256 20.32 1.83 33.09
N SER E 257 21.11 2.48 33.94
CA SER E 257 22.47 2.86 33.57
C SER E 257 23.32 1.62 33.31
N ALA E 258 24.50 1.85 32.74
CA ALA E 258 25.35 0.75 32.31
C ALA E 258 25.82 -0.13 33.45
N THR E 259 26.21 0.47 34.58
CA THR E 259 26.76 -0.30 35.69
C THR E 259 25.94 -0.17 36.97
N GLU E 260 24.64 0.10 36.87
CA GLU E 260 23.82 0.18 38.06
C GLU E 260 23.75 -1.17 38.74
N THR E 261 23.81 -1.15 40.08
CA THR E 261 23.76 -2.37 40.86
C THR E 261 22.73 -2.19 41.97
N GLY E 262 22.36 -3.31 42.59
CA GLY E 262 21.35 -3.28 43.63
C GLY E 262 20.02 -3.80 43.16
N SER E 263 18.94 -3.11 43.52
CA SER E 263 17.60 -3.58 43.23
C SER E 263 16.71 -2.40 42.90
N THR E 264 15.55 -2.71 42.32
CA THR E 264 14.53 -1.70 42.03
C THR E 264 13.21 -2.40 41.78
N ASP E 265 12.14 -1.86 42.37
CA ASP E 265 10.81 -2.42 42.24
C ASP E 265 9.97 -1.58 41.30
N PHE E 266 8.97 -2.21 40.69
CA PHE E 266 8.03 -1.53 39.81
C PHE E 266 6.63 -1.79 40.33
N ILE E 267 5.75 -0.79 40.22
CA ILE E 267 4.38 -0.89 40.69
C ILE E 267 3.47 -0.63 39.50
N ILE E 268 2.51 -1.53 39.29
CA ILE E 268 1.54 -1.41 38.21
C ILE E 268 0.16 -1.32 38.84
N ASP E 269 -0.52 -0.21 38.61
CA ASP E 269 -1.82 0.08 39.24
C ASP E 269 -2.90 0.09 38.18
N SER E 270 -3.80 -0.88 38.24
CA SER E 270 -4.99 -0.88 37.40
C SER E 270 -6.16 -0.38 38.23
N SER E 271 -6.94 0.54 37.66
CA SER E 271 -8.02 1.15 38.42
C SER E 271 -9.10 1.67 37.48
N VAL E 272 -10.34 1.38 37.85
CA VAL E 272 -11.51 1.84 37.10
C VAL E 272 -12.31 2.75 38.01
N ASN E 273 -12.62 3.95 37.53
CA ASN E 273 -13.27 4.99 38.33
C ASN E 273 -14.77 4.89 38.12
N ILE E 274 -15.43 4.14 39.00
CA ILE E 274 -16.88 3.95 38.90
C ILE E 274 -17.58 5.26 39.21
N ARG E 275 -18.58 5.60 38.39
CA ARG E 275 -19.41 6.78 38.64
C ARG E 275 -20.81 6.53 38.12
N PRO E 276 -21.81 6.49 38.99
CA PRO E 276 -23.19 6.34 38.51
C PRO E 276 -23.66 7.59 37.77
N ILE E 277 -24.85 7.49 37.20
CA ILE E 277 -25.46 8.57 36.43
C ILE E 277 -26.72 9.01 37.16
N TYR E 278 -26.88 10.32 37.31
CA TYR E 278 -28.06 10.89 37.94
C TYR E 278 -28.70 11.89 36.99
N ASN E 279 -30.01 11.78 36.80
CA ASN E 279 -30.77 12.72 35.99
C ASN E 279 -32.03 13.15 36.73
N GLY E 280 -32.29 14.46 36.69
CA GLY E 280 -33.43 15.01 37.40
C GLY E 280 -34.31 15.81 36.46
N ALA E 281 -35.56 15.96 36.86
CA ALA E 281 -36.54 16.72 36.11
C ALA E 281 -36.87 18.01 36.84
N TYR E 282 -37.06 19.08 36.07
CA TYR E 282 -37.32 20.41 36.61
C TYR E 282 -38.70 20.85 36.16
N LYS E 283 -39.55 21.21 37.12
CA LYS E 283 -40.88 21.73 36.79
C LYS E 283 -40.91 23.24 37.01
N HIS E 284 -41.31 23.98 35.99
CA HIS E 284 -41.36 25.44 36.04
C HIS E 284 -42.82 25.88 36.10
N TYR E 285 -43.13 26.78 37.03
CA TYR E 285 -44.48 27.27 37.25
C TYR E 285 -44.50 28.77 37.02
N TYR E 286 -45.00 29.20 35.86
CA TYR E 286 -45.21 30.61 35.56
C TYR E 286 -46.66 30.82 35.13
N VAL E 287 -47.04 32.08 35.00
CA VAL E 287 -48.44 32.48 34.84
C VAL E 287 -49.04 31.92 33.56
N VAL E 288 -48.30 32.01 32.46
CA VAL E 288 -48.86 31.68 31.14
C VAL E 288 -49.18 30.18 31.06
N GLY E 289 -48.24 29.34 31.45
CA GLY E 289 -48.43 27.91 31.32
C GLY E 289 -47.51 27.13 32.22
N ALA E 290 -47.53 25.82 32.05
CA ALA E 290 -46.69 24.92 32.84
C ALA E 290 -46.01 23.92 31.92
N HIS E 291 -44.69 23.79 32.07
CA HIS E 291 -43.89 22.91 31.24
C HIS E 291 -42.84 22.24 32.14
N GLN E 292 -42.08 21.32 31.54
CA GLN E 292 -41.09 20.54 32.27
C GLN E 292 -39.78 20.53 31.49
N SER E 293 -38.67 20.77 32.18
CA SER E 293 -37.34 20.80 31.58
C SER E 293 -36.40 19.90 32.36
N TYR E 294 -35.37 19.40 31.69
CA TYR E 294 -34.43 18.46 32.30
C TYR E 294 -33.10 19.14 32.61
N HIS E 295 -32.31 18.47 33.44
CA HIS E 295 -30.99 18.96 33.84
C HIS E 295 -30.07 17.77 34.00
N GLY E 296 -28.77 18.06 34.02
CA GLY E 296 -27.75 17.05 34.24
C GLY E 296 -26.93 17.38 35.47
N PHE E 297 -26.70 16.37 36.31
CA PHE E 297 -25.93 16.51 37.53
C PHE E 297 -24.48 16.17 37.26
N GLU E 298 -23.57 17.00 37.74
CA GLU E 298 -22.15 16.83 37.48
C GLU E 298 -21.35 16.44 38.71
N ASP E 299 -21.81 16.80 39.91
CA ASP E 299 -21.02 16.63 41.12
C ASP E 299 -21.40 15.35 41.84
N THR E 300 -21.78 14.33 41.07
CA THR E 300 -22.17 13.05 41.62
C THR E 300 -20.98 12.35 42.26
N PRO E 301 -21.20 11.48 43.22
CA PRO E 301 -20.08 10.81 43.89
C PRO E 301 -19.31 9.90 42.95
N ARG E 302 -18.03 9.75 43.24
CA ARG E 302 -17.18 8.82 42.51
C ARG E 302 -16.42 7.95 43.50
N ARG E 303 -16.30 6.67 43.18
CA ARG E 303 -15.56 5.72 44.00
C ARG E 303 -14.58 4.97 43.11
N ARG E 304 -13.36 4.77 43.61
CA ARG E 304 -12.26 4.26 42.81
C ARG E 304 -11.85 2.89 43.34
N ILE E 305 -11.73 1.92 42.44
CA ILE E 305 -11.29 0.57 42.78
C ILE E 305 -9.84 0.40 42.32
N THR E 306 -8.99 -0.07 43.23
CA THR E 306 -7.56 -0.15 42.96
C THR E 306 -7.04 -1.55 43.28
N LYS E 307 -6.28 -2.11 42.34
CA LYS E 307 -5.54 -3.35 42.56
C LYS E 307 -4.13 -3.16 42.06
N SER E 308 -3.15 -3.55 42.88
CA SER E 308 -1.75 -3.33 42.57
C SER E 308 -0.97 -4.63 42.61
N ALA E 309 -0.07 -4.80 41.65
CA ALA E 309 0.83 -5.94 41.63
C ALA E 309 2.22 -5.44 41.24
N SER E 310 3.23 -6.12 41.77
CA SER E 310 4.60 -5.66 41.61
C SER E 310 5.51 -6.84 41.32
N PHE E 311 6.69 -6.54 40.77
CA PHE E 311 7.72 -7.54 40.53
C PHE E 311 9.08 -6.90 40.68
N THR E 312 10.04 -7.69 41.12
CA THR E 312 11.35 -7.20 41.51
C THR E 312 12.39 -7.60 40.48
N VAL E 313 13.29 -6.68 40.15
CA VAL E 313 14.35 -6.90 39.17
C VAL E 313 15.67 -6.53 39.79
N ASP E 314 16.68 -7.38 39.61
CA ASP E 314 18.05 -7.11 40.06
C ASP E 314 18.92 -6.86 38.84
N TRP E 315 19.63 -5.72 38.84
CA TRP E 315 20.47 -5.40 37.70
C TRP E 315 21.66 -6.35 37.58
N ASP E 316 21.96 -7.14 38.60
CA ASP E 316 23.04 -8.11 38.53
C ASP E 316 22.59 -9.43 37.95
N HIS E 317 21.34 -9.51 37.49
CA HIS E 317 20.81 -10.75 36.95
C HIS E 317 21.66 -11.20 35.76
N PRO E 318 21.82 -12.50 35.56
CA PRO E 318 22.65 -12.97 34.43
C PRO E 318 22.16 -12.48 33.08
N VAL E 319 20.85 -12.29 32.92
CA VAL E 319 20.33 -11.93 31.61
C VAL E 319 20.80 -10.56 31.17
N PHE E 320 21.01 -9.65 32.12
CA PHE E 320 21.46 -8.32 31.78
C PHE E 320 22.87 -8.29 31.22
N THR E 321 23.63 -9.38 31.32
CA THR E 321 24.95 -9.41 30.72
C THR E 321 24.90 -9.45 29.21
N GLY E 322 23.78 -9.88 28.63
CA GLY E 322 23.63 -9.86 27.19
C GLY E 322 24.33 -10.98 26.44
N GLY E 323 24.69 -12.06 27.10
CA GLY E 323 25.27 -13.21 26.46
C GLY E 323 24.51 -14.48 26.80
N ARG E 324 24.91 -15.57 26.16
CA ARG E 324 24.29 -16.86 26.43
C ARG E 324 25.25 -17.71 27.27
N PRO E 325 25.02 -17.83 28.57
CA PRO E 325 26.00 -18.45 29.45
C PRO E 325 26.16 -19.94 29.21
N VAL E 326 27.38 -20.42 29.46
CA VAL E 326 27.71 -21.84 29.43
C VAL E 326 28.49 -22.17 30.70
N ASN E 327 28.66 -23.46 30.95
CA ASN E 327 29.40 -23.94 32.11
C ASN E 327 30.46 -24.95 31.68
N LEU E 328 31.52 -25.02 32.49
CA LEU E 328 32.61 -25.95 32.26
C LEU E 328 32.42 -27.11 33.23
N GLN E 329 32.32 -28.33 32.69
CA GLN E 329 32.02 -29.50 33.50
C GLN E 329 33.14 -30.51 33.35
N LEU E 330 33.68 -30.95 34.49
CA LEU E 330 34.76 -31.94 34.51
C LEU E 330 34.15 -33.29 34.15
N ALA E 331 34.82 -34.02 33.26
CA ALA E 331 34.28 -35.27 32.75
C ALA E 331 34.69 -36.50 33.55
N SER E 332 35.74 -36.40 34.37
CA SER E 332 36.14 -37.56 35.16
C SER E 332 35.07 -37.92 36.18
N PHE E 333 34.52 -36.94 36.87
CA PHE E 333 33.43 -37.17 37.81
C PHE E 333 32.14 -37.42 37.05
N ASN E 334 31.22 -38.13 37.68
CA ASN E 334 29.89 -38.29 37.12
C ASN E 334 29.15 -36.96 37.06
N ASN E 335 29.24 -36.15 38.13
CA ASN E 335 28.49 -34.91 38.23
C ASN E 335 29.29 -33.94 39.09
N ARG E 336 30.09 -33.10 38.44
CA ARG E 336 30.83 -32.04 39.12
C ARG E 336 30.93 -30.85 38.16
N CYS E 337 30.72 -29.65 38.70
CA CYS E 337 30.75 -28.43 37.90
C CYS E 337 31.58 -27.38 38.60
N ILE E 338 32.18 -26.49 37.81
CA ILE E 338 32.96 -25.41 38.38
C ILE E 338 32.03 -24.34 38.92
N GLN E 339 32.26 -23.93 40.16
CA GLN E 339 31.44 -22.93 40.81
C GLN E 339 32.35 -21.90 41.47
N VAL E 340 31.90 -20.65 41.45
CA VAL E 340 32.64 -19.53 42.02
C VAL E 340 31.84 -18.95 43.17
N ASP E 341 32.49 -18.76 44.31
CA ASP E 341 31.86 -18.20 45.49
C ASP E 341 31.91 -16.68 45.43
N ALA E 342 31.61 -16.02 46.55
CA ALA E 342 31.56 -14.56 46.58
C ALA E 342 32.93 -13.94 46.33
N GLN E 343 33.99 -14.48 46.94
CA GLN E 343 35.32 -13.89 46.82
C GLN E 343 36.13 -14.47 45.67
N GLY E 344 35.66 -15.53 45.02
CA GLY E 344 36.32 -16.06 43.84
C GLY E 344 37.07 -17.36 44.01
N ARG E 345 36.90 -18.05 45.14
CA ARG E 345 37.53 -19.35 45.29
C ARG E 345 36.79 -20.39 44.43
N LEU E 346 37.55 -21.19 43.69
CA LEU E 346 37.00 -22.15 42.75
C LEU E 346 36.93 -23.53 43.40
N THR E 347 35.72 -24.10 43.43
CA THR E 347 35.50 -25.44 43.93
C THR E 347 34.53 -26.17 43.00
N ALA E 348 34.57 -27.49 43.06
CA ALA E 348 33.73 -28.34 42.21
C ALA E 348 32.54 -28.80 43.05
N ASN E 349 31.36 -28.24 42.76
CA ASN E 349 30.14 -28.56 43.47
C ASN E 349 29.25 -29.42 42.60
N MET E 350 28.07 -29.75 43.13
CA MET E 350 27.08 -30.47 42.34
C MET E 350 26.52 -29.56 41.26
N CYS E 351 26.40 -30.10 40.05
CA CYS E 351 25.89 -29.30 38.93
C CYS E 351 24.43 -28.95 39.15
N ASP E 352 24.10 -27.68 38.94
CA ASP E 352 22.73 -27.20 39.00
C ASP E 352 22.62 -26.07 38.00
N SER E 353 22.20 -26.39 36.77
CA SER E 353 22.31 -25.44 35.67
C SER E 353 21.46 -24.19 35.88
N GLN E 354 20.52 -24.20 36.80
CA GLN E 354 19.73 -23.01 37.09
C GLN E 354 20.40 -22.09 38.10
N GLN E 355 21.53 -22.49 38.67
CA GLN E 355 22.24 -21.65 39.62
C GLN E 355 23.14 -20.69 38.84
N SER E 356 23.02 -19.40 39.13
CA SER E 356 23.71 -18.40 38.32
C SER E 356 25.22 -18.49 38.46
N ALA E 357 25.71 -18.83 39.66
CA ALA E 357 27.15 -18.76 39.91
C ALA E 357 27.94 -19.78 39.11
N GLN E 358 27.30 -20.74 38.48
CA GLN E 358 28.00 -21.78 37.72
C GLN E 358 27.95 -21.52 36.21
N SER E 359 27.69 -20.30 35.79
CA SER E 359 27.57 -19.97 34.38
C SER E 359 28.73 -19.08 33.95
N PHE E 360 29.14 -19.23 32.70
CA PHE E 360 30.21 -18.41 32.13
C PHE E 360 29.82 -17.99 30.72
N ILE E 361 30.35 -16.84 30.30
CA ILE E 361 30.04 -16.26 29.01
C ILE E 361 31.26 -16.41 28.11
N TYR E 362 31.04 -16.81 26.86
CA TYR E 362 32.12 -16.97 25.89
C TYR E 362 32.11 -15.76 24.97
N ASP E 363 33.17 -14.97 25.01
CA ASP E 363 33.21 -13.70 24.30
C ASP E 363 33.92 -13.83 22.97
N GLN E 364 34.21 -12.68 22.34
CA GLN E 364 34.91 -12.67 21.07
C GLN E 364 36.41 -12.92 21.22
N LEU E 365 37.04 -12.38 22.26
CA LEU E 365 38.47 -12.55 22.43
C LEU E 365 38.85 -13.92 22.94
N GLY E 366 37.88 -14.74 23.33
CA GLY E 366 38.16 -16.04 23.88
C GLY E 366 38.31 -16.09 25.38
N ARG E 367 37.86 -15.06 26.10
CA ARG E 367 37.94 -15.07 27.55
C ARG E 367 36.69 -15.70 28.15
N TYR E 368 36.83 -16.18 29.37
CA TYR E 368 35.70 -16.69 30.14
C TYR E 368 35.38 -15.68 31.24
N VAL E 369 34.16 -15.18 31.24
CA VAL E 369 33.72 -14.21 32.24
C VAL E 369 32.62 -14.84 33.07
N SER E 370 32.72 -14.72 34.39
CA SER E 370 31.70 -15.25 35.28
C SER E 370 30.40 -14.46 35.09
N ALA E 371 29.30 -15.19 34.91
CA ALA E 371 28.02 -14.55 34.64
C ALA E 371 27.44 -13.85 35.85
N SER E 372 27.74 -14.34 37.06
CA SER E 372 27.13 -13.76 38.24
C SER E 372 27.70 -12.38 38.57
N ASN E 373 28.91 -12.09 38.11
CA ASN E 373 29.55 -10.78 38.34
C ASN E 373 30.57 -10.57 37.25
N THR E 374 30.23 -9.77 36.25
CA THR E 374 30.98 -9.69 34.99
C THR E 374 32.36 -9.11 35.15
N LYS E 375 32.87 -8.80 36.34
CA LYS E 375 34.22 -8.28 36.45
C LYS E 375 35.25 -9.36 36.79
N LEU E 376 34.84 -10.61 36.92
CA LEU E 376 35.73 -11.69 37.28
C LEU E 376 35.89 -12.65 36.10
N CYS E 377 37.11 -13.14 35.90
CA CYS E 377 37.43 -13.96 34.75
C CYS E 377 38.24 -15.16 35.18
N LEU E 378 38.29 -16.16 34.29
CA LEU E 378 39.12 -17.33 34.53
C LEU E 378 40.52 -17.07 33.98
N ASP E 379 41.54 -17.25 34.81
CA ASP E 379 42.91 -16.94 34.45
C ASP E 379 43.79 -18.15 34.68
N GLY E 380 44.68 -18.41 33.72
CA GLY E 380 45.56 -19.56 33.81
C GLY E 380 46.82 -19.35 34.61
N ALA E 381 47.18 -18.10 34.92
CA ALA E 381 48.38 -17.87 35.73
C ALA E 381 48.21 -18.43 37.13
N ALA E 382 47.03 -18.27 37.73
CA ALA E 382 46.72 -18.85 39.03
C ALA E 382 45.30 -19.38 39.01
N LEU E 383 45.14 -20.66 38.70
CA LEU E 383 43.84 -21.21 38.33
C LEU E 383 42.97 -21.56 39.53
N ASP E 384 43.44 -21.35 40.75
CA ASP E 384 42.63 -21.69 41.92
C ASP E 384 41.72 -20.54 42.36
N ALA E 385 41.75 -19.40 41.66
CA ALA E 385 40.87 -18.29 41.99
C ALA E 385 40.75 -17.39 40.77
N LEU E 386 39.60 -16.72 40.69
CA LEU E 386 39.37 -15.79 39.59
C LEU E 386 40.18 -14.51 39.79
N GLN E 387 40.43 -13.81 38.70
CA GLN E 387 41.23 -12.59 38.70
C GLN E 387 40.48 -11.47 38.00
N PRO E 388 40.82 -10.21 38.27
CA PRO E 388 40.22 -9.11 37.50
C PRO E 388 40.57 -9.24 36.03
N CYS E 389 39.59 -8.93 35.18
CA CYS E 389 39.72 -9.16 33.76
C CYS E 389 40.56 -8.07 33.10
N ASN E 390 41.39 -8.48 32.14
CA ASN E 390 42.18 -7.53 31.36
C ASN E 390 42.55 -8.20 30.04
N GLN E 391 43.51 -7.64 29.34
CA GLN E 391 43.93 -8.14 28.04
C GLN E 391 45.04 -9.19 28.14
N ASN E 392 45.29 -9.73 29.33
CA ASN E 392 46.36 -10.70 29.49
C ASN E 392 46.15 -11.90 28.57
N LEU E 393 47.24 -12.34 27.94
CA LEU E 393 47.17 -13.48 27.03
C LEU E 393 46.80 -14.77 27.75
N THR E 394 47.03 -14.85 29.07
CA THR E 394 46.77 -16.08 29.79
C THR E 394 45.28 -16.30 30.07
N GLN E 395 44.42 -15.40 29.62
CA GLN E 395 42.98 -15.53 29.87
C GLN E 395 42.18 -15.84 28.63
N ARG E 396 42.80 -16.42 27.60
CA ARG E 396 42.10 -16.77 26.37
C ARG E 396 42.14 -18.28 26.17
N TRP E 397 41.02 -18.85 25.73
CA TRP E 397 40.90 -20.29 25.59
C TRP E 397 40.32 -20.63 24.22
N GLU E 398 40.82 -21.71 23.64
CA GLU E 398 40.36 -22.20 22.35
C GLU E 398 40.18 -23.71 22.43
N TRP E 399 39.09 -24.20 21.83
CA TRP E 399 38.82 -25.62 21.82
C TRP E 399 39.56 -26.29 20.67
N ARG E 400 40.23 -27.41 20.96
CA ARG E 400 40.86 -28.19 19.90
C ARG E 400 39.77 -28.91 19.11
N LYS E 401 39.86 -28.83 17.79
CA LYS E 401 38.81 -29.38 16.93
C LYS E 401 38.77 -30.89 17.02
N GLY E 402 37.56 -31.44 17.13
CA GLY E 402 37.36 -32.88 17.10
C GLY E 402 37.47 -33.59 18.43
N THR E 403 37.87 -32.89 19.49
CA THR E 403 37.99 -33.48 20.82
C THR E 403 37.52 -32.46 21.85
N ASP E 404 37.72 -32.79 23.12
CA ASP E 404 37.32 -31.91 24.21
C ASP E 404 38.48 -31.51 25.10
N GLU E 405 39.67 -31.32 24.54
CA GLU E 405 40.82 -30.81 25.26
C GLU E 405 40.77 -29.29 25.23
N LEU E 406 40.59 -28.67 26.40
CA LEU E 406 40.54 -27.22 26.51
C LEU E 406 41.97 -26.72 26.65
N THR E 407 42.39 -25.85 25.73
CA THR E 407 43.77 -25.42 25.66
C THR E 407 43.91 -23.96 26.05
N ASN E 408 45.11 -23.60 26.50
CA ASN E 408 45.45 -22.22 26.83
C ASN E 408 46.27 -21.63 25.70
N VAL E 409 45.98 -20.38 25.33
CA VAL E 409 46.63 -19.79 24.17
C VAL E 409 48.10 -19.51 24.45
N TYR E 410 48.41 -19.01 25.64
CA TYR E 410 49.75 -18.49 25.93
C TYR E 410 50.81 -19.58 25.83
N SER E 411 50.74 -20.58 26.72
CA SER E 411 51.82 -21.55 26.83
C SER E 411 51.58 -22.81 26.02
N GLY E 412 50.40 -22.99 25.45
CA GLY E 412 50.07 -24.22 24.77
C GLY E 412 49.65 -25.36 25.67
N GLU E 413 49.64 -25.14 26.98
CA GLU E 413 49.22 -26.17 27.92
C GLU E 413 47.70 -26.32 27.91
N SER E 414 47.22 -27.41 28.50
CA SER E 414 45.81 -27.73 28.53
C SER E 414 45.22 -27.44 29.91
N LEU E 415 43.90 -27.51 29.99
CA LEU E 415 43.22 -27.37 31.27
C LEU E 415 43.04 -28.74 31.90
N GLY E 416 43.53 -28.90 33.13
CA GLY E 416 43.43 -30.16 33.81
C GLY E 416 42.78 -30.06 35.17
N HIS E 417 42.27 -31.17 35.69
CA HIS E 417 41.59 -31.19 36.97
C HIS E 417 41.93 -32.46 37.71
N ASP E 418 41.90 -32.39 39.04
CA ASP E 418 42.13 -33.57 39.87
C ASP E 418 41.00 -34.57 39.65
N LYS E 419 41.36 -35.85 39.57
CA LYS E 419 40.36 -36.87 39.32
C LYS E 419 39.47 -37.12 40.52
N GLN E 420 39.84 -36.61 41.70
CA GLN E 420 39.12 -36.88 42.93
C GLN E 420 38.65 -35.63 43.67
N THR E 421 39.46 -34.57 43.72
CA THR E 421 39.11 -33.38 44.48
C THR E 421 38.53 -32.25 43.63
N GLY E 422 38.78 -32.26 42.32
CA GLY E 422 38.26 -31.22 41.45
C GLY E 422 39.08 -29.96 41.38
N GLU E 423 40.36 -30.01 41.73
CA GLU E 423 41.21 -28.84 41.66
C GLU E 423 41.75 -28.65 40.24
N LEU E 424 41.58 -27.44 39.72
CA LEU E 424 42.06 -27.12 38.38
C LEU E 424 43.57 -26.99 38.40
N GLY E 425 44.17 -27.19 37.22
CA GLY E 425 45.61 -27.03 37.08
C GLY E 425 46.01 -27.16 35.62
N LEU E 426 47.19 -26.64 35.32
CA LEU E 426 47.73 -26.67 33.96
C LEU E 426 48.59 -27.91 33.78
N TYR E 427 48.42 -28.59 32.65
CA TYR E 427 49.19 -29.79 32.35
C TYR E 427 49.42 -29.89 30.86
N ALA E 428 50.63 -30.31 30.49
CA ALA E 428 50.94 -30.55 29.08
C ALA E 428 50.36 -31.87 28.59
N SER E 429 50.24 -32.86 29.47
CA SER E 429 49.74 -34.17 29.09
C SER E 429 49.08 -34.82 30.30
N SER E 430 48.22 -35.79 30.03
CA SER E 430 47.46 -36.44 31.09
C SER E 430 48.32 -37.48 31.81
N ASN E 431 47.79 -37.97 32.93
CA ASN E 431 48.41 -39.06 33.68
C ASN E 431 47.30 -39.84 34.37
N ASP E 432 47.69 -40.65 35.36
CA ASP E 432 46.70 -41.45 36.08
C ASP E 432 45.92 -40.65 37.11
N ALA E 433 46.34 -39.41 37.39
CA ALA E 433 45.66 -38.58 38.37
C ALA E 433 44.94 -37.38 37.78
N VAL E 434 45.29 -36.97 36.57
CA VAL E 434 44.72 -35.77 35.95
C VAL E 434 44.10 -36.16 34.62
N SER E 435 42.85 -35.77 34.42
CA SER E 435 42.12 -35.99 33.17
C SER E 435 41.91 -34.67 32.46
N LEU E 436 42.04 -34.69 31.14
CA LEU E 436 41.94 -33.49 30.33
C LEU E 436 40.54 -33.25 29.77
N ARG E 437 39.64 -34.21 29.91
CA ARG E 437 38.35 -34.13 29.21
C ARG E 437 37.45 -33.14 29.93
N THR E 438 37.04 -32.09 29.23
CA THR E 438 36.11 -31.10 29.73
C THR E 438 34.97 -30.92 28.74
N ILE E 439 33.75 -30.85 29.24
CA ILE E 439 32.56 -30.78 28.41
C ILE E 439 31.80 -29.50 28.73
N THR E 440 31.27 -28.86 27.69
CA THR E 440 30.54 -27.60 27.81
C THR E 440 29.10 -27.79 27.36
N ALA E 441 28.21 -26.98 27.93
CA ALA E 441 26.79 -27.04 27.59
C ALA E 441 26.12 -25.74 27.99
N TYR E 442 25.02 -25.41 27.31
CA TYR E 442 24.28 -24.22 27.65
C TYR E 442 23.44 -24.45 28.90
N THR E 443 23.18 -23.36 29.62
CA THR E 443 22.49 -23.43 30.90
C THR E 443 21.22 -22.58 30.89
N ASP E 444 20.28 -22.96 31.74
CA ASP E 444 19.01 -22.24 31.87
C ASP E 444 19.02 -21.44 33.17
N VAL E 445 19.55 -20.23 33.09
CA VAL E 445 19.61 -19.34 34.25
C VAL E 445 18.66 -18.18 34.05
N PHE E 446 17.77 -18.28 33.08
CA PHE E 446 16.89 -17.17 32.72
C PHE E 446 15.50 -17.29 33.31
N ASN E 447 15.29 -18.21 34.25
CA ASN E 447 14.04 -18.23 35.00
C ASN E 447 13.91 -16.93 35.79
N ALA E 448 12.68 -16.44 35.91
CA ALA E 448 12.40 -15.26 36.71
C ALA E 448 11.63 -15.67 37.95
N GLN E 449 12.16 -15.30 39.12
CA GLN E 449 11.51 -15.65 40.38
C GLN E 449 10.15 -14.96 40.49
N GLU E 450 9.17 -15.70 40.97
CA GLU E 450 7.82 -15.18 41.10
C GLU E 450 7.79 -14.06 42.14
N SER E 451 6.83 -13.16 41.97
CA SER E 451 6.69 -11.98 42.81
C SER E 451 5.44 -12.07 43.67
N SER E 452 5.58 -11.68 44.95
CA SER E 452 4.49 -11.78 45.90
C SER E 452 3.51 -10.62 45.75
N PRO E 453 2.24 -10.83 46.08
CA PRO E 453 1.24 -9.77 45.87
C PRO E 453 1.39 -8.63 46.85
N ILE E 454 0.73 -7.53 46.55
CA ILE E 454 0.70 -6.37 47.43
C ILE E 454 -0.62 -6.36 48.18
N LEU E 455 -0.56 -6.08 49.48
CA LEU E 455 -1.74 -6.04 50.34
C LEU E 455 -2.07 -4.60 50.67
N GLY E 456 -3.26 -4.15 50.28
CA GLY E 456 -3.73 -2.83 50.65
C GLY E 456 -3.78 -1.84 49.50
N TYR E 457 -3.32 -0.62 49.75
CA TYR E 457 -3.31 0.43 48.76
C TYR E 457 -1.91 1.02 48.64
N THR E 458 -1.51 1.33 47.43
CA THR E 458 -0.16 1.82 47.15
C THR E 458 -0.16 3.33 46.94
N GLN E 459 -0.21 4.07 48.04
CA GLN E 459 -0.16 5.52 48.02
C GLN E 459 0.84 6.04 49.04
N GLY E 460 1.42 7.21 48.76
CA GLY E 460 2.37 7.81 49.66
C GLY E 460 3.78 7.27 49.48
N LYS E 461 4.64 7.65 50.42
CA LYS E 461 6.05 7.27 50.38
C LYS E 461 6.21 5.77 50.58
N MET E 462 7.25 5.21 49.97
CA MET E 462 7.53 3.78 50.03
C MET E 462 8.83 3.55 50.79
N ASN E 463 8.83 2.56 51.66
CA ASN E 463 10.00 2.21 52.46
C ASN E 463 10.31 0.73 52.31
N GLN E 464 11.60 0.40 52.45
CA GLN E 464 12.07 -0.97 52.35
C GLN E 464 12.95 -1.26 53.55
N GLN E 465 12.60 -2.27 54.33
CA GLN E 465 13.33 -2.61 55.54
C GLN E 465 13.52 -4.12 55.62
N ARG E 466 14.74 -4.54 55.98
CA ARG E 466 15.03 -5.95 56.09
C ARG E 466 14.54 -6.51 57.42
N VAL E 467 14.15 -7.79 57.39
CA VAL E 467 13.73 -8.48 58.59
C VAL E 467 14.91 -8.63 59.53
N GLY E 468 14.68 -8.41 60.83
CA GLY E 468 15.74 -8.53 61.80
C GLY E 468 16.22 -9.95 62.00
N GLN E 469 17.30 -10.11 62.78
CA GLN E 469 17.84 -11.45 63.03
C GLN E 469 16.86 -12.32 63.81
N ASP E 470 16.16 -11.75 64.78
CA ASP E 470 15.25 -12.51 65.62
C ASP E 470 13.98 -12.94 64.88
N ASN E 471 13.76 -12.47 63.65
CA ASN E 471 12.56 -12.78 62.88
C ASN E 471 11.29 -12.35 63.62
N ARG E 472 11.34 -11.18 64.26
CA ARG E 472 10.20 -10.63 64.95
C ARG E 472 9.78 -9.33 64.30
N LEU E 473 8.46 -9.16 64.16
CA LEU E 473 7.87 -8.01 63.50
C LEU E 473 7.14 -7.15 64.53
N TYR E 474 7.47 -5.86 64.57
CA TYR E 474 6.84 -4.92 65.49
C TYR E 474 5.66 -4.25 64.80
N VAL E 475 4.49 -4.34 65.43
CA VAL E 475 3.26 -3.76 64.89
C VAL E 475 2.69 -2.81 65.94
N ARG E 476 2.43 -1.57 65.53
CA ARG E 476 1.81 -0.58 66.40
C ARG E 476 0.30 -0.68 66.19
N ALA E 477 -0.40 -1.21 67.18
CA ALA E 477 -1.80 -1.60 67.03
C ALA E 477 -2.71 -0.58 67.69
N GLY E 478 -3.72 -0.15 66.93
CA GLY E 478 -4.80 0.65 67.46
C GLY E 478 -6.10 0.33 66.74
N ALA E 479 -6.85 1.37 66.36
CA ALA E 479 -7.97 1.14 65.47
C ALA E 479 -7.49 0.64 64.11
N ALA E 480 -6.39 1.20 63.61
CA ALA E 480 -5.73 0.72 62.41
C ALA E 480 -4.24 0.64 62.71
N ILE E 481 -3.50 0.06 61.78
CA ILE E 481 -2.07 -0.15 61.98
C ILE E 481 -1.35 1.19 61.85
N ASP E 482 -0.55 1.52 62.87
CA ASP E 482 0.20 2.78 62.87
C ASP E 482 1.51 2.68 62.10
N ALA E 483 2.26 1.59 62.30
CA ALA E 483 3.53 1.44 61.61
C ALA E 483 3.95 -0.02 61.65
N LEU E 484 4.94 -0.34 60.81
CA LEU E 484 5.54 -1.66 60.77
C LEU E 484 7.05 -1.50 60.77
N GLY E 485 7.75 -2.56 61.13
CA GLY E 485 9.20 -2.52 61.10
C GLY E 485 9.78 -3.74 61.80
N SER E 486 11.07 -3.96 61.53
CA SER E 486 11.80 -5.06 62.14
C SER E 486 12.54 -4.65 63.41
N ALA E 487 12.54 -3.35 63.74
CA ALA E 487 13.16 -2.88 64.98
C ALA E 487 12.38 -1.67 65.47
N SER E 488 12.41 -1.47 66.78
CA SER E 488 11.63 -0.39 67.39
C SER E 488 12.07 0.98 66.90
N ASP E 489 13.32 1.13 66.48
CA ASP E 489 13.82 2.41 66.00
C ASP E 489 13.62 2.61 64.51
N LEU E 490 13.24 1.58 63.77
CA LEU E 490 13.04 1.67 62.32
C LEU E 490 11.56 1.71 61.95
N LEU E 491 10.70 2.16 62.87
CA LEU E 491 9.28 2.25 62.57
C LEU E 491 9.00 3.44 61.67
N VAL E 492 8.29 3.19 60.56
CA VAL E 492 7.82 4.25 59.68
C VAL E 492 6.29 4.21 59.69
N GLY E 493 5.68 5.32 60.09
CA GLY E 493 4.24 5.37 60.21
C GLY E 493 3.77 6.12 61.44
N GLY E 494 2.70 5.64 62.06
CA GLY E 494 2.08 6.32 63.18
C GLY E 494 2.77 6.04 64.50
N ASN E 495 2.26 6.68 65.55
CA ASN E 495 2.78 6.54 66.90
C ASN E 495 1.72 6.25 67.94
N GLY E 496 0.43 6.36 67.59
CA GLY E 496 -0.64 6.15 68.54
C GLY E 496 -0.98 4.69 68.80
N GLY E 497 -0.34 3.77 68.10
CA GLY E 497 -0.62 2.36 68.30
C GLY E 497 0.04 1.80 69.55
N SER E 498 -0.32 0.56 69.87
CA SER E 498 0.25 -0.14 71.02
C SER E 498 1.37 -1.06 70.55
N LEU E 499 2.52 -0.97 71.20
CA LEU E 499 3.67 -1.79 70.80
C LEU E 499 3.38 -3.26 71.06
N SER E 500 3.79 -4.11 70.12
CA SER E 500 3.61 -5.55 70.21
C SER E 500 4.64 -6.23 69.32
N SER E 501 4.63 -7.56 69.34
CA SER E 501 5.56 -8.33 68.53
C SER E 501 4.90 -9.62 68.09
N VAL E 502 5.02 -9.94 66.81
CA VAL E 502 4.47 -11.17 66.23
C VAL E 502 5.60 -11.92 65.54
N ASP E 503 5.71 -13.22 65.83
CA ASP E 503 6.75 -14.04 65.24
C ASP E 503 6.40 -14.34 63.78
N LEU E 504 7.38 -14.15 62.90
CA LEU E 504 7.20 -14.39 61.47
C LEU E 504 7.65 -15.79 61.06
N SER E 505 8.11 -16.61 61.98
CA SER E 505 8.61 -17.94 61.65
C SER E 505 7.43 -18.87 61.36
N GLY E 506 7.53 -19.60 60.25
CA GLY E 506 6.50 -20.57 59.91
C GLY E 506 5.17 -19.99 59.49
N VAL E 507 5.16 -18.76 58.97
CA VAL E 507 3.92 -18.16 58.49
C VAL E 507 3.46 -18.89 57.24
N LYS E 508 2.30 -19.55 57.32
CA LYS E 508 1.76 -20.27 56.18
C LYS E 508 0.87 -19.41 55.29
N SER E 509 0.33 -18.32 55.82
CA SER E 509 -0.50 -17.42 55.05
C SER E 509 -0.70 -16.12 55.82
N ILE E 510 -1.09 -15.08 55.11
CA ILE E 510 -1.39 -13.77 55.70
C ILE E 510 -2.69 -13.26 55.11
N THR E 511 -3.56 -12.75 55.97
CA THR E 511 -4.85 -12.21 55.56
C THR E 511 -4.88 -10.72 55.87
N ALA E 512 -4.97 -9.89 54.84
CA ALA E 512 -5.01 -8.45 55.01
C ALA E 512 -6.39 -7.90 54.69
N THR E 513 -6.79 -6.89 55.45
CA THR E 513 -8.07 -6.23 55.26
C THR E 513 -7.86 -4.72 55.20
N SER E 514 -8.41 -4.10 54.16
CA SER E 514 -8.25 -2.66 53.96
C SER E 514 -9.56 -2.10 53.42
N GLY E 515 -9.71 -0.79 53.58
CA GLY E 515 -10.92 -0.12 53.13
C GLY E 515 -10.96 1.30 53.65
N ASP E 516 -12.15 1.90 53.54
CA ASP E 516 -12.36 3.27 53.98
C ASP E 516 -12.39 3.30 55.50
N PHE E 517 -11.40 3.96 56.10
CA PHE E 517 -11.35 4.07 57.54
C PHE E 517 -12.49 4.94 58.05
N GLN E 518 -12.93 4.66 59.28
CA GLN E 518 -14.06 5.39 59.85
C GLN E 518 -13.75 6.87 60.00
N TYR E 519 -12.56 7.19 60.52
CA TYR E 519 -12.22 8.58 60.76
C TYR E 519 -11.85 9.32 59.48
N GLY E 520 -11.22 8.64 58.52
CA GLY E 520 -10.88 9.29 57.27
C GLY E 520 -9.89 8.54 56.42
N GLY E 521 -10.03 8.64 55.10
CA GLY E 521 -9.11 8.03 54.16
C GLY E 521 -9.28 6.52 54.07
N GLN E 522 -8.28 5.88 53.46
CA GLN E 522 -8.23 4.43 53.30
C GLN E 522 -7.03 3.92 54.06
N GLN E 523 -7.24 2.89 54.89
CA GLN E 523 -6.19 2.35 55.73
C GLN E 523 -6.23 0.83 55.71
N LEU E 524 -5.10 0.22 56.07
CA LEU E 524 -5.03 -1.20 56.36
C LEU E 524 -5.38 -1.40 57.82
N VAL E 525 -6.36 -2.26 58.10
CA VAL E 525 -6.90 -2.34 59.45
C VAL E 525 -6.68 -3.69 60.14
N ALA E 526 -6.63 -4.79 59.39
CA ALA E 526 -6.61 -6.09 60.03
C ALA E 526 -5.59 -6.99 59.35
N LEU E 527 -4.80 -7.69 60.16
CA LEU E 527 -3.85 -8.68 59.69
C LEU E 527 -3.95 -9.93 60.56
N THR E 528 -4.26 -11.06 59.94
CA THR E 528 -4.45 -12.32 60.64
C THR E 528 -3.40 -13.32 60.16
N PHE E 529 -2.44 -13.62 61.02
CA PHE E 529 -1.32 -14.49 60.68
C PHE E 529 -1.67 -15.93 61.03
N THR E 530 -1.63 -16.80 60.03
CA THR E 530 -1.88 -18.22 60.22
C THR E 530 -0.57 -18.98 60.10
N TYR E 531 -0.25 -19.76 61.11
CA TYR E 531 0.97 -20.56 61.12
C TYR E 531 0.68 -21.94 60.53
N GLN E 532 1.73 -22.58 60.01
CA GLN E 532 1.58 -23.90 59.43
C GLN E 532 1.20 -24.95 60.48
N ASP E 533 1.53 -24.69 61.73
CA ASP E 533 1.14 -25.61 62.81
C ASP E 533 -0.37 -25.65 63.02
N GLY E 534 -1.05 -24.51 62.90
CA GLY E 534 -2.49 -24.44 63.08
C GLY E 534 -2.94 -23.36 64.04
N ARG E 535 -2.03 -22.69 64.74
CA ARG E 535 -2.42 -21.60 65.63
C ARG E 535 -2.57 -20.30 64.85
N GLN E 536 -3.41 -19.42 65.37
CA GLN E 536 -3.68 -18.13 64.75
C GLN E 536 -3.33 -17.00 65.71
N GLN E 537 -3.37 -15.78 65.17
CA GLN E 537 -3.10 -14.58 65.95
C GLN E 537 -3.61 -13.38 65.16
N THR E 538 -4.21 -12.42 65.87
CA THR E 538 -4.85 -11.28 65.25
C THR E 538 -4.36 -9.98 65.87
N VAL E 539 -4.02 -9.01 65.01
CA VAL E 539 -3.67 -7.67 65.42
C VAL E 539 -4.59 -6.70 64.69
N GLY E 540 -4.84 -5.54 65.30
CA GLY E 540 -5.78 -4.60 64.73
C GLY E 540 -7.21 -4.98 65.03
N SER E 541 -8.13 -4.14 64.56
CA SER E 541 -9.55 -4.34 64.79
C SER E 541 -10.33 -4.16 63.50
N LYS E 542 -11.42 -4.92 63.36
CA LYS E 542 -12.24 -4.91 62.16
C LYS E 542 -13.60 -4.26 62.38
N ALA E 543 -13.73 -3.38 63.37
CA ALA E 543 -15.03 -2.80 63.70
C ALA E 543 -15.17 -1.34 63.28
N TYR E 544 -14.14 -0.71 62.72
CA TYR E 544 -14.18 0.69 62.35
C TYR E 544 -13.97 0.91 60.86
N VAL E 545 -14.45 -0.01 60.03
CA VAL E 545 -14.21 0.08 58.58
C VAL E 545 -15.48 -0.30 57.83
N THR E 546 -15.76 0.44 56.77
CA THR E 546 -16.82 0.16 55.82
C THR E 546 -16.23 0.00 54.42
N ASN E 547 -16.99 -0.68 53.56
CA ASN E 547 -16.55 -0.96 52.19
C ASN E 547 -15.19 -1.65 52.18
N ALA E 548 -15.05 -2.63 53.07
CA ALA E 548 -13.77 -3.31 53.24
C ALA E 548 -13.48 -4.23 52.07
N HIS E 549 -12.19 -4.48 51.83
CA HIS E 549 -11.75 -5.43 50.81
C HIS E 549 -10.79 -6.41 51.44
N GLU E 550 -10.82 -7.65 50.95
CA GLU E 550 -10.07 -8.75 51.54
C GLU E 550 -9.12 -9.32 50.49
N ASP E 551 -7.85 -9.49 50.86
CA ASP E 551 -6.83 -10.10 50.01
C ASP E 551 -6.08 -11.16 50.82
N ARG E 552 -5.58 -12.17 50.13
CA ARG E 552 -4.87 -13.27 50.75
C ARG E 552 -3.50 -13.45 50.13
N PHE E 553 -2.55 -13.94 50.93
CA PHE E 553 -1.17 -14.19 50.50
C PHE E 553 -0.77 -15.56 51.03
N ASP E 554 -0.56 -16.52 50.12
CA ASP E 554 -0.21 -17.89 50.50
C ASP E 554 1.25 -18.14 50.17
N LEU E 555 2.07 -18.29 51.22
CA LEU E 555 3.48 -18.61 51.01
C LEU E 555 3.64 -20.07 50.62
N PRO E 556 4.57 -20.38 49.73
CA PRO E 556 4.97 -21.78 49.53
C PRO E 556 5.63 -22.32 50.80
N ASP E 557 5.52 -23.64 50.96
CA ASP E 557 6.09 -24.29 52.14
C ASP E 557 7.60 -24.13 52.17
N ALA E 558 8.16 -24.10 53.38
CA ALA E 558 9.61 -24.07 53.61
C ALA E 558 10.25 -22.83 53.00
N ALA E 559 9.81 -21.66 53.47
CA ALA E 559 10.34 -20.38 53.02
C ALA E 559 10.47 -19.43 54.20
N LYS E 560 11.34 -18.43 54.06
CA LYS E 560 11.56 -17.43 55.09
C LYS E 560 11.29 -16.04 54.54
N ILE E 561 10.49 -15.27 55.28
CA ILE E 561 10.22 -13.88 54.89
C ILE E 561 11.44 -13.03 55.19
N THR E 562 11.89 -12.27 54.20
CA THR E 562 13.16 -11.55 54.32
C THR E 562 13.05 -10.04 54.22
N GLN E 563 12.11 -9.51 53.44
CA GLN E 563 12.01 -8.06 53.26
C GLN E 563 10.58 -7.60 53.50
N LEU E 564 10.46 -6.45 54.15
CA LEU E 564 9.18 -5.79 54.37
C LEU E 564 9.16 -4.46 53.62
N LYS E 565 8.19 -4.30 52.74
CA LYS E 565 7.96 -3.04 52.05
C LYS E 565 6.72 -2.40 52.66
N ILE E 566 6.84 -1.15 53.09
CA ILE E 566 5.80 -0.47 53.85
C ILE E 566 5.30 0.72 53.03
N TRP E 567 4.02 0.67 52.65
CA TRP E 567 3.35 1.81 52.03
C TRP E 567 2.63 2.59 53.11
N ALA E 568 3.21 3.73 53.50
CA ALA E 568 2.63 4.53 54.56
C ALA E 568 3.20 5.93 54.49
N ASP E 569 2.33 6.92 54.75
CA ASP E 569 2.81 8.25 55.00
C ASP E 569 3.15 8.37 56.48
N ASP E 570 3.39 9.58 56.95
CA ASP E 570 3.79 9.78 58.34
C ASP E 570 2.66 9.56 59.33
N TRP E 571 1.43 9.38 58.88
CA TRP E 571 0.30 9.16 59.78
C TRP E 571 -0.02 7.69 59.97
N LEU E 572 -0.34 6.97 58.88
CA LEU E 572 -0.87 5.62 59.00
C LEU E 572 -0.42 4.77 57.82
N VAL E 573 -0.59 3.46 57.97
CA VAL E 573 -0.16 2.50 56.96
C VAL E 573 -1.29 2.26 55.96
N LYS E 574 -0.95 2.35 54.67
CA LYS E 574 -1.92 2.09 53.61
C LYS E 574 -1.66 0.81 52.83
N GLY E 575 -0.47 0.23 52.94
CA GLY E 575 -0.19 -1.01 52.24
C GLY E 575 1.13 -1.60 52.71
N VAL E 576 1.29 -2.90 52.46
CA VAL E 576 2.49 -3.62 52.85
C VAL E 576 2.63 -4.85 51.96
N GLN E 577 3.86 -5.10 51.52
CA GLN E 577 4.16 -6.23 50.65
C GLN E 577 5.24 -7.07 51.30
N PHE E 578 5.03 -8.39 51.33
CA PHE E 578 5.96 -9.33 51.97
C PHE E 578 6.71 -10.08 50.88
N ASP E 579 8.00 -9.76 50.72
CA ASP E 579 8.84 -10.49 49.78
C ASP E 579 9.22 -11.85 50.35
N LEU E 580 9.51 -12.80 49.46
CA LEU E 580 9.90 -14.13 49.85
C LEU E 580 11.36 -14.39 49.50
N ASN E 581 12.03 -15.14 50.38
CA ASN E 581 13.37 -15.66 50.13
C ASN E 581 14.41 -14.57 49.89
N THR F 1 30.96 -7.64 11.73
CA THR F 1 32.03 -6.91 12.39
C THR F 1 32.97 -6.27 11.37
N ASN F 2 32.41 -5.87 10.23
CA ASN F 2 33.15 -5.16 9.21
C ASN F 2 32.43 -3.92 8.70
N THR F 3 31.28 -3.58 9.26
CA THR F 3 30.48 -2.47 8.80
C THR F 3 30.89 -1.18 9.50
N LEU F 4 30.01 -0.19 9.42
CA LEU F 4 30.31 1.14 9.90
C LEU F 4 30.51 1.13 11.41
N PRO F 5 31.35 2.01 11.95
CA PRO F 5 31.44 2.16 13.40
C PRO F 5 30.42 3.17 13.90
N HIS F 6 30.19 3.13 15.21
CA HIS F 6 29.27 4.05 15.85
C HIS F 6 29.69 4.26 17.30
N VAL F 7 29.38 5.45 17.81
CA VAL F 7 29.47 5.76 19.23
C VAL F 7 28.13 6.31 19.67
N ALA F 8 27.57 5.72 20.73
CA ALA F 8 26.23 6.11 21.16
C ALA F 8 26.20 6.25 22.67
N PHE F 9 25.59 7.34 23.14
CA PHE F 9 25.40 7.53 24.57
C PHE F 9 24.24 8.50 24.77
N TYR F 10 23.59 8.37 25.91
CA TYR F 10 22.41 9.15 26.23
C TYR F 10 22.78 10.42 26.96
N ILE F 11 21.89 11.40 26.89
CA ILE F 11 21.99 12.63 27.65
C ILE F 11 20.70 12.77 28.43
N SER F 12 20.77 12.66 29.76
CA SER F 12 19.60 12.85 30.60
C SER F 12 19.44 14.33 30.91
N VAL F 13 18.23 14.84 30.74
CA VAL F 13 17.93 16.24 31.00
C VAL F 13 16.81 16.27 32.04
N ASN F 14 17.18 16.51 33.29
CA ASN F 14 16.23 16.60 34.38
C ASN F 14 16.29 17.97 35.02
N ARG F 15 15.13 18.53 35.32
CA ARG F 15 15.03 19.86 35.92
C ARG F 15 13.67 19.96 36.60
N ALA F 16 13.65 19.87 37.92
CA ALA F 16 12.40 20.08 38.64
C ALA F 16 12.04 21.56 38.59
N ILE F 17 10.75 21.83 38.54
CA ILE F 17 10.23 23.19 38.55
C ILE F 17 9.65 23.46 39.92
N SER F 18 10.27 24.36 40.66
CA SER F 18 9.77 24.70 41.98
C SER F 18 8.43 25.41 41.86
N ASP F 19 7.59 25.26 42.88
CA ASP F 19 6.32 25.97 42.89
C ASP F 19 6.52 27.48 42.90
N GLU F 20 7.62 27.94 43.51
CA GLU F 20 7.88 29.37 43.55
C GLU F 20 8.09 29.93 42.14
N GLU F 21 8.75 29.18 41.28
CA GLU F 21 8.89 29.59 39.88
C GLU F 21 7.56 29.68 39.18
N CYS F 22 6.54 28.99 39.70
CA CYS F 22 5.21 29.01 39.12
C CYS F 22 4.29 30.01 39.80
N THR F 23 4.83 30.97 40.55
CA THR F 23 4.04 31.96 41.24
C THR F 23 3.70 33.11 40.29
N PHE F 24 2.41 33.44 40.21
CA PHE F 24 1.93 34.50 39.35
C PHE F 24 0.86 35.28 40.09
N ASN F 25 0.57 36.47 39.58
CA ASN F 25 -0.47 37.29 40.19
C ASN F 25 -1.83 36.62 40.04
N ASN F 26 -2.60 36.59 41.12
CA ASN F 26 -3.89 35.91 41.10
C ASN F 26 -4.88 36.58 40.16
N SER F 27 -4.66 37.85 39.83
CA SER F 27 -5.47 38.54 38.84
C SER F 27 -4.58 39.48 38.04
N TRP F 28 -5.01 39.80 36.83
CA TRP F 28 -4.28 40.70 35.96
C TRP F 28 -4.73 42.14 36.11
N LEU F 29 -6.02 42.36 36.30
CA LEU F 29 -6.53 43.72 36.48
C LEU F 29 -6.24 44.24 37.88
N TRP F 30 -6.16 43.33 38.87
CA TRP F 30 -6.15 43.71 40.27
C TRP F 30 -4.96 43.12 41.01
N LYS F 31 -3.75 43.28 40.46
CA LYS F 31 -2.54 42.65 40.96
C LYS F 31 -2.38 42.77 42.47
N ASN F 32 -2.24 43.99 42.97
CA ASN F 32 -1.82 44.19 44.35
C ASN F 32 -2.91 43.91 45.38
N GLU F 33 -4.18 43.92 44.97
CA GLU F 33 -5.25 43.72 45.95
C GLU F 33 -5.39 42.24 46.34
N LYS F 34 -5.11 41.33 45.40
CA LYS F 34 -5.46 39.92 45.60
C LYS F 34 -4.27 39.03 45.95
N GLY F 35 -3.05 39.43 45.58
CA GLY F 35 -1.90 38.61 45.89
C GLY F 35 -1.57 37.58 44.81
N SER F 36 -0.89 36.52 45.23
CA SER F 36 -0.33 35.55 44.30
C SER F 36 -0.53 34.14 44.86
N ARG F 37 -0.48 33.16 43.96
CA ARG F 37 -0.63 31.76 44.34
C ARG F 37 0.09 30.90 43.31
N PRO F 38 0.43 29.66 43.66
CA PRO F 38 1.04 28.77 42.67
C PRO F 38 0.08 28.47 41.53
N PHE F 39 0.64 28.32 40.32
CA PHE F 39 -0.16 28.01 39.14
C PHE F 39 0.20 26.66 38.53
N CYS F 40 1.23 25.99 39.03
CA CYS F 40 1.56 24.65 38.54
C CYS F 40 2.04 23.80 39.70
N LYS F 41 1.52 22.57 39.77
CA LYS F 41 1.79 21.68 40.89
C LYS F 41 2.73 20.58 40.43
N ASP F 42 3.91 20.52 41.04
CA ASP F 42 4.88 19.45 40.79
C ASP F 42 5.24 19.35 39.31
N ALA F 43 5.47 20.51 38.68
CA ALA F 43 5.90 20.51 37.29
C ALA F 43 7.30 19.92 37.18
N ASN F 44 7.56 19.27 36.05
CA ASN F 44 8.86 18.63 35.85
C ASN F 44 9.17 18.54 34.37
N ILE F 45 10.45 18.57 34.05
CA ILE F 45 10.96 18.41 32.69
C ILE F 45 11.89 17.20 32.69
N SER F 46 11.63 16.25 31.80
CA SER F 46 12.43 15.04 31.72
C SER F 46 12.42 14.54 30.27
N LEU F 47 13.50 14.79 29.56
CA LEU F 47 13.71 14.25 28.22
C LEU F 47 14.99 13.43 28.22
N ILE F 48 15.12 12.56 27.23
CA ILE F 48 16.31 11.72 27.09
C ILE F 48 16.70 11.71 25.62
N TYR F 49 17.75 12.45 25.27
CA TYR F 49 18.23 12.51 23.91
C TYR F 49 19.09 11.31 23.58
N ARG F 50 19.29 11.08 22.29
CA ARG F 50 20.23 10.08 21.80
C ARG F 50 21.27 10.78 20.93
N VAL F 51 22.54 10.50 21.18
CA VAL F 51 23.63 11.10 20.45
C VAL F 51 24.36 10.01 19.68
N ASN F 52 24.58 10.24 18.39
CA ASN F 52 25.32 9.30 17.56
C ASN F 52 26.43 10.03 16.82
N LEU F 53 27.63 9.48 16.90
CA LEU F 53 28.77 9.94 16.12
C LEU F 53 29.13 8.84 15.12
N GLU F 54 29.26 9.20 13.85
CA GLU F 54 29.55 8.22 12.83
C GLU F 54 30.21 8.91 11.65
N ARG F 55 31.08 8.17 10.97
CA ARG F 55 31.59 8.64 9.70
C ARG F 55 30.79 8.04 8.57
N SER F 56 30.42 8.89 7.60
CA SER F 56 29.50 8.49 6.56
C SER F 56 30.08 7.44 5.62
N LEU F 57 31.38 7.19 5.69
CA LEU F 57 32.01 6.17 4.87
C LEU F 57 32.96 5.33 5.71
N GLN F 58 33.06 4.05 5.37
CA GLN F 58 34.07 3.21 5.99
C GLN F 58 35.46 3.66 5.55
N TYR F 59 36.44 3.41 6.41
CA TYR F 59 37.79 3.86 6.10
C TYR F 59 38.35 3.12 4.89
N GLY F 60 38.96 3.87 3.98
CA GLY F 60 39.60 3.27 2.84
C GLY F 60 38.73 3.05 1.63
N ILE F 61 37.43 3.31 1.71
CA ILE F 61 36.58 3.19 0.54
C ILE F 61 36.66 4.48 -0.27
N VAL F 62 36.97 4.36 -1.55
CA VAL F 62 37.23 5.49 -2.42
C VAL F 62 36.21 5.48 -3.55
N GLY F 63 35.55 6.61 -3.77
CA GLY F 63 34.64 6.72 -4.88
C GLY F 63 33.19 6.43 -4.56
N SER F 64 32.84 6.35 -3.29
CA SER F 64 31.45 6.11 -2.93
C SER F 64 30.59 7.33 -3.23
N ALA F 65 29.30 7.08 -3.48
CA ALA F 65 28.40 8.15 -3.86
C ALA F 65 28.07 9.10 -2.72
N THR F 66 28.20 8.65 -1.47
CA THR F 66 27.91 9.51 -0.33
C THR F 66 29.15 10.34 -0.01
N PRO F 67 29.04 11.66 0.05
CA PRO F 67 30.23 12.49 0.21
C PRO F 67 30.96 12.18 1.51
N ASP F 68 32.28 12.28 1.46
CA ASP F 68 33.09 12.01 2.64
C ASP F 68 33.02 13.18 3.60
N ALA F 69 32.49 12.93 4.80
CA ALA F 69 32.35 13.95 5.81
C ALA F 69 32.08 13.29 7.15
N LYS F 70 32.26 14.06 8.21
CA LYS F 70 32.05 13.56 9.57
C LYS F 70 30.69 14.03 10.07
N ILE F 71 29.94 13.11 10.68
CA ILE F 71 28.54 13.31 11.01
C ILE F 71 28.35 13.24 12.51
N VAL F 72 27.69 14.26 13.06
CA VAL F 72 27.26 14.26 14.46
C VAL F 72 25.74 14.36 14.46
N ARG F 73 25.09 13.43 15.15
CA ARG F 73 23.64 13.30 15.11
C ARG F 73 23.05 13.46 16.50
N ILE F 74 22.09 14.37 16.63
CA ILE F 74 21.31 14.55 17.85
C ILE F 74 19.84 14.39 17.47
N SER F 75 19.15 13.46 18.13
CA SER F 75 17.82 13.11 17.66
C SER F 75 16.91 12.69 18.81
N LEU F 76 15.61 12.80 18.55
CA LEU F 76 14.55 12.23 19.39
C LEU F 76 13.56 11.56 18.45
N ASP F 77 13.33 10.27 18.63
CA ASP F 77 12.39 9.55 17.78
C ASP F 77 11.60 8.59 18.65
N ASP F 78 10.90 7.66 17.99
CA ASP F 78 10.08 6.69 18.71
C ASP F 78 10.92 5.81 19.62
N ASP F 79 12.19 5.59 19.27
CA ASP F 79 13.03 4.70 20.05
C ASP F 79 13.52 5.32 21.35
N SER F 80 13.50 6.65 21.48
CA SER F 80 13.90 7.29 22.73
C SER F 80 13.32 8.69 22.83
N THR F 81 12.39 8.90 23.77
CA THR F 81 11.76 10.21 23.92
C THR F 81 11.99 10.76 25.31
N GLY F 82 11.75 9.94 26.33
CA GLY F 82 11.79 10.39 27.69
C GLY F 82 10.39 10.61 28.27
N ALA F 83 10.37 10.98 29.55
CA ALA F 83 9.11 11.13 30.27
C ALA F 83 8.22 12.17 29.61
N GLY F 84 8.76 13.36 29.38
CA GLY F 84 8.02 14.42 28.73
C GLY F 84 8.10 15.69 29.54
N ILE F 85 7.13 16.57 29.33
CA ILE F 85 7.03 17.84 30.02
C ILE F 85 5.69 17.90 30.72
N HIS F 86 5.70 18.28 31.99
CA HIS F 86 4.51 18.24 32.83
C HIS F 86 4.32 19.57 33.54
N LEU F 87 3.08 20.06 33.57
CA LEU F 87 2.76 21.29 34.27
C LEU F 87 1.62 21.17 35.27
N ASN F 88 0.57 20.40 34.97
CA ASN F 88 -0.53 20.21 35.90
C ASN F 88 -1.27 18.93 35.54
N ASP F 89 -2.03 18.41 36.49
CA ASP F 89 -2.80 17.19 36.26
C ASP F 89 -4.23 17.47 35.85
N GLN F 90 -4.85 18.51 36.41
CA GLN F 90 -6.13 18.99 35.92
C GLN F 90 -6.20 20.48 36.20
N LEU F 91 -7.05 21.17 35.45
CA LEU F 91 -7.13 22.63 35.51
C LEU F 91 -8.31 23.02 36.38
N GLY F 92 -8.02 23.66 37.51
CA GLY F 92 -9.02 24.27 38.36
C GLY F 92 -9.04 25.78 38.15
N TYR F 93 -9.97 26.42 38.85
CA TYR F 93 -10.09 27.86 38.72
C TYR F 93 -10.52 28.46 40.05
N ARG F 94 -10.12 29.71 40.26
CA ARG F 94 -10.62 30.52 41.36
C ARG F 94 -11.22 31.79 40.79
N GLN F 95 -12.36 32.17 41.34
CA GLN F 95 -13.14 33.30 40.84
C GLN F 95 -12.90 34.52 41.71
N PHE F 96 -12.83 35.68 41.07
CA PHE F 96 -12.56 36.93 41.76
C PHE F 96 -13.61 37.96 41.39
N GLY F 97 -14.01 38.77 42.38
CA GLY F 97 -15.03 39.76 42.17
C GLY F 97 -14.51 41.16 42.46
N ALA F 98 -15.27 42.14 41.98
CA ALA F 98 -14.87 43.53 42.15
C ALA F 98 -15.09 43.98 43.58
N SER F 99 -14.01 44.46 44.21
CA SER F 99 -14.11 44.98 45.57
C SER F 99 -14.70 46.38 45.61
N TYR F 100 -14.52 47.17 44.57
CA TYR F 100 -15.03 48.54 44.53
C TYR F 100 -16.29 48.61 43.68
N THR F 101 -16.92 49.77 43.67
CA THR F 101 -18.16 49.99 42.94
C THR F 101 -17.91 50.00 41.43
N THR F 102 -18.61 49.14 40.72
CA THR F 102 -18.40 48.94 39.29
C THR F 102 -19.73 48.99 38.56
N LEU F 103 -19.86 49.93 37.62
CA LEU F 103 -21.03 50.03 36.77
C LEU F 103 -20.66 49.91 35.28
N ASP F 104 -19.62 50.62 34.85
CA ASP F 104 -19.14 50.54 33.46
C ASP F 104 -17.64 50.27 33.52
N ALA F 105 -17.29 48.99 33.68
CA ALA F 105 -15.91 48.54 33.79
C ALA F 105 -15.92 47.03 33.93
N TYR F 106 -14.72 46.44 34.01
CA TYR F 106 -14.58 45.05 34.38
C TYR F 106 -14.89 44.87 35.87
N PHE F 107 -15.64 43.83 36.19
CA PHE F 107 -15.98 43.55 37.59
C PHE F 107 -15.84 42.10 38.00
N ARG F 108 -15.57 41.18 37.08
CA ARG F 108 -15.25 39.79 37.43
C ARG F 108 -14.06 39.34 36.62
N GLU F 109 -13.12 38.66 37.29
CA GLU F 109 -11.90 38.23 36.65
C GLU F 109 -11.61 36.79 37.08
N TRP F 110 -11.18 35.97 36.12
CA TRP F 110 -10.96 34.55 36.35
C TRP F 110 -9.49 34.21 36.12
N SER F 111 -8.96 33.30 36.92
CA SER F 111 -7.62 32.77 36.74
C SER F 111 -7.71 31.28 36.46
N THR F 112 -7.11 30.86 35.36
CA THR F 112 -7.11 29.45 34.96
C THR F 112 -5.73 28.87 35.15
N ASP F 113 -5.67 27.62 35.63
CA ASP F 113 -4.41 26.94 35.87
C ASP F 113 -3.53 26.98 34.62
N ALA F 114 -2.23 26.99 34.84
CA ALA F 114 -1.27 27.29 33.79
C ALA F 114 -1.32 26.27 32.66
N ILE F 115 -1.06 26.75 31.45
CA ILE F 115 -0.91 25.91 30.28
C ILE F 115 0.38 26.29 29.57
N ALA F 116 0.87 25.38 28.74
CA ALA F 116 2.12 25.59 28.03
C ALA F 116 1.85 26.40 26.76
N GLN F 117 2.21 27.67 26.78
CA GLN F 117 1.98 28.50 25.59
C GLN F 117 2.77 27.99 24.41
N ASP F 118 4.02 27.60 24.62
CA ASP F 118 4.86 27.12 23.53
C ASP F 118 6.07 26.40 24.11
N TYR F 119 6.44 25.30 23.45
CA TYR F 119 7.64 24.57 23.79
C TYR F 119 8.76 25.02 22.86
N ARG F 120 9.97 25.13 23.39
CA ARG F 120 11.10 25.61 22.62
C ARG F 120 12.28 24.68 22.80
N PHE F 121 12.95 24.38 21.69
CA PHE F 121 14.16 23.56 21.71
C PHE F 121 15.21 24.26 20.87
N VAL F 122 16.44 24.33 21.37
CA VAL F 122 17.51 25.10 20.74
C VAL F 122 18.75 24.22 20.65
N PHE F 123 19.39 24.24 19.48
CA PHE F 123 20.68 23.59 19.28
C PHE F 123 21.69 24.64 18.83
N ASN F 124 22.85 24.68 19.49
CA ASN F 124 23.87 25.67 19.20
C ASN F 124 25.21 24.99 18.97
N ALA F 125 25.96 25.48 18.00
CA ALA F 125 27.33 25.06 17.80
C ALA F 125 28.27 26.03 18.50
N SER F 126 29.27 25.49 19.19
CA SER F 126 30.15 26.33 19.98
C SER F 126 31.04 27.20 19.11
N ASN F 127 31.47 26.69 17.96
CA ASN F 127 32.34 27.44 17.06
C ASN F 127 31.80 27.28 15.64
N ASN F 128 32.60 27.68 14.66
CA ASN F 128 32.20 27.58 13.26
C ASN F 128 32.71 26.31 12.58
N LYS F 129 33.31 25.40 13.33
CA LYS F 129 33.85 24.19 12.71
C LYS F 129 32.76 23.24 12.27
N ALA F 130 31.53 23.43 12.74
CA ALA F 130 30.42 22.54 12.43
C ALA F 130 29.37 23.30 11.64
N GLN F 131 28.62 22.57 10.82
CA GLN F 131 27.52 23.13 10.04
C GLN F 131 26.30 22.23 10.15
N ILE F 132 25.14 22.81 9.87
CA ILE F 132 23.89 22.06 9.92
C ILE F 132 23.66 21.40 8.57
N LEU F 133 23.44 20.10 8.57
CA LEU F 133 23.33 19.36 7.31
C LEU F 133 21.89 19.08 6.91
N LYS F 134 21.13 18.43 7.78
CA LYS F 134 19.72 18.14 7.50
C LYS F 134 18.97 18.12 8.81
N THR F 135 17.66 18.32 8.72
CA THR F 135 16.82 18.38 9.91
C THR F 135 15.51 17.67 9.65
N PHE F 136 14.86 17.24 10.73
CA PHE F 136 13.52 16.67 10.66
C PHE F 136 12.65 17.43 11.65
N PRO F 137 11.57 18.07 11.19
CA PRO F 137 11.03 18.09 9.82
C PRO F 137 11.97 18.80 8.84
N VAL F 138 11.95 18.38 7.58
CA VAL F 138 12.85 18.96 6.60
C VAL F 138 12.53 20.43 6.37
N ASP F 139 11.31 20.84 6.70
CA ASP F 139 10.81 22.15 6.34
C ASP F 139 9.63 22.46 7.23
N ASN F 140 9.23 23.73 7.27
CA ASN F 140 7.98 24.08 7.91
C ASN F 140 6.81 23.55 7.09
N ILE F 141 5.62 23.62 7.67
CA ILE F 141 4.43 23.13 7.00
C ILE F 141 4.16 23.98 5.77
N ASN F 142 3.98 23.33 4.62
CA ASN F 142 3.60 24.01 3.39
C ASN F 142 2.12 23.73 3.17
N GLU F 143 1.28 24.58 3.74
CA GLU F 143 -0.14 24.30 3.83
C GLU F 143 -0.78 24.14 2.45
N LYS F 144 -1.76 23.25 2.36
CA LYS F 144 -2.57 23.10 1.17
C LYS F 144 -3.88 23.83 1.34
N PHE F 145 -4.26 24.59 0.33
CA PHE F 145 -5.45 25.41 0.37
C PHE F 145 -6.45 24.94 -0.68
N GLU F 146 -7.73 24.96 -0.32
CA GLU F 146 -8.82 24.60 -1.22
C GLU F 146 -9.75 25.78 -1.38
N ARG F 147 -10.08 26.13 -2.62
CA ARG F 147 -10.96 27.24 -2.91
C ARG F 147 -12.16 26.76 -3.72
N LYS F 148 -13.29 27.42 -3.52
CA LYS F 148 -14.50 27.17 -4.28
C LYS F 148 -15.13 28.49 -4.68
N GLU F 149 -15.58 28.58 -5.92
CA GLU F 149 -16.34 29.73 -6.39
C GLU F 149 -17.73 29.26 -6.75
N VAL F 150 -18.73 29.83 -6.10
CA VAL F 150 -20.12 29.42 -6.29
C VAL F 150 -20.89 30.58 -6.90
N SER F 151 -21.54 30.31 -8.02
CA SER F 151 -22.33 31.33 -8.69
C SER F 151 -23.55 30.68 -9.31
N GLY F 152 -24.62 31.44 -9.42
CA GLY F 152 -25.84 30.93 -10.03
C GLY F 152 -26.93 31.97 -9.96
N PHE F 153 -28.08 31.62 -10.52
CA PHE F 153 -29.20 32.55 -10.53
C PHE F 153 -30.48 31.77 -10.34
N GLU F 154 -31.51 32.47 -9.87
CA GLU F 154 -32.78 31.88 -9.50
C GLU F 154 -33.91 32.71 -10.09
N LEU F 155 -34.92 32.02 -10.63
CA LEU F 155 -36.12 32.66 -11.16
C LEU F 155 -37.32 32.12 -10.41
N GLY F 156 -38.29 32.99 -10.15
CA GLY F 156 -39.52 32.58 -9.50
C GLY F 156 -40.68 33.47 -9.90
N VAL F 157 -41.82 32.84 -10.15
CA VAL F 157 -43.04 33.55 -10.48
C VAL F 157 -44.10 33.17 -9.45
N THR F 158 -44.89 34.16 -9.04
CA THR F 158 -45.86 33.99 -7.97
C THR F 158 -47.24 34.35 -8.47
N GLY F 159 -48.20 33.46 -8.25
CA GLY F 159 -49.60 33.74 -8.55
C GLY F 159 -50.42 33.73 -7.28
N GLY F 160 -51.03 34.86 -6.98
CA GLY F 160 -51.81 35.01 -5.76
C GLY F 160 -53.25 35.36 -6.06
N VAL F 161 -54.15 34.62 -5.41
CA VAL F 161 -55.59 34.82 -5.57
C VAL F 161 -56.21 35.00 -4.20
N GLU F 162 -56.92 36.11 -4.00
CA GLU F 162 -57.56 36.42 -2.73
C GLU F 162 -59.05 36.63 -2.96
N VAL F 163 -59.87 36.00 -2.11
CA VAL F 163 -61.32 36.22 -2.09
C VAL F 163 -61.70 36.61 -0.67
N SER F 164 -62.37 37.74 -0.54
CA SER F 164 -62.76 38.24 0.77
C SER F 164 -64.05 39.05 0.63
N GLY F 165 -64.44 39.69 1.73
CA GLY F 165 -65.57 40.62 1.66
C GLY F 165 -65.27 41.82 0.78
N ASP F 166 -64.02 42.28 0.79
CA ASP F 166 -63.65 43.43 -0.03
C ASP F 166 -63.85 43.14 -1.51
N GLY F 167 -63.47 41.95 -1.97
CA GLY F 167 -63.63 41.57 -3.34
C GLY F 167 -62.48 40.72 -3.84
N PRO F 168 -62.70 40.00 -4.95
CA PRO F 168 -61.64 39.16 -5.51
C PRO F 168 -60.46 40.00 -5.98
N LYS F 169 -59.25 39.58 -5.61
CA LYS F 169 -58.02 40.19 -6.07
C LYS F 169 -57.21 39.16 -6.84
N ALA F 170 -56.25 39.65 -7.63
CA ALA F 170 -55.40 38.77 -8.42
C ALA F 170 -54.03 39.40 -8.55
N LYS F 171 -52.99 38.64 -8.19
CA LYS F 171 -51.62 39.11 -8.25
C LYS F 171 -50.75 38.11 -8.98
N LEU F 172 -50.01 38.59 -9.99
CA LEU F 172 -49.00 37.81 -10.68
C LEU F 172 -47.66 38.51 -10.46
N GLU F 173 -46.73 37.82 -9.81
CA GLU F 173 -45.50 38.43 -9.33
C GLU F 173 -44.31 37.65 -9.85
N ALA F 174 -43.21 38.36 -10.10
CA ALA F 174 -42.01 37.75 -10.67
C ALA F 174 -40.79 38.13 -9.85
N ARG F 175 -39.86 37.20 -9.72
CA ARG F 175 -38.61 37.41 -9.02
C ARG F 175 -37.46 36.90 -9.87
N ALA F 176 -36.29 37.53 -9.69
CA ALA F 176 -35.08 37.11 -10.37
C ALA F 176 -33.90 37.41 -9.45
N SER F 177 -33.20 36.37 -9.04
CA SER F 177 -32.11 36.50 -8.08
C SER F 177 -30.78 36.15 -8.74
N TYR F 178 -29.71 36.65 -8.14
CA TYR F 178 -28.35 36.32 -8.55
C TYR F 178 -27.55 36.05 -7.29
N THR F 179 -26.71 35.02 -7.31
CA THR F 179 -25.93 34.63 -6.16
C THR F 179 -24.46 34.49 -6.55
N GLN F 180 -23.58 34.73 -5.57
CA GLN F 180 -22.16 34.48 -5.76
C GLN F 180 -21.46 34.41 -4.41
N SER F 181 -20.69 33.34 -4.19
CA SER F 181 -19.96 33.18 -2.94
C SER F 181 -18.64 32.49 -3.21
N ARG F 182 -17.61 32.93 -2.48
CA ARG F 182 -16.26 32.38 -2.60
C ARG F 182 -15.88 31.74 -1.28
N TRP F 183 -15.40 30.50 -1.35
CA TRP F 183 -15.06 29.73 -0.16
C TRP F 183 -13.55 29.73 0.06
N LEU F 184 -13.15 29.27 1.24
CA LEU F 184 -11.73 29.13 1.57
C LEU F 184 -11.61 28.06 2.65
N THR F 185 -10.69 27.12 2.46
CA THR F 185 -10.51 26.02 3.39
C THR F 185 -9.02 25.74 3.59
N TYR F 186 -8.60 25.60 4.83
CA TYR F 186 -7.22 25.27 5.13
C TYR F 186 -7.17 24.52 6.45
N ASN F 187 -6.09 23.77 6.65
CA ASN F 187 -5.92 22.94 7.82
C ASN F 187 -4.96 23.59 8.80
N THR F 188 -5.34 23.58 10.08
CA THR F 188 -4.46 24.02 11.15
C THR F 188 -4.41 22.92 12.19
N GLN F 189 -3.26 22.82 12.86
CA GLN F 189 -3.07 21.83 13.91
C GLN F 189 -3.14 22.52 15.26
N ASP F 190 -3.35 21.73 16.31
CA ASP F 190 -3.38 22.31 17.65
C ASP F 190 -2.04 22.92 18.00
N TYR F 191 -0.95 22.29 17.56
CA TYR F 191 0.39 22.83 17.68
C TYR F 191 1.08 22.79 16.33
N ARG F 192 1.71 23.89 15.96
CA ARG F 192 2.30 24.07 14.65
C ARG F 192 3.82 24.08 14.76
N ILE F 193 4.49 23.22 14.00
CA ILE F 193 5.93 23.07 14.07
C ILE F 193 6.57 24.23 13.32
N GLU F 194 7.19 25.14 14.05
CA GLU F 194 7.86 26.30 13.46
C GLU F 194 9.36 26.08 13.51
N ARG F 195 9.95 25.75 12.37
CA ARG F 195 11.39 25.59 12.27
C ARG F 195 12.04 26.96 12.17
N ASN F 196 13.19 27.12 12.81
CA ASN F 196 13.85 28.41 12.91
C ASN F 196 15.36 28.21 12.85
N ALA F 197 16.00 28.76 11.83
CA ALA F 197 17.45 28.64 11.65
C ALA F 197 18.07 30.03 11.66
N LYS F 198 18.58 30.41 12.84
CA LYS F 198 19.22 31.72 12.97
C LYS F 198 20.43 31.84 12.05
N ASN F 199 21.27 30.81 12.01
CA ASN F 199 22.40 30.78 11.11
C ASN F 199 22.89 29.34 10.95
N ALA F 200 24.00 29.16 10.22
CA ALA F 200 24.42 27.82 9.87
C ALA F 200 24.84 26.99 11.08
N GLN F 201 25.04 27.61 12.24
CA GLN F 201 25.49 26.89 13.41
C GLN F 201 24.38 26.61 14.42
N ALA F 202 23.19 27.18 14.24
CA ALA F 202 22.14 27.05 15.25
C ALA F 202 20.79 26.94 14.57
N VAL F 203 19.98 25.97 15.00
CA VAL F 203 18.62 25.82 14.53
C VAL F 203 17.75 25.47 15.71
N SER F 204 16.57 26.09 15.78
CA SER F 204 15.69 25.91 16.93
C SER F 204 14.29 25.55 16.46
N PHE F 205 13.67 24.61 17.16
CA PHE F 205 12.32 24.16 16.86
C PHE F 205 11.36 24.69 17.91
N THR F 206 10.26 25.26 17.46
CA THR F 206 9.29 25.92 18.34
C THR F 206 7.92 25.32 18.10
N TRP F 207 7.45 24.52 19.05
CA TRP F 207 6.05 24.10 19.07
C TRP F 207 5.23 25.27 19.61
N ASN F 208 4.42 25.87 18.75
CA ASN F 208 3.67 27.08 19.09
C ASN F 208 2.18 26.82 18.88
N ARG F 209 1.36 27.33 19.81
CA ARG F 209 -0.07 27.17 19.68
C ARG F 209 -0.60 27.98 18.50
N GLN F 210 -1.43 27.36 17.69
CA GLN F 210 -2.02 28.06 16.55
C GLN F 210 -3.52 28.19 16.72
N GLN F 211 -4.22 27.07 16.86
CA GLN F 211 -5.62 27.11 17.18
C GLN F 211 -5.80 27.29 18.68
N TYR F 212 -6.84 28.03 19.07
CA TYR F 212 -7.09 28.31 20.48
C TYR F 212 -5.88 28.98 21.13
N ALA F 213 -5.28 29.92 20.41
CA ALA F 213 -4.08 30.58 20.88
C ALA F 213 -4.37 31.79 21.77
N THR F 214 -5.61 32.25 21.82
CA THR F 214 -5.97 33.45 22.53
C THR F 214 -7.00 33.16 23.61
N ALA F 215 -6.86 33.84 24.74
CA ALA F 215 -7.92 33.83 25.73
C ALA F 215 -9.21 34.35 25.13
N GLU F 216 -9.11 35.17 24.09
CA GLU F 216 -10.28 35.61 23.34
C GLU F 216 -10.99 34.43 22.70
N SER F 217 -10.24 33.52 22.08
CA SER F 217 -10.86 32.40 21.38
C SER F 217 -11.16 31.22 22.29
N LEU F 218 -10.60 31.20 23.50
CA LEU F 218 -10.84 30.09 24.40
C LEU F 218 -12.25 30.07 24.97
N LEU F 219 -13.03 31.14 24.77
CA LEU F 219 -14.35 31.23 25.37
C LEU F 219 -15.39 30.46 24.56
N ASN F 220 -16.49 30.09 25.21
CA ASN F 220 -17.62 29.46 24.54
C ASN F 220 -18.89 30.31 24.64
N ARG F 221 -18.82 31.47 25.27
CA ARG F 221 -19.95 32.37 25.40
C ARG F 221 -19.52 33.76 24.94
N SER F 222 -20.50 34.58 24.55
CA SER F 222 -20.24 35.97 24.25
C SER F 222 -20.97 36.92 25.17
N THR F 223 -22.28 36.76 25.34
CA THR F 223 -23.07 37.62 26.19
C THR F 223 -23.96 36.79 27.11
N ASP F 224 -24.24 37.35 28.28
CA ASP F 224 -25.12 36.69 29.24
C ASP F 224 -25.70 37.75 30.16
N ALA F 225 -26.78 37.39 30.84
CA ALA F 225 -27.41 38.31 31.77
C ALA F 225 -26.53 38.52 32.99
N LEU F 226 -26.76 39.62 33.70
CA LEU F 226 -25.93 39.97 34.84
C LEU F 226 -26.02 38.98 35.98
N TRP F 227 -27.13 38.24 36.11
CA TRP F 227 -27.28 37.34 37.24
C TRP F 227 -26.66 35.98 37.01
N VAL F 228 -26.23 35.67 35.79
CA VAL F 228 -25.64 34.37 35.50
C VAL F 228 -24.14 34.43 35.77
N ASN F 229 -23.68 33.61 36.70
CA ASN F 229 -22.29 33.62 37.16
C ASN F 229 -21.75 32.20 37.09
N THR F 230 -20.98 31.91 36.04
CA THR F 230 -20.42 30.57 35.86
C THR F 230 -19.09 30.69 35.16
N TYR F 231 -18.29 29.63 35.24
CA TYR F 231 -16.97 29.62 34.63
C TYR F 231 -17.11 29.61 33.11
N PRO F 232 -16.61 30.64 32.43
CA PRO F 232 -16.93 30.78 31.01
C PRO F 232 -15.86 30.23 30.08
N VAL F 233 -14.85 29.56 30.62
CA VAL F 233 -13.78 28.97 29.82
C VAL F 233 -14.09 27.50 29.60
N ASP F 234 -14.45 27.15 28.37
CA ASP F 234 -14.87 25.78 28.06
C ASP F 234 -13.62 24.90 28.09
N VAL F 235 -13.34 24.35 29.27
CA VAL F 235 -12.08 23.64 29.50
C VAL F 235 -11.91 22.42 28.62
N ASN F 236 -12.99 21.92 28.01
CA ASN F 236 -12.84 20.78 27.12
C ASN F 236 -12.06 21.14 25.87
N ARG F 237 -11.96 22.42 25.53
CA ARG F 237 -11.23 22.82 24.34
C ARG F 237 -9.72 22.72 24.50
N ILE F 238 -9.21 22.75 25.73
CA ILE F 238 -7.78 22.66 25.97
C ILE F 238 -7.37 21.20 25.91
N SER F 239 -6.70 20.84 24.85
CA SER F 239 -6.38 19.43 24.68
C SER F 239 -5.30 18.99 25.65
N PRO F 240 -5.28 17.71 26.02
CA PRO F 240 -4.27 17.22 26.96
C PRO F 240 -2.86 17.33 26.44
N LEU F 241 -2.70 17.74 25.18
CA LEU F 241 -1.37 17.97 24.64
C LEU F 241 -0.70 19.19 25.27
N SER F 242 -1.46 20.07 25.91
CA SER F 242 -0.91 21.33 26.38
C SER F 242 -0.46 21.29 27.84
N TYR F 243 -1.25 20.74 28.75
CA TYR F 243 -0.92 20.91 30.16
C TYR F 243 -0.58 19.60 30.84
N ALA F 244 -1.05 18.48 30.28
CA ALA F 244 -0.84 17.20 30.96
C ALA F 244 0.55 16.65 30.68
N SER F 245 0.86 16.36 29.42
CA SER F 245 2.15 15.77 29.07
C SER F 245 2.44 15.94 27.60
N PHE F 246 3.68 16.31 27.26
CA PHE F 246 4.06 16.56 25.88
C PHE F 246 5.45 15.99 25.62
N VAL F 247 5.66 15.52 24.39
CA VAL F 247 6.94 14.95 23.98
C VAL F 247 7.22 15.37 22.55
N PRO F 248 8.39 15.93 22.25
CA PRO F 248 8.68 16.33 20.88
C PRO F 248 9.21 15.18 20.05
N LYS F 249 9.44 15.45 18.76
CA LYS F 249 10.08 14.50 17.86
C LYS F 249 10.79 15.27 16.77
N MET F 250 12.12 15.33 16.85
CA MET F 250 12.90 16.06 15.85
C MET F 250 14.28 15.45 15.74
N ASP F 251 14.92 15.70 14.59
CA ASP F 251 16.27 15.22 14.29
C ASP F 251 17.11 16.38 13.79
N VAL F 252 18.33 16.47 14.31
CA VAL F 252 19.33 17.43 13.82
C VAL F 252 20.60 16.67 13.56
N ILE F 253 21.19 16.86 12.39
CA ILE F 253 22.41 16.17 12.01
C ILE F 253 23.44 17.19 11.59
N TYR F 254 24.50 17.34 12.38
CA TYR F 254 25.58 18.25 12.07
C TYR F 254 26.61 17.57 11.16
N LYS F 255 27.33 18.39 10.42
CA LYS F 255 28.40 17.93 9.55
C LYS F 255 29.67 18.69 9.87
N ALA F 256 30.79 18.00 9.84
CA ALA F 256 32.09 18.61 10.06
C ALA F 256 33.00 18.31 8.89
N SER F 257 33.93 19.22 8.65
CA SER F 257 34.80 19.11 7.48
C SER F 257 35.68 17.86 7.57
N ALA F 258 36.31 17.53 6.45
CA ALA F 258 37.05 16.28 6.34
C ALA F 258 38.25 16.21 7.29
N THR F 259 39.00 17.30 7.43
CA THR F 259 40.21 17.28 8.24
C THR F 259 40.17 18.25 9.40
N GLU F 260 38.98 18.60 9.89
CA GLU F 260 38.91 19.50 11.03
C GLU F 260 39.51 18.84 12.27
N THR F 261 40.22 19.64 13.06
CA THR F 261 40.85 19.16 14.27
C THR F 261 40.51 20.10 15.42
N GLY F 262 40.82 19.66 16.63
CA GLY F 262 40.48 20.45 17.80
C GLY F 262 39.25 19.96 18.52
N SER F 263 38.38 20.89 18.90
CA SER F 263 37.20 20.53 19.69
C SER F 263 36.02 21.38 19.25
N THR F 264 34.84 20.94 19.65
CA THR F 264 33.61 21.69 19.40
C THR F 264 32.52 21.17 20.32
N ASP F 265 31.77 22.09 20.91
CA ASP F 265 30.72 21.76 21.85
C ASP F 265 29.35 21.94 21.21
N PHE F 266 28.36 21.24 21.75
CA PHE F 266 26.97 21.41 21.35
C PHE F 266 26.16 21.72 22.60
N ILE F 267 25.21 22.64 22.48
CA ILE F 267 24.37 23.05 23.58
C ILE F 267 22.93 22.75 23.22
N ILE F 268 22.23 22.05 24.10
CA ILE F 268 20.84 21.69 23.89
C ILE F 268 20.01 22.40 24.95
N ASP F 269 19.08 23.24 24.50
CA ASP F 269 18.24 24.05 25.38
C ASP F 269 16.81 23.56 25.28
N SER F 270 16.34 22.90 26.33
CA SER F 270 14.94 22.51 26.44
C SER F 270 14.24 23.52 27.34
N SER F 271 13.09 24.02 26.88
CA SER F 271 12.41 25.07 27.63
C SER F 271 10.93 25.07 27.30
N VAL F 272 10.11 25.27 28.33
CA VAL F 272 8.66 25.36 28.20
C VAL F 272 8.23 26.74 28.69
N ASN F 273 7.45 27.43 27.86
CA ASN F 273 7.05 28.81 28.13
C ASN F 273 5.70 28.80 28.83
N ILE F 274 5.74 28.88 30.16
CA ILE F 274 4.50 28.88 30.95
C ILE F 274 3.76 30.19 30.74
N ARG F 275 2.44 30.10 30.59
CA ARG F 275 1.59 31.28 30.51
C ARG F 275 0.23 30.97 31.10
N PRO F 276 -0.14 31.61 32.20
CA PRO F 276 -1.49 31.41 32.75
C PRO F 276 -2.54 32.03 31.83
N ILE F 277 -3.80 31.73 32.14
CA ILE F 277 -4.94 32.19 31.36
C ILE F 277 -5.72 33.17 32.23
N TYR F 278 -6.08 34.31 31.65
CA TYR F 278 -6.88 35.31 32.34
C TYR F 278 -8.12 35.62 31.51
N ASN F 279 -9.27 35.66 32.17
CA ASN F 279 -10.52 36.04 31.53
C ASN F 279 -11.27 37.02 32.41
N GLY F 280 -11.82 38.05 31.78
CA GLY F 280 -12.54 39.09 32.50
C GLY F 280 -13.91 39.30 31.91
N ALA F 281 -14.81 39.80 32.76
CA ALA F 281 -16.17 40.10 32.36
C ALA F 281 -16.36 41.62 32.26
N TYR F 282 -17.16 42.03 31.28
CA TYR F 282 -17.42 43.42 31.00
C TYR F 282 -18.90 43.71 31.24
N LYS F 283 -19.18 44.71 32.07
CA LYS F 283 -20.56 45.11 32.31
C LYS F 283 -20.85 46.41 31.55
N HIS F 284 -21.89 46.38 30.72
CA HIS F 284 -22.28 47.53 29.92
C HIS F 284 -23.57 48.12 30.46
N TYR F 285 -23.58 49.43 30.66
CA TYR F 285 -24.72 50.13 31.24
C TYR F 285 -25.20 51.20 30.25
N TYR F 286 -26.28 50.90 29.54
CA TYR F 286 -26.95 51.87 28.70
C TYR F 286 -28.41 52.00 29.13
N VAL F 287 -29.09 53.03 28.63
CA VAL F 287 -30.40 53.43 29.12
C VAL F 287 -31.45 52.35 28.92
N VAL F 288 -31.46 51.73 27.74
CA VAL F 288 -32.55 50.82 27.38
C VAL F 288 -32.51 49.58 28.25
N GLY F 289 -31.33 48.96 28.41
CA GLY F 289 -31.23 47.73 29.16
C GLY F 289 -29.85 47.48 29.75
N ALA F 290 -29.64 46.30 30.33
CA ALA F 290 -28.37 45.97 30.96
C ALA F 290 -28.01 44.53 30.61
N HIS F 291 -26.76 44.33 30.20
CA HIS F 291 -26.27 43.03 29.78
C HIS F 291 -24.79 42.91 30.17
N GLN F 292 -24.20 41.76 29.87
CA GLN F 292 -22.83 41.45 30.25
C GLN F 292 -22.11 40.79 29.07
N SER F 293 -20.87 41.21 28.82
CA SER F 293 -20.07 40.69 27.71
C SER F 293 -18.69 40.31 28.23
N TYR F 294 -18.04 39.38 27.53
CA TYR F 294 -16.74 38.86 27.93
C TYR F 294 -15.64 39.39 27.03
N HIS F 295 -14.40 39.24 27.48
CA HIS F 295 -13.23 39.68 26.76
C HIS F 295 -12.08 38.71 27.02
N GLY F 296 -11.07 38.78 26.16
CA GLY F 296 -9.88 37.98 26.34
C GLY F 296 -8.64 38.83 26.50
N PHE F 297 -7.80 38.50 27.49
CA PHE F 297 -6.58 39.24 27.75
C PHE F 297 -5.42 38.57 27.02
N GLU F 298 -4.62 39.37 26.33
CA GLU F 298 -3.51 38.86 25.54
C GLU F 298 -2.15 39.24 26.09
N ASP F 299 -2.07 40.28 26.90
CA ASP F 299 -0.78 40.80 27.36
C ASP F 299 -0.42 40.23 28.73
N THR F 300 -0.88 39.01 28.99
CA THR F 300 -0.64 38.35 30.26
C THR F 300 0.85 38.02 30.42
N PRO F 301 1.33 37.91 31.65
CA PRO F 301 2.75 37.64 31.87
C PRO F 301 3.14 36.26 31.38
N ARG F 302 4.40 36.13 30.98
CA ARG F 302 4.98 34.85 30.61
C ARG F 302 6.31 34.67 31.33
N ARG F 303 6.53 33.46 31.82
CA ARG F 303 7.77 33.11 32.50
C ARG F 303 8.33 31.86 31.86
N ARG F 304 9.64 31.83 31.64
CA ARG F 304 10.29 30.80 30.84
C ARG F 304 11.20 29.96 31.72
N ILE F 305 11.04 28.64 31.66
CA ILE F 305 11.87 27.71 32.41
C ILE F 305 12.88 27.09 31.46
N THR F 306 14.16 27.13 31.82
CA THR F 306 15.23 26.69 30.93
C THR F 306 16.15 25.70 31.64
N LYS F 307 16.43 24.59 30.98
CA LYS F 307 17.43 23.63 31.42
C LYS F 307 18.32 23.27 30.25
N SER F 308 19.63 23.27 30.47
CA SER F 308 20.59 23.05 29.40
C SER F 308 21.57 21.95 29.78
N ALA F 309 21.88 21.09 28.80
CA ALA F 309 22.90 20.08 28.95
C ALA F 309 23.74 20.05 27.69
N SER F 310 25.02 19.72 27.86
CA SER F 310 25.97 19.82 26.76
C SER F 310 26.87 18.60 26.76
N PHE F 311 27.54 18.36 25.64
CA PHE F 311 28.51 17.30 25.50
C PHE F 311 29.56 17.69 24.49
N THR F 312 30.77 17.18 24.68
CA THR F 312 31.95 17.59 23.94
C THR F 312 32.38 16.48 23.00
N VAL F 313 32.72 16.85 21.76
CA VAL F 313 33.15 15.90 20.75
C VAL F 313 34.48 16.37 20.17
N ASP F 314 35.43 15.45 20.03
CA ASP F 314 36.73 15.73 19.44
C ASP F 314 36.80 15.10 18.07
N TRP F 315 37.13 15.89 17.05
CA TRP F 315 37.21 15.35 15.70
C TRP F 315 38.37 14.37 15.52
N ASP F 316 39.30 14.33 16.45
CA ASP F 316 40.40 13.36 16.40
C ASP F 316 40.02 12.02 17.01
N HIS F 317 38.78 11.87 17.45
CA HIS F 317 38.35 10.65 18.11
C HIS F 317 38.56 9.45 17.18
N PRO F 318 38.91 8.28 17.72
CA PRO F 318 39.13 7.12 16.83
C PRO F 318 37.93 6.75 16.00
N VAL F 319 36.72 6.99 16.49
CA VAL F 319 35.52 6.55 15.78
C VAL F 319 35.38 7.27 14.45
N PHE F 320 35.79 8.53 14.39
CA PHE F 320 35.67 9.29 13.17
C PHE F 320 36.57 8.78 12.05
N THR F 321 37.51 7.89 12.35
CA THR F 321 38.35 7.33 11.29
C THR F 321 37.58 6.37 10.41
N GLY F 322 36.45 5.85 10.88
CA GLY F 322 35.62 5.02 10.05
C GLY F 322 36.08 3.59 9.85
N GLY F 323 36.97 3.10 10.69
CA GLY F 323 37.37 1.71 10.62
C GLY F 323 37.26 1.03 11.96
N ARG F 324 37.44 -0.28 12.01
CA ARG F 324 37.38 -0.99 13.28
C ARG F 324 38.80 -1.27 13.76
N PRO F 325 39.28 -0.57 14.77
CA PRO F 325 40.69 -0.66 15.14
C PRO F 325 41.04 -1.99 15.79
N VAL F 326 42.32 -2.37 15.61
CA VAL F 326 42.89 -3.55 16.25
C VAL F 326 44.24 -3.16 16.83
N ASN F 327 44.79 -4.05 17.65
CA ASN F 327 46.10 -3.86 18.25
C ASN F 327 47.01 -5.05 17.97
N LEU F 328 48.31 -4.79 18.02
CA LEU F 328 49.32 -5.82 17.85
C LEU F 328 49.84 -6.17 19.23
N GLN F 329 49.76 -7.44 19.61
CA GLN F 329 50.15 -7.89 20.94
C GLN F 329 51.29 -8.89 20.81
N LEU F 330 52.39 -8.63 21.51
CA LEU F 330 53.54 -9.52 21.48
C LEU F 330 53.24 -10.74 22.32
N ALA F 331 53.43 -11.92 21.76
CA ALA F 331 53.03 -13.15 22.42
C ALA F 331 54.07 -13.70 23.40
N SER F 332 55.31 -13.22 23.33
CA SER F 332 56.31 -13.72 24.27
C SER F 332 56.00 -13.29 25.69
N PHE F 333 55.67 -12.02 25.90
CA PHE F 333 55.31 -11.53 27.21
C PHE F 333 53.90 -11.99 27.57
N ASN F 334 53.62 -11.99 28.88
CA ASN F 334 52.26 -12.25 29.32
C ASN F 334 51.31 -11.14 28.89
N ASN F 335 51.74 -9.88 28.99
CA ASN F 335 50.87 -8.75 28.68
C ASN F 335 51.74 -7.58 28.23
N ARG F 336 51.88 -7.44 26.91
CA ARG F 336 52.59 -6.32 26.32
C ARG F 336 51.94 -5.97 24.98
N CYS F 337 51.74 -4.68 24.74
CA CYS F 337 51.11 -4.21 23.52
C CYS F 337 51.92 -3.08 22.93
N ILE F 338 51.84 -2.94 21.61
CA ILE F 338 52.54 -1.86 20.93
C ILE F 338 51.80 -0.55 21.15
N GLN F 339 52.51 0.48 21.58
CA GLN F 339 51.93 1.78 21.86
C GLN F 339 52.77 2.86 21.21
N VAL F 340 52.11 3.92 20.76
CA VAL F 340 52.76 5.03 20.07
C VAL F 340 52.51 6.30 20.86
N ASP F 341 53.57 7.06 21.10
CA ASP F 341 53.48 8.31 21.85
C ASP F 341 53.13 9.45 20.90
N ALA F 342 53.27 10.69 21.38
CA ALA F 342 52.91 11.85 20.56
C ALA F 342 53.82 11.99 19.34
N GLN F 343 55.12 11.81 19.51
CA GLN F 343 56.07 12.02 18.43
C GLN F 343 56.34 10.77 17.59
N GLY F 344 55.83 9.61 18.00
CA GLY F 344 55.96 8.42 17.19
C GLY F 344 56.97 7.40 17.67
N ARG F 345 57.54 7.55 18.86
CA ARG F 345 58.42 6.53 19.38
C ARG F 345 57.63 5.29 19.78
N LEU F 346 58.12 4.12 19.40
CA LEU F 346 57.41 2.86 19.63
C LEU F 346 57.97 2.17 20.86
N THR F 347 57.12 1.94 21.85
CA THR F 347 57.47 1.21 23.06
C THR F 347 56.36 0.23 23.38
N ALA F 348 56.66 -0.73 24.26
CA ALA F 348 55.72 -1.75 24.66
C ALA F 348 55.30 -1.50 26.10
N ASN F 349 54.06 -1.06 26.30
CA ASN F 349 53.51 -0.76 27.61
C ASN F 349 52.51 -1.82 28.00
N MET F 350 51.86 -1.61 29.15
CA MET F 350 50.79 -2.50 29.57
C MET F 350 49.59 -2.34 28.65
N CYS F 351 49.00 -3.47 28.25
CA CYS F 351 47.85 -3.44 27.37
C CYS F 351 46.65 -2.81 28.07
N ASP F 352 45.96 -1.93 27.36
CA ASP F 352 44.72 -1.33 27.84
C ASP F 352 43.86 -1.06 26.62
N SER F 353 42.96 -2.00 26.31
CA SER F 353 42.25 -1.96 25.04
C SER F 353 41.35 -0.74 24.89
N GLN F 354 41.07 -0.01 25.97
CA GLN F 354 40.28 1.21 25.86
C GLN F 354 41.13 2.44 25.59
N GLN F 355 42.45 2.30 25.57
CA GLN F 355 43.33 3.43 25.29
C GLN F 355 43.45 3.59 23.77
N SER F 356 43.22 4.80 23.28
CA SER F 356 43.16 5.01 21.84
C SER F 356 44.52 4.83 21.19
N ALA F 357 45.60 5.17 21.88
CA ALA F 357 46.91 5.18 21.26
C ALA F 357 47.42 3.79 20.90
N GLN F 358 46.77 2.73 21.36
CA GLN F 358 47.21 1.37 21.08
C GLN F 358 46.38 0.71 19.99
N SER F 359 45.56 1.46 19.26
CA SER F 359 44.67 0.91 18.26
C SER F 359 45.23 1.18 16.86
N PHE F 360 45.05 0.22 15.96
CA PHE F 360 45.52 0.35 14.58
C PHE F 360 44.42 -0.10 13.64
N ILE F 361 44.39 0.49 12.46
CA ILE F 361 43.36 0.20 11.47
C ILE F 361 43.97 -0.61 10.34
N TYR F 362 43.23 -1.62 9.88
CA TYR F 362 43.69 -2.49 8.81
C TYR F 362 42.94 -2.11 7.53
N ASP F 363 43.65 -1.57 6.56
CA ASP F 363 43.04 -1.01 5.36
C ASP F 363 42.97 -2.05 4.25
N GLN F 364 42.65 -1.59 3.03
CA GLN F 364 42.59 -2.48 1.88
C GLN F 364 43.96 -2.83 1.34
N LEU F 365 44.91 -1.89 1.34
CA LEU F 365 46.23 -2.15 0.78
C LEU F 365 47.10 -2.98 1.71
N GLY F 366 46.65 -3.25 2.93
CA GLY F 366 47.45 -3.97 3.88
C GLY F 366 48.36 -3.12 4.74
N ARG F 367 48.12 -1.82 4.84
CA ARG F 367 48.92 -0.96 5.69
C ARG F 367 48.30 -0.88 7.09
N TYR F 368 49.14 -0.55 8.06
CA TYR F 368 48.70 -0.31 9.43
C TYR F 368 48.76 1.18 9.68
N VAL F 369 47.63 1.77 10.03
CA VAL F 369 47.51 3.19 10.32
C VAL F 369 47.15 3.36 11.78
N SER F 370 47.88 4.24 12.47
CA SER F 370 47.59 4.51 13.87
C SER F 370 46.23 5.18 14.00
N ALA F 371 45.35 4.57 14.80
CA ALA F 371 44.00 5.08 14.94
C ALA F 371 43.94 6.41 15.65
N SER F 372 44.89 6.70 16.53
CA SER F 372 44.87 7.95 17.27
C SER F 372 45.16 9.17 16.39
N ASN F 373 45.90 8.98 15.31
CA ASN F 373 46.24 10.08 14.41
C ASN F 373 46.54 9.49 13.05
N THR F 374 45.56 9.54 12.15
CA THR F 374 45.59 8.81 10.88
C THR F 374 46.71 9.23 9.96
N LYS F 375 47.57 10.19 10.30
CA LYS F 375 48.65 10.56 9.40
C LYS F 375 49.92 9.73 9.62
N LEU F 376 49.96 8.89 10.65
CA LEU F 376 51.13 8.11 10.98
C LEU F 376 50.86 6.63 10.70
N CYS F 377 51.89 5.94 10.21
CA CYS F 377 51.73 4.55 9.79
C CYS F 377 52.90 3.73 10.30
N LEU F 378 52.73 2.41 10.27
CA LEU F 378 53.81 1.50 10.61
C LEU F 378 54.63 1.19 9.36
N ASP F 379 55.95 1.28 9.47
CA ASP F 379 56.85 1.09 8.34
C ASP F 379 57.96 0.14 8.74
N GLY F 380 58.31 -0.77 7.84
CA GLY F 380 59.36 -1.75 8.12
C GLY F 380 60.77 -1.28 7.83
N ALA F 381 60.92 -0.18 7.09
CA ALA F 381 62.27 0.30 6.78
C ALA F 381 63.02 0.75 8.03
N ALA F 382 62.35 1.43 8.95
CA ALA F 382 62.92 1.85 10.23
C ALA F 382 61.84 1.63 11.28
N LEU F 383 61.87 0.46 11.90
CA LEU F 383 60.74 -0.03 12.68
C LEU F 383 60.68 0.53 14.09
N ASP F 384 61.65 1.34 14.51
CA ASP F 384 61.63 1.86 15.87
C ASP F 384 60.82 3.14 15.99
N ALA F 385 60.20 3.61 14.92
CA ALA F 385 59.37 4.80 14.98
C ALA F 385 58.42 4.80 13.79
N LEU F 386 57.26 5.43 13.97
CA LEU F 386 56.31 5.54 12.89
C LEU F 386 56.79 6.53 11.84
N GLN F 387 56.27 6.39 10.64
CA GLN F 387 56.70 7.19 9.50
C GLN F 387 55.49 7.81 8.80
N PRO F 388 55.70 8.87 8.02
CA PRO F 388 54.61 9.40 7.20
C PRO F 388 54.11 8.36 6.21
N CYS F 389 52.80 8.34 5.99
CA CYS F 389 52.18 7.31 5.17
C CYS F 389 52.32 7.64 3.69
N ASN F 390 52.64 6.63 2.90
CA ASN F 390 52.66 6.78 1.44
C ASN F 390 52.51 5.39 0.82
N GLN F 391 52.81 5.27 -0.47
CA GLN F 391 52.63 4.03 -1.20
C GLN F 391 53.84 3.12 -1.11
N ASN F 392 54.74 3.34 -0.15
CA ASN F 392 55.93 2.50 -0.04
C ASN F 392 55.57 1.04 0.14
N LEU F 393 56.28 0.17 -0.57
CA LEU F 393 56.02 -1.27 -0.46
C LEU F 393 56.35 -1.81 0.92
N THR F 394 57.20 -1.15 1.68
CA THR F 394 57.60 -1.65 2.99
C THR F 394 56.54 -1.44 4.06
N GLN F 395 55.42 -0.80 3.73
CA GLN F 395 54.38 -0.54 4.70
C GLN F 395 53.16 -1.43 4.54
N ARG F 396 53.28 -2.54 3.83
CA ARG F 396 52.17 -3.46 3.63
C ARG F 396 52.45 -4.78 4.35
N TRP F 397 51.44 -5.33 4.99
CA TRP F 397 51.59 -6.53 5.80
C TRP F 397 50.51 -7.54 5.45
N GLU F 398 50.89 -8.82 5.44
CA GLU F 398 49.99 -9.91 5.16
C GLU F 398 50.20 -11.01 6.18
N TRP F 399 49.10 -11.64 6.61
CA TRP F 399 49.19 -12.72 7.57
C TRP F 399 49.40 -14.05 6.87
N ARG F 400 50.29 -14.87 7.41
CA ARG F 400 50.48 -16.22 6.88
C ARG F 400 49.33 -17.09 7.39
N LYS F 401 48.71 -17.83 6.48
CA LYS F 401 47.53 -18.60 6.82
C LYS F 401 47.87 -19.75 7.76
N GLY F 402 47.04 -19.94 8.78
CA GLY F 402 47.20 -21.06 9.69
C GLY F 402 48.16 -20.86 10.83
N THR F 403 48.85 -19.72 10.89
CA THR F 403 49.79 -19.40 11.95
C THR F 403 49.66 -17.92 12.29
N ASP F 404 50.57 -17.44 13.14
CA ASP F 404 50.57 -16.04 13.55
C ASP F 404 51.88 -15.34 13.23
N GLU F 405 52.58 -15.76 12.18
CA GLU F 405 53.78 -15.07 11.72
C GLU F 405 53.36 -13.88 10.87
N LEU F 406 53.66 -12.68 11.34
CA LEU F 406 53.35 -11.46 10.62
C LEU F 406 54.47 -11.20 9.62
N THR F 407 54.13 -11.09 8.34
CA THR F 407 55.11 -11.01 7.27
C THR F 407 55.12 -9.64 6.63
N ASN F 408 56.27 -9.28 6.07
CA ASN F 408 56.44 -8.05 5.32
C ASN F 408 56.43 -8.37 3.83
N VAL F 409 55.74 -7.55 3.04
CA VAL F 409 55.55 -7.88 1.64
C VAL F 409 56.85 -7.70 0.86
N TYR F 410 57.62 -6.66 1.17
CA TYR F 410 58.74 -6.27 0.31
C TYR F 410 59.85 -7.31 0.34
N SER F 411 60.46 -7.54 1.50
CA SER F 411 61.63 -8.38 1.59
C SER F 411 61.34 -9.83 1.93
N GLY F 412 60.09 -10.16 2.26
CA GLY F 412 59.75 -11.50 2.67
C GLY F 412 60.08 -11.80 4.13
N GLU F 413 60.65 -10.84 4.85
CA GLU F 413 61.00 -11.04 6.24
C GLU F 413 59.76 -10.96 7.13
N SER F 414 59.92 -11.41 8.37
CA SER F 414 58.84 -11.44 9.33
C SER F 414 58.99 -10.31 10.34
N LEU F 415 57.93 -10.07 11.11
CA LEU F 415 57.98 -9.09 12.18
C LEU F 415 58.44 -9.76 13.46
N GLY F 416 59.52 -9.24 14.04
CA GLY F 416 60.06 -9.82 15.25
C GLY F 416 60.16 -8.83 16.38
N HIS F 417 60.27 -9.33 17.62
CA HIS F 417 60.35 -8.48 18.78
C HIS F 417 61.29 -9.09 19.80
N ASP F 418 61.89 -8.23 20.62
CA ASP F 418 62.77 -8.70 21.69
C ASP F 418 61.95 -9.46 22.71
N LYS F 419 62.52 -10.56 23.23
CA LYS F 419 61.79 -11.37 24.20
C LYS F 419 61.70 -10.71 25.56
N GLN F 420 62.48 -9.65 25.80
CA GLN F 420 62.54 -9.02 27.12
C GLN F 420 62.24 -7.53 27.10
N THR F 421 62.71 -6.77 26.10
CA THR F 421 62.54 -5.33 26.09
C THR F 421 61.37 -4.85 25.24
N GLY F 422 60.91 -5.66 24.29
CA GLY F 422 59.80 -5.26 23.45
C GLY F 422 60.17 -4.47 22.22
N GLU F 423 61.44 -4.40 21.87
CA GLU F 423 61.86 -3.68 20.68
C GLU F 423 61.53 -4.49 19.43
N LEU F 424 60.89 -3.83 18.47
CA LEU F 424 60.56 -4.48 17.21
C LEU F 424 61.80 -4.61 16.34
N GLY F 425 61.72 -5.51 15.35
CA GLY F 425 62.80 -5.69 14.41
C GLY F 425 62.42 -6.69 13.35
N LEU F 426 63.19 -6.68 12.27
CA LEU F 426 62.96 -7.58 11.15
C LEU F 426 63.87 -8.79 11.25
N TYR F 427 63.30 -9.97 11.02
CA TYR F 427 64.05 -11.21 11.10
C TYR F 427 63.51 -12.20 10.09
N ALA F 428 64.41 -12.98 9.49
CA ALA F 428 63.99 -14.03 8.58
C ALA F 428 63.62 -15.31 9.31
N SER F 429 64.19 -15.52 10.51
CA SER F 429 63.92 -16.72 11.28
C SER F 429 64.09 -16.39 12.76
N SER F 430 63.47 -17.22 13.60
CA SER F 430 63.51 -16.99 15.03
C SER F 430 64.82 -17.50 15.64
N ASN F 431 65.05 -17.12 16.89
CA ASN F 431 66.18 -17.63 17.67
C ASN F 431 65.78 -17.64 19.13
N ASP F 432 66.78 -17.73 20.01
CA ASP F 432 66.51 -17.78 21.44
C ASP F 432 66.17 -16.42 22.03
N ALA F 433 66.39 -15.34 21.29
CA ALA F 433 66.11 -14.00 21.78
C ALA F 433 64.95 -13.31 21.09
N VAL F 434 64.54 -13.78 19.92
CA VAL F 434 63.49 -13.13 19.15
C VAL F 434 62.40 -14.16 18.85
N SER F 435 61.16 -13.79 19.15
CA SER F 435 59.99 -14.62 18.89
C SER F 435 59.14 -13.97 17.80
N LEU F 436 58.59 -14.80 16.91
CA LEU F 436 57.81 -14.31 15.79
C LEU F 436 56.31 -14.28 16.04
N ARG F 437 55.85 -14.82 17.17
CA ARG F 437 54.42 -14.99 17.39
C ARG F 437 53.80 -13.65 17.75
N THR F 438 52.83 -13.22 16.96
CA THR F 438 52.09 -11.99 17.21
C THR F 438 50.60 -12.27 17.09
N ILE F 439 49.82 -11.72 18.01
CA ILE F 439 48.39 -11.97 18.08
C ILE F 439 47.64 -10.66 17.97
N THR F 440 46.52 -10.69 17.24
CA THR F 440 45.71 -9.50 17.02
C THR F 440 44.32 -9.73 17.56
N ALA F 441 43.65 -8.64 17.94
CA ALA F 441 42.30 -8.70 18.46
C ALA F 441 41.66 -7.32 18.38
N TYR F 442 40.33 -7.30 18.26
CA TYR F 442 39.62 -6.04 18.19
C TYR F 442 39.60 -5.35 19.54
N THR F 443 39.51 -4.03 19.52
CA THR F 443 39.60 -3.21 20.73
C THR F 443 38.34 -2.36 20.89
N ASP F 444 38.06 -2.03 22.15
CA ASP F 444 36.91 -1.21 22.51
C ASP F 444 37.41 0.19 22.87
N VAL F 445 37.53 1.04 21.85
CA VAL F 445 37.95 2.42 22.07
C VAL F 445 36.80 3.36 21.72
N PHE F 446 35.58 2.82 21.65
CA PHE F 446 34.43 3.60 21.24
C PHE F 446 33.59 4.08 22.41
N ASN F 447 34.07 3.94 23.63
CA ASN F 447 33.40 4.56 24.76
C ASN F 447 33.41 6.07 24.60
N ALA F 448 32.36 6.72 25.05
CA ALA F 448 32.28 8.18 25.06
C ALA F 448 32.30 8.68 26.49
N GLN F 449 33.26 9.55 26.79
CA GLN F 449 33.37 10.11 28.12
C GLN F 449 32.15 10.95 28.44
N GLU F 450 31.63 10.80 29.66
CA GLU F 450 30.44 11.52 30.06
C GLU F 450 30.73 13.01 30.17
N SER F 451 29.69 13.81 30.02
CA SER F 451 29.80 15.26 30.00
C SER F 451 29.21 15.88 31.26
N SER F 452 29.90 16.88 31.80
CA SER F 452 29.48 17.55 33.02
C SER F 452 28.31 18.50 32.77
N PRO F 453 27.45 18.70 33.76
CA PRO F 453 26.27 19.55 33.55
C PRO F 453 26.65 21.01 33.41
N ILE F 454 25.68 21.80 32.96
CA ILE F 454 25.83 23.24 32.86
C ILE F 454 25.12 23.90 34.03
N LEU F 455 25.71 24.97 34.55
CA LEU F 455 25.18 25.66 35.73
C LEU F 455 24.72 27.07 35.33
N GLY F 456 23.42 27.31 35.41
CA GLY F 456 22.89 28.63 35.17
C GLY F 456 22.04 28.75 33.93
N TYR F 457 22.20 29.85 33.20
CA TYR F 457 21.46 30.09 31.98
C TYR F 457 22.43 30.29 30.82
N THR F 458 22.09 29.71 29.68
CA THR F 458 22.96 29.71 28.51
C THR F 458 22.52 30.77 27.50
N GLN F 459 22.86 32.02 27.79
CA GLN F 459 22.56 33.14 26.92
C GLN F 459 23.79 34.02 26.74
N GLY F 460 23.88 34.65 25.57
CA GLY F 460 25.00 35.54 25.30
C GLY F 460 26.21 34.81 24.74
N LYS F 461 27.28 35.57 24.58
CA LYS F 461 28.53 35.04 24.03
C LYS F 461 29.17 34.06 24.99
N MET F 462 29.83 33.04 24.44
CA MET F 462 30.45 31.99 25.23
C MET F 462 31.95 32.01 25.05
N ASN F 463 32.68 31.92 26.16
CA ASN F 463 34.13 31.92 26.14
C ASN F 463 34.65 30.62 26.76
N GLN F 464 35.87 30.25 26.35
CA GLN F 464 36.52 29.04 26.85
C GLN F 464 37.93 29.41 27.29
N GLN F 465 38.28 29.03 28.52
CA GLN F 465 39.59 29.39 29.07
C GLN F 465 40.15 28.20 29.83
N ARG F 466 41.44 27.94 29.60
CA ARG F 466 42.13 26.84 30.29
C ARG F 466 42.43 27.22 31.72
N VAL F 467 42.42 26.23 32.61
CA VAL F 467 42.80 26.43 33.99
C VAL F 467 44.29 26.75 34.06
N GLY F 468 44.65 27.76 34.85
CA GLY F 468 46.03 28.17 34.95
C GLY F 468 46.92 27.16 35.63
N GLN F 469 48.24 27.37 35.57
CA GLN F 469 49.18 26.46 36.21
C GLN F 469 49.02 26.45 37.73
N ASP F 470 48.80 27.62 38.33
CA ASP F 470 48.65 27.71 39.78
C ASP F 470 47.35 27.12 40.29
N ASN F 471 46.43 26.77 39.38
CA ASN F 471 45.15 26.15 39.75
C ASN F 471 44.32 27.08 40.64
N ARG F 472 44.25 28.34 40.27
CA ARG F 472 43.51 29.35 41.02
C ARG F 472 42.42 29.95 40.15
N LEU F 473 41.25 30.14 40.74
CA LEU F 473 40.09 30.70 40.06
C LEU F 473 39.81 32.10 40.60
N TYR F 474 39.85 33.09 39.71
CA TYR F 474 39.59 34.48 40.08
C TYR F 474 38.12 34.80 39.88
N VAL F 475 37.49 35.33 40.92
CA VAL F 475 36.08 35.69 40.88
C VAL F 475 35.94 37.14 41.33
N ARG F 476 35.45 37.99 40.43
CA ARG F 476 35.12 39.38 40.75
C ARG F 476 33.64 39.41 41.07
N ALA F 477 33.32 39.47 42.36
CA ALA F 477 31.95 39.26 42.82
C ALA F 477 31.45 40.45 43.64
N GLY F 478 30.15 40.68 43.53
CA GLY F 478 29.45 41.63 44.37
C GLY F 478 28.17 41.01 44.90
N ALA F 479 27.04 41.66 44.67
CA ALA F 479 25.76 41.01 44.94
C ALA F 479 25.59 39.77 44.07
N ALA F 480 25.98 39.87 42.79
CA ALA F 480 26.08 38.72 41.91
C ALA F 480 27.47 38.74 41.30
N ILE F 481 27.83 37.67 40.59
CA ILE F 481 29.17 37.54 40.04
C ILE F 481 29.31 38.53 38.88
N ASP F 482 30.26 39.46 39.03
CA ASP F 482 30.51 40.42 37.95
C ASP F 482 31.31 39.79 36.82
N ALA F 483 32.25 38.91 37.14
CA ALA F 483 33.02 38.22 36.12
C ALA F 483 33.69 37.00 36.73
N LEU F 484 34.15 36.11 35.85
CA LEU F 484 34.94 34.96 36.25
C LEU F 484 36.05 34.77 35.22
N GLY F 485 37.08 34.03 35.60
CA GLY F 485 38.19 33.82 34.69
C GLY F 485 39.27 32.98 35.33
N SER F 486 40.28 32.67 34.52
CA SER F 486 41.41 31.87 34.95
C SER F 486 42.64 32.69 35.28
N ALA F 487 42.70 33.95 34.87
CA ALA F 487 43.82 34.82 35.18
C ALA F 487 43.31 36.24 35.35
N SER F 488 44.08 37.05 36.08
CA SER F 488 43.64 38.41 36.40
C SER F 488 43.47 39.27 35.16
N ASP F 489 44.10 38.91 34.05
CA ASP F 489 43.98 39.67 32.81
C ASP F 489 42.93 39.13 31.86
N LEU F 490 42.41 37.92 32.11
CA LEU F 490 41.46 37.29 31.21
C LEU F 490 40.07 37.17 31.83
N LEU F 491 39.69 38.11 32.70
CA LEU F 491 38.35 38.10 33.25
C LEU F 491 37.35 38.57 32.20
N VAL F 492 36.33 37.76 31.95
CA VAL F 492 35.26 38.11 31.04
C VAL F 492 34.00 38.38 31.86
N GLY F 493 33.40 39.54 31.64
CA GLY F 493 32.23 39.93 32.40
C GLY F 493 32.26 41.39 32.81
N GLY F 494 31.68 41.69 33.97
CA GLY F 494 31.64 43.04 34.48
C GLY F 494 32.90 43.41 35.23
N ASN F 495 32.88 44.62 35.80
CA ASN F 495 34.01 45.14 36.56
C ASN F 495 33.63 45.67 37.94
N GLY F 496 32.34 45.73 38.27
CA GLY F 496 31.89 46.29 39.54
C GLY F 496 32.13 45.40 40.74
N GLY F 497 32.48 44.13 40.52
CA GLY F 497 32.73 43.24 41.64
C GLY F 497 34.10 43.47 42.27
N SER F 498 34.26 42.94 43.47
CA SER F 498 35.52 43.03 44.19
C SER F 498 36.33 41.76 43.95
N LEU F 499 37.59 41.92 43.58
CA LEU F 499 38.43 40.78 43.22
C LEU F 499 38.67 39.88 44.42
N SER F 500 38.68 38.58 44.18
CA SER F 500 38.93 37.57 45.20
C SER F 500 39.63 36.39 44.55
N SER F 501 39.92 35.36 45.34
CA SER F 501 40.58 34.18 44.83
C SER F 501 40.10 32.95 45.58
N VAL F 502 39.70 31.92 44.83
CA VAL F 502 39.27 30.65 45.39
C VAL F 502 40.09 29.53 44.75
N ASP F 503 40.65 28.66 45.58
CA ASP F 503 41.47 27.56 45.10
C ASP F 503 40.58 26.43 44.60
N LEU F 504 40.92 25.89 43.43
CA LEU F 504 40.15 24.82 42.82
C LEU F 504 40.68 23.43 43.13
N SER F 505 41.71 23.31 43.96
CA SER F 505 42.28 22.01 44.26
C SER F 505 41.38 21.23 45.21
N GLY F 506 41.11 19.97 44.85
CA GLY F 506 40.32 19.12 45.72
C GLY F 506 38.85 19.44 45.79
N VAL F 507 38.29 20.09 44.78
CA VAL F 507 36.86 20.39 44.78
C VAL F 507 36.08 19.11 44.64
N LYS F 508 35.24 18.82 45.63
CA LYS F 508 34.42 17.61 45.60
C LYS F 508 33.01 17.86 45.07
N SER F 509 32.52 19.09 45.13
CA SER F 509 31.20 19.41 44.63
C SER F 509 31.09 20.91 44.45
N ILE F 510 30.13 21.32 43.63
CA ILE F 510 29.85 22.74 43.38
C ILE F 510 28.34 22.96 43.46
N THR F 511 27.95 24.02 44.16
CA THR F 511 26.54 24.38 44.31
C THR F 511 26.32 25.71 43.61
N ALA F 512 25.56 25.70 42.53
CA ALA F 512 25.28 26.90 41.76
C ALA F 512 23.84 27.34 41.95
N THR F 513 23.65 28.64 42.09
CA THR F 513 22.34 29.24 42.27
C THR F 513 22.13 30.33 41.22
N SER F 514 20.98 30.29 40.55
CA SER F 514 20.69 31.27 39.51
C SER F 514 19.22 31.66 39.61
N GLY F 515 18.91 32.82 39.03
CA GLY F 515 17.55 33.32 39.07
C GLY F 515 17.50 34.76 38.58
N ASP F 516 16.37 35.40 38.86
CA ASP F 516 16.13 36.78 38.45
C ASP F 516 16.85 37.72 39.43
N PHE F 517 17.83 38.46 38.92
CA PHE F 517 18.56 39.40 39.77
C PHE F 517 17.66 40.56 40.17
N GLN F 518 17.95 41.14 41.33
CA GLN F 518 17.09 42.20 41.86
C GLN F 518 17.04 43.41 40.93
N TYR F 519 18.21 43.81 40.39
CA TYR F 519 18.24 44.97 39.51
C TYR F 519 17.63 44.68 38.14
N GLY F 520 17.90 43.50 37.57
CA GLY F 520 17.33 43.18 36.27
C GLY F 520 17.98 41.99 35.59
N GLY F 521 17.19 41.26 34.81
CA GLY F 521 17.69 40.11 34.07
C GLY F 521 17.84 38.88 34.96
N GLN F 522 18.40 37.84 34.36
CA GLN F 522 18.66 36.57 35.03
C GLN F 522 20.17 36.40 35.11
N GLN F 523 20.68 36.21 36.33
CA GLN F 523 22.11 36.13 36.56
C GLN F 523 22.44 34.96 37.47
N LEU F 524 23.72 34.62 37.52
CA LEU F 524 24.25 33.69 38.51
C LEU F 524 24.62 34.48 39.76
N VAL F 525 24.19 34.03 40.93
CA VAL F 525 24.35 34.81 42.14
C VAL F 525 25.36 34.25 43.13
N ALA F 526 25.38 32.95 43.37
CA ALA F 526 26.21 32.42 44.44
C ALA F 526 26.76 31.05 44.05
N LEU F 527 28.01 30.81 44.42
CA LEU F 527 28.67 29.53 44.23
C LEU F 527 29.30 29.09 45.55
N THR F 528 29.05 27.83 45.93
CA THR F 528 29.53 27.30 47.20
C THR F 528 30.41 26.09 46.91
N PHE F 529 31.72 26.26 47.06
CA PHE F 529 32.68 25.21 46.77
C PHE F 529 32.92 24.38 48.03
N THR F 530 32.78 23.07 47.91
CA THR F 530 33.06 22.14 49.00
C THR F 530 34.33 21.39 48.68
N TYR F 531 35.29 21.43 49.60
CA TYR F 531 36.56 20.75 49.42
C TYR F 531 36.47 19.34 49.98
N GLN F 532 37.49 18.53 49.65
CA GLN F 532 37.52 17.15 50.12
C GLN F 532 37.67 17.07 51.64
N ASP F 533 38.36 18.04 52.24
CA ASP F 533 38.54 18.04 53.68
C ASP F 533 37.23 18.25 54.43
N GLY F 534 36.36 19.12 53.94
CA GLY F 534 35.10 19.42 54.60
C GLY F 534 34.82 20.89 54.78
N ARG F 535 35.79 21.77 54.51
CA ARG F 535 35.54 23.19 54.61
C ARG F 535 34.77 23.70 53.40
N GLN F 536 34.00 24.76 53.62
CA GLN F 536 33.20 25.38 52.56
C GLN F 536 33.69 26.81 52.31
N GLN F 537 33.12 27.43 51.29
CA GLN F 537 33.47 28.80 50.96
C GLN F 537 32.36 29.41 50.12
N THR F 538 32.13 30.71 50.30
CA THR F 538 31.03 31.40 49.66
C THR F 538 31.54 32.60 48.87
N VAL F 539 31.03 32.75 47.65
CA VAL F 539 31.29 33.91 46.81
C VAL F 539 29.95 34.45 46.33
N GLY F 540 29.78 35.76 46.40
CA GLY F 540 28.50 36.36 46.09
C GLY F 540 27.52 36.22 47.23
N SER F 541 26.35 36.82 47.06
CA SER F 541 25.31 36.82 48.09
C SER F 541 24.01 36.29 47.51
N LYS F 542 23.35 35.42 48.27
CA LYS F 542 22.11 34.78 47.86
C LYS F 542 20.87 35.42 48.49
N ALA F 543 21.00 36.62 49.05
CA ALA F 543 19.89 37.28 49.73
C ALA F 543 19.21 38.36 48.90
N TYR F 544 19.67 38.62 47.68
CA TYR F 544 19.09 39.66 46.82
C TYR F 544 18.56 39.09 45.51
N VAL F 545 17.98 37.89 45.54
CA VAL F 545 17.50 37.23 44.33
C VAL F 545 16.14 36.60 44.63
N THR F 546 15.23 36.69 43.67
CA THR F 546 13.91 36.07 43.76
C THR F 546 13.75 35.05 42.64
N ASN F 547 12.84 34.09 42.87
CA ASN F 547 12.58 33.02 41.91
C ASN F 547 13.85 32.26 41.57
N ALA F 548 14.67 31.99 42.57
CA ALA F 548 15.96 31.36 42.35
C ALA F 548 15.79 29.87 42.07
N HIS F 549 16.77 29.31 41.37
CA HIS F 549 16.83 27.87 41.11
C HIS F 549 18.20 27.35 41.50
N GLU F 550 18.22 26.12 42.02
CA GLU F 550 19.44 25.53 42.58
C GLU F 550 19.82 24.31 41.75
N ASP F 551 21.10 24.21 41.40
CA ASP F 551 21.64 23.07 40.68
C ASP F 551 22.89 22.54 41.39
N ARG F 552 23.17 21.26 41.22
CA ARG F 552 24.28 20.61 41.90
C ARG F 552 25.21 19.96 40.88
N PHE F 553 26.47 19.82 41.25
CA PHE F 553 27.50 19.21 40.41
C PHE F 553 28.44 18.41 41.31
N ASP F 554 28.42 17.09 41.16
CA ASP F 554 29.25 16.21 41.97
C ASP F 554 30.36 15.61 41.10
N LEU F 555 31.60 15.98 41.40
CA LEU F 555 32.73 15.41 40.68
C LEU F 555 33.02 13.99 41.17
N PRO F 556 33.48 13.10 40.30
CA PRO F 556 34.05 11.84 40.77
C PRO F 556 35.34 12.10 41.53
N ASP F 557 35.69 11.14 42.39
CA ASP F 557 36.89 11.27 43.21
C ASP F 557 38.15 11.28 42.35
N ALA F 558 39.15 12.03 42.78
CA ALA F 558 40.48 12.06 42.17
C ALA F 558 40.42 12.55 40.73
N ALA F 559 39.91 13.77 40.55
CA ALA F 559 39.84 14.42 39.25
C ALA F 559 40.30 15.86 39.37
N LYS F 560 40.76 16.43 38.26
CA LYS F 560 41.22 17.80 38.20
C LYS F 560 40.39 18.59 37.20
N ILE F 561 39.88 19.75 37.63
CA ILE F 561 39.15 20.63 36.72
C ILE F 561 40.14 21.30 35.78
N THR F 562 39.88 21.18 34.47
CA THR F 562 40.83 21.62 33.46
C THR F 562 40.32 22.70 32.53
N GLN F 563 39.01 22.83 32.33
CA GLN F 563 38.48 23.82 31.42
C GLN F 563 37.32 24.56 32.06
N LEU F 564 37.29 25.87 31.87
CA LEU F 564 36.20 26.73 32.32
C LEU F 564 35.52 27.36 31.13
N LYS F 565 34.21 27.18 31.04
CA LYS F 565 33.38 27.83 30.03
C LYS F 565 32.52 28.86 30.74
N ILE F 566 32.53 30.09 30.23
CA ILE F 566 31.90 31.22 30.91
C ILE F 566 30.86 31.82 29.98
N TRP F 567 29.62 31.89 30.46
CA TRP F 567 28.53 32.57 29.76
C TRP F 567 28.39 33.97 30.36
N ALA F 568 28.75 34.98 29.58
CA ALA F 568 28.67 36.35 30.09
C ALA F 568 28.72 37.33 28.93
N ASP F 569 27.79 38.29 28.97
CA ASP F 569 27.87 39.45 28.10
C ASP F 569 28.64 40.55 28.84
N ASP F 570 28.56 41.79 28.36
CA ASP F 570 29.32 42.90 28.92
C ASP F 570 29.05 43.13 30.40
N TRP F 571 27.88 42.74 30.90
CA TRP F 571 27.48 43.11 32.26
C TRP F 571 27.83 42.04 33.29
N LEU F 572 27.28 40.85 33.15
CA LEU F 572 27.33 39.86 34.23
C LEU F 572 27.44 38.46 33.67
N VAL F 573 27.80 37.52 34.55
CA VAL F 573 27.90 36.11 34.19
C VAL F 573 26.52 35.47 34.25
N LYS F 574 26.13 34.80 33.17
CA LYS F 574 24.84 34.12 33.10
C LYS F 574 24.93 32.62 33.32
N GLY F 575 26.11 32.03 33.15
CA GLY F 575 26.25 30.59 33.34
C GLY F 575 27.70 30.19 33.24
N VAL F 576 28.00 29.01 33.77
CA VAL F 576 29.36 28.49 33.80
C VAL F 576 29.31 26.97 33.83
N GLN F 577 30.18 26.35 33.04
CA GLN F 577 30.25 24.89 32.95
C GLN F 577 31.66 24.46 33.28
N PHE F 578 31.79 23.47 34.17
CA PHE F 578 33.08 22.96 34.61
C PHE F 578 33.33 21.61 33.97
N ASP F 579 34.06 21.60 32.85
CA ASP F 579 34.46 20.36 32.22
C ASP F 579 35.49 19.65 33.08
N LEU F 580 35.44 18.33 33.10
CA LEU F 580 36.35 17.53 33.90
C LEU F 580 37.41 16.88 33.02
N ASN F 581 38.63 16.83 33.55
CA ASN F 581 39.74 16.09 32.96
C ASN F 581 40.12 16.58 31.56
N THR G 1 33.44 -3.59 -4.83
CA THR G 1 34.45 -2.70 -5.39
C THR G 1 34.60 -2.94 -6.89
N ASN G 2 33.48 -3.21 -7.55
CA ASN G 2 33.44 -3.34 -9.00
C ASN G 2 32.32 -2.55 -9.65
N THR G 3 31.56 -1.79 -8.87
CA THR G 3 30.40 -1.07 -9.36
C THR G 3 30.81 0.31 -9.90
N LEU G 4 29.81 1.16 -10.05
CA LEU G 4 30.00 2.46 -10.66
C LEU G 4 30.93 3.32 -9.82
N PRO G 5 31.72 4.20 -10.43
CA PRO G 5 32.49 5.18 -9.66
C PRO G 5 31.65 6.42 -9.37
N HIS G 6 32.09 7.18 -8.37
CA HIS G 6 31.41 8.41 -7.98
C HIS G 6 32.39 9.39 -7.38
N VAL G 7 32.17 10.66 -7.65
CA VAL G 7 32.89 11.74 -7.00
C VAL G 7 31.88 12.66 -6.33
N ALA G 8 32.08 12.93 -5.04
CA ALA G 8 31.10 13.70 -4.29
C ALA G 8 31.81 14.72 -3.42
N PHE G 9 31.30 15.94 -3.41
CA PHE G 9 31.82 16.97 -2.53
C PHE G 9 30.73 18.01 -2.31
N TYR G 10 30.85 18.73 -1.20
CA TYR G 10 29.85 19.69 -0.78
C TYR G 10 30.19 21.09 -1.26
N ILE G 11 29.16 21.93 -1.35
CA ILE G 11 29.32 23.35 -1.61
C ILE G 11 28.63 24.08 -0.47
N SER G 12 29.40 24.83 0.30
CA SER G 12 28.81 25.64 1.36
C SER G 12 28.50 27.02 0.82
N VAL G 13 27.28 27.49 1.07
CA VAL G 13 26.82 28.78 0.59
C VAL G 13 26.40 29.58 1.82
N ASN G 14 27.29 30.46 2.28
CA ASN G 14 27.02 31.32 3.43
C ASN G 14 27.08 32.78 2.98
N ARG G 15 26.11 33.57 3.44
CA ARG G 15 26.03 34.97 3.07
C ARG G 15 25.23 35.69 4.14
N ALA G 16 25.91 36.36 5.05
CA ALA G 16 25.21 37.15 6.05
C ALA G 16 24.55 38.35 5.38
N ILE G 17 23.40 38.75 5.89
CA ILE G 17 22.66 39.90 5.40
C ILE G 17 22.81 41.03 6.40
N SER G 18 23.48 42.10 6.00
CA SER G 18 23.63 43.24 6.87
C SER G 18 22.27 43.89 7.13
N ASP G 19 22.13 44.50 8.30
CA ASP G 19 20.90 45.23 8.59
C ASP G 19 20.71 46.40 7.63
N GLU G 20 21.81 46.98 7.14
CA GLU G 20 21.72 48.10 6.22
C GLU G 20 21.03 47.67 4.92
N GLU G 21 21.31 46.46 4.45
CA GLU G 21 20.64 45.95 3.27
C GLU G 21 19.13 45.79 3.51
N CYS G 22 18.71 45.74 4.76
CA CYS G 22 17.31 45.62 5.11
C CYS G 22 16.65 46.96 5.42
N THR G 23 17.27 48.06 5.03
CA THR G 23 16.73 49.38 5.28
C THR G 23 15.70 49.75 4.23
N PHE G 24 14.54 50.21 4.68
CA PHE G 24 13.46 50.62 3.79
C PHE G 24 12.76 51.82 4.39
N ASN G 25 11.99 52.52 3.58
CA ASN G 25 11.24 53.65 4.07
C ASN G 25 10.16 53.19 5.04
N ASN G 26 10.04 53.88 6.18
CA ASN G 26 9.11 53.47 7.21
C ASN G 26 7.66 53.56 6.74
N SER G 27 7.39 54.35 5.71
CA SER G 27 6.06 54.43 5.12
C SER G 27 6.21 54.55 3.62
N TRP G 28 5.14 54.18 2.90
CA TRP G 28 5.13 54.24 1.45
C TRP G 28 4.55 55.55 0.92
N LEU G 29 3.50 56.06 1.56
CA LEU G 29 2.91 57.32 1.13
C LEU G 29 3.75 58.50 1.58
N TRP G 30 4.51 58.35 2.66
CA TRP G 30 5.17 59.48 3.31
C TRP G 30 6.67 59.25 3.48
N LYS G 31 7.32 58.88 2.39
CA LYS G 31 8.74 58.50 2.41
C LYS G 31 9.60 59.48 3.20
N ASN G 32 9.69 60.73 2.74
CA ASN G 32 10.68 61.65 3.28
C ASN G 32 10.31 62.19 4.65
N GLU G 33 9.03 62.14 5.03
CA GLU G 33 8.62 62.75 6.29
C GLU G 33 9.04 61.90 7.49
N LYS G 34 8.88 60.58 7.41
CA LYS G 34 8.98 59.72 8.59
C LYS G 34 10.29 58.95 8.69
N GLY G 35 11.06 58.85 7.61
CA GLY G 35 12.36 58.21 7.72
C GLY G 35 12.38 56.73 7.38
N SER G 36 13.39 56.05 7.91
CA SER G 36 13.68 54.66 7.54
C SER G 36 14.16 53.91 8.76
N ARG G 37 14.03 52.58 8.70
CA ARG G 37 14.44 51.72 9.80
C ARG G 37 14.71 50.32 9.24
N PRO G 38 15.46 49.49 9.97
CA PRO G 38 15.67 48.11 9.52
C PRO G 38 14.37 47.33 9.51
N PHE G 39 14.26 46.40 8.57
CA PHE G 39 13.07 45.56 8.44
C PHE G 39 13.35 44.08 8.65
N CYS G 40 14.62 43.69 8.75
CA CYS G 40 14.93 42.30 9.02
C CYS G 40 16.17 42.24 9.90
N LYS G 41 16.08 41.45 10.98
CA LYS G 41 17.12 41.40 12.00
C LYS G 41 17.84 40.06 11.93
N ASP G 42 19.16 40.11 11.81
CA ASP G 42 20.01 38.92 11.81
C ASP G 42 19.62 37.94 10.72
N ALA G 43 19.28 38.46 9.55
CA ALA G 43 18.98 37.60 8.42
C ALA G 43 20.21 36.83 7.98
N ASN G 44 20.01 35.62 7.48
CA ASN G 44 21.12 34.80 7.05
C ASN G 44 20.66 33.82 5.98
N ILE G 45 21.59 33.47 5.09
CA ILE G 45 21.38 32.46 4.07
C ILE G 45 22.43 31.39 4.27
N SER G 46 21.99 30.14 4.40
CA SER G 46 22.90 29.00 4.60
C SER G 46 22.27 27.76 4.01
N LEU G 47 22.71 27.38 2.81
CA LEU G 47 22.33 26.12 2.20
C LEU G 47 23.58 25.30 1.96
N ILE G 48 23.40 24.00 1.75
CA ILE G 48 24.51 23.10 1.49
C ILE G 48 24.11 22.16 0.36
N TYR G 49 24.59 22.43 -0.85
CA TYR G 49 24.32 21.57 -1.98
C TYR G 49 25.17 20.31 -1.93
N ARG G 50 24.75 19.30 -2.69
CA ARG G 50 25.53 18.09 -2.88
C ARG G 50 25.78 17.93 -4.37
N VAL G 51 27.04 17.71 -4.74
CA VAL G 51 27.44 17.56 -6.13
C VAL G 51 27.91 16.14 -6.36
N ASN G 52 27.37 15.51 -7.40
CA ASN G 52 27.78 14.17 -7.79
C ASN G 52 28.19 14.15 -9.24
N LEU G 53 29.34 13.55 -9.53
CA LEU G 53 29.80 13.30 -10.89
C LEU G 53 29.85 11.79 -11.10
N GLU G 54 29.28 11.32 -12.20
CA GLU G 54 29.22 9.89 -12.44
C GLU G 54 29.01 9.65 -13.93
N ARG G 55 29.61 8.57 -14.43
CA ARG G 55 29.29 8.11 -15.75
C ARG G 55 28.19 7.05 -15.67
N SER G 56 27.20 7.17 -16.55
CA SER G 56 26.00 6.35 -16.44
C SER G 56 26.26 4.88 -16.75
N LEU G 57 27.43 4.55 -17.28
CA LEU G 57 27.78 3.16 -17.55
C LEU G 57 29.19 2.88 -17.05
N GLN G 58 29.40 1.65 -16.60
CA GLN G 58 30.75 1.22 -16.24
C GLN G 58 31.59 1.08 -17.49
N TYR G 59 32.90 1.25 -17.34
CA TYR G 59 33.80 1.17 -18.49
C TYR G 59 33.79 -0.24 -19.06
N GLY G 60 33.71 -0.32 -20.39
CA GLY G 60 33.80 -1.60 -21.05
C GLY G 60 32.49 -2.34 -21.21
N ILE G 61 31.39 -1.82 -20.71
CA ILE G 61 30.09 -2.46 -20.93
C ILE G 61 29.49 -1.92 -22.22
N VAL G 62 29.10 -2.83 -23.10
CA VAL G 62 28.62 -2.49 -24.43
C VAL G 62 27.20 -3.02 -24.60
N GLY G 63 26.30 -2.15 -25.03
CA GLY G 63 24.95 -2.58 -25.31
C GLY G 63 23.96 -2.39 -24.19
N SER G 64 24.32 -1.67 -23.14
CA SER G 64 23.39 -1.44 -22.05
C SER G 64 22.26 -0.52 -22.49
N ALA G 65 21.10 -0.68 -21.85
CA ALA G 65 19.92 0.08 -22.23
C ALA G 65 20.01 1.54 -21.86
N THR G 66 20.81 1.90 -20.87
CA THR G 66 20.96 3.31 -20.49
C THR G 66 21.98 3.95 -21.43
N PRO G 67 21.64 5.04 -22.10
CA PRO G 67 22.53 5.60 -23.12
C PRO G 67 23.86 6.04 -22.52
N ASP G 68 24.92 5.87 -23.28
CA ASP G 68 26.24 6.25 -22.80
C ASP G 68 26.38 7.77 -22.82
N ALA G 69 26.58 8.35 -21.64
CA ALA G 69 26.71 9.79 -21.51
C ALA G 69 27.36 10.09 -20.16
N LYS G 70 27.87 11.31 -20.04
CA LYS G 70 28.50 11.77 -18.81
C LYS G 70 27.51 12.64 -18.04
N ILE G 71 27.35 12.34 -16.75
CA ILE G 71 26.28 12.91 -15.93
C ILE G 71 26.89 13.77 -14.84
N VAL G 72 26.39 15.00 -14.72
CA VAL G 72 26.72 15.89 -13.62
C VAL G 72 25.43 16.18 -12.86
N ARG G 73 25.44 15.95 -11.55
CA ARG G 73 24.23 16.04 -10.74
C ARG G 73 24.42 17.09 -9.65
N ILE G 74 23.48 18.04 -9.58
CA ILE G 74 23.42 19.03 -8.52
C ILE G 74 22.05 18.92 -7.88
N SER G 75 22.00 18.64 -6.58
CA SER G 75 20.73 18.29 -5.98
C SER G 75 20.65 18.73 -4.54
N LEU G 76 19.41 18.86 -4.05
CA LEU G 76 19.07 19.01 -2.64
C LEU G 76 17.94 18.03 -2.34
N ASP G 77 18.13 17.21 -1.31
CA ASP G 77 17.09 16.27 -0.94
C ASP G 77 17.10 16.11 0.58
N ASP G 78 16.41 15.10 1.07
CA ASP G 78 16.34 14.87 2.52
C ASP G 78 17.71 14.65 3.12
N ASP G 79 18.65 14.12 2.34
CA ASP G 79 19.98 13.81 2.87
C ASP G 79 20.86 15.04 3.03
N SER G 80 20.56 16.15 2.35
CA SER G 80 21.36 17.36 2.49
C SER G 80 20.58 18.59 2.09
N THR G 81 20.26 19.46 3.06
CA THR G 81 19.50 20.66 2.79
C THR G 81 20.24 21.90 3.24
N GLY G 82 20.78 21.87 4.45
CA GLY G 82 21.39 23.04 5.05
C GLY G 82 20.46 23.76 6.01
N ALA G 83 21.00 24.81 6.62
CA ALA G 83 20.26 25.53 7.65
C ALA G 83 18.98 26.12 7.11
N GLY G 84 19.05 26.79 5.96
CA GLY G 84 17.86 27.38 5.37
C GLY G 84 18.03 28.86 5.09
N ILE G 85 16.91 29.56 4.99
CA ILE G 85 16.89 31.00 4.75
C ILE G 85 16.09 31.65 5.87
N HIS G 86 16.64 32.72 6.44
CA HIS G 86 16.07 33.35 7.62
C HIS G 86 15.96 34.85 7.40
N LEU G 87 14.82 35.42 7.79
CA LEU G 87 14.63 36.86 7.68
C LEU G 87 14.23 37.54 8.98
N ASN G 88 13.37 36.92 9.80
CA ASN G 88 12.99 37.48 11.08
C ASN G 88 12.47 36.36 11.99
N ASP G 89 12.46 36.63 13.28
CA ASP G 89 11.98 35.65 14.25
C ASP G 89 10.59 35.97 14.77
N GLN G 90 10.20 37.24 14.76
CA GLN G 90 8.84 37.63 15.10
C GLN G 90 8.48 38.81 14.22
N LEU G 91 7.18 38.98 13.98
CA LEU G 91 6.69 40.05 13.13
C LEU G 91 6.00 41.10 14.01
N GLY G 92 6.67 42.23 14.18
CA GLY G 92 6.10 43.38 14.85
C GLY G 92 5.62 44.42 13.86
N TYR G 93 5.07 45.50 14.39
CA TYR G 93 4.57 46.56 13.54
C TYR G 93 4.75 47.90 14.23
N ARG G 94 4.85 48.93 13.42
CA ARG G 94 4.83 50.30 13.91
C ARG G 94 3.76 51.08 13.15
N GLN G 95 2.98 51.84 13.90
CA GLN G 95 1.82 52.54 13.38
C GLN G 95 2.17 53.99 13.10
N PHE G 96 1.60 54.54 12.03
CA PHE G 96 1.90 55.89 11.62
C PHE G 96 0.61 56.66 11.38
N GLY G 97 0.60 57.92 11.79
CA GLY G 97 -0.58 58.76 11.66
C GLY G 97 -0.36 59.94 10.74
N ALA G 98 -1.46 60.52 10.25
CA ALA G 98 -1.35 61.65 9.33
C ALA G 98 -0.89 62.89 10.08
N SER G 99 0.16 63.52 9.57
CA SER G 99 0.65 64.75 10.17
C SER G 99 -0.09 65.98 9.65
N TYR G 100 -0.68 65.91 8.47
CA TYR G 100 -1.40 67.02 7.87
C TYR G 100 -2.91 66.76 7.93
N THR G 101 -3.67 67.74 7.47
CA THR G 101 -5.12 67.67 7.49
C THR G 101 -5.64 66.72 6.42
N THR G 102 -6.40 65.72 6.85
CA THR G 102 -6.87 64.66 5.96
C THR G 102 -8.38 64.50 6.14
N LEU G 103 -9.12 64.73 5.07
CA LEU G 103 -10.57 64.54 5.05
C LEU G 103 -10.99 63.47 4.04
N ASP G 104 -10.48 63.55 2.81
CA ASP G 104 -10.74 62.55 1.78
C ASP G 104 -9.39 62.11 1.22
N ALA G 105 -8.73 61.19 1.92
CA ALA G 105 -7.41 60.69 1.56
C ALA G 105 -7.02 59.63 2.58
N TYR G 106 -5.84 59.05 2.38
CA TYR G 106 -5.26 58.15 3.38
C TYR G 106 -4.75 58.96 4.56
N PHE G 107 -4.95 58.44 5.77
CA PHE G 107 -4.46 59.11 6.96
C PHE G 107 -3.77 58.20 7.97
N ARG G 108 -3.76 56.89 7.77
CA ARG G 108 -2.97 55.99 8.61
C ARG G 108 -2.30 54.94 7.72
N GLU G 109 -1.02 54.70 8.00
CA GLU G 109 -0.25 53.75 7.22
C GLU G 109 0.53 52.86 8.18
N TRP G 110 0.62 51.57 7.85
CA TRP G 110 1.22 50.57 8.72
C TRP G 110 2.43 49.95 8.02
N SER G 111 3.46 49.66 8.79
CA SER G 111 4.64 48.96 8.30
C SER G 111 4.72 47.60 8.97
N THR G 112 4.78 46.55 8.17
CA THR G 112 4.85 45.18 8.67
C THR G 112 6.25 44.63 8.42
N ASP G 113 6.79 43.93 9.42
CA ASP G 113 8.12 43.35 9.31
C ASP G 113 8.24 42.51 8.04
N ALA G 114 9.45 42.42 7.52
CA ALA G 114 9.67 41.88 6.19
C ALA G 114 9.28 40.42 6.10
N ILE G 115 8.77 40.04 4.92
CA ILE G 115 8.48 38.65 4.59
C ILE G 115 9.12 38.35 3.26
N ALA G 116 9.33 37.07 2.98
CA ALA G 116 9.98 36.63 1.76
C ALA G 116 8.94 36.57 0.64
N GLN G 117 9.00 37.54 -0.27
CA GLN G 117 8.05 37.53 -1.37
C GLN G 117 8.21 36.31 -2.25
N ASP G 118 9.45 35.92 -2.54
CA ASP G 118 9.69 34.75 -3.39
C ASP G 118 11.15 34.34 -3.26
N TYR G 119 11.38 33.04 -3.25
CA TYR G 119 12.71 32.48 -3.28
C TYR G 119 13.04 32.11 -4.71
N ARG G 120 14.30 32.32 -5.09
CA ARG G 120 14.73 32.07 -6.46
C ARG G 120 16.03 31.30 -6.46
N PHE G 121 16.14 30.32 -7.35
CA PHE G 121 17.35 29.53 -7.52
C PHE G 121 17.66 29.43 -9.00
N VAL G 122 18.92 29.65 -9.36
CA VAL G 122 19.34 29.73 -10.75
C VAL G 122 20.50 28.79 -10.98
N PHE G 123 20.44 28.01 -12.06
CA PHE G 123 21.54 27.18 -12.51
C PHE G 123 21.93 27.60 -13.92
N ASN G 124 23.21 27.86 -14.13
CA ASN G 124 23.71 28.32 -15.42
C ASN G 124 24.88 27.45 -15.86
N ALA G 125 24.92 27.13 -17.15
CA ALA G 125 26.09 26.49 -17.74
C ALA G 125 26.99 27.55 -18.34
N SER G 126 28.30 27.31 -18.26
CA SER G 126 29.25 28.32 -18.72
C SER G 126 29.32 28.37 -20.24
N ASN G 127 29.15 27.23 -20.92
CA ASN G 127 29.21 27.17 -22.37
C ASN G 127 28.10 26.23 -22.86
N ASN G 128 28.20 25.82 -24.12
CA ASN G 128 27.20 24.96 -24.71
C ASN G 128 27.60 23.48 -24.66
N LYS G 129 28.68 23.15 -23.96
CA LYS G 129 29.13 21.77 -23.92
C LYS G 129 28.20 20.89 -23.09
N ALA G 130 27.37 21.49 -22.24
CA ALA G 130 26.49 20.75 -21.35
C ALA G 130 25.04 21.06 -21.68
N GLN G 131 24.16 20.09 -21.43
CA GLN G 131 22.74 20.24 -21.64
C GLN G 131 21.98 19.79 -20.41
N ILE G 132 20.75 20.31 -20.25
CA ILE G 132 19.92 19.94 -19.12
C ILE G 132 19.15 18.67 -19.46
N LEU G 133 19.30 17.65 -18.63
CA LEU G 133 18.73 16.34 -18.92
C LEU G 133 17.40 16.09 -18.22
N LYS G 134 17.36 16.15 -16.90
CA LYS G 134 16.11 16.00 -16.19
C LYS G 134 16.17 16.81 -14.91
N THR G 135 15.00 17.17 -14.40
CA THR G 135 14.90 18.03 -13.24
C THR G 135 13.80 17.51 -12.32
N PHE G 136 13.89 17.86 -11.05
CA PHE G 136 12.85 17.56 -10.08
C PHE G 136 12.42 18.87 -9.43
N PRO G 137 11.14 19.25 -9.53
CA PRO G 137 10.02 18.52 -10.13
C PRO G 137 10.15 18.36 -11.64
N VAL G 138 9.62 17.27 -12.18
CA VAL G 138 9.73 17.03 -13.62
C VAL G 138 8.99 18.08 -14.41
N ASP G 139 8.06 18.78 -13.78
CA ASP G 139 7.14 19.67 -14.48
C ASP G 139 6.53 20.61 -13.45
N ASN G 140 5.94 21.69 -13.94
CA ASN G 140 5.15 22.54 -13.07
C ASN G 140 3.88 21.80 -12.67
N ILE G 141 3.18 22.37 -11.69
CA ILE G 141 1.96 21.74 -11.19
C ILE G 141 0.91 21.73 -12.30
N ASN G 142 0.37 20.55 -12.59
CA ASN G 142 -0.72 20.41 -13.55
C ASN G 142 -2.01 20.29 -12.75
N GLU G 143 -2.64 21.42 -12.48
CA GLU G 143 -3.72 21.48 -11.50
C GLU G 143 -4.90 20.60 -11.92
N LYS G 144 -5.54 19.99 -10.93
CA LYS G 144 -6.77 19.26 -11.14
C LYS G 144 -7.96 20.13 -10.74
N PHE G 145 -8.99 20.13 -11.58
CA PHE G 145 -10.15 20.98 -11.39
C PHE G 145 -11.40 20.13 -11.23
N GLU G 146 -12.31 20.60 -10.39
CA GLU G 146 -13.59 19.94 -10.16
C GLU G 146 -14.71 20.92 -10.46
N ARG G 147 -15.68 20.48 -11.26
CA ARG G 147 -16.82 21.31 -11.63
C ARG G 147 -18.12 20.64 -11.22
N LYS G 148 -19.11 21.46 -10.90
CA LYS G 148 -20.44 20.98 -10.57
C LYS G 148 -21.48 21.87 -11.24
N GLU G 149 -22.54 21.26 -11.73
CA GLU G 149 -23.66 22.00 -12.29
C GLU G 149 -24.92 21.61 -11.53
N VAL G 150 -25.45 22.55 -10.75
CA VAL G 150 -26.61 22.29 -9.92
C VAL G 150 -27.82 22.98 -10.53
N SER G 151 -28.87 22.22 -10.77
CA SER G 151 -30.08 22.78 -11.38
C SER G 151 -31.27 22.00 -10.87
N GLY G 152 -32.42 22.68 -10.81
CA GLY G 152 -33.64 22.05 -10.38
C GLY G 152 -34.74 23.07 -10.30
N PHE G 153 -35.93 22.60 -9.94
CA PHE G 153 -37.09 23.49 -9.86
C PHE G 153 -37.85 23.19 -8.58
N GLU G 154 -38.58 24.21 -8.12
CA GLU G 154 -39.30 24.16 -6.84
C GLU G 154 -40.73 24.64 -7.05
N LEU G 155 -41.67 23.94 -6.43
CA LEU G 155 -43.09 24.31 -6.48
C LEU G 155 -43.58 24.58 -5.08
N GLY G 156 -44.48 25.54 -4.95
CA GLY G 156 -45.08 25.86 -3.66
C GLY G 156 -46.47 26.42 -3.82
N VAL G 157 -47.38 25.92 -3.00
CA VAL G 157 -48.75 26.39 -2.95
C VAL G 157 -49.06 26.83 -1.54
N THR G 158 -49.66 28.02 -1.43
CA THR G 158 -49.90 28.66 -0.15
C THR G 158 -51.40 28.84 0.06
N GLY G 159 -51.89 28.37 1.21
CA GLY G 159 -53.27 28.59 1.60
C GLY G 159 -53.33 29.47 2.83
N GLY G 160 -53.99 30.61 2.69
CA GLY G 160 -54.08 31.58 3.76
C GLY G 160 -55.51 31.86 4.14
N VAL G 161 -55.77 31.76 5.45
CA VAL G 161 -57.10 32.01 6.00
C VAL G 161 -56.98 33.05 7.10
N GLU G 162 -57.77 34.12 7.01
CA GLU G 162 -57.74 35.21 7.96
C GLU G 162 -59.15 35.44 8.52
N VAL G 163 -59.22 35.62 9.84
CA VAL G 163 -60.45 36.04 10.51
C VAL G 163 -60.13 37.26 11.35
N SER G 164 -60.89 38.34 11.14
CA SER G 164 -60.65 39.58 11.85
C SER G 164 -61.96 40.35 11.96
N GLY G 165 -61.88 41.54 12.54
CA GLY G 165 -63.05 42.40 12.61
C GLY G 165 -63.54 42.82 11.24
N ASP G 166 -62.61 43.01 10.31
CA ASP G 166 -63.00 43.39 8.95
C ASP G 166 -63.86 42.32 8.30
N GLY G 167 -63.48 41.05 8.46
CA GLY G 167 -64.25 39.96 7.91
C GLY G 167 -63.35 38.83 7.44
N PRO G 168 -63.92 37.63 7.31
CA PRO G 168 -63.13 36.49 6.85
C PRO G 168 -62.57 36.68 5.46
N LYS G 169 -61.30 36.33 5.27
CA LYS G 169 -60.64 36.35 3.98
C LYS G 169 -60.15 34.95 3.64
N ALA G 170 -59.80 34.76 2.37
CA ALA G 170 -59.30 33.47 1.93
C ALA G 170 -58.34 33.68 0.76
N LYS G 171 -57.15 33.12 0.87
CA LYS G 171 -56.11 33.27 -0.16
C LYS G 171 -55.55 31.91 -0.52
N LEU G 172 -55.55 31.59 -1.81
CA LEU G 172 -54.86 30.42 -2.34
C LEU G 172 -53.80 30.92 -3.31
N GLU G 173 -52.54 30.61 -3.02
CA GLU G 173 -51.41 31.20 -3.72
C GLU G 173 -50.50 30.12 -4.25
N ALA G 174 -49.86 30.38 -5.39
CA ALA G 174 -49.00 29.41 -6.05
C ALA G 174 -47.66 30.02 -6.38
N ARG G 175 -46.60 29.24 -6.21
CA ARG G 175 -45.24 29.64 -6.54
C ARG G 175 -44.57 28.58 -7.38
N ALA G 176 -43.69 29.01 -8.27
CA ALA G 176 -42.93 28.09 -9.11
C ALA G 176 -41.56 28.70 -9.33
N SER G 177 -40.52 28.03 -8.85
CA SER G 177 -39.16 28.55 -8.91
C SER G 177 -38.32 27.72 -9.86
N TYR G 178 -37.19 28.29 -10.26
CA TYR G 178 -36.18 27.60 -11.05
C TYR G 178 -34.83 28.02 -10.53
N THR G 179 -33.90 27.07 -10.44
CA THR G 179 -32.57 27.34 -9.93
C THR G 179 -31.53 26.76 -10.88
N GLN G 180 -30.35 27.40 -10.89
CA GLN G 180 -29.22 26.89 -11.64
C GLN G 180 -27.96 27.53 -11.10
N SER G 181 -26.97 26.73 -10.74
CA SER G 181 -25.71 27.23 -10.24
C SER G 181 -24.57 26.35 -10.76
N ARG G 182 -23.43 27.00 -11.01
CA ARG G 182 -22.23 26.32 -11.51
C ARG G 182 -21.11 26.52 -10.51
N TRP G 183 -20.45 25.43 -10.14
CA TRP G 183 -19.40 25.45 -9.13
C TRP G 183 -18.04 25.29 -9.79
N LEU G 184 -17.00 25.73 -9.09
CA LEU G 184 -15.62 25.57 -9.52
C LEU G 184 -14.75 25.39 -8.30
N THR G 185 -13.87 24.39 -8.32
CA THR G 185 -13.01 24.08 -7.20
C THR G 185 -11.61 23.74 -7.68
N TYR G 186 -10.60 24.32 -7.03
CA TYR G 186 -9.22 24.00 -7.38
C TYR G 186 -8.35 24.20 -6.15
N ASN G 187 -7.18 23.57 -6.18
CA ASN G 187 -6.23 23.60 -5.08
C ASN G 187 -5.10 24.57 -5.38
N THR G 188 -4.76 25.38 -4.38
CA THR G 188 -3.61 26.26 -4.43
C THR G 188 -2.77 26.03 -3.19
N GLN G 189 -1.47 26.22 -3.32
CA GLN G 189 -0.54 26.01 -2.22
C GLN G 189 -0.07 27.37 -1.73
N ASP G 190 0.43 27.40 -0.48
CA ASP G 190 0.93 28.65 0.07
C ASP G 190 2.13 29.14 -0.74
N TYR G 191 2.91 28.20 -1.27
CA TYR G 191 3.99 28.51 -2.20
C TYR G 191 3.90 27.57 -3.40
N ARG G 192 4.01 28.14 -4.60
CA ARG G 192 3.80 27.39 -5.83
C ARG G 192 5.12 27.25 -6.59
N ILE G 193 5.46 26.02 -6.92
CA ILE G 193 6.73 25.71 -7.57
C ILE G 193 6.62 26.07 -9.04
N GLU G 194 7.25 27.18 -9.43
CA GLU G 194 7.25 27.64 -10.81
C GLU G 194 8.59 27.32 -11.43
N ARG G 195 8.61 26.33 -12.32
CA ARG G 195 9.82 25.94 -13.02
C ARG G 195 10.00 26.85 -14.23
N ASN G 196 11.23 27.30 -14.45
CA ASN G 196 11.53 28.27 -15.51
C ASN G 196 12.83 27.85 -16.18
N ALA G 197 12.74 27.47 -17.45
CA ALA G 197 13.92 27.03 -18.21
C ALA G 197 14.09 27.95 -19.41
N LYS G 198 14.98 28.93 -19.25
CA LYS G 198 15.20 29.90 -20.32
C LYS G 198 15.72 29.23 -21.58
N ASN G 199 16.69 28.34 -21.45
CA ASN G 199 17.23 27.62 -22.60
C ASN G 199 17.91 26.34 -22.15
N ALA G 200 18.53 25.63 -23.08
CA ALA G 200 19.03 24.29 -22.79
C ALA G 200 20.15 24.28 -21.77
N GLN G 201 20.74 25.43 -21.46
CA GLN G 201 21.86 25.49 -20.53
C GLN G 201 21.48 26.04 -19.16
N ALA G 202 20.31 26.65 -19.01
CA ALA G 202 19.94 27.29 -17.76
C ALA G 202 18.50 26.98 -17.41
N VAL G 203 18.26 26.56 -16.18
CA VAL G 203 16.92 26.33 -15.66
C VAL G 203 16.86 26.87 -14.24
N SER G 204 15.80 27.62 -13.93
CA SER G 204 15.70 28.29 -12.65
C SER G 204 14.37 27.95 -11.99
N PHE G 205 14.42 27.70 -10.69
CA PHE G 205 13.25 27.33 -9.91
C PHE G 205 12.84 28.52 -9.06
N THR G 206 11.58 28.91 -9.16
CA THR G 206 11.05 30.09 -8.49
C THR G 206 9.93 29.67 -7.55
N TRP G 207 10.20 29.73 -6.24
CA TRP G 207 9.15 29.61 -5.24
C TRP G 207 8.45 30.96 -5.13
N ASN G 208 7.24 31.05 -5.66
CA ASN G 208 6.49 32.30 -5.72
C ASN G 208 5.22 32.17 -4.89
N ARG G 209 4.92 33.20 -4.11
CA ARG G 209 3.70 33.19 -3.31
C ARG G 209 2.48 33.21 -4.22
N GLN G 210 1.50 32.36 -3.92
CA GLN G 210 0.27 32.33 -4.70
C GLN G 210 -0.92 32.75 -3.86
N GLN G 211 -1.16 32.06 -2.76
CA GLN G 211 -2.19 32.48 -1.83
C GLN G 211 -1.63 33.54 -0.89
N TYR G 212 -2.47 34.52 -0.54
CA TYR G 212 -2.04 35.61 0.32
C TYR G 212 -0.84 36.33 -0.29
N ALA G 213 -0.87 36.51 -1.61
CA ALA G 213 0.24 37.11 -2.32
C ALA G 213 0.18 38.62 -2.36
N THR G 214 -0.94 39.21 -1.97
CA THR G 214 -1.13 40.65 -2.04
C THR G 214 -1.30 41.23 -0.65
N ALA G 215 -0.76 42.44 -0.45
CA ALA G 215 -1.05 43.15 0.79
C ALA G 215 -2.54 43.37 0.96
N GLU G 216 -3.29 43.35 -0.15
CA GLU G 216 -4.74 43.41 -0.09
C GLU G 216 -5.32 42.21 0.64
N SER G 217 -4.79 41.01 0.36
CA SER G 217 -5.41 39.79 0.84
C SER G 217 -5.09 39.49 2.30
N LEU G 218 -4.11 40.17 2.89
CA LEU G 218 -3.77 39.91 4.28
C LEU G 218 -4.71 40.56 5.28
N LEU G 219 -5.65 41.38 4.82
CA LEU G 219 -6.56 42.10 5.72
C LEU G 219 -7.71 41.20 6.15
N ASN G 220 -8.04 41.25 7.44
CA ASN G 220 -9.19 40.52 7.98
C ASN G 220 -10.38 41.43 8.21
N ARG G 221 -10.28 42.70 7.83
CA ARG G 221 -11.37 43.67 7.95
C ARG G 221 -11.52 44.39 6.63
N SER G 222 -12.70 44.95 6.40
CA SER G 222 -12.92 45.83 5.25
C SER G 222 -13.33 47.23 5.64
N THR G 223 -14.29 47.37 6.55
CA THR G 223 -14.75 48.68 6.99
C THR G 223 -14.82 48.70 8.51
N ASP G 224 -14.59 49.87 9.09
CA ASP G 224 -14.69 50.05 10.53
C ASP G 224 -14.93 51.52 10.82
N ALA G 225 -15.39 51.78 12.03
CA ALA G 225 -15.66 53.16 12.45
C ALA G 225 -14.35 53.93 12.60
N LEU G 226 -14.45 55.26 12.57
CA LEU G 226 -13.28 56.11 12.63
C LEU G 226 -12.56 56.02 13.97
N TRP G 227 -13.26 55.69 15.06
CA TRP G 227 -12.63 55.69 16.37
C TRP G 227 -11.93 54.39 16.70
N VAL G 228 -12.07 53.35 15.88
CA VAL G 228 -11.43 52.07 16.14
C VAL G 228 -10.06 52.06 15.48
N ASN G 229 -9.01 51.88 16.28
CA ASN G 229 -7.63 51.96 15.81
C ASN G 229 -6.89 50.72 16.29
N THR G 230 -6.62 49.80 15.37
CA THR G 230 -5.93 48.56 15.73
C THR G 230 -5.20 48.04 14.50
N TYR G 231 -4.28 47.11 14.74
CA TYR G 231 -3.50 46.54 13.65
C TYR G 231 -4.39 45.67 12.78
N PRO G 232 -4.56 45.99 11.50
CA PRO G 232 -5.59 45.33 10.69
C PRO G 232 -5.06 44.18 9.86
N VAL G 233 -3.81 43.77 10.07
CA VAL G 233 -3.20 42.67 9.34
C VAL G 233 -3.25 41.43 10.22
N ASP G 234 -4.06 40.45 9.82
CA ASP G 234 -4.26 39.26 10.63
C ASP G 234 -3.00 38.40 10.49
N VAL G 235 -2.05 38.64 11.40
CA VAL G 235 -0.72 38.05 11.27
C VAL G 235 -0.73 36.52 11.35
N ASN G 236 -1.82 35.92 11.81
CA ASN G 236 -1.87 34.46 11.84
C ASN G 236 -1.88 33.88 10.42
N ARG G 237 -2.26 34.67 9.43
CA ARG G 237 -2.32 34.15 8.07
C ARG G 237 -0.93 33.99 7.44
N ILE G 238 0.08 34.70 7.94
CA ILE G 238 1.43 34.59 7.40
C ILE G 238 2.06 33.33 7.95
N SER G 239 2.08 32.27 7.16
CA SER G 239 2.57 31.01 7.68
C SER G 239 4.07 31.06 7.94
N PRO G 240 4.55 30.29 8.91
CA PRO G 240 5.99 30.33 9.22
C PRO G 240 6.88 29.89 8.07
N LEU G 241 6.31 29.51 6.94
CA LEU G 241 7.13 29.18 5.78
C LEU G 241 7.71 30.42 5.13
N SER G 242 7.21 31.61 5.46
CA SER G 242 7.59 32.81 4.75
C SER G 242 8.69 33.61 5.43
N TYR G 243 8.63 33.80 6.76
CA TYR G 243 9.55 34.72 7.38
C TYR G 243 10.48 34.04 8.38
N ALA G 244 10.10 32.86 8.87
CA ALA G 244 10.90 32.20 9.89
C ALA G 244 12.04 31.39 9.32
N SER G 245 11.74 30.37 8.52
CA SER G 245 12.77 29.52 7.94
C SER G 245 12.24 28.72 6.77
N PHE G 246 13.04 28.57 5.72
CA PHE G 246 12.61 27.88 4.51
C PHE G 246 13.75 27.07 3.94
N VAL G 247 13.43 25.95 3.30
CA VAL G 247 14.40 25.06 2.69
C VAL G 247 13.84 24.56 1.38
N PRO G 248 14.56 24.67 0.27
CA PRO G 248 14.03 24.21 -1.02
C PRO G 248 14.20 22.71 -1.20
N LYS G 249 13.68 22.22 -2.32
CA LYS G 249 13.83 20.83 -2.74
C LYS G 249 13.87 20.77 -4.25
N MET G 250 15.06 20.60 -4.81
CA MET G 250 15.16 20.51 -6.27
C MET G 250 16.35 19.65 -6.67
N ASP G 251 16.25 19.09 -7.87
CA ASP G 251 17.30 18.28 -8.46
C ASP G 251 17.53 18.74 -9.90
N VAL G 252 18.79 18.93 -10.27
CA VAL G 252 19.16 19.25 -11.64
C VAL G 252 20.26 18.29 -12.05
N ILE G 253 20.13 17.69 -13.23
CA ILE G 253 21.10 16.72 -13.71
C ILE G 253 21.50 17.10 -15.13
N TYR G 254 22.76 17.50 -15.30
CA TYR G 254 23.30 17.86 -16.60
C TYR G 254 23.84 16.63 -17.30
N LYS G 255 23.99 16.72 -18.62
CA LYS G 255 24.59 15.66 -19.41
C LYS G 255 25.62 16.28 -20.35
N ALA G 256 26.67 15.51 -20.64
CA ALA G 256 27.70 15.92 -21.57
C ALA G 256 27.98 14.79 -22.55
N SER G 257 28.33 15.17 -23.77
CA SER G 257 28.49 14.21 -24.84
C SER G 257 29.62 13.22 -24.54
N ALA G 258 29.70 12.17 -25.35
CA ALA G 258 30.61 11.07 -25.09
C ALA G 258 32.07 11.49 -25.13
N THR G 259 32.47 12.31 -26.10
CA THR G 259 33.88 12.67 -26.27
C THR G 259 34.13 14.15 -26.04
N GLU G 260 33.28 14.85 -25.30
CA GLU G 260 33.52 16.25 -25.03
C GLU G 260 34.76 16.42 -24.17
N THR G 261 35.56 17.43 -24.49
CA THR G 261 36.80 17.69 -23.77
C THR G 261 36.87 19.17 -23.45
N GLY G 262 37.86 19.53 -22.63
CA GLY G 262 38.00 20.90 -22.19
C GLY G 262 37.46 21.13 -20.80
N SER G 263 36.75 22.23 -20.60
CA SER G 263 36.27 22.61 -19.28
C SER G 263 34.87 23.18 -19.39
N THR G 264 34.20 23.28 -18.25
CA THR G 264 32.89 23.89 -18.17
C THR G 264 32.59 24.24 -16.73
N ASP G 265 32.03 25.44 -16.51
CA ASP G 265 31.72 25.91 -15.17
C ASP G 265 30.21 25.91 -14.95
N PHE G 266 29.80 25.76 -13.70
CA PHE G 266 28.41 25.81 -13.30
C PHE G 266 28.25 26.89 -12.25
N ILE G 267 27.16 27.65 -12.34
CA ILE G 267 26.88 28.75 -11.41
C ILE G 267 25.57 28.44 -10.71
N ILE G 268 25.58 28.51 -9.39
CA ILE G 268 24.39 28.27 -8.58
C ILE G 268 24.08 29.55 -7.82
N ASP G 269 22.90 30.11 -8.09
CA ASP G 269 22.49 31.41 -7.52
C ASP G 269 21.34 31.18 -6.55
N SER G 270 21.59 31.41 -5.28
CA SER G 270 20.54 31.40 -4.26
C SER G 270 20.16 32.84 -3.94
N SER G 271 18.86 33.12 -3.90
CA SER G 271 18.41 34.48 -3.71
C SER G 271 17.03 34.51 -3.11
N VAL G 272 16.84 35.39 -2.13
CA VAL G 272 15.54 35.60 -1.49
C VAL G 272 15.11 37.04 -1.75
N ASN G 273 13.90 37.20 -2.27
CA ASN G 273 13.41 38.51 -2.69
C ASN G 273 12.63 39.12 -1.52
N ILE G 274 13.33 39.93 -0.72
CA ILE G 274 12.71 40.57 0.43
C ILE G 274 11.72 41.61 -0.04
N ARG G 275 10.55 41.67 0.60
CA ARG G 275 9.56 42.68 0.32
C ARG G 275 8.77 43.00 1.58
N PRO G 276 8.85 44.22 2.09
CA PRO G 276 8.02 44.59 3.24
C PRO G 276 6.55 44.67 2.85
N ILE G 277 5.70 44.81 3.86
CA ILE G 277 4.26 44.88 3.69
C ILE G 277 3.81 46.27 4.11
N TYR G 278 2.94 46.89 3.32
CA TYR G 278 2.38 48.19 3.62
C TYR G 278 0.87 48.12 3.59
N ASN G 279 0.21 48.73 4.56
CA ASN G 279 -1.23 48.82 4.59
C ASN G 279 -1.65 50.24 4.97
N GLY G 280 -2.68 50.72 4.30
CA GLY G 280 -3.16 52.07 4.54
C GLY G 280 -4.64 52.07 4.82
N ALA G 281 -5.09 53.14 5.46
CA ALA G 281 -6.50 53.34 5.79
C ALA G 281 -7.07 54.48 4.97
N TYR G 282 -8.31 54.30 4.52
CA TYR G 282 -8.99 55.27 3.66
C TYR G 282 -10.14 55.86 4.45
N LYS G 283 -10.16 57.18 4.59
CA LYS G 283 -11.27 57.86 5.23
C LYS G 283 -12.18 58.46 4.17
N HIS G 284 -13.47 58.14 4.24
CA HIS G 284 -14.46 58.62 3.27
C HIS G 284 -15.37 59.63 3.94
N TYR G 285 -15.60 60.76 3.26
CA TYR G 285 -16.40 61.85 3.80
C TYR G 285 -17.56 62.13 2.84
N TYR G 286 -18.73 61.62 3.18
CA TYR G 286 -19.95 61.95 2.46
C TYR G 286 -20.99 62.49 3.44
N VAL G 287 -22.05 63.09 2.89
CA VAL G 287 -22.98 63.90 3.67
C VAL G 287 -23.69 63.08 4.74
N VAL G 288 -24.17 61.88 4.38
CA VAL G 288 -25.03 61.12 5.28
C VAL G 288 -24.25 60.67 6.51
N GLY G 289 -23.06 60.11 6.32
CA GLY G 289 -22.30 59.59 7.43
C GLY G 289 -20.80 59.55 7.19
N ALA G 290 -20.06 58.95 8.11
CA ALA G 290 -18.61 58.86 8.00
C ALA G 290 -18.14 57.48 8.44
N HIS G 291 -17.27 56.88 7.63
CA HIS G 291 -16.77 55.53 7.88
C HIS G 291 -15.32 55.46 7.40
N GLN G 292 -14.71 54.29 7.60
CA GLN G 292 -13.31 54.05 7.27
C GLN G 292 -13.16 52.74 6.54
N SER G 293 -12.39 52.73 5.46
CA SER G 293 -12.15 51.55 4.65
C SER G 293 -10.66 51.34 4.44
N TYR G 294 -10.26 50.10 4.18
CA TYR G 294 -8.85 49.76 4.04
C TYR G 294 -8.49 49.48 2.58
N HIS G 295 -7.18 49.49 2.30
CA HIS G 295 -6.68 49.18 0.98
C HIS G 295 -5.34 48.48 1.13
N GLY G 296 -4.93 47.80 0.06
CA GLY G 296 -3.65 47.14 0.04
C GLY G 296 -2.73 47.72 -1.04
N PHE G 297 -1.49 47.99 -0.68
CA PHE G 297 -0.51 48.56 -1.61
C PHE G 297 0.23 47.42 -2.29
N GLU G 298 0.34 47.50 -3.62
CA GLU G 298 0.97 46.45 -4.40
C GLU G 298 2.31 46.85 -4.97
N ASP G 299 2.57 48.14 -5.15
CA ASP G 299 3.77 48.60 -5.84
C ASP G 299 4.88 48.92 -4.87
N THR G 300 4.91 48.22 -3.74
CA THR G 300 5.90 48.44 -2.71
C THR G 300 7.28 48.04 -3.22
N PRO G 301 8.34 48.65 -2.70
CA PRO G 301 9.69 48.35 -3.18
C PRO G 301 10.09 46.92 -2.86
N ARG G 302 10.94 46.37 -3.72
CA ARG G 302 11.53 45.05 -3.50
C ARG G 302 13.03 45.14 -3.68
N ARG G 303 13.75 44.49 -2.77
CA ARG G 303 15.20 44.45 -2.81
C ARG G 303 15.64 43.00 -2.77
N ARG G 304 16.63 42.66 -3.58
CA ARG G 304 17.01 41.26 -3.81
C ARG G 304 18.40 41.02 -3.25
N ILE G 305 18.57 39.89 -2.57
CA ILE G 305 19.85 39.49 -1.99
C ILE G 305 20.38 38.29 -2.77
N THR G 306 21.63 38.36 -3.23
CA THR G 306 22.20 37.35 -4.09
C THR G 306 23.51 36.83 -3.53
N LYS G 307 23.66 35.51 -3.51
CA LYS G 307 24.92 34.86 -3.20
C LYS G 307 25.19 33.79 -4.25
N SER G 308 26.41 33.75 -4.76
CA SER G 308 26.77 32.85 -5.84
C SER G 308 27.97 31.98 -5.46
N ALA G 309 27.91 30.72 -5.83
CA ALA G 309 29.02 29.80 -5.65
C ALA G 309 29.12 28.91 -6.88
N SER G 310 30.36 28.62 -7.28
CA SER G 310 30.59 27.91 -8.52
C SER G 310 31.65 26.84 -8.29
N PHE G 311 31.63 25.82 -9.15
CA PHE G 311 32.64 24.76 -9.13
C PHE G 311 32.93 24.32 -10.55
N THR G 312 34.14 23.81 -10.74
CA THR G 312 34.67 23.52 -12.07
C THR G 312 34.78 22.02 -12.28
N VAL G 313 34.40 21.57 -13.47
CA VAL G 313 34.45 20.15 -13.83
C VAL G 313 35.21 20.01 -15.14
N ASP G 314 36.13 19.06 -15.19
CA ASP G 314 36.88 18.76 -16.41
C ASP G 314 36.39 17.41 -16.95
N TRP G 315 35.97 17.38 -18.21
CA TRP G 315 35.47 16.13 -18.77
C TRP G 315 36.56 15.09 -18.94
N ASP G 316 37.83 15.46 -18.82
CA ASP G 316 38.93 14.51 -18.88
C ASP G 316 39.23 13.89 -17.54
N HIS G 317 38.44 14.20 -16.52
CA HIS G 317 38.69 13.70 -15.18
C HIS G 317 38.68 12.17 -15.19
N PRO G 318 39.49 11.53 -14.36
CA PRO G 318 39.51 10.06 -14.36
C PRO G 318 38.17 9.43 -14.06
N VAL G 319 37.34 10.08 -13.23
CA VAL G 319 36.08 9.47 -12.82
C VAL G 319 35.15 9.29 -14.00
N PHE G 320 35.19 10.21 -14.96
CA PHE G 320 34.30 10.12 -16.11
C PHE G 320 34.61 8.93 -17.00
N THR G 321 35.74 8.26 -16.82
CA THR G 321 36.01 7.07 -17.61
C THR G 321 35.11 5.90 -17.23
N GLY G 322 34.53 5.93 -16.04
CA GLY G 322 33.60 4.90 -15.66
C GLY G 322 34.22 3.59 -15.22
N GLY G 323 35.48 3.59 -14.80
CA GLY G 323 36.12 2.41 -14.28
C GLY G 323 36.70 2.66 -12.90
N ARG G 324 37.35 1.64 -12.36
CA ARG G 324 38.04 1.75 -11.07
C ARG G 324 39.53 1.62 -11.32
N PRO G 325 40.26 2.73 -11.39
CA PRO G 325 41.65 2.68 -11.83
C PRO G 325 42.56 1.93 -10.86
N VAL G 326 43.58 1.29 -11.43
CA VAL G 326 44.64 0.65 -10.68
C VAL G 326 45.98 1.12 -11.26
N ASN G 327 47.05 0.81 -10.53
CA ASN G 327 48.40 1.16 -10.96
C ASN G 327 49.32 -0.04 -10.89
N LEU G 328 50.35 -0.01 -11.71
CA LEU G 328 51.35 -1.08 -11.78
C LEU G 328 52.58 -0.58 -11.04
N GLN G 329 53.01 -1.33 -10.02
CA GLN G 329 54.13 -0.92 -9.17
C GLN G 329 55.23 -1.97 -9.25
N LEU G 330 56.44 -1.52 -9.55
CA LEU G 330 57.59 -2.40 -9.63
C LEU G 330 57.98 -2.82 -8.21
N ALA G 331 58.28 -4.10 -8.02
CA ALA G 331 58.55 -4.62 -6.68
C ALA G 331 60.01 -4.60 -6.31
N SER G 332 60.93 -4.50 -7.28
CA SER G 332 62.34 -4.47 -6.92
C SER G 332 62.69 -3.23 -6.14
N PHE G 333 62.21 -2.07 -6.57
CA PHE G 333 62.40 -0.82 -5.84
C PHE G 333 61.49 -0.79 -4.62
N ASN G 334 61.89 -0.01 -3.63
CA ASN G 334 61.02 0.23 -2.49
C ASN G 334 59.77 1.00 -2.89
N ASN G 335 59.92 2.02 -3.74
CA ASN G 335 58.82 2.91 -4.11
C ASN G 335 59.07 3.42 -5.53
N ARG G 336 58.48 2.73 -6.51
CA ARG G 336 58.54 3.14 -7.91
C ARG G 336 57.26 2.70 -8.60
N CYS G 337 56.66 3.61 -9.36
CA CYS G 337 55.41 3.33 -10.06
C CYS G 337 55.52 3.78 -11.50
N ILE G 338 54.76 3.13 -12.38
CA ILE G 338 54.76 3.48 -13.78
C ILE G 338 53.95 4.74 -13.98
N GLN G 339 54.52 5.71 -14.69
CA GLN G 339 53.88 6.99 -14.94
C GLN G 339 54.04 7.35 -16.40
N VAL G 340 52.99 7.94 -16.97
CA VAL G 340 52.95 8.33 -18.38
C VAL G 340 52.66 9.82 -18.46
N ASP G 341 53.47 10.53 -19.25
CA ASP G 341 53.30 11.96 -19.42
C ASP G 341 52.37 12.23 -20.59
N ALA G 342 52.31 13.49 -21.03
CA ALA G 342 51.38 13.87 -22.09
C ALA G 342 51.76 13.27 -23.44
N GLN G 343 53.05 13.23 -23.75
CA GLN G 343 53.51 12.77 -25.06
C GLN G 343 53.57 11.26 -25.18
N GLY G 344 53.43 10.52 -24.07
CA GLY G 344 53.41 9.08 -24.11
C GLY G 344 54.69 8.38 -23.68
N ARG G 345 55.69 9.13 -23.22
CA ARG G 345 56.91 8.50 -22.74
C ARG G 345 56.66 7.81 -21.40
N LEU G 346 57.29 6.65 -21.22
CA LEU G 346 57.13 5.85 -20.00
C LEU G 346 58.37 5.96 -19.13
N THR G 347 58.17 6.41 -17.89
CA THR G 347 59.24 6.49 -16.90
C THR G 347 58.70 6.02 -15.56
N ALA G 348 59.60 5.77 -14.62
CA ALA G 348 59.24 5.30 -13.29
C ALA G 348 59.55 6.40 -12.29
N ASN G 349 58.51 7.02 -11.73
CA ASN G 349 58.65 8.10 -10.77
C ASN G 349 58.27 7.61 -9.38
N MET G 350 58.26 8.55 -8.44
CA MET G 350 57.81 8.24 -7.10
C MET G 350 56.30 8.03 -7.09
N CYS G 351 55.85 7.00 -6.39
CA CYS G 351 54.43 6.68 -6.36
C CYS G 351 53.64 7.76 -5.63
N ASP G 352 52.52 8.15 -6.22
CA ASP G 352 51.59 9.08 -5.59
C ASP G 352 50.20 8.70 -6.08
N SER G 353 49.48 7.93 -5.27
CA SER G 353 48.25 7.31 -5.74
C SER G 353 47.17 8.32 -6.11
N GLN G 354 47.30 9.57 -5.70
CA GLN G 354 46.34 10.59 -6.09
C GLN G 354 46.67 11.25 -7.42
N GLN G 355 47.79 10.92 -8.03
CA GLN G 355 48.17 11.49 -9.31
C GLN G 355 47.47 10.68 -10.42
N SER G 356 46.65 11.37 -11.22
CA SER G 356 45.83 10.67 -12.19
C SER G 356 46.67 9.97 -13.25
N ALA G 357 47.82 10.54 -13.60
CA ALA G 357 48.60 10.01 -14.70
C ALA G 357 49.19 8.63 -14.41
N GLN G 358 49.15 8.17 -13.16
CA GLN G 358 49.71 6.88 -12.79
C GLN G 358 48.63 5.81 -12.64
N SER G 359 47.41 6.07 -13.07
CA SER G 359 46.30 5.15 -12.91
C SER G 359 45.98 4.46 -14.22
N PHE G 360 45.56 3.20 -14.14
CA PHE G 360 45.20 2.42 -15.31
C PHE G 360 43.91 1.66 -15.03
N ILE G 361 43.15 1.42 -16.10
CA ILE G 361 41.86 0.76 -16.02
C ILE G 361 42.00 -0.65 -16.57
N TYR G 362 41.41 -1.62 -15.87
CA TYR G 362 41.46 -3.01 -16.29
C TYR G 362 40.12 -3.38 -16.90
N ASP G 363 40.10 -3.63 -18.20
CA ASP G 363 38.85 -3.83 -18.93
C ASP G 363 38.49 -5.31 -19.02
N GLN G 364 37.53 -5.62 -19.88
CA GLN G 364 37.10 -7.01 -20.07
C GLN G 364 38.08 -7.80 -20.94
N LEU G 365 38.67 -7.18 -21.96
CA LEU G 365 39.55 -7.90 -22.86
C LEU G 365 40.93 -8.11 -22.28
N GLY G 366 41.23 -7.53 -21.12
CA GLY G 366 42.55 -7.64 -20.55
C GLY G 366 43.53 -6.57 -20.98
N ARG G 367 43.04 -5.45 -21.51
CA ARG G 367 43.91 -4.36 -21.89
C ARG G 367 44.08 -3.39 -20.73
N TYR G 368 45.19 -2.66 -20.75
CA TYR G 368 45.44 -1.59 -19.79
C TYR G 368 45.28 -0.26 -20.52
N VAL G 369 44.38 0.58 -20.03
CA VAL G 369 44.10 1.87 -20.63
C VAL G 369 44.50 2.96 -19.64
N SER G 370 45.26 3.95 -20.12
CA SER G 370 45.66 5.05 -19.26
C SER G 370 44.44 5.86 -18.83
N ALA G 371 44.33 6.12 -17.53
CA ALA G 371 43.16 6.78 -17.00
C ALA G 371 43.09 8.25 -17.38
N SER G 372 44.22 8.93 -17.49
CA SER G 372 44.20 10.36 -17.76
C SER G 372 43.81 10.66 -19.20
N ASN G 373 43.95 9.70 -20.10
CA ASN G 373 43.59 9.90 -21.50
C ASN G 373 43.27 8.53 -22.09
N THR G 374 41.99 8.21 -22.21
CA THR G 374 41.54 6.85 -22.47
C THR G 374 41.88 6.35 -23.88
N LYS G 375 42.61 7.12 -24.67
CA LYS G 375 42.99 6.67 -26.00
C LYS G 375 44.37 6.03 -26.06
N LEU G 376 45.09 5.96 -24.94
CA LEU G 376 46.43 5.42 -24.90
C LEU G 376 46.44 4.12 -24.10
N CYS G 377 47.24 3.16 -24.55
CA CYS G 377 47.23 1.83 -23.97
C CYS G 377 48.65 1.32 -23.80
N LEU G 378 48.79 0.28 -22.97
CA LEU G 378 50.08 -0.38 -22.80
C LEU G 378 50.21 -1.50 -23.82
N ASP G 379 51.29 -1.49 -24.59
CA ASP G 379 51.48 -2.43 -25.69
C ASP G 379 52.81 -3.15 -25.50
N GLY G 380 52.80 -4.45 -25.78
CA GLY G 380 54.01 -5.25 -25.62
C GLY G 380 54.96 -5.21 -26.80
N ALA G 381 54.49 -4.77 -27.98
CA ALA G 381 55.38 -4.72 -29.13
C ALA G 381 56.53 -3.73 -28.95
N ALA G 382 56.24 -2.56 -28.38
CA ALA G 382 57.26 -1.54 -28.08
C ALA G 382 56.88 -0.95 -26.72
N LEU G 383 57.47 -1.51 -25.67
CA LEU G 383 57.01 -1.27 -24.31
C LEU G 383 57.53 0.03 -23.72
N ASP G 384 58.37 0.77 -24.42
CA ASP G 384 58.91 2.01 -23.85
C ASP G 384 58.01 3.20 -24.06
N ALA G 385 56.87 3.03 -24.73
CA ALA G 385 55.92 4.12 -24.91
C ALA G 385 54.54 3.55 -25.17
N LEU G 386 53.52 4.31 -24.80
CA LEU G 386 52.15 3.90 -25.04
C LEU G 386 51.82 4.00 -26.52
N GLN G 387 50.82 3.23 -26.95
CA GLN G 387 50.43 3.15 -28.34
C GLN G 387 48.94 3.37 -28.48
N PRO G 388 48.47 3.74 -29.67
CA PRO G 388 47.02 3.82 -29.90
C PRO G 388 46.36 2.46 -29.67
N CYS G 389 45.19 2.50 -29.03
CA CYS G 389 44.52 1.27 -28.64
C CYS G 389 43.79 0.65 -29.82
N ASN G 390 43.87 -0.67 -29.92
CA ASN G 390 43.10 -1.40 -30.92
C ASN G 390 42.97 -2.85 -30.45
N GLN G 391 42.57 -3.74 -31.36
CA GLN G 391 42.35 -5.14 -31.02
C GLN G 391 43.60 -5.98 -31.13
N ASN G 392 44.78 -5.36 -31.13
CA ASN G 392 46.02 -6.12 -31.25
C ASN G 392 46.16 -7.13 -30.12
N LEU G 393 46.60 -8.34 -30.46
CA LEU G 393 46.76 -9.39 -29.46
C LEU G 393 47.86 -9.07 -28.47
N THR G 394 48.80 -8.19 -28.82
CA THR G 394 49.90 -7.88 -27.92
C THR G 394 49.53 -6.93 -26.80
N GLN G 395 48.29 -6.44 -26.76
CA GLN G 395 47.88 -5.49 -25.74
C GLN G 395 46.99 -6.09 -24.67
N ARG G 396 46.99 -7.42 -24.52
CA ARG G 396 46.18 -8.08 -23.51
C ARG G 396 47.08 -8.69 -22.45
N TRP G 397 46.66 -8.63 -21.19
CA TRP G 397 47.47 -9.10 -20.08
C TRP G 397 46.63 -9.95 -19.15
N GLU G 398 47.25 -11.00 -18.61
CA GLU G 398 46.61 -11.91 -17.66
C GLU G 398 47.56 -12.20 -16.52
N TRP G 399 47.01 -12.24 -15.31
CA TRP G 399 47.80 -12.55 -14.12
C TRP G 399 47.91 -14.07 -13.94
N ARG G 400 49.11 -14.52 -13.60
CA ARG G 400 49.29 -15.93 -13.26
C ARG G 400 48.76 -16.18 -11.86
N LYS G 401 47.92 -17.21 -11.71
CA LYS G 401 47.29 -17.48 -10.43
C LYS G 401 48.30 -17.88 -9.37
N GLY G 402 48.17 -17.29 -8.20
CA GLY G 402 49.00 -17.64 -7.05
C GLY G 402 50.33 -16.94 -6.97
N THR G 403 50.69 -16.13 -7.96
CA THR G 403 51.94 -15.39 -7.98
C THR G 403 51.69 -14.00 -8.55
N ASP G 404 52.76 -13.24 -8.73
CA ASP G 404 52.66 -11.89 -9.26
C ASP G 404 53.41 -11.72 -10.58
N GLU G 405 53.59 -12.80 -11.34
CA GLU G 405 54.20 -12.72 -12.66
C GLU G 405 53.15 -12.23 -13.65
N LEU G 406 53.34 -11.03 -14.18
CA LEU G 406 52.43 -10.46 -15.16
C LEU G 406 52.82 -10.98 -16.53
N THR G 407 51.88 -11.63 -17.22
CA THR G 407 52.17 -12.32 -18.46
C THR G 407 51.55 -11.62 -19.65
N ASN G 408 52.14 -11.84 -20.82
CA ASN G 408 51.60 -11.35 -22.08
C ASN G 408 50.92 -12.50 -22.81
N VAL G 409 49.76 -12.21 -23.39
CA VAL G 409 48.95 -13.28 -23.99
C VAL G 409 49.60 -13.81 -25.26
N TYR G 410 50.18 -12.93 -26.07
CA TYR G 410 50.60 -13.31 -27.42
C TYR G 410 51.80 -14.26 -27.39
N SER G 411 52.94 -13.78 -26.87
CA SER G 411 54.17 -14.54 -26.96
C SER G 411 54.43 -15.43 -25.75
N GLY G 412 53.64 -15.31 -24.69
CA GLY G 412 53.89 -16.06 -23.48
C GLY G 412 54.96 -15.47 -22.59
N GLU G 413 55.57 -14.36 -22.99
CA GLU G 413 56.60 -13.73 -22.18
C GLU G 413 55.97 -12.93 -21.05
N SER G 414 56.81 -12.53 -20.09
CA SER G 414 56.38 -11.80 -18.92
C SER G 414 56.76 -10.33 -19.03
N LEU G 415 56.18 -9.52 -18.16
CA LEU G 415 56.53 -8.11 -18.10
C LEU G 415 57.66 -7.92 -17.10
N GLY G 416 58.79 -7.43 -17.56
CA GLY G 416 59.95 -7.25 -16.69
C GLY G 416 60.42 -5.82 -16.64
N HIS G 417 61.23 -5.49 -15.63
CA HIS G 417 61.70 -4.14 -15.45
C HIS G 417 63.14 -4.16 -14.98
N ASP G 418 63.87 -3.09 -15.30
CA ASP G 418 65.25 -2.96 -14.85
C ASP G 418 65.27 -2.81 -13.34
N LYS G 419 66.26 -3.42 -12.70
CA LYS G 419 66.34 -3.36 -11.25
C LYS G 419 66.76 -2.00 -10.74
N GLN G 420 67.30 -1.14 -11.61
CA GLN G 420 67.85 0.15 -11.19
C GLN G 420 67.26 1.35 -11.90
N THR G 421 66.98 1.26 -13.20
CA THR G 421 66.48 2.41 -13.95
C THR G 421 64.97 2.40 -14.14
N GLY G 422 64.31 1.26 -13.98
CA GLY G 422 62.86 1.19 -14.12
C GLY G 422 62.34 1.07 -15.53
N GLU G 423 63.21 0.76 -16.50
CA GLU G 423 62.76 0.59 -17.87
C GLU G 423 62.10 -0.77 -18.05
N LEU G 424 60.93 -0.77 -18.68
CA LEU G 424 60.19 -2.00 -18.91
C LEU G 424 60.83 -2.80 -20.04
N GLY G 425 60.52 -4.09 -20.08
CA GLY G 425 61.00 -4.95 -21.15
C GLY G 425 60.39 -6.33 -21.03
N LEU G 426 60.43 -7.06 -22.13
CA LEU G 426 59.86 -8.41 -22.20
C LEU G 426 60.95 -9.43 -21.90
N TYR G 427 60.62 -10.41 -21.07
CA TYR G 427 61.56 -11.45 -20.70
C TYR G 427 60.81 -12.75 -20.47
N ALA G 428 61.44 -13.86 -20.88
CA ALA G 428 60.87 -15.17 -20.61
C ALA G 428 61.26 -15.69 -19.23
N SER G 429 62.38 -15.22 -18.69
CA SER G 429 62.86 -15.67 -17.38
C SER G 429 63.66 -14.54 -16.75
N SER G 430 63.79 -14.61 -15.43
CA SER G 430 64.48 -13.57 -14.70
C SER G 430 66.00 -13.78 -14.72
N ASN G 431 66.72 -12.77 -14.28
CA ASN G 431 68.17 -12.85 -14.09
C ASN G 431 68.55 -11.92 -12.94
N ASP G 432 69.85 -11.61 -12.84
CA ASP G 432 70.31 -10.75 -11.75
C ASP G 432 69.97 -9.29 -11.99
N ALA G 433 69.62 -8.90 -13.22
CA ALA G 433 69.33 -7.51 -13.52
C ALA G 433 67.84 -7.23 -13.74
N VAL G 434 67.03 -8.25 -13.97
CA VAL G 434 65.61 -8.08 -14.27
C VAL G 434 64.79 -8.88 -13.28
N SER G 435 63.83 -8.22 -12.66
CA SER G 435 62.90 -8.83 -11.72
C SER G 435 61.50 -8.84 -12.32
N LEU G 436 60.77 -9.94 -12.11
CA LEU G 436 59.44 -10.10 -12.69
C LEU G 436 58.32 -9.72 -11.75
N ARG G 437 58.61 -9.48 -10.47
CA ARG G 437 57.56 -9.28 -9.48
C ARG G 437 56.92 -7.92 -9.69
N THR G 438 55.60 -7.91 -9.89
CA THR G 438 54.82 -6.69 -10.04
C THR G 438 53.59 -6.75 -9.16
N ILE G 439 53.27 -5.64 -8.50
CA ILE G 439 52.17 -5.60 -7.55
C ILE G 439 51.16 -4.56 -8.01
N THR G 440 49.87 -4.88 -7.84
CA THR G 440 48.79 -4.00 -8.26
C THR G 440 47.97 -3.60 -7.04
N ALA G 441 47.38 -2.41 -7.10
CA ALA G 441 46.56 -1.91 -6.01
C ALA G 441 45.64 -0.83 -6.54
N TYR G 442 44.52 -0.62 -5.85
CA TYR G 442 43.57 0.41 -6.23
C TYR G 442 44.09 1.78 -5.79
N THR G 443 43.70 2.81 -6.54
CA THR G 443 44.19 4.16 -6.31
C THR G 443 43.05 5.11 -6.03
N ASP G 444 43.36 6.19 -5.31
CA ASP G 444 42.40 7.21 -4.94
C ASP G 444 42.67 8.45 -5.80
N VAL G 445 42.07 8.49 -6.98
CA VAL G 445 42.18 9.65 -7.85
C VAL G 445 40.83 10.34 -7.98
N PHE G 446 39.93 10.05 -7.04
CA PHE G 446 38.58 10.58 -7.10
C PHE G 446 38.35 11.76 -6.19
N ASN G 447 39.40 12.32 -5.61
CA ASN G 447 39.26 13.58 -4.90
C ASN G 447 38.86 14.68 -5.87
N ALA G 448 38.04 15.60 -5.41
CA ALA G 448 37.67 16.77 -6.20
C ALA G 448 38.27 18.01 -5.56
N GLN G 449 39.08 18.73 -6.32
CA GLN G 449 39.68 19.96 -5.81
C GLN G 449 38.60 20.99 -5.53
N GLU G 450 38.70 21.64 -4.37
CA GLU G 450 37.69 22.60 -3.97
C GLU G 450 37.73 23.82 -4.87
N SER G 451 36.60 24.53 -4.94
CA SER G 451 36.41 25.65 -5.85
C SER G 451 36.38 26.96 -5.09
N SER G 452 36.98 27.99 -5.68
CA SER G 452 37.10 29.30 -5.06
C SER G 452 35.80 30.09 -5.19
N PRO G 453 35.53 30.98 -4.24
CA PRO G 453 34.24 31.70 -4.26
C PRO G 453 34.18 32.72 -5.39
N ILE G 454 32.99 33.31 -5.53
CA ILE G 454 32.73 34.35 -6.51
C ILE G 454 32.54 35.67 -5.78
N LEU G 455 33.17 36.72 -6.30
CA LEU G 455 33.10 38.05 -5.71
C LEU G 455 32.20 38.93 -6.56
N GLY G 456 31.10 39.40 -5.99
CA GLY G 456 30.23 40.33 -6.68
C GLY G 456 28.88 39.76 -7.06
N TYR G 457 28.41 40.11 -8.25
CA TYR G 457 27.13 39.65 -8.76
C TYR G 457 27.32 38.96 -10.10
N THR G 458 26.62 37.85 -10.30
CA THR G 458 26.76 37.05 -11.51
C THR G 458 25.63 37.35 -12.51
N GLN G 459 25.77 38.48 -13.20
CA GLN G 459 24.81 38.88 -14.21
C GLN G 459 25.53 39.30 -15.48
N GLY G 460 24.87 39.07 -16.61
CA GLY G 460 25.43 39.43 -17.90
C GLY G 460 26.35 38.37 -18.46
N LYS G 461 27.01 38.73 -19.56
CA LYS G 461 27.90 37.80 -20.25
C LYS G 461 29.14 37.53 -19.40
N MET G 462 29.65 36.30 -19.49
CA MET G 462 30.79 35.86 -18.71
C MET G 462 31.95 35.52 -19.64
N ASN G 463 33.14 36.03 -19.29
CA ASN G 463 34.35 35.80 -20.07
C ASN G 463 35.40 35.11 -19.21
N GLN G 464 36.30 34.40 -19.89
CA GLN G 464 37.37 33.66 -19.23
C GLN G 464 38.68 34.01 -19.91
N GLN G 465 39.68 34.40 -19.12
CA GLN G 465 40.97 34.82 -19.67
C GLN G 465 42.10 34.24 -18.83
N ARG G 466 43.10 33.71 -19.51
CA ARG G 466 44.27 33.17 -18.83
C ARG G 466 45.18 34.28 -18.34
N VAL G 467 45.82 34.06 -17.19
CA VAL G 467 46.79 35.00 -16.65
C VAL G 467 47.99 35.05 -17.58
N GLY G 468 48.46 36.26 -17.88
CA GLY G 468 49.59 36.43 -18.77
C GLY G 468 50.90 35.95 -18.19
N GLN G 469 51.96 35.94 -19.00
CA GLN G 469 53.26 35.52 -18.52
C GLN G 469 53.81 36.47 -17.46
N ASP G 470 53.65 37.78 -17.65
CA ASP G 470 54.16 38.76 -16.70
C ASP G 470 53.39 38.78 -15.39
N ASN G 471 52.26 38.07 -15.31
CA ASN G 471 51.48 37.93 -14.07
C ASN G 471 50.94 39.28 -13.59
N ARG G 472 50.41 40.07 -14.52
CA ARG G 472 49.83 41.37 -14.21
C ARG G 472 48.39 41.42 -14.67
N LEU G 473 47.53 41.98 -13.83
CA LEU G 473 46.12 42.19 -14.16
C LEU G 473 45.86 43.67 -14.34
N TYR G 474 45.48 44.06 -15.55
CA TYR G 474 45.19 45.45 -15.87
C TYR G 474 43.78 45.81 -15.41
N VAL G 475 43.69 46.90 -14.66
CA VAL G 475 42.42 47.36 -14.09
C VAL G 475 42.16 48.78 -14.57
N ARG G 476 41.05 48.97 -15.28
CA ARG G 476 40.59 50.29 -15.68
C ARG G 476 39.68 50.80 -14.57
N ALA G 477 40.21 51.69 -13.74
CA ALA G 477 39.56 52.07 -12.49
C ALA G 477 39.11 53.51 -12.52
N GLY G 478 37.91 53.74 -11.98
CA GLY G 478 37.40 55.07 -11.74
C GLY G 478 36.70 55.10 -10.39
N ALA G 479 35.46 55.61 -10.36
CA ALA G 479 34.65 55.44 -9.16
C ALA G 479 34.38 53.97 -8.90
N ALA G 480 34.09 53.21 -9.96
CA ALA G 480 34.01 51.75 -9.89
C ALA G 480 34.88 51.19 -11.01
N ILE G 481 35.03 49.87 -11.02
CA ILE G 481 35.92 49.23 -12.00
C ILE G 481 35.26 49.29 -13.37
N ASP G 482 35.98 49.82 -14.35
CA ASP G 482 35.43 49.92 -15.70
C ASP G 482 35.65 48.64 -16.49
N ALA G 483 36.80 47.98 -16.30
CA ALA G 483 37.06 46.73 -17.00
C ALA G 483 38.20 45.99 -16.29
N LEU G 484 38.32 44.72 -16.63
CA LEU G 484 39.41 43.87 -16.16
C LEU G 484 39.96 43.09 -17.34
N GLY G 485 41.15 42.56 -17.18
CA GLY G 485 41.74 41.76 -18.24
C GLY G 485 43.17 41.38 -17.90
N SER G 486 43.69 40.46 -18.70
CA SER G 486 45.05 39.98 -18.55
C SER G 486 46.04 40.70 -19.45
N ALA G 487 45.57 41.52 -20.38
CA ALA G 487 46.44 42.28 -21.26
C ALA G 487 45.72 43.54 -21.70
N SER G 488 46.50 44.53 -22.16
CA SER G 488 45.93 45.82 -22.53
C SER G 488 44.92 45.71 -23.66
N ASP G 489 44.96 44.64 -24.44
CA ASP G 489 44.06 44.48 -25.58
C ASP G 489 42.83 43.64 -25.25
N LEU G 490 42.83 42.89 -24.15
CA LEU G 490 41.72 42.01 -23.80
C LEU G 490 40.93 42.53 -22.60
N LEU G 491 40.82 43.84 -22.47
CA LEU G 491 39.97 44.41 -21.41
C LEU G 491 38.51 44.33 -21.83
N VAL G 492 37.70 43.65 -21.02
CA VAL G 492 36.27 43.56 -21.24
C VAL G 492 35.56 44.40 -20.19
N GLY G 493 34.72 45.32 -20.64
CA GLY G 493 34.04 46.22 -19.74
C GLY G 493 33.94 47.63 -20.26
N GLY G 494 34.01 48.61 -19.38
CA GLY G 494 33.93 50.01 -19.75
C GLY G 494 35.27 50.56 -20.20
N ASN G 495 35.26 51.86 -20.51
CA ASN G 495 36.45 52.55 -20.97
C ASN G 495 36.74 53.83 -20.19
N GLY G 496 35.82 54.29 -19.35
CA GLY G 496 35.98 55.54 -18.64
C GLY G 496 36.96 55.48 -17.48
N GLY G 497 37.37 54.29 -17.07
CA GLY G 497 38.30 54.16 -15.97
C GLY G 497 39.71 54.55 -16.34
N SER G 498 40.51 54.84 -15.33
CA SER G 498 41.92 55.19 -15.53
C SER G 498 42.76 53.93 -15.55
N LEU G 499 43.63 53.81 -16.55
CA LEU G 499 44.45 52.62 -16.69
C LEU G 499 45.46 52.54 -15.56
N SER G 500 45.65 51.33 -15.02
CA SER G 500 46.56 51.09 -13.92
C SER G 500 47.13 49.68 -14.06
N SER G 501 47.97 49.29 -13.11
CA SER G 501 48.56 47.96 -13.14
C SER G 501 48.83 47.49 -11.72
N VAL G 502 48.36 46.28 -11.40
CA VAL G 502 48.56 45.67 -10.09
C VAL G 502 49.16 44.28 -10.30
N ASP G 503 50.21 43.97 -9.55
CA ASP G 503 50.89 42.69 -9.68
C ASP G 503 50.16 41.63 -8.87
N LEU G 504 49.97 40.46 -9.48
CA LEU G 504 49.26 39.35 -8.83
C LEU G 504 50.18 38.37 -8.13
N SER G 505 51.48 38.63 -8.09
CA SER G 505 52.42 37.68 -7.50
C SER G 505 52.32 37.71 -5.99
N GLY G 506 52.19 36.53 -5.38
CA GLY G 506 52.18 36.43 -3.94
C GLY G 506 50.96 36.98 -3.25
N VAL G 507 49.81 37.01 -3.94
CA VAL G 507 48.59 37.50 -3.32
C VAL G 507 48.17 36.54 -2.21
N LYS G 508 48.03 37.05 -1.00
CA LYS G 508 47.61 36.25 0.14
C LYS G 508 46.11 36.26 0.37
N SER G 509 45.42 37.30 -0.07
CA SER G 509 43.98 37.40 0.10
C SER G 509 43.46 38.54 -0.76
N ILE G 510 42.16 38.50 -1.05
CA ILE G 510 41.48 39.53 -1.84
C ILE G 510 40.23 39.95 -1.10
N THR G 511 40.01 41.26 -1.00
CA THR G 511 38.84 41.83 -0.36
C THR G 511 38.05 42.61 -1.41
N ALA G 512 36.93 42.05 -1.84
CA ALA G 512 36.09 42.67 -2.86
C ALA G 512 34.83 43.25 -2.24
N THR G 513 34.39 44.38 -2.77
CA THR G 513 33.20 45.06 -2.28
C THR G 513 32.24 45.30 -3.45
N SER G 514 30.97 45.02 -3.22
CA SER G 514 29.96 45.20 -4.26
C SER G 514 28.73 45.84 -3.64
N GLY G 515 27.92 46.46 -4.49
CA GLY G 515 26.72 47.12 -4.02
C GLY G 515 26.11 47.97 -5.12
N ASP G 516 25.20 48.85 -4.70
CA ASP G 516 24.48 49.74 -5.62
C ASP G 516 25.35 50.94 -5.94
N PHE G 517 25.75 51.07 -7.20
CA PHE G 517 26.50 52.24 -7.62
C PHE G 517 25.62 53.47 -7.59
N GLN G 518 26.24 54.62 -7.32
CA GLN G 518 25.48 55.85 -7.15
C GLN G 518 24.75 56.23 -8.43
N TYR G 519 25.41 56.10 -9.57
CA TYR G 519 24.78 56.45 -10.84
C TYR G 519 23.66 55.49 -11.22
N GLY G 520 23.83 54.20 -10.98
CA GLY G 520 22.79 53.25 -11.30
C GLY G 520 23.24 51.81 -11.37
N GLY G 521 22.35 50.89 -11.01
CA GLY G 521 22.65 49.47 -11.08
C GLY G 521 23.51 49.00 -9.91
N GLN G 522 23.91 47.74 -10.00
CA GLN G 522 24.77 47.10 -9.01
C GLN G 522 26.10 46.78 -9.67
N GLN G 523 27.18 47.28 -9.09
CA GLN G 523 28.52 47.13 -9.68
C GLN G 523 29.50 46.68 -8.61
N LEU G 524 30.69 46.32 -9.08
CA LEU G 524 31.83 46.09 -8.20
C LEU G 524 32.58 47.41 -8.06
N VAL G 525 32.87 47.82 -6.83
CA VAL G 525 33.43 49.14 -6.59
C VAL G 525 34.93 49.15 -6.30
N ALA G 526 35.44 48.24 -5.47
CA ALA G 526 36.83 48.32 -5.07
C ALA G 526 37.32 46.94 -4.62
N LEU G 527 38.53 46.59 -5.05
CA LEU G 527 39.21 45.38 -4.61
C LEU G 527 40.54 45.75 -3.99
N THR G 528 40.79 45.24 -2.79
CA THR G 528 41.99 45.58 -2.01
C THR G 528 42.84 44.32 -1.86
N PHE G 529 44.00 44.31 -2.49
CA PHE G 529 44.89 43.15 -2.51
C PHE G 529 45.83 43.19 -1.32
N THR G 530 45.92 42.08 -0.60
CA THR G 530 46.85 41.94 0.51
C THR G 530 47.94 40.96 0.12
N TYR G 531 49.20 41.38 0.25
CA TYR G 531 50.33 40.55 -0.07
C TYR G 531 50.82 39.82 1.18
N GLN G 532 51.68 38.83 0.96
CA GLN G 532 52.25 38.08 2.09
C GLN G 532 53.23 38.93 2.88
N ASP G 533 53.85 39.93 2.24
CA ASP G 533 54.79 40.79 2.93
C ASP G 533 54.12 41.67 3.98
N GLY G 534 52.90 42.14 3.71
CA GLY G 534 52.18 43.01 4.62
C GLY G 534 51.70 44.31 4.00
N ARG G 535 52.17 44.65 2.80
CA ARG G 535 51.71 45.86 2.14
C ARG G 535 50.34 45.62 1.51
N GLN G 536 49.58 46.70 1.38
CA GLN G 536 48.25 46.67 0.78
C GLN G 536 48.22 47.58 -0.45
N GLN G 537 47.09 47.55 -1.14
CA GLN G 537 46.91 48.38 -2.32
C GLN G 537 45.41 48.51 -2.62
N THR G 538 45.00 49.68 -3.10
CA THR G 538 43.60 49.98 -3.31
C THR G 538 43.38 50.45 -4.75
N VAL G 539 42.33 49.91 -5.37
CA VAL G 539 41.88 50.36 -6.68
C VAL G 539 40.38 50.65 -6.59
N GLY G 540 39.96 51.72 -7.24
CA GLY G 540 38.58 52.16 -7.11
C GLY G 540 38.37 52.94 -5.83
N SER G 541 37.14 53.43 -5.66
CA SER G 541 36.79 54.24 -4.51
C SER G 541 35.54 53.67 -3.84
N LYS G 542 35.50 53.75 -2.51
CA LYS G 542 34.42 53.21 -1.71
C LYS G 542 33.44 54.26 -1.23
N ALA G 543 33.48 55.48 -1.78
CA ALA G 543 32.64 56.57 -1.33
C ALA G 543 31.43 56.84 -2.22
N TYR G 544 31.23 56.05 -3.27
CA TYR G 544 30.13 56.26 -4.20
C TYR G 544 29.09 55.14 -4.16
N VAL G 545 29.06 54.37 -3.06
CA VAL G 545 28.23 53.17 -3.01
C VAL G 545 27.45 53.14 -1.71
N THR G 546 26.18 52.77 -1.80
CA THR G 546 25.31 52.54 -0.65
C THR G 546 24.80 51.10 -0.69
N ASN G 547 24.39 50.61 0.48
CA ASN G 547 23.91 49.23 0.64
C ASN G 547 24.98 48.23 0.17
N ALA G 548 26.23 48.52 0.51
CA ALA G 548 27.34 47.71 0.06
C ALA G 548 27.40 46.39 0.80
N HIS G 549 28.00 45.39 0.15
CA HIS G 549 28.24 44.09 0.77
C HIS G 549 29.70 43.71 0.56
N GLU G 550 30.26 43.02 1.55
CA GLU G 550 31.68 42.72 1.59
C GLU G 550 31.88 41.20 1.58
N ASP G 551 32.75 40.73 0.69
CA ASP G 551 33.13 39.32 0.62
C ASP G 551 34.65 39.21 0.66
N ARG G 552 35.16 38.09 1.17
CA ARG G 552 36.59 37.89 1.31
C ARG G 552 36.99 36.57 0.65
N PHE G 553 38.23 36.52 0.15
CA PHE G 553 38.79 35.35 -0.52
C PHE G 553 40.19 35.12 0.05
N ASP G 554 40.38 33.98 0.71
CA ASP G 554 41.68 33.65 1.32
C ASP G 554 42.31 32.50 0.55
N LEU G 555 43.44 32.77 -0.11
CA LEU G 555 44.16 31.74 -0.82
C LEU G 555 44.96 30.88 0.15
N PRO G 556 45.12 29.59 -0.14
CA PRO G 556 46.13 28.80 0.58
C PRO G 556 47.53 29.29 0.24
N ASP G 557 48.46 28.99 1.14
CA ASP G 557 49.84 29.40 0.94
C ASP G 557 50.47 28.71 -0.25
N ALA G 558 51.39 29.40 -0.91
CA ALA G 558 52.19 28.84 -2.02
C ALA G 558 51.31 28.41 -3.19
N ALA G 559 50.54 29.36 -3.70
CA ALA G 559 49.69 29.14 -4.86
C ALA G 559 49.81 30.32 -5.83
N LYS G 560 49.50 30.05 -7.09
CA LYS G 560 49.53 31.06 -8.14
C LYS G 560 48.16 31.15 -8.81
N ILE G 561 47.68 32.39 -8.96
CA ILE G 561 46.41 32.61 -9.65
C ILE G 561 46.62 32.40 -11.14
N THR G 562 45.78 31.56 -11.75
CA THR G 562 45.97 31.16 -13.14
C THR G 562 44.84 31.55 -14.09
N GLN G 563 43.62 31.71 -13.60
CA GLN G 563 42.50 32.06 -14.46
C GLN G 563 41.67 33.18 -13.86
N LEU G 564 41.23 34.09 -14.72
CA LEU G 564 40.35 35.18 -14.34
C LEU G 564 39.03 35.04 -15.09
N LYS G 565 37.94 35.04 -14.33
CA LYS G 565 36.59 35.04 -14.90
C LYS G 565 35.99 36.41 -14.63
N ILE G 566 35.51 37.06 -15.69
CA ILE G 566 35.05 38.44 -15.61
C ILE G 566 33.57 38.49 -15.93
N TRP G 567 32.78 38.99 -14.99
CA TRP G 567 31.36 39.26 -15.20
C TRP G 567 31.20 40.74 -15.52
N ALA G 568 30.91 41.05 -16.79
CA ALA G 568 30.79 42.44 -17.20
C ALA G 568 30.07 42.52 -18.53
N ASP G 569 29.07 43.40 -18.59
CA ASP G 569 28.49 43.80 -19.86
C ASP G 569 29.24 45.00 -20.40
N ASP G 570 28.67 45.68 -21.40
CA ASP G 570 29.34 46.78 -22.07
C ASP G 570 29.70 47.94 -21.14
N TRP G 571 29.04 48.06 -19.99
CA TRP G 571 29.23 49.24 -19.13
C TRP G 571 30.28 49.02 -18.06
N LEU G 572 30.06 48.05 -17.16
CA LEU G 572 30.90 47.91 -15.97
C LEU G 572 31.02 46.46 -15.57
N VAL G 573 31.96 46.19 -14.66
CA VAL G 573 32.17 44.85 -14.15
C VAL G 573 31.23 44.58 -12.97
N LYS G 574 30.48 43.48 -13.06
CA LYS G 574 29.56 43.11 -12.00
C LYS G 574 30.07 42.01 -11.09
N GLY G 575 31.11 41.28 -11.49
CA GLY G 575 31.65 40.23 -10.66
C GLY G 575 32.92 39.67 -11.26
N VAL G 576 33.69 38.99 -10.42
CA VAL G 576 34.96 38.42 -10.84
C VAL G 576 35.31 37.26 -9.91
N GLN G 577 35.74 36.15 -10.52
CA GLN G 577 36.10 34.95 -9.78
C GLN G 577 37.55 34.60 -10.07
N PHE G 578 38.31 34.33 -9.01
CA PHE G 578 39.74 34.02 -9.13
C PHE G 578 39.93 32.51 -8.93
N ASP G 579 40.09 31.79 -10.03
CA ASP G 579 40.42 30.37 -9.95
C ASP G 579 41.84 30.19 -9.46
N LEU G 580 42.07 29.14 -8.69
CA LEU G 580 43.39 28.86 -8.12
C LEU G 580 44.03 27.68 -8.81
N ASN G 581 45.32 27.82 -9.10
CA ASN G 581 46.17 26.72 -9.54
C ASN G 581 45.71 26.10 -10.87
#